data_8HRD
#
_entry.id   8HRD
#
_cell.length_a   196.662
_cell.length_b   270.048
_cell.length_c   118.156
_cell.angle_alpha   90.000
_cell.angle_beta   107.850
_cell.angle_gamma   90.000
#
_symmetry.space_group_name_H-M   'C 1 2 1'
#
loop_
_entity.id
_entity.type
_entity.pdbx_description
1 polymer 'Spike protein S1'
2 polymer 'IMCAS74 Fab heavy chain'
3 polymer 'IMCAS74 Fab light chain'
4 polymer 'W14 Fab heavy chain'
5 polymer 'W14 Fab light chain'
6 non-polymer 2-acetamido-2-deoxy-beta-D-glucopyranose
7 water water
#
loop_
_entity_poly.entity_id
_entity_poly.type
_entity_poly.pdbx_seq_one_letter_code
_entity_poly.pdbx_strand_id
1 'polypeptide(L)'
;RVQPTESIVRFPNITNLCPFGEVFNATRFASVYAWNRKRISNCVADYSVLYNSASFSTFKCYGVSPTKLNDLCFTNVYAD
SFVIRGDEVRQIAPGQTGKIADYNYKLPDDFTGCVIAWNSNNLDSKVGGNYNYRYRLFRKSNLKPFERDISTEIYQAGSK
PCNGVEGFNCYFPLQSYGFQPTNGVGYQPYRVVVLSFELLHAPATVCGPKKSTNLVKNKCVNF
;
A,B,K,T
2 'polypeptide(L)'
;QVQLVQSGAQLKKPGESLKISCKGSGYNFSRYWIAWVRHMPGKGLEVMGIIYPDDSDTRYSPSVRGQVTISADKSTSIVY
LQWSSLKASDTGIYYCARFGAGMTGMPRYFDTTRWFDPWGQGTQVTVSSASTKGPSVFPLAPSSKSTSGGTAALGCLVKD
YFPEPVTVSWNSGALTSGVHTFPAVLQSSGLYSLSSVVTVPSSSLGTQTYICNVNHKPSNTKVDKRVEPKSCDKT
;
O,C,L,W
3 'polypeptide(L)'
;DQSVLTQPPSVSGAPGQRVTISCLGGSSNIGAGYDVHWYQHLPGAAPKLLISGNSNRPSGVPARFSGSKSGTSASLAITG
LQAEDEADYYCQSYDNDLSQVFGGGTKLTVLGQPKAAPSVTLFPPSSEELQANKATLVCLISDFYPGAVTVAWKADSSPV
KAGVETTTPSKQSNNKYAASSYLSLTPEQWKSHRSYSCQVTHEGSTVEKTVAPTECS
;
P,E,M,X
4 'polypeptide(L)'
;QVQLQESGPGLVKPSETLSLTCTVSSGSISGTSYYWDWIRQPPGKGLEWIGTIYYSGSTYYNPSLKSRVTISVDTSKNQF
SLKLSPVTAAGTAVYYCARRTFYYDRSGQKVVEPFDYWGQGTLVTVSSASTKGPSVFPLAPSSKSTSGGTAALGCLVKDY
FPEPVTVSWNSGALTSGVHTFPAVLQSSGLYSLSSVVTVPSSSLGTQTYICNVNHKPSNTKVDKRVEPKSCDKT
;
D,G,N,Y
5 'polypeptide(L)'
;EIVLTQSPSTLSASVGDRVTITCRASQSISSWLAWYQQKPGKAPKLLIYEASSLENGVPSRFSGSGSGTEFTLTISSLQP
DDFATYYCQQYNSYSLTFGGGTKVEIKRTVAAPSVFIFPPSDEQLKSGTASVVCLLNNFYPREAKVQWKVDNALQSGNSQ
ESVTEQDSKDSTYSLSSTLTLSKADYEKHKVYACEVTHQGLSSPVTKSFNRGECS
;
F,H,Q,Z
#
loop_
_chem_comp.id
_chem_comp.type
_chem_comp.name
_chem_comp.formula
NAG D-saccharide, beta linking 2-acetamido-2-deoxy-beta-D-glucopyranose 'C8 H15 N O6'
#
# COMPACT_ATOMS: atom_id res chain seq x y z
N THR A 15 42.10 -35.95 -56.40
CA THR A 15 42.53 -36.85 -55.33
C THR A 15 41.49 -36.91 -54.22
N ASN A 16 41.83 -37.61 -53.12
CA ASN A 16 40.90 -37.82 -52.02
C ASN A 16 40.97 -36.66 -51.02
N LEU A 17 40.77 -35.45 -51.55
CA LEU A 17 40.80 -34.27 -50.69
C LEU A 17 39.53 -34.18 -49.87
N CYS A 18 39.69 -33.81 -48.61
CA CYS A 18 38.55 -33.74 -47.70
C CYS A 18 37.52 -32.74 -48.20
N PRO A 19 36.24 -33.05 -48.10
CA PRO A 19 35.22 -32.18 -48.73
C PRO A 19 34.92 -30.93 -47.92
N PHE A 20 35.93 -30.31 -47.32
CA PHE A 20 35.77 -28.94 -46.89
C PHE A 20 35.56 -28.04 -48.10
N GLY A 21 35.00 -26.87 -47.87
CA GLY A 21 34.64 -25.98 -48.96
C GLY A 21 33.23 -26.23 -49.44
N GLU A 22 32.81 -27.49 -49.50
CA GLU A 22 31.39 -27.79 -49.57
C GLU A 22 30.68 -27.22 -48.35
N VAL A 23 31.37 -27.14 -47.21
CA VAL A 23 30.81 -26.57 -45.99
C VAL A 23 31.07 -25.08 -45.89
N PHE A 24 32.32 -24.65 -46.04
CA PHE A 24 32.67 -23.25 -45.83
C PHE A 24 32.10 -22.36 -46.92
N ASN A 25 32.27 -22.77 -48.18
CA ASN A 25 31.84 -21.97 -49.32
C ASN A 25 30.41 -22.29 -49.76
N ALA A 26 29.63 -22.98 -48.92
CA ALA A 26 28.26 -23.30 -49.26
C ALA A 26 27.43 -22.04 -49.46
N THR A 27 26.50 -22.10 -50.41
CA THR A 27 25.70 -20.92 -50.75
C THR A 27 24.62 -20.63 -49.71
N ARG A 28 24.03 -21.67 -49.12
CA ARG A 28 22.99 -21.54 -48.10
C ARG A 28 23.52 -22.01 -46.76
N PHE A 29 23.22 -21.26 -45.71
CA PHE A 29 23.62 -21.60 -44.36
C PHE A 29 22.38 -21.77 -43.49
N ALA A 30 22.49 -22.62 -42.48
CA ALA A 30 21.34 -23.00 -41.67
C ALA A 30 21.11 -22.00 -40.53
N SER A 31 19.85 -21.88 -40.13
CA SER A 31 19.53 -21.19 -38.89
C SER A 31 20.23 -21.88 -37.72
N VAL A 32 20.56 -21.10 -36.69
CA VAL A 32 21.33 -21.66 -35.57
C VAL A 32 20.53 -22.74 -34.86
N TYR A 33 19.22 -22.54 -34.69
CA TYR A 33 18.41 -23.54 -34.00
C TYR A 33 18.40 -24.86 -34.74
N ALA A 34 18.66 -24.85 -36.05
CA ALA A 34 18.63 -26.04 -36.90
C ALA A 34 19.95 -26.20 -37.62
N TRP A 35 21.04 -26.19 -36.86
CA TRP A 35 22.38 -26.21 -37.44
C TRP A 35 22.64 -27.50 -38.21
N ASN A 36 23.49 -27.41 -39.22
CA ASN A 36 23.81 -28.54 -40.08
C ASN A 36 25.08 -29.22 -39.59
N ARG A 37 25.07 -30.55 -39.63
CA ARG A 37 26.25 -31.35 -39.34
C ARG A 37 26.62 -32.16 -40.56
N LYS A 38 27.92 -32.17 -40.88
CA LYS A 38 28.47 -33.01 -41.93
C LYS A 38 29.53 -33.91 -41.31
N ARG A 39 29.42 -35.22 -41.54
CA ARG A 39 30.49 -36.12 -41.15
C ARG A 39 31.47 -36.29 -42.30
N ILE A 40 32.75 -36.36 -41.95
CA ILE A 40 33.85 -36.34 -42.91
C ILE A 40 34.84 -37.43 -42.53
N SER A 41 35.26 -38.22 -43.52
CA SER A 41 36.12 -39.36 -43.26
C SER A 41 36.81 -39.76 -44.56
N ASN A 42 37.82 -40.61 -44.42
CA ASN A 42 38.53 -41.22 -45.55
C ASN A 42 39.01 -40.16 -46.54
N CYS A 43 39.79 -39.21 -46.04
CA CYS A 43 40.29 -38.16 -46.90
C CYS A 43 41.52 -37.52 -46.26
N VAL A 44 42.22 -36.73 -47.07
CA VAL A 44 43.32 -35.89 -46.62
C VAL A 44 42.84 -34.45 -46.65
N ALA A 45 43.23 -33.67 -45.64
CA ALA A 45 42.74 -32.32 -45.46
C ALA A 45 43.91 -31.37 -45.35
N ASP A 46 43.96 -30.37 -46.24
CA ASP A 46 44.90 -29.27 -46.08
C ASP A 46 44.20 -28.21 -45.25
N TYR A 47 44.44 -28.24 -43.94
CA TYR A 47 43.89 -27.20 -43.09
C TYR A 47 44.52 -25.84 -43.35
N SER A 48 45.66 -25.80 -44.05
CA SER A 48 46.36 -24.52 -44.23
C SER A 48 45.50 -23.53 -44.99
N VAL A 49 44.62 -24.03 -45.86
CA VAL A 49 43.63 -23.16 -46.49
C VAL A 49 42.83 -22.41 -45.44
N LEU A 50 42.66 -23.00 -44.25
CA LEU A 50 41.94 -22.36 -43.17
C LEU A 50 42.86 -21.49 -42.31
N TYR A 51 43.84 -22.12 -41.63
CA TYR A 51 44.63 -21.32 -40.68
C TYR A 51 45.63 -20.38 -41.35
N ASN A 52 45.66 -20.29 -42.69
CA ASN A 52 46.47 -19.30 -43.37
C ASN A 52 45.63 -18.22 -44.06
N SER A 53 44.34 -18.16 -43.76
CA SER A 53 43.42 -17.24 -44.43
C SER A 53 43.08 -16.08 -43.51
N ALA A 54 43.26 -14.86 -44.01
CA ALA A 54 42.92 -13.65 -43.27
C ALA A 54 41.46 -13.26 -43.42
N SER A 55 40.65 -14.10 -44.05
CA SER A 55 39.23 -13.81 -44.25
C SER A 55 38.38 -14.17 -43.05
N PHE A 56 38.96 -14.76 -42.01
CA PHE A 56 38.20 -15.22 -40.86
C PHE A 56 38.32 -14.23 -39.71
N SER A 57 37.18 -13.85 -39.14
CA SER A 57 37.16 -12.96 -37.98
C SER A 57 37.57 -13.70 -36.71
N THR A 58 37.01 -14.89 -36.50
CA THR A 58 37.29 -15.71 -35.34
C THR A 58 37.93 -17.02 -35.80
N PHE A 59 39.11 -17.31 -35.27
CA PHE A 59 39.77 -18.62 -35.46
C PHE A 59 40.30 -19.02 -34.08
N LYS A 60 39.48 -19.75 -33.33
CA LYS A 60 39.81 -20.18 -31.97
C LYS A 60 39.67 -21.69 -31.91
N CYS A 61 40.74 -22.37 -31.51
CA CYS A 61 40.75 -23.82 -31.36
C CYS A 61 40.94 -24.18 -29.89
N TYR A 62 40.14 -25.13 -29.42
CA TYR A 62 40.20 -25.59 -28.04
C TYR A 62 40.70 -27.02 -28.02
N GLY A 63 41.72 -27.28 -27.20
CA GLY A 63 42.28 -28.60 -27.11
C GLY A 63 43.31 -28.96 -28.16
N VAL A 64 43.55 -28.08 -29.13
CA VAL A 64 44.52 -28.35 -30.19
C VAL A 64 44.97 -27.01 -30.76
N SER A 65 46.21 -26.98 -31.26
CA SER A 65 46.73 -25.83 -31.99
C SER A 65 46.55 -26.05 -33.48
N PRO A 66 45.99 -25.08 -34.22
CA PRO A 66 45.77 -25.29 -35.65
C PRO A 66 47.04 -25.53 -36.43
N THR A 67 48.18 -25.02 -35.94
CA THR A 67 49.45 -25.20 -36.65
C THR A 67 49.88 -26.65 -36.68
N LYS A 68 49.47 -27.46 -35.70
CA LYS A 68 49.85 -28.86 -35.64
C LYS A 68 48.83 -29.78 -36.28
N LEU A 69 47.70 -29.24 -36.76
CA LEU A 69 46.66 -30.09 -37.33
C LEU A 69 47.14 -30.83 -38.57
N ASN A 70 47.90 -30.17 -39.42
CA ASN A 70 48.36 -30.82 -40.65
C ASN A 70 49.39 -31.91 -40.40
N ASP A 71 49.80 -32.14 -39.15
CA ASP A 71 50.67 -33.26 -38.80
C ASP A 71 49.93 -34.34 -38.03
N LEU A 72 48.61 -34.22 -37.89
CA LEU A 72 47.83 -35.13 -37.06
C LEU A 72 46.92 -35.99 -37.91
N CYS A 73 46.25 -36.91 -37.23
CA CYS A 73 45.39 -37.90 -37.86
C CYS A 73 44.21 -38.17 -36.95
N PHE A 74 43.00 -38.09 -37.50
CA PHE A 74 41.80 -38.36 -36.75
C PHE A 74 40.95 -39.39 -37.47
N THR A 75 40.13 -40.10 -36.70
CA THR A 75 39.24 -41.10 -37.28
C THR A 75 38.09 -40.43 -38.02
N ASN A 76 37.51 -39.40 -37.42
CA ASN A 76 36.36 -38.71 -38.00
C ASN A 76 36.43 -37.23 -37.63
N VAL A 77 35.92 -36.39 -38.53
CA VAL A 77 35.79 -34.96 -38.30
C VAL A 77 34.34 -34.57 -38.56
N TYR A 78 33.75 -33.84 -37.63
CA TYR A 78 32.37 -33.38 -37.75
C TYR A 78 32.36 -31.86 -37.93
N ALA A 79 31.65 -31.40 -38.95
CA ALA A 79 31.58 -29.98 -39.30
C ALA A 79 30.17 -29.47 -39.03
N ASP A 80 30.04 -28.60 -38.04
CA ASP A 80 28.78 -27.94 -37.74
C ASP A 80 28.83 -26.50 -38.25
N SER A 81 27.68 -26.01 -38.73
CA SER A 81 27.65 -24.70 -39.38
C SER A 81 26.27 -24.07 -39.22
N PHE A 82 26.27 -22.75 -39.04
CA PHE A 82 25.05 -21.99 -38.78
C PHE A 82 25.38 -20.51 -38.93
N VAL A 83 24.39 -19.66 -38.62
CA VAL A 83 24.52 -18.22 -38.72
C VAL A 83 23.99 -17.58 -37.44
N ILE A 84 24.74 -16.64 -36.89
CA ILE A 84 24.33 -15.86 -35.71
C ILE A 84 24.81 -14.43 -35.86
N ARG A 85 24.63 -13.62 -34.81
CA ARG A 85 25.09 -12.24 -34.80
C ARG A 85 26.55 -12.14 -34.38
N GLY A 86 27.13 -10.96 -34.62
CA GLY A 86 28.52 -10.75 -34.25
C GLY A 86 28.77 -10.91 -32.77
N ASP A 87 28.00 -10.19 -31.95
CA ASP A 87 28.23 -10.23 -30.50
C ASP A 87 27.91 -11.59 -29.89
N GLU A 88 27.35 -12.52 -30.66
CA GLU A 88 27.04 -13.84 -30.14
C GLU A 88 28.13 -14.87 -30.40
N VAL A 89 29.07 -14.57 -31.29
CA VAL A 89 30.12 -15.52 -31.64
C VAL A 89 30.95 -15.89 -30.42
N ARG A 90 31.03 -15.00 -29.42
CA ARG A 90 31.74 -15.32 -28.20
C ARG A 90 31.10 -16.49 -27.44
N GLN A 91 29.83 -16.78 -27.70
CA GLN A 91 29.14 -17.88 -27.04
C GLN A 91 29.42 -19.24 -27.67
N ILE A 92 30.09 -19.29 -28.81
CA ILE A 92 30.44 -20.57 -29.44
C ILE A 92 31.80 -20.96 -28.89
N ALA A 93 31.78 -21.50 -27.67
CA ALA A 93 32.97 -21.81 -26.89
C ALA A 93 32.58 -22.62 -25.67
N PRO A 94 33.46 -23.49 -25.16
CA PRO A 94 33.11 -24.27 -23.97
C PRO A 94 32.83 -23.39 -22.76
N GLY A 95 31.79 -23.76 -22.01
CA GLY A 95 31.50 -23.10 -20.75
C GLY A 95 30.86 -21.75 -20.85
N GLN A 96 30.30 -21.40 -22.01
CA GLN A 96 29.69 -20.09 -22.21
C GLN A 96 28.21 -20.12 -21.82
N THR A 97 27.63 -18.93 -21.73
CA THR A 97 26.23 -18.75 -21.37
C THR A 97 25.59 -17.79 -22.38
N GLY A 98 24.30 -18.00 -22.62
CA GLY A 98 23.54 -17.13 -23.49
C GLY A 98 22.43 -17.90 -24.16
N LYS A 99 21.50 -17.14 -24.75
CA LYS A 99 20.40 -17.78 -25.45
C LYS A 99 20.92 -18.69 -26.56
N ILE A 100 22.04 -18.35 -27.18
CA ILE A 100 22.62 -19.21 -28.20
C ILE A 100 23.31 -20.40 -27.59
N ALA A 101 24.21 -20.16 -26.63
CA ALA A 101 24.98 -21.24 -26.02
C ALA A 101 24.08 -22.21 -25.25
N ASP A 102 22.95 -21.74 -24.74
CA ASP A 102 22.09 -22.57 -23.92
C ASP A 102 20.90 -23.17 -24.66
N TYR A 103 20.26 -22.41 -25.56
CA TYR A 103 19.05 -22.87 -26.22
C TYR A 103 19.24 -23.25 -27.69
N ASN A 104 20.44 -23.08 -28.24
CA ASN A 104 20.61 -23.31 -29.67
C ASN A 104 21.79 -24.23 -30.00
N TYR A 105 22.98 -23.93 -29.47
CA TYR A 105 24.16 -24.71 -29.83
C TYR A 105 25.16 -24.65 -28.69
N LYS A 106 25.45 -25.80 -28.09
CA LYS A 106 26.30 -25.88 -26.90
C LYS A 106 27.45 -26.83 -27.13
N LEU A 107 28.69 -26.38 -26.81
CA LEU A 107 29.91 -27.18 -26.89
C LEU A 107 30.27 -27.77 -25.53
N PRO A 108 30.86 -28.95 -25.50
CA PRO A 108 31.14 -29.62 -24.23
C PRO A 108 32.36 -29.05 -23.50
N ASP A 109 32.45 -29.41 -22.22
CA ASP A 109 33.60 -29.00 -21.42
C ASP A 109 34.89 -29.62 -21.92
N ASP A 110 34.83 -30.85 -22.43
CA ASP A 110 35.99 -31.57 -22.96
C ASP A 110 36.09 -31.45 -24.48
N PHE A 111 35.79 -30.27 -25.01
CA PHE A 111 35.70 -30.10 -26.46
C PHE A 111 37.08 -30.00 -27.08
N THR A 112 37.34 -30.82 -28.11
CA THR A 112 38.52 -30.71 -28.94
C THR A 112 38.07 -30.38 -30.36
N GLY A 113 38.50 -29.24 -30.86
CA GLY A 113 38.08 -28.79 -32.17
C GLY A 113 38.30 -27.29 -32.30
N CYS A 114 37.77 -26.76 -33.40
CA CYS A 114 38.01 -25.36 -33.74
C CYS A 114 36.70 -24.65 -34.04
N VAL A 115 36.68 -23.35 -33.79
CA VAL A 115 35.54 -22.49 -34.07
C VAL A 115 36.00 -21.39 -35.02
N ILE A 116 35.44 -21.39 -36.22
CA ILE A 116 35.80 -20.44 -37.26
C ILE A 116 34.55 -19.64 -37.65
N ALA A 117 34.73 -18.34 -37.86
CA ALA A 117 33.60 -17.49 -38.21
C ALA A 117 34.08 -16.34 -39.09
N TRP A 118 33.15 -15.77 -39.85
CA TRP A 118 33.45 -14.62 -40.68
C TRP A 118 32.20 -13.80 -40.89
N ASN A 119 32.40 -12.52 -41.20
CA ASN A 119 31.29 -11.63 -41.50
C ASN A 119 30.64 -12.03 -42.82
N SER A 120 29.31 -12.08 -42.83
CA SER A 120 28.57 -12.45 -44.03
C SER A 120 27.53 -11.41 -44.41
N ASN A 121 27.73 -10.15 -44.00
CA ASN A 121 26.78 -9.10 -44.33
C ASN A 121 26.52 -8.99 -45.82
N ASN A 122 27.53 -9.30 -46.65
CA ASN A 122 27.37 -9.17 -48.09
C ASN A 122 26.30 -10.11 -48.62
N LEU A 123 26.25 -11.34 -48.11
CA LEU A 123 25.31 -12.34 -48.60
C LEU A 123 24.07 -12.48 -47.74
N ASP A 124 24.18 -12.33 -46.43
CA ASP A 124 23.12 -12.72 -45.51
C ASP A 124 22.25 -11.56 -45.05
N SER A 125 22.45 -10.36 -45.59
CA SER A 125 21.59 -9.22 -45.27
C SER A 125 21.01 -8.63 -46.56
N LYS A 126 19.85 -7.99 -46.41
CA LYS A 126 19.14 -7.38 -47.53
C LYS A 126 18.64 -6.00 -47.12
N VAL A 127 18.50 -5.11 -48.10
CA VAL A 127 17.78 -3.86 -47.88
C VAL A 127 16.38 -4.18 -47.39
N GLY A 128 15.99 -3.56 -46.27
CA GLY A 128 14.76 -3.89 -45.60
C GLY A 128 14.88 -4.94 -44.51
N GLY A 129 16.01 -5.65 -44.46
CA GLY A 129 16.23 -6.67 -43.47
C GLY A 129 15.97 -8.08 -43.96
N ASN A 130 16.87 -9.00 -43.65
CA ASN A 130 16.65 -10.41 -43.91
C ASN A 130 16.20 -11.08 -42.62
N TYR A 131 15.03 -11.69 -42.65
CA TYR A 131 14.46 -12.35 -41.49
C TYR A 131 14.36 -13.86 -41.66
N ASN A 132 15.03 -14.41 -42.69
CA ASN A 132 15.01 -15.84 -42.94
C ASN A 132 15.83 -16.63 -41.91
N TYR A 133 16.66 -15.97 -41.12
CA TYR A 133 17.51 -16.65 -40.14
C TYR A 133 16.86 -16.60 -38.77
N ARG A 134 16.76 -17.75 -38.12
CA ARG A 134 15.94 -17.89 -36.93
C ARG A 134 16.74 -18.49 -35.79
N TYR A 135 16.28 -18.23 -34.57
CA TYR A 135 16.93 -18.70 -33.36
C TYR A 135 15.85 -19.00 -32.32
N ARG A 136 16.23 -19.78 -31.32
CA ARG A 136 15.31 -20.22 -30.26
C ARG A 136 15.45 -19.30 -29.06
N LEU A 137 14.35 -18.65 -28.67
CA LEU A 137 14.38 -17.68 -27.59
C LEU A 137 14.06 -18.30 -26.24
N PHE A 138 13.13 -19.25 -26.20
CA PHE A 138 12.68 -19.85 -24.94
C PHE A 138 12.88 -21.36 -24.97
N ARG A 139 13.11 -21.92 -23.79
CA ARG A 139 13.16 -23.37 -23.63
C ARG A 139 13.00 -23.71 -22.15
N LYS A 140 12.42 -24.89 -21.90
CA LYS A 140 12.23 -25.34 -20.52
C LYS A 140 13.53 -25.79 -19.87
N SER A 141 14.55 -26.09 -20.65
CA SER A 141 15.81 -26.56 -20.09
C SER A 141 16.94 -26.31 -21.08
N ASN A 142 18.14 -26.12 -20.54
CA ASN A 142 19.32 -25.91 -21.37
C ASN A 142 19.61 -27.15 -22.19
N LEU A 143 20.05 -26.94 -23.44
CA LEU A 143 20.50 -28.05 -24.27
C LEU A 143 21.72 -28.72 -23.64
N LYS A 144 21.80 -30.03 -23.83
CA LYS A 144 23.03 -30.74 -23.54
C LYS A 144 24.03 -30.50 -24.67
N PRO A 145 25.32 -30.71 -24.42
CA PRO A 145 26.32 -30.50 -25.47
C PRO A 145 25.98 -31.25 -26.75
N PHE A 146 26.05 -30.53 -27.87
CA PHE A 146 25.81 -31.06 -29.21
C PHE A 146 24.37 -31.50 -29.43
N GLU A 147 23.50 -31.30 -28.44
CA GLU A 147 22.10 -31.62 -28.66
C GLU A 147 21.47 -30.57 -29.57
N ARG A 148 20.49 -31.01 -30.36
CA ARG A 148 19.79 -30.15 -31.29
C ARG A 148 18.30 -30.22 -31.02
N ASP A 149 17.63 -29.07 -31.13
CA ASP A 149 16.20 -28.97 -30.85
C ASP A 149 15.55 -28.19 -31.98
N ILE A 150 14.76 -28.87 -32.81
CA ILE A 150 14.01 -28.21 -33.87
C ILE A 150 12.51 -28.36 -33.59
N SER A 151 12.14 -28.33 -32.31
CA SER A 151 10.74 -28.33 -31.94
C SER A 151 10.12 -26.97 -32.17
N THR A 152 8.81 -26.95 -32.39
CA THR A 152 8.03 -25.73 -32.48
C THR A 152 6.83 -25.79 -31.54
N GLU A 153 7.04 -26.38 -30.37
CA GLU A 153 5.97 -26.51 -29.38
C GLU A 153 5.86 -25.22 -28.58
N ILE A 154 4.62 -24.77 -28.35
CA ILE A 154 4.37 -23.48 -27.73
C ILE A 154 4.94 -23.45 -26.32
N TYR A 155 5.70 -22.41 -26.01
CA TYR A 155 6.36 -22.29 -24.72
C TYR A 155 5.36 -21.81 -23.66
N GLN A 156 5.26 -22.55 -22.56
CA GLN A 156 4.33 -22.24 -21.48
C GLN A 156 5.07 -21.47 -20.40
N ALA A 157 4.95 -20.14 -20.45
CA ALA A 157 5.59 -19.27 -19.46
C ALA A 157 4.79 -19.12 -18.19
N GLY A 158 3.55 -19.62 -18.16
CA GLY A 158 2.71 -19.50 -16.99
C GLY A 158 2.04 -20.81 -16.60
N SER A 159 1.09 -20.74 -15.66
CA SER A 159 0.42 -21.95 -15.20
C SER A 159 -0.65 -22.45 -16.14
N LYS A 160 -1.24 -21.57 -16.95
CA LYS A 160 -2.30 -21.98 -17.85
C LYS A 160 -1.72 -22.84 -18.96
N PRO A 161 -2.31 -24.00 -19.26
CA PRO A 161 -1.81 -24.80 -20.38
C PRO A 161 -2.06 -24.10 -21.71
N CYS A 162 -1.08 -24.20 -22.60
CA CYS A 162 -1.17 -23.48 -23.87
C CYS A 162 -2.07 -24.20 -24.86
N ASN A 163 -2.20 -25.53 -24.73
CA ASN A 163 -3.00 -26.33 -25.66
C ASN A 163 -2.59 -26.07 -27.12
N GLY A 164 -1.29 -25.92 -27.33
CA GLY A 164 -0.73 -25.78 -28.66
C GLY A 164 -1.08 -24.49 -29.40
N VAL A 165 -1.62 -23.49 -28.71
CA VAL A 165 -2.05 -22.25 -29.34
C VAL A 165 -1.34 -21.08 -28.67
N GLU A 166 -0.86 -20.15 -29.49
CA GLU A 166 -0.13 -19.00 -29.00
C GLU A 166 -1.09 -17.98 -28.39
N GLY A 167 -0.65 -17.35 -27.30
CA GLY A 167 -1.48 -16.36 -26.61
C GLY A 167 -0.79 -15.74 -25.42
N PHE A 168 -1.56 -15.42 -24.38
CA PHE A 168 -0.96 -14.86 -23.17
C PHE A 168 -0.10 -15.90 -22.48
N ASN A 169 1.16 -15.53 -22.21
CA ASN A 169 2.12 -16.42 -21.53
C ASN A 169 2.22 -17.77 -22.23
N CYS A 170 2.01 -17.74 -23.54
CA CYS A 170 2.07 -18.92 -24.41
C CYS A 170 2.78 -18.44 -25.68
N TYR A 171 4.10 -18.60 -25.70
CA TYR A 171 4.93 -17.99 -26.72
C TYR A 171 5.36 -19.02 -27.75
N PHE A 172 5.40 -18.60 -29.01
CA PHE A 172 6.12 -19.38 -30.00
C PHE A 172 7.61 -19.30 -29.68
N PRO A 173 8.31 -20.43 -29.60
CA PRO A 173 9.68 -20.42 -29.06
C PRO A 173 10.71 -19.83 -30.01
N LEU A 174 10.39 -19.65 -31.29
CA LEU A 174 11.38 -19.18 -32.26
C LEU A 174 11.15 -17.71 -32.59
N GLN A 175 12.26 -17.03 -32.88
CA GLN A 175 12.25 -15.67 -33.37
C GLN A 175 13.24 -15.59 -34.52
N SER A 176 13.11 -14.56 -35.35
CA SER A 176 14.03 -14.37 -36.45
C SER A 176 14.94 -13.19 -36.17
N TYR A 177 16.14 -13.25 -36.74
CA TYR A 177 17.08 -12.13 -36.71
C TYR A 177 16.62 -11.06 -37.69
N GLY A 178 17.11 -9.84 -37.46
CA GLY A 178 16.89 -8.76 -38.40
C GLY A 178 18.20 -8.23 -38.95
N PHE A 179 18.65 -8.80 -40.08
CA PHE A 179 19.96 -8.48 -40.64
C PHE A 179 19.80 -7.40 -41.69
N GLN A 180 20.05 -6.16 -41.29
CA GLN A 180 20.06 -4.97 -42.12
C GLN A 180 21.48 -4.63 -42.53
N PRO A 181 21.71 -4.25 -43.79
CA PRO A 181 23.08 -4.03 -44.26
C PRO A 181 23.79 -2.89 -43.55
N THR A 182 23.05 -1.88 -43.09
CA THR A 182 23.63 -0.71 -42.46
C THR A 182 23.82 -0.87 -40.96
N ASN A 183 23.43 -2.01 -40.39
CA ASN A 183 23.47 -2.23 -38.96
C ASN A 183 24.90 -2.11 -38.41
N GLY A 184 25.00 -2.11 -37.09
CA GLY A 184 26.30 -2.21 -36.46
C GLY A 184 26.91 -3.58 -36.65
N VAL A 185 28.23 -3.65 -36.52
CA VAL A 185 28.96 -4.89 -36.76
C VAL A 185 28.43 -6.01 -35.87
N GLY A 186 28.14 -5.70 -34.61
CA GLY A 186 27.66 -6.72 -33.69
C GLY A 186 26.28 -7.25 -34.01
N TYR A 187 25.47 -6.48 -34.74
CA TYR A 187 24.13 -6.89 -35.12
C TYR A 187 24.07 -7.41 -36.55
N GLN A 188 25.23 -7.65 -37.19
CA GLN A 188 25.43 -8.16 -38.53
C GLN A 188 25.59 -9.68 -38.52
N PRO A 189 25.23 -10.36 -39.60
CA PRO A 189 25.32 -11.82 -39.61
C PRO A 189 26.75 -12.32 -39.73
N TYR A 190 27.04 -13.40 -39.01
CA TYR A 190 28.35 -14.06 -39.08
C TYR A 190 28.12 -15.54 -39.32
N ARG A 191 28.75 -16.08 -40.36
CA ARG A 191 28.68 -17.51 -40.63
C ARG A 191 29.72 -18.23 -39.77
N VAL A 192 29.28 -19.27 -39.08
CA VAL A 192 30.12 -20.00 -38.14
C VAL A 192 30.29 -21.44 -38.63
N VAL A 193 31.52 -21.95 -38.53
CA VAL A 193 31.81 -23.35 -38.79
C VAL A 193 32.58 -23.90 -37.58
N VAL A 194 32.11 -25.02 -37.05
CA VAL A 194 32.73 -25.66 -35.89
C VAL A 194 33.21 -27.04 -36.31
N LEU A 195 34.53 -27.24 -36.26
CA LEU A 195 35.12 -28.54 -36.54
C LEU A 195 35.35 -29.29 -35.24
N SER A 196 34.91 -30.55 -35.21
CA SER A 196 35.11 -31.41 -34.05
C SER A 196 35.97 -32.60 -34.45
N PHE A 197 36.95 -32.93 -33.60
CA PHE A 197 37.92 -33.97 -33.89
C PHE A 197 37.74 -35.13 -32.92
N GLU A 198 37.40 -36.30 -33.44
CA GLU A 198 37.31 -37.51 -32.64
C GLU A 198 38.37 -38.49 -33.13
N LEU A 199 39.13 -39.03 -32.20
CA LEU A 199 40.15 -40.03 -32.48
C LEU A 199 39.78 -41.31 -31.75
N LEU A 200 39.66 -42.40 -32.50
CA LEU A 200 39.29 -43.69 -31.95
C LEU A 200 40.49 -44.62 -31.98
N HIS A 201 40.29 -45.84 -31.47
CA HIS A 201 41.30 -46.88 -31.62
C HIS A 201 41.29 -47.47 -33.03
N ALA A 202 40.19 -47.31 -33.76
CA ALA A 202 40.15 -47.66 -35.18
C ALA A 202 41.09 -46.76 -35.97
N PRO A 203 41.57 -47.21 -37.14
CA PRO A 203 42.62 -46.45 -37.83
C PRO A 203 42.14 -45.07 -38.27
N ALA A 204 43.05 -44.11 -38.23
CA ALA A 204 42.73 -42.73 -38.54
C ALA A 204 42.70 -42.53 -40.05
N THR A 205 41.57 -42.06 -40.57
CA THR A 205 41.38 -41.89 -42.00
C THR A 205 41.42 -40.43 -42.46
N VAL A 206 41.22 -39.48 -41.56
CA VAL A 206 41.36 -38.05 -41.89
C VAL A 206 42.78 -37.67 -41.50
N CYS A 207 43.70 -37.77 -42.47
CA CYS A 207 45.13 -37.67 -42.23
C CYS A 207 45.73 -36.63 -43.19
N GLY A 208 45.39 -35.36 -42.98
CA GLY A 208 45.85 -34.32 -43.86
C GLY A 208 47.36 -34.13 -43.83
N PRO A 209 47.96 -33.88 -44.99
CA PRO A 209 49.36 -33.45 -45.07
C PRO A 209 49.48 -31.95 -45.31
N GLN B 1 32.83 -62.99 -21.03
CA GLN B 1 32.22 -62.75 -22.34
C GLN B 1 31.13 -61.68 -22.30
N VAL B 2 31.15 -60.82 -23.31
CA VAL B 2 30.26 -59.66 -23.37
C VAL B 2 28.83 -60.10 -23.67
N GLN B 3 27.89 -59.70 -22.82
CA GLN B 3 26.51 -60.09 -23.02
C GLN B 3 25.58 -59.15 -22.26
N LEU B 4 24.33 -59.14 -22.69
CA LEU B 4 23.24 -58.49 -21.99
C LEU B 4 22.15 -59.53 -21.74
N VAL B 5 21.57 -59.52 -20.54
CA VAL B 5 20.54 -60.49 -20.17
C VAL B 5 19.33 -59.72 -19.67
N GLN B 6 18.18 -59.99 -20.29
CA GLN B 6 16.95 -59.24 -20.02
C GLN B 6 16.02 -60.02 -19.09
N SER B 7 15.00 -59.31 -18.62
CA SER B 7 13.96 -59.92 -17.81
C SER B 7 13.20 -60.98 -18.60
N GLY B 8 12.42 -61.79 -17.88
CA GLY B 8 11.58 -62.79 -18.51
C GLY B 8 10.24 -62.24 -18.95
N ALA B 9 9.49 -63.08 -19.66
CA ALA B 9 8.23 -62.65 -20.27
C ALA B 9 7.24 -62.17 -19.22
N GLN B 10 6.44 -61.18 -19.60
CA GLN B 10 5.51 -60.53 -18.69
C GLN B 10 4.11 -60.54 -19.28
N LEU B 11 3.13 -60.95 -18.48
CA LEU B 11 1.72 -60.81 -18.79
C LEU B 11 1.13 -59.80 -17.81
N LYS B 12 0.71 -58.66 -18.32
CA LYS B 12 0.13 -57.61 -17.49
C LYS B 12 -1.20 -57.15 -18.09
N LYS B 13 -1.97 -56.46 -17.27
CA LYS B 13 -3.25 -55.91 -17.66
C LYS B 13 -3.12 -54.41 -17.90
N PRO B 14 -4.02 -53.81 -18.68
CA PRO B 14 -3.91 -52.38 -18.96
C PRO B 14 -4.05 -51.54 -17.68
N GLY B 15 -3.19 -50.55 -17.56
CA GLY B 15 -3.16 -49.68 -16.40
C GLY B 15 -2.10 -50.02 -15.38
N GLU B 16 -1.61 -51.27 -15.38
CA GLU B 16 -0.61 -51.69 -14.42
C GLU B 16 0.76 -51.13 -14.80
N SER B 17 1.72 -51.28 -13.88
CA SER B 17 3.09 -50.82 -14.08
C SER B 17 3.99 -51.98 -14.46
N LEU B 18 5.06 -51.67 -15.17
CA LEU B 18 6.06 -52.68 -15.48
C LEU B 18 7.43 -52.04 -15.53
N LYS B 19 8.41 -52.72 -14.92
CA LYS B 19 9.82 -52.36 -15.01
C LYS B 19 10.58 -53.60 -15.47
N ILE B 20 11.27 -53.49 -16.60
CA ILE B 20 12.05 -54.61 -17.13
C ILE B 20 13.52 -54.24 -17.10
N SER B 21 14.37 -55.26 -17.05
CA SER B 21 15.79 -55.07 -16.73
C SER B 21 16.69 -55.58 -17.85
N CYS B 22 17.91 -55.05 -17.85
CA CYS B 22 18.94 -55.38 -18.84
C CYS B 22 20.27 -55.33 -18.11
N LYS B 23 20.90 -56.50 -17.89
CA LYS B 23 22.10 -56.60 -17.07
C LYS B 23 23.32 -56.88 -17.96
N GLY B 24 24.34 -56.04 -17.82
CA GLY B 24 25.56 -56.16 -18.60
C GLY B 24 26.64 -56.95 -17.88
N SER B 25 27.47 -57.63 -18.68
CA SER B 25 28.55 -58.45 -18.16
C SER B 25 29.70 -58.45 -19.16
N GLY B 26 30.91 -58.64 -18.64
CA GLY B 26 32.08 -58.73 -19.49
C GLY B 26 32.52 -57.42 -20.13
N TYR B 27 32.08 -56.28 -19.60
CA TYR B 27 32.53 -54.99 -20.11
C TYR B 27 32.28 -53.93 -19.06
N ASN B 28 32.92 -52.78 -19.24
CA ASN B 28 32.72 -51.64 -18.35
C ASN B 28 31.36 -51.01 -18.61
N PHE B 29 30.42 -51.24 -17.69
CA PHE B 29 29.04 -50.79 -17.89
C PHE B 29 28.95 -49.28 -18.07
N SER B 30 29.78 -48.54 -17.34
CA SER B 30 29.65 -47.08 -17.32
C SER B 30 30.14 -46.42 -18.59
N ARG B 31 30.94 -47.11 -19.42
CA ARG B 31 31.59 -46.48 -20.56
C ARG B 31 30.85 -46.70 -21.88
N TYR B 32 29.77 -47.49 -21.89
CA TYR B 32 29.05 -47.79 -23.12
C TYR B 32 27.59 -47.40 -22.99
N TRP B 33 27.02 -46.91 -24.07
CA TRP B 33 25.60 -46.56 -24.11
C TRP B 33 24.74 -47.80 -24.26
N ILE B 34 23.51 -47.72 -23.74
CA ILE B 34 22.51 -48.78 -23.88
C ILE B 34 21.27 -48.17 -24.51
N ALA B 35 20.70 -48.88 -25.49
CA ALA B 35 19.50 -48.45 -26.19
C ALA B 35 18.39 -49.47 -26.01
N TRP B 36 17.16 -48.99 -25.88
CA TRP B 36 15.98 -49.84 -25.87
C TRP B 36 15.37 -49.84 -27.26
N VAL B 37 15.24 -51.02 -27.87
CA VAL B 37 14.70 -51.17 -29.21
C VAL B 37 13.43 -52.01 -29.10
N ARG B 38 12.35 -51.52 -29.69
CA ARG B 38 11.06 -52.19 -29.61
C ARG B 38 10.70 -52.81 -30.95
N HIS B 39 10.24 -54.06 -30.90
CA HIS B 39 9.81 -54.81 -32.08
C HIS B 39 8.32 -55.08 -31.90
N MET B 40 7.49 -54.22 -32.47
CA MET B 40 6.05 -54.30 -32.33
C MET B 40 5.47 -55.30 -33.32
N PRO B 41 4.29 -55.86 -33.03
CA PRO B 41 3.69 -56.84 -33.93
C PRO B 41 3.54 -56.31 -35.35
N GLY B 42 4.07 -57.06 -36.31
CA GLY B 42 4.01 -56.69 -37.72
C GLY B 42 4.80 -55.47 -38.12
N LYS B 43 5.57 -54.88 -37.21
CA LYS B 43 6.38 -53.71 -37.50
C LYS B 43 7.86 -54.10 -37.44
N GLY B 44 8.73 -53.11 -37.66
CA GLY B 44 10.15 -53.36 -37.70
C GLY B 44 10.85 -53.17 -36.37
N LEU B 45 11.99 -52.49 -36.39
CA LEU B 45 12.74 -52.15 -35.19
C LEU B 45 12.76 -50.64 -35.04
N GLU B 46 12.58 -50.17 -33.81
CA GLU B 46 12.55 -48.74 -33.52
C GLU B 46 13.22 -48.48 -32.19
N VAL B 47 13.97 -47.38 -32.11
CA VAL B 47 14.66 -46.98 -30.90
C VAL B 47 13.70 -46.18 -30.03
N MET B 48 13.52 -46.61 -28.79
CA MET B 48 12.70 -45.88 -27.83
C MET B 48 13.50 -44.81 -27.11
N GLY B 49 14.70 -45.15 -26.64
CA GLY B 49 15.54 -44.22 -25.93
C GLY B 49 16.91 -44.80 -25.71
N ILE B 50 17.83 -43.94 -25.28
CA ILE B 50 19.22 -44.31 -25.03
C ILE B 50 19.65 -43.70 -23.72
N ILE B 51 20.62 -44.34 -23.06
CA ILE B 51 21.11 -43.91 -21.76
C ILE B 51 22.61 -44.12 -21.67
N TYR B 52 23.31 -43.16 -21.05
CA TYR B 52 24.72 -43.31 -20.71
C TYR B 52 24.82 -43.61 -19.22
N PRO B 53 25.25 -44.80 -18.82
CA PRO B 53 25.14 -45.19 -17.40
C PRO B 53 25.96 -44.34 -16.44
N ASP B 54 27.18 -43.93 -16.80
CA ASP B 54 27.99 -43.14 -15.88
C ASP B 54 27.27 -41.86 -15.50
N ASP B 55 26.68 -41.18 -16.47
CA ASP B 55 26.03 -39.90 -16.25
C ASP B 55 24.53 -40.00 -16.06
N SER B 56 23.94 -41.18 -16.30
CA SER B 56 22.49 -41.32 -16.44
C SER B 56 21.93 -40.26 -17.37
N ASP B 57 22.69 -39.99 -18.43
CA ASP B 57 22.25 -39.14 -19.53
C ASP B 57 21.28 -39.95 -20.38
N THR B 58 20.00 -39.65 -20.28
CA THR B 58 18.97 -40.40 -20.99
C THR B 58 18.28 -39.48 -22.01
N ARG B 59 18.12 -39.99 -23.22
CA ARG B 59 17.42 -39.28 -24.29
C ARG B 59 16.36 -40.20 -24.87
N TYR B 60 15.17 -39.66 -25.11
CA TYR B 60 14.01 -40.43 -25.55
C TYR B 60 13.61 -40.01 -26.96
N SER B 61 12.90 -40.92 -27.64
CA SER B 61 12.26 -40.58 -28.91
C SER B 61 10.91 -39.93 -28.64
N PRO B 62 10.37 -39.17 -29.61
CA PRO B 62 9.08 -38.52 -29.37
C PRO B 62 7.92 -39.49 -29.22
N SER B 63 7.96 -40.64 -29.91
CA SER B 63 6.85 -41.60 -29.84
C SER B 63 6.68 -42.20 -28.45
N VAL B 64 7.62 -41.97 -27.53
CA VAL B 64 7.59 -42.60 -26.22
C VAL B 64 7.77 -41.58 -25.11
N ARG B 65 7.55 -40.30 -25.41
CA ARG B 65 7.74 -39.28 -24.38
C ARG B 65 6.51 -39.19 -23.47
N GLY B 66 6.74 -39.35 -22.17
CA GLY B 66 5.72 -39.20 -21.16
C GLY B 66 5.16 -40.51 -20.63
N GLN B 67 5.30 -41.60 -21.38
CA GLN B 67 4.72 -42.87 -20.99
C GLN B 67 5.73 -43.90 -20.49
N VAL B 68 7.03 -43.70 -20.76
CA VAL B 68 8.05 -44.61 -20.28
C VAL B 68 9.19 -43.83 -19.64
N THR B 69 9.96 -44.53 -18.81
CA THR B 69 11.14 -43.98 -18.14
C THR B 69 12.30 -44.96 -18.30
N ILE B 70 13.45 -44.46 -18.75
CA ILE B 70 14.66 -45.26 -18.85
C ILE B 70 15.59 -44.86 -17.71
N SER B 71 16.12 -45.86 -17.01
CA SER B 71 16.93 -45.64 -15.83
C SER B 71 18.12 -46.59 -15.84
N ALA B 72 19.06 -46.36 -14.92
CA ALA B 72 20.27 -47.15 -14.86
C ALA B 72 20.83 -47.14 -13.43
N ASP B 73 21.32 -48.31 -13.00
CA ASP B 73 21.98 -48.47 -11.70
C ASP B 73 23.39 -48.95 -11.96
N LYS B 74 24.38 -48.08 -11.72
CA LYS B 74 25.77 -48.43 -12.00
C LYS B 74 26.26 -49.54 -11.07
N SER B 75 25.84 -49.52 -9.81
CA SER B 75 26.35 -50.49 -8.85
C SER B 75 25.93 -51.92 -9.23
N THR B 76 24.71 -52.08 -9.74
CA THR B 76 24.25 -53.40 -10.18
C THR B 76 24.47 -53.64 -11.66
N SER B 77 24.90 -52.62 -12.41
CA SER B 77 25.14 -52.74 -13.85
C SER B 77 23.87 -53.14 -14.60
N ILE B 78 22.78 -52.45 -14.31
CA ILE B 78 21.47 -52.77 -14.87
C ILE B 78 20.84 -51.50 -15.43
N VAL B 79 20.21 -51.63 -16.60
CA VAL B 79 19.43 -50.57 -17.22
C VAL B 79 17.97 -51.00 -17.20
N TYR B 80 17.07 -50.07 -16.88
CA TYR B 80 15.66 -50.37 -16.71
C TYR B 80 14.81 -49.60 -17.73
N LEU B 81 13.62 -50.16 -18.00
CA LEU B 81 12.59 -49.50 -18.79
C LEU B 81 11.26 -49.69 -18.09
N GLN B 82 10.54 -48.60 -17.82
CA GLN B 82 9.36 -48.63 -16.96
C GLN B 82 8.20 -47.91 -17.62
N TRP B 83 7.03 -48.56 -17.64
CA TRP B 83 5.78 -47.95 -18.04
C TRP B 83 4.97 -47.59 -16.80
N SER B 84 4.40 -46.38 -16.78
CA SER B 84 3.56 -45.98 -15.65
C SER B 84 2.20 -46.67 -15.72
N SER B 85 1.49 -46.50 -16.83
CA SER B 85 0.23 -47.21 -17.08
C SER B 85 0.38 -47.93 -18.42
N LEU B 86 0.43 -49.26 -18.38
CA LEU B 86 0.57 -50.04 -19.60
C LEU B 86 -0.71 -49.95 -20.43
N LYS B 87 -0.53 -49.87 -21.74
CA LYS B 87 -1.63 -49.90 -22.69
C LYS B 87 -1.51 -51.15 -23.55
N ALA B 88 -2.66 -51.65 -24.02
CA ALA B 88 -2.65 -52.87 -24.82
C ALA B 88 -1.82 -52.73 -26.08
N SER B 89 -1.78 -51.52 -26.65
CA SER B 89 -0.94 -51.27 -27.82
C SER B 89 0.54 -51.46 -27.52
N ASP B 90 0.94 -51.44 -26.25
CA ASP B 90 2.34 -51.63 -25.90
C ASP B 90 2.79 -53.08 -26.00
N THR B 91 1.87 -54.02 -26.23
CA THR B 91 2.24 -55.41 -26.43
C THR B 91 3.26 -55.53 -27.55
N GLY B 92 4.33 -56.26 -27.28
CA GLY B 92 5.40 -56.42 -28.24
C GLY B 92 6.59 -57.11 -27.60
N ILE B 93 7.72 -57.03 -28.30
CA ILE B 93 8.99 -57.56 -27.80
C ILE B 93 9.96 -56.40 -27.70
N TYR B 94 10.64 -56.29 -26.56
CA TYR B 94 11.52 -55.16 -26.29
C TYR B 94 12.95 -55.68 -26.09
N TYR B 95 13.86 -55.22 -26.94
CA TYR B 95 15.27 -55.56 -26.86
C TYR B 95 16.05 -54.40 -26.26
N CYS B 96 17.12 -54.74 -25.54
CA CYS B 96 18.15 -53.78 -25.19
C CYS B 96 19.43 -54.14 -25.92
N ALA B 97 20.19 -53.11 -26.30
CA ALA B 97 21.41 -53.32 -27.07
C ALA B 97 22.44 -52.29 -26.64
N ARG B 98 23.71 -52.62 -26.90
CA ARG B 98 24.84 -51.79 -26.52
C ARG B 98 25.47 -51.15 -27.74
N PHE B 99 25.83 -49.87 -27.61
CA PHE B 99 26.52 -49.18 -28.68
C PHE B 99 27.51 -48.19 -28.09
N GLY B 100 28.47 -47.78 -28.90
CA GLY B 100 29.49 -46.84 -28.46
C GLY B 100 30.91 -47.40 -28.51
N ALA B 101 31.89 -46.51 -28.51
CA ALA B 101 33.30 -46.91 -28.59
C ALA B 101 33.90 -47.22 -27.23
N GLY B 102 33.17 -46.98 -26.14
CA GLY B 102 33.70 -47.19 -24.80
C GLY B 102 34.74 -46.19 -24.36
N MET B 103 35.15 -45.28 -25.23
CA MET B 103 36.13 -44.28 -24.87
C MET B 103 35.45 -43.07 -24.24
N THR B 104 36.24 -42.32 -23.49
CA THR B 104 35.80 -41.06 -22.89
C THR B 104 36.33 -39.89 -23.72
N GLY B 105 35.84 -38.70 -23.41
CA GLY B 105 36.19 -37.50 -24.14
C GLY B 105 35.30 -37.26 -25.36
N MET B 106 35.91 -36.82 -26.46
CA MET B 106 35.14 -36.49 -27.66
C MET B 106 34.33 -37.68 -28.23
N PRO B 107 34.85 -38.92 -28.29
CA PRO B 107 34.05 -40.01 -28.91
C PRO B 107 32.66 -40.16 -28.33
N ARG B 108 32.49 -39.89 -27.03
CA ARG B 108 31.22 -40.12 -26.36
C ARG B 108 30.08 -39.36 -27.02
N TYR B 109 30.35 -38.17 -27.54
CA TYR B 109 29.30 -37.36 -28.14
C TYR B 109 28.90 -37.83 -29.54
N PHE B 110 29.60 -38.81 -30.10
CA PHE B 110 29.32 -39.32 -31.43
C PHE B 110 29.10 -40.83 -31.45
N ASP B 111 28.91 -41.44 -30.27
CA ASP B 111 28.61 -42.86 -30.20
C ASP B 111 27.32 -43.20 -30.93
N THR B 112 26.41 -42.23 -31.02
CA THR B 112 25.14 -42.44 -31.73
C THR B 112 25.33 -42.68 -33.22
N THR B 113 26.54 -42.52 -33.74
CA THR B 113 26.84 -42.83 -35.14
C THR B 113 27.35 -44.25 -35.32
N ARG B 114 27.19 -45.12 -34.31
CA ARG B 114 27.79 -46.45 -34.37
C ARG B 114 26.74 -47.54 -34.18
N TRP B 115 27.20 -48.79 -34.02
CA TRP B 115 26.35 -49.96 -34.16
C TRP B 115 26.03 -50.61 -32.83
N PHE B 116 24.95 -51.40 -32.82
CA PHE B 116 24.53 -52.20 -31.67
C PHE B 116 25.09 -53.60 -31.85
N ASP B 117 26.30 -53.85 -31.34
CA ASP B 117 26.79 -55.22 -31.53
C ASP B 117 26.32 -56.15 -30.41
N PRO B 118 26.49 -55.81 -29.13
CA PRO B 118 25.91 -56.67 -28.08
C PRO B 118 24.42 -56.41 -27.95
N TRP B 119 23.62 -57.43 -28.26
CA TRP B 119 22.17 -57.33 -28.27
C TRP B 119 21.59 -58.33 -27.28
N GLY B 120 20.50 -57.93 -26.62
CA GLY B 120 19.86 -58.78 -25.64
C GLY B 120 18.90 -59.79 -26.27
N GLN B 121 18.52 -60.79 -25.46
CA GLN B 121 17.61 -61.83 -25.94
C GLN B 121 16.17 -61.35 -26.07
N GLY B 122 15.85 -60.17 -25.56
CA GLY B 122 14.49 -59.65 -25.68
C GLY B 122 13.61 -60.08 -24.53
N THR B 123 12.63 -59.22 -24.23
CA THR B 123 11.56 -59.53 -23.29
C THR B 123 10.23 -59.36 -24.01
N GLN B 124 9.36 -60.35 -23.89
CA GLN B 124 8.03 -60.27 -24.49
C GLN B 124 7.06 -59.67 -23.47
N VAL B 125 6.43 -58.56 -23.85
CA VAL B 125 5.46 -57.88 -23.01
C VAL B 125 4.10 -58.04 -23.66
N THR B 126 3.15 -58.59 -22.90
CA THR B 126 1.78 -58.82 -23.38
C THR B 126 0.81 -58.13 -22.44
N VAL B 127 -0.03 -57.27 -23.00
CA VAL B 127 -1.02 -56.51 -22.22
C VAL B 127 -2.40 -56.93 -22.72
N SER B 128 -3.16 -57.59 -21.84
CA SER B 128 -4.48 -58.11 -22.18
C SER B 128 -5.42 -57.94 -21.00
N SER B 129 -6.64 -57.54 -21.30
CA SER B 129 -7.69 -57.48 -20.28
C SER B 129 -8.34 -58.83 -20.04
N ALA B 130 -7.76 -59.90 -20.57
CA ALA B 130 -8.35 -61.24 -20.49
C ALA B 130 -7.93 -61.93 -19.20
N SER B 131 -8.82 -62.78 -18.70
CA SER B 131 -8.58 -63.56 -17.50
C SER B 131 -8.65 -65.05 -17.85
N THR B 132 -8.06 -65.87 -16.99
CA THR B 132 -7.95 -67.31 -17.22
C THR B 132 -9.31 -67.94 -17.51
N LYS B 133 -9.49 -68.43 -18.74
CA LYS B 133 -10.75 -69.01 -19.18
C LYS B 133 -10.47 -70.33 -19.89
N GLY B 134 -11.24 -71.35 -19.56
CA GLY B 134 -11.12 -72.64 -20.22
C GLY B 134 -11.73 -72.62 -21.60
N PRO B 135 -11.36 -73.59 -22.43
CA PRO B 135 -11.88 -73.64 -23.80
C PRO B 135 -13.23 -74.33 -23.88
N SER B 136 -14.01 -73.93 -24.88
CA SER B 136 -15.23 -74.63 -25.26
C SER B 136 -14.93 -75.41 -26.54
N VAL B 137 -15.15 -76.72 -26.50
CA VAL B 137 -14.71 -77.62 -27.56
C VAL B 137 -15.93 -78.07 -28.37
N PHE B 138 -15.91 -77.77 -29.67
CA PHE B 138 -16.98 -78.17 -30.57
C PHE B 138 -16.45 -79.12 -31.64
N PRO B 139 -17.21 -80.14 -32.02
CA PRO B 139 -16.75 -81.06 -33.07
C PRO B 139 -16.79 -80.40 -34.43
N LEU B 140 -15.78 -80.71 -35.25
CA LEU B 140 -15.76 -80.33 -36.66
C LEU B 140 -16.09 -81.59 -37.46
N ALA B 141 -17.34 -81.68 -37.92
CA ALA B 141 -17.79 -82.84 -38.67
C ALA B 141 -16.94 -83.05 -39.92
N PRO B 142 -16.89 -84.28 -40.43
CA PRO B 142 -16.02 -84.56 -41.59
C PRO B 142 -16.38 -83.70 -42.79
N SER B 143 -15.35 -83.23 -43.48
CA SER B 143 -15.50 -82.42 -44.68
C SER B 143 -14.46 -82.84 -45.71
N SER B 144 -14.79 -82.66 -46.97
CA SER B 144 -13.91 -83.10 -48.04
C SER B 144 -12.64 -82.26 -48.09
N LYS B 145 -11.49 -82.93 -48.12
CA LYS B 145 -10.21 -82.25 -48.25
C LYS B 145 -9.76 -82.26 -49.71
N SER B 146 -9.31 -83.41 -50.19
CA SER B 146 -8.91 -83.58 -51.59
C SER B 146 -9.79 -84.64 -52.22
N THR B 147 -10.54 -84.24 -53.26
CA THR B 147 -11.50 -85.16 -53.86
C THR B 147 -10.82 -86.17 -54.78
N SER B 148 -9.84 -85.72 -55.56
CA SER B 148 -8.85 -86.65 -56.09
C SER B 148 -8.00 -87.13 -54.93
N GLY B 149 -7.83 -88.45 -54.82
CA GLY B 149 -7.20 -89.01 -53.64
C GLY B 149 -8.12 -89.17 -52.45
N GLY B 150 -9.36 -88.68 -52.55
CA GLY B 150 -10.43 -88.97 -51.60
C GLY B 150 -10.07 -88.86 -50.13
N THR B 151 -9.65 -87.68 -49.69
CA THR B 151 -9.30 -87.45 -48.31
C THR B 151 -10.34 -86.54 -47.66
N ALA B 152 -10.71 -86.87 -46.42
CA ALA B 152 -11.60 -86.04 -45.64
C ALA B 152 -10.91 -85.64 -44.35
N ALA B 153 -11.35 -84.52 -43.78
CA ALA B 153 -10.81 -84.02 -42.53
C ALA B 153 -11.94 -83.87 -41.53
N LEU B 154 -11.72 -84.41 -40.33
CA LEU B 154 -12.59 -84.23 -39.19
C LEU B 154 -11.75 -83.75 -38.02
N GLY B 155 -12.42 -83.29 -36.97
CA GLY B 155 -11.70 -82.81 -35.80
C GLY B 155 -12.62 -82.07 -34.86
N CYS B 156 -12.01 -81.26 -33.99
CA CYS B 156 -12.78 -80.46 -33.05
C CYS B 156 -12.18 -79.07 -32.95
N LEU B 157 -13.05 -78.10 -32.66
CA LEU B 157 -12.69 -76.70 -32.54
C LEU B 157 -12.50 -76.35 -31.08
N VAL B 158 -11.36 -75.74 -30.75
CA VAL B 158 -11.05 -75.31 -29.39
C VAL B 158 -11.20 -73.78 -29.37
N LYS B 159 -12.24 -73.30 -28.70
CA LYS B 159 -12.67 -71.91 -28.84
C LYS B 159 -12.68 -71.18 -27.51
N ASP B 160 -12.21 -69.93 -27.54
CA ASP B 160 -12.39 -68.96 -26.46
C ASP B 160 -11.68 -69.40 -25.17
N TYR B 161 -10.35 -69.50 -25.26
CA TYR B 161 -9.53 -69.88 -24.11
C TYR B 161 -8.44 -68.84 -23.90
N PHE B 162 -7.95 -68.77 -22.65
CA PHE B 162 -6.88 -67.87 -22.27
C PHE B 162 -6.30 -68.36 -20.96
N PRO B 163 -4.97 -68.35 -20.78
CA PRO B 163 -4.01 -67.96 -21.82
C PRO B 163 -3.52 -69.17 -22.60
N GLU B 164 -2.60 -68.97 -23.54
CA GLU B 164 -1.92 -70.09 -24.16
C GLU B 164 -1.11 -70.83 -23.09
N PRO B 165 -0.83 -72.13 -23.29
CA PRO B 165 -1.22 -72.98 -24.42
C PRO B 165 -2.27 -74.03 -24.09
N VAL B 166 -2.73 -74.70 -25.16
CA VAL B 166 -3.67 -75.80 -25.11
C VAL B 166 -3.01 -77.01 -25.74
N THR B 167 -3.31 -78.20 -25.22
CA THR B 167 -2.82 -79.45 -25.77
C THR B 167 -3.98 -80.24 -26.35
N VAL B 168 -3.76 -80.86 -27.51
CA VAL B 168 -4.77 -81.66 -28.19
C VAL B 168 -4.15 -82.96 -28.63
N SER B 169 -4.75 -84.08 -28.22
CA SER B 169 -4.36 -85.42 -28.65
C SER B 169 -5.59 -86.15 -29.17
N TRP B 170 -5.36 -87.27 -29.85
CA TRP B 170 -6.44 -88.02 -30.47
C TRP B 170 -6.43 -89.46 -29.98
N ASN B 171 -7.61 -89.96 -29.60
CA ASN B 171 -7.76 -91.33 -29.09
C ASN B 171 -6.71 -91.66 -28.03
N SER B 172 -6.44 -90.67 -27.17
CA SER B 172 -5.53 -90.76 -26.03
C SER B 172 -4.05 -90.78 -26.44
N GLY B 173 -3.74 -90.44 -27.69
CA GLY B 173 -2.37 -90.51 -28.17
C GLY B 173 -2.05 -91.72 -29.00
N ALA B 174 -3.04 -92.57 -29.30
CA ALA B 174 -2.87 -93.72 -30.16
C ALA B 174 -3.07 -93.40 -31.63
N LEU B 175 -3.64 -92.23 -31.93
CA LEU B 175 -3.77 -91.75 -33.30
C LEU B 175 -2.76 -90.63 -33.51
N THR B 176 -1.87 -90.81 -34.48
CA THR B 176 -0.82 -89.83 -34.76
C THR B 176 -0.68 -89.49 -36.24
N SER B 177 -1.06 -90.38 -37.16
CA SER B 177 -0.91 -90.12 -38.58
C SER B 177 -2.09 -89.30 -39.09
N GLY B 178 -1.80 -88.27 -39.87
CA GLY B 178 -2.82 -87.38 -40.36
C GLY B 178 -3.28 -86.33 -39.38
N VAL B 179 -2.66 -86.25 -38.20
CA VAL B 179 -3.06 -85.31 -37.17
C VAL B 179 -2.34 -83.98 -37.41
N HIS B 180 -3.11 -82.89 -37.46
CA HIS B 180 -2.55 -81.56 -37.65
C HIS B 180 -3.28 -80.61 -36.69
N THR B 181 -2.58 -80.17 -35.65
CA THR B 181 -3.09 -79.15 -34.74
C THR B 181 -2.56 -77.80 -35.21
N PHE B 182 -3.46 -76.96 -35.71
CA PHE B 182 -3.11 -75.66 -36.27
C PHE B 182 -2.80 -74.65 -35.17
N PRO B 183 -1.86 -73.73 -35.42
CA PRO B 183 -1.61 -72.65 -34.47
C PRO B 183 -2.87 -71.80 -34.26
N ALA B 184 -2.95 -71.19 -33.09
CA ALA B 184 -4.17 -70.53 -32.67
C ALA B 184 -4.27 -69.12 -33.26
N VAL B 185 -5.51 -68.64 -33.37
CA VAL B 185 -5.81 -67.27 -33.72
C VAL B 185 -6.07 -66.49 -32.44
N LEU B 186 -5.76 -65.20 -32.47
CA LEU B 186 -6.08 -64.30 -31.35
C LEU B 186 -7.13 -63.31 -31.84
N GLN B 187 -8.33 -63.43 -31.31
CA GLN B 187 -9.45 -62.62 -31.76
C GLN B 187 -9.47 -61.27 -31.05
N SER B 188 -10.34 -60.38 -31.55
CA SER B 188 -10.46 -59.06 -30.94
C SER B 188 -10.92 -59.13 -29.49
N SER B 189 -11.59 -60.21 -29.09
CA SER B 189 -11.99 -60.39 -27.70
C SER B 189 -10.79 -60.57 -26.78
N GLY B 190 -9.63 -60.91 -27.32
CA GLY B 190 -8.46 -61.22 -26.51
C GLY B 190 -8.35 -62.67 -26.11
N LEU B 191 -9.22 -63.54 -26.60
CA LEU B 191 -9.20 -64.97 -26.31
C LEU B 191 -8.71 -65.74 -27.52
N TYR B 192 -7.99 -66.84 -27.25
CA TYR B 192 -7.43 -67.66 -28.32
C TYR B 192 -8.41 -68.74 -28.75
N SER B 193 -8.30 -69.12 -30.02
CA SER B 193 -9.04 -70.24 -30.60
C SER B 193 -8.12 -70.98 -31.55
N LEU B 194 -8.27 -72.31 -31.59
CA LEU B 194 -7.52 -73.11 -32.54
C LEU B 194 -8.38 -74.28 -32.99
N SER B 195 -7.84 -75.06 -33.93
CA SER B 195 -8.51 -76.24 -34.44
C SER B 195 -7.49 -77.36 -34.59
N SER B 196 -7.95 -78.59 -34.37
CA SER B 196 -7.16 -79.78 -34.63
C SER B 196 -7.96 -80.69 -35.54
N VAL B 197 -7.34 -81.14 -36.63
CA VAL B 197 -8.00 -82.02 -37.59
C VAL B 197 -7.14 -83.27 -37.79
N VAL B 198 -7.80 -84.33 -38.25
CA VAL B 198 -7.12 -85.55 -38.65
C VAL B 198 -7.64 -85.93 -40.04
N THR B 199 -6.71 -86.23 -40.95
CA THR B 199 -7.04 -86.55 -42.33
C THR B 199 -7.15 -88.06 -42.49
N VAL B 200 -8.29 -88.53 -42.99
CA VAL B 200 -8.57 -89.95 -43.12
C VAL B 200 -9.10 -90.23 -44.53
N PRO B 201 -8.93 -91.45 -45.04
CA PRO B 201 -9.62 -91.81 -46.29
C PRO B 201 -11.13 -91.72 -46.09
N SER B 202 -11.79 -91.03 -47.03
CA SER B 202 -13.22 -90.79 -46.90
C SER B 202 -14.00 -92.09 -46.79
N SER B 203 -13.58 -93.12 -47.54
CA SER B 203 -14.23 -94.42 -47.47
C SER B 203 -14.18 -94.98 -46.05
N SER B 204 -13.08 -94.74 -45.33
CA SER B 204 -12.90 -95.32 -44.01
C SER B 204 -13.79 -94.68 -42.96
N LEU B 205 -14.46 -93.57 -43.27
CA LEU B 205 -15.30 -92.89 -42.28
C LEU B 205 -16.43 -93.82 -41.82
N GLY B 206 -16.73 -93.76 -40.52
CA GLY B 206 -17.74 -94.62 -39.94
C GLY B 206 -17.23 -95.96 -39.47
N THR B 207 -15.99 -96.32 -39.81
CA THR B 207 -15.40 -97.57 -39.33
C THR B 207 -14.48 -97.39 -38.13
N GLN B 208 -13.96 -96.18 -37.91
CA GLN B 208 -13.09 -95.87 -36.78
C GLN B 208 -13.68 -94.71 -36.00
N THR B 209 -13.45 -94.70 -34.69
CA THR B 209 -14.02 -93.72 -33.77
C THR B 209 -12.96 -92.72 -33.31
N TYR B 210 -13.23 -91.44 -33.46
CA TYR B 210 -12.27 -90.39 -33.19
C TYR B 210 -12.72 -89.57 -31.98
N ILE B 211 -11.88 -89.54 -30.95
CA ILE B 211 -12.09 -88.72 -29.77
C ILE B 211 -10.90 -87.80 -29.59
N CYS B 212 -11.15 -86.51 -29.45
CA CYS B 212 -10.08 -85.54 -29.23
C CYS B 212 -10.00 -85.17 -27.75
N ASN B 213 -8.78 -85.13 -27.23
CA ASN B 213 -8.52 -84.88 -25.82
C ASN B 213 -7.86 -83.51 -25.69
N VAL B 214 -8.63 -82.54 -25.20
CA VAL B 214 -8.17 -81.16 -25.07
C VAL B 214 -7.90 -80.88 -23.60
N ASN B 215 -6.68 -80.44 -23.30
CA ASN B 215 -6.30 -80.10 -21.93
C ASN B 215 -5.73 -78.69 -21.91
N HIS B 216 -6.27 -77.86 -21.03
CA HIS B 216 -5.84 -76.47 -20.84
C HIS B 216 -5.46 -76.31 -19.36
N LYS B 217 -4.17 -76.48 -19.07
CA LYS B 217 -3.72 -76.54 -17.68
C LYS B 217 -3.94 -75.26 -16.89
N PRO B 218 -3.82 -74.04 -17.46
CA PRO B 218 -4.12 -72.84 -16.66
C PRO B 218 -5.50 -72.87 -15.99
N SER B 219 -6.53 -73.30 -16.70
CA SER B 219 -7.87 -73.38 -16.14
C SER B 219 -8.16 -74.74 -15.52
N ASN B 220 -7.20 -75.68 -15.58
CA ASN B 220 -7.39 -77.04 -15.11
C ASN B 220 -8.61 -77.69 -15.77
N THR B 221 -8.78 -77.43 -17.07
CA THR B 221 -9.90 -77.92 -17.85
C THR B 221 -9.45 -79.09 -18.73
N LYS B 222 -10.26 -80.14 -18.76
CA LYS B 222 -10.02 -81.31 -19.59
C LYS B 222 -11.33 -81.68 -20.29
N VAL B 223 -11.29 -81.76 -21.61
CA VAL B 223 -12.47 -82.05 -22.42
C VAL B 223 -12.19 -83.22 -23.34
N ASP B 224 -13.17 -84.11 -23.50
CA ASP B 224 -13.10 -85.21 -24.45
C ASP B 224 -14.31 -85.14 -25.35
N LYS B 225 -14.08 -85.05 -26.66
CA LYS B 225 -15.17 -84.86 -27.62
C LYS B 225 -15.12 -85.93 -28.69
N ARG B 226 -16.28 -86.55 -28.93
CA ARG B 226 -16.44 -87.53 -30.00
C ARG B 226 -16.81 -86.80 -31.28
N VAL B 227 -16.01 -86.99 -32.33
CA VAL B 227 -16.33 -86.48 -33.66
C VAL B 227 -16.92 -87.62 -34.47
N GLU B 228 -18.06 -87.36 -35.12
CA GLU B 228 -18.78 -88.40 -35.85
C GLU B 228 -19.34 -87.84 -37.15
N PRO B 229 -19.33 -88.64 -38.22
CA PRO B 229 -20.03 -88.25 -39.46
C PRO B 229 -21.52 -88.00 -39.25
N LYS B 230 -21.92 -86.73 -39.29
CA LYS B 230 -23.33 -86.38 -39.07
C LYS B 230 -24.12 -86.43 -40.37
N GLN C 2 6.27 -43.30 -41.54
CA GLN C 2 7.14 -43.91 -42.54
C GLN C 2 8.49 -44.23 -41.92
N SER C 3 9.50 -44.41 -42.77
CA SER C 3 10.87 -44.61 -42.33
C SER C 3 11.77 -43.67 -43.09
N VAL C 4 12.67 -43.00 -42.37
CA VAL C 4 13.63 -42.12 -43.02
C VAL C 4 14.53 -42.92 -43.96
N LEU C 5 14.81 -44.18 -43.62
CA LEU C 5 15.53 -45.12 -44.48
C LEU C 5 14.53 -46.13 -45.04
N THR C 6 14.53 -46.31 -46.36
CA THR C 6 13.52 -47.09 -47.05
C THR C 6 14.12 -48.37 -47.62
N GLN C 7 13.53 -49.51 -47.27
CA GLN C 7 13.94 -50.83 -47.72
C GLN C 7 12.80 -51.49 -48.49
N PRO C 8 13.11 -52.48 -49.32
CA PRO C 8 12.06 -53.30 -49.91
C PRO C 8 11.43 -54.19 -48.87
N PRO C 9 10.12 -54.42 -48.93
CA PRO C 9 9.48 -55.32 -47.95
C PRO C 9 9.95 -56.75 -48.06
N SER C 10 10.32 -57.21 -49.26
CA SER C 10 10.65 -58.61 -49.47
C SER C 10 11.54 -58.74 -50.70
N VAL C 11 12.56 -59.59 -50.60
CA VAL C 11 13.34 -60.02 -51.75
C VAL C 11 13.43 -61.54 -51.70
N SER C 12 13.64 -62.14 -52.87
CA SER C 12 13.51 -63.57 -53.04
C SER C 12 14.66 -64.10 -53.87
N GLY C 13 15.10 -65.32 -53.55
CA GLY C 13 16.14 -65.96 -54.32
C GLY C 13 16.12 -67.46 -54.14
N ALA C 14 16.75 -68.16 -55.11
CA ALA C 14 16.92 -69.60 -55.11
C ALA C 14 18.30 -69.98 -54.57
N PRO C 15 18.44 -71.18 -53.98
CA PRO C 15 19.75 -71.60 -53.46
C PRO C 15 20.88 -71.45 -54.47
N GLY C 16 21.90 -70.66 -54.10
CA GLY C 16 23.06 -70.43 -54.93
C GLY C 16 23.05 -69.09 -55.64
N GLN C 17 21.92 -68.41 -55.68
CA GLN C 17 21.80 -67.17 -56.44
C GLN C 17 22.34 -65.99 -55.63
N ARG C 18 22.30 -64.81 -56.24
CA ARG C 18 22.72 -63.57 -55.62
C ARG C 18 21.55 -62.59 -55.57
N VAL C 19 21.38 -61.93 -54.43
CA VAL C 19 20.35 -60.91 -54.27
C VAL C 19 20.94 -59.74 -53.49
N THR C 20 20.34 -58.57 -53.68
CA THR C 20 20.72 -57.36 -52.97
C THR C 20 19.50 -56.75 -52.29
N ILE C 21 19.68 -56.29 -51.06
CA ILE C 21 18.67 -55.52 -50.35
C ILE C 21 19.13 -54.07 -50.32
N SER C 22 18.28 -53.17 -50.79
CA SER C 22 18.63 -51.76 -50.86
C SER C 22 18.21 -51.02 -49.60
N CYS C 23 18.93 -49.95 -49.30
CA CYS C 23 18.64 -49.06 -48.18
C CYS C 23 18.76 -47.64 -48.70
N LEU C 24 17.63 -46.94 -48.82
CA LEU C 24 17.56 -45.65 -49.48
C LEU C 24 17.39 -44.54 -48.45
N GLY C 25 18.36 -43.62 -48.42
CA GLY C 25 18.35 -42.53 -47.46
C GLY C 25 18.25 -41.15 -48.07
N GLY C 26 18.90 -40.16 -47.45
CA GLY C 26 18.78 -38.79 -47.90
C GLY C 26 19.87 -37.89 -47.34
N SER C 27 19.59 -36.58 -47.35
CA SER C 27 20.60 -35.61 -46.93
C SER C 27 20.90 -35.72 -45.44
N SER C 28 19.88 -36.00 -44.63
CA SER C 28 20.08 -36.02 -43.19
C SER C 28 20.80 -37.28 -42.72
N ASN C 29 20.83 -38.31 -43.56
CA ASN C 29 21.38 -39.62 -43.20
C ASN C 29 22.04 -40.19 -44.43
N ILE C 30 23.33 -40.54 -44.31
CA ILE C 30 24.17 -41.03 -45.41
C ILE C 30 24.63 -39.87 -46.28
N GLY C 31 23.69 -38.99 -46.65
CA GLY C 31 24.06 -37.78 -47.38
C GLY C 31 24.89 -36.83 -46.54
N ALA C 32 24.74 -36.89 -45.22
CA ALA C 32 25.58 -36.09 -44.34
C ALA C 32 26.96 -36.72 -44.13
N GLY C 33 27.09 -38.02 -44.40
CA GLY C 33 28.37 -38.68 -44.27
C GLY C 33 28.36 -39.82 -43.25
N TYR C 34 27.17 -40.21 -42.81
CA TYR C 34 27.04 -41.25 -41.81
C TYR C 34 27.10 -42.62 -42.46
N ASP C 35 27.79 -43.56 -41.80
CA ASP C 35 27.87 -44.92 -42.30
C ASP C 35 26.57 -45.68 -42.02
N VAL C 36 26.47 -46.85 -42.64
CA VAL C 36 25.30 -47.70 -42.52
C VAL C 36 25.71 -49.03 -41.90
N HIS C 37 24.90 -49.52 -40.99
CA HIS C 37 25.10 -50.83 -40.39
C HIS C 37 23.88 -51.69 -40.67
N TRP C 38 24.09 -53.01 -40.70
CA TRP C 38 23.04 -53.97 -41.01
C TRP C 38 22.93 -55.00 -39.90
N TYR C 39 21.70 -55.42 -39.62
CA TYR C 39 21.43 -56.44 -38.63
C TYR C 39 20.59 -57.54 -39.25
N GLN C 40 20.86 -58.78 -38.81
CA GLN C 40 20.16 -59.96 -39.30
C GLN C 40 19.31 -60.51 -38.16
N HIS C 41 18.01 -60.63 -38.39
CA HIS C 41 17.06 -61.09 -37.39
C HIS C 41 16.59 -62.48 -37.78
N LEU C 42 17.29 -63.50 -37.26
CA LEU C 42 16.98 -64.88 -37.60
C LEU C 42 15.71 -65.33 -36.88
N PRO C 43 14.92 -66.21 -37.51
CA PRO C 43 13.64 -66.63 -36.91
C PRO C 43 13.85 -67.28 -35.55
N GLY C 44 13.07 -66.83 -34.57
CA GLY C 44 13.17 -67.32 -33.21
C GLY C 44 14.33 -66.75 -32.41
N ALA C 45 14.96 -65.69 -32.89
CA ALA C 45 16.18 -65.16 -32.28
C ALA C 45 16.07 -63.65 -32.14
N ALA C 46 17.07 -63.07 -31.52
CA ALA C 46 17.21 -61.63 -31.41
C ALA C 46 17.98 -61.08 -32.61
N PRO C 47 17.87 -59.79 -32.90
CA PRO C 47 18.72 -59.21 -33.94
C PRO C 47 20.19 -59.33 -33.58
N LYS C 48 21.00 -59.60 -34.60
CA LYS C 48 22.45 -59.67 -34.45
C LYS C 48 23.10 -58.77 -35.49
N LEU C 49 24.26 -58.22 -35.14
CA LEU C 49 25.00 -57.39 -36.08
C LEU C 49 25.48 -58.23 -37.25
N LEU C 50 25.26 -57.72 -38.47
CA LEU C 50 25.73 -58.39 -39.67
C LEU C 50 26.82 -57.62 -40.41
N ILE C 51 26.68 -56.31 -40.53
CA ILE C 51 27.66 -55.45 -41.20
C ILE C 51 27.76 -54.15 -40.43
N SER C 52 28.98 -53.72 -40.12
CA SER C 52 29.22 -52.44 -39.48
C SER C 52 30.09 -51.57 -40.38
N GLY C 53 29.84 -50.26 -40.32
CA GLY C 53 30.62 -49.32 -41.10
C GLY C 53 30.55 -49.57 -42.60
N ASN C 54 29.33 -49.69 -43.12
CA ASN C 54 29.04 -49.88 -44.54
C ASN C 54 29.40 -51.27 -45.05
N SER C 55 30.57 -51.80 -44.67
CA SER C 55 31.07 -52.99 -45.34
C SER C 55 31.98 -53.89 -44.51
N ASN C 56 32.03 -53.74 -43.19
CA ASN C 56 32.90 -54.55 -42.35
C ASN C 56 32.11 -55.67 -41.70
N ARG C 57 32.55 -56.91 -41.91
CA ARG C 57 31.89 -58.05 -41.29
C ARG C 57 32.49 -58.32 -39.92
N PRO C 58 31.66 -58.57 -38.90
CA PRO C 58 32.17 -59.10 -37.64
C PRO C 58 32.55 -60.56 -37.81
N SER C 59 33.21 -61.11 -36.79
CA SER C 59 33.59 -62.52 -36.83
C SER C 59 32.35 -63.40 -36.81
N GLY C 60 32.39 -64.48 -37.59
CA GLY C 60 31.25 -65.37 -37.72
C GLY C 60 30.33 -65.08 -38.89
N VAL C 61 30.46 -63.92 -39.52
CA VAL C 61 29.63 -63.55 -40.66
C VAL C 61 30.37 -63.92 -41.94
N PRO C 62 29.84 -64.82 -42.76
CA PRO C 62 30.59 -65.28 -43.94
C PRO C 62 30.75 -64.19 -44.98
N ALA C 63 31.73 -64.40 -45.86
CA ALA C 63 32.02 -63.44 -46.92
C ALA C 63 30.98 -63.41 -48.03
N ARG C 64 30.01 -64.33 -48.00
CA ARG C 64 28.87 -64.23 -48.91
C ARG C 64 28.06 -62.96 -48.67
N PHE C 65 28.20 -62.35 -47.49
CA PHE C 65 27.53 -61.11 -47.18
C PHE C 65 28.46 -59.94 -47.48
N SER C 66 27.96 -58.97 -48.25
CA SER C 66 28.77 -57.87 -48.73
C SER C 66 27.98 -56.58 -48.57
N GLY C 67 28.69 -55.50 -48.31
CA GLY C 67 28.07 -54.22 -48.01
C GLY C 67 28.71 -53.08 -48.77
N SER C 68 27.89 -52.11 -49.15
CA SER C 68 28.38 -50.95 -49.89
C SER C 68 27.49 -49.76 -49.58
N LYS C 69 28.03 -48.57 -49.86
CA LYS C 69 27.34 -47.31 -49.67
C LYS C 69 27.75 -46.37 -50.80
N SER C 70 26.79 -45.59 -51.30
CA SER C 70 27.07 -44.68 -52.40
C SER C 70 26.02 -43.58 -52.43
N GLY C 71 26.47 -42.34 -52.54
CA GLY C 71 25.57 -41.20 -52.53
C GLY C 71 24.67 -41.18 -51.31
N THR C 72 23.38 -41.41 -51.53
CA THR C 72 22.39 -41.44 -50.45
C THR C 72 21.81 -42.83 -50.22
N SER C 73 22.36 -43.86 -50.88
CA SER C 73 21.84 -45.22 -50.76
C SER C 73 22.91 -46.15 -50.22
N ALA C 74 22.46 -47.33 -49.78
CA ALA C 74 23.34 -48.41 -49.37
C ALA C 74 22.73 -49.72 -49.82
N SER C 75 23.55 -50.77 -49.89
CA SER C 75 23.12 -52.04 -50.44
C SER C 75 23.80 -53.20 -49.72
N LEU C 76 23.01 -54.19 -49.31
CA LEU C 76 23.52 -55.43 -48.77
C LEU C 76 23.39 -56.52 -49.82
N ALA C 77 24.49 -57.21 -50.11
CA ALA C 77 24.54 -58.22 -51.15
C ALA C 77 24.84 -59.58 -50.53
N ILE C 78 24.09 -60.60 -50.96
CA ILE C 78 24.29 -61.97 -50.51
C ILE C 78 24.49 -62.84 -51.74
N THR C 79 25.68 -63.42 -51.86
CA THR C 79 25.97 -64.40 -52.89
C THR C 79 25.86 -65.81 -52.31
N GLY C 80 25.68 -66.79 -53.19
CA GLY C 80 25.55 -68.17 -52.76
C GLY C 80 24.46 -68.36 -51.73
N LEU C 81 23.24 -67.92 -52.06
CA LEU C 81 22.13 -67.95 -51.14
C LEU C 81 21.92 -69.34 -50.57
N GLN C 82 21.72 -69.40 -49.25
CA GLN C 82 21.51 -70.66 -48.54
C GLN C 82 20.27 -70.53 -47.67
N ALA C 83 19.68 -71.68 -47.33
CA ALA C 83 18.43 -71.68 -46.57
C ALA C 83 18.57 -70.96 -45.24
N GLU C 84 19.73 -71.07 -44.60
CA GLU C 84 19.96 -70.46 -43.30
C GLU C 84 19.92 -68.94 -43.38
N ASP C 85 20.09 -68.36 -44.57
CA ASP C 85 20.08 -66.92 -44.73
C ASP C 85 18.68 -66.33 -44.69
N GLU C 86 17.64 -67.17 -44.70
CA GLU C 86 16.25 -66.72 -44.63
C GLU C 86 15.98 -66.02 -43.30
N ALA C 87 15.89 -64.69 -43.34
CA ALA C 87 15.70 -63.92 -42.11
C ALA C 87 15.12 -62.55 -42.48
N ASP C 88 14.95 -61.71 -41.47
CA ASP C 88 14.64 -60.31 -41.66
C ASP C 88 15.93 -59.50 -41.57
N TYR C 89 16.15 -58.62 -42.54
CA TYR C 89 17.36 -57.82 -42.60
C TYR C 89 17.02 -56.35 -42.44
N TYR C 90 17.75 -55.66 -41.56
CA TYR C 90 17.55 -54.25 -41.28
C TYR C 90 18.82 -53.47 -41.54
N CYS C 91 18.71 -52.34 -42.22
CA CYS C 91 19.77 -51.35 -42.29
C CYS C 91 19.52 -50.25 -41.25
N GLN C 92 20.58 -49.53 -40.89
CA GLN C 92 20.50 -48.57 -39.81
C GLN C 92 21.56 -47.49 -39.99
N SER C 93 21.23 -46.26 -39.63
CA SER C 93 22.16 -45.13 -39.77
C SER C 93 21.86 -44.13 -38.66
N TYR C 94 22.39 -42.92 -38.82
CA TYR C 94 22.11 -41.78 -37.93
C TYR C 94 21.53 -40.65 -38.76
N ASP C 95 20.49 -40.01 -38.22
CA ASP C 95 19.81 -38.92 -38.90
C ASP C 95 19.97 -37.66 -38.06
N ASN C 96 20.39 -36.56 -38.71
CA ASN C 96 20.67 -35.33 -37.98
C ASN C 96 19.42 -34.72 -37.36
N ASP C 97 18.22 -35.18 -37.73
CA ASP C 97 16.97 -34.75 -37.12
C ASP C 97 16.34 -35.80 -36.21
N LEU C 98 16.47 -37.07 -36.55
CA LEU C 98 15.76 -38.16 -35.86
C LEU C 98 16.70 -39.12 -35.14
N SER C 99 17.99 -38.82 -35.09
CA SER C 99 19.01 -39.61 -34.39
C SER C 99 19.13 -40.98 -35.06
N GLN C 100 19.42 -42.02 -34.27
CA GLN C 100 19.59 -43.37 -34.79
C GLN C 100 18.30 -43.87 -35.43
N VAL C 101 18.38 -44.29 -36.69
CA VAL C 101 17.20 -44.65 -37.45
C VAL C 101 17.38 -46.05 -38.04
N PHE C 102 16.27 -46.77 -38.11
CA PHE C 102 16.22 -48.13 -38.64
C PHE C 102 15.43 -48.15 -39.93
N GLY C 103 15.89 -48.97 -40.88
CA GLY C 103 15.08 -49.29 -42.03
C GLY C 103 13.88 -50.13 -41.63
N GLY C 104 12.95 -50.28 -42.57
CA GLY C 104 11.73 -51.02 -42.30
C GLY C 104 11.89 -52.53 -42.27
N GLY C 105 13.06 -53.04 -42.61
CA GLY C 105 13.25 -54.48 -42.67
C GLY C 105 12.85 -55.07 -44.00
N THR C 106 13.59 -56.11 -44.40
CA THR C 106 13.34 -56.85 -45.63
C THR C 106 13.30 -58.32 -45.30
N LYS C 107 12.20 -58.99 -45.64
CA LYS C 107 12.08 -60.43 -45.43
C LYS C 107 12.71 -61.16 -46.61
N LEU C 108 13.79 -61.89 -46.35
CA LEU C 108 14.47 -62.65 -47.39
C LEU C 108 13.95 -64.09 -47.36
N THR C 109 13.46 -64.55 -48.50
CA THR C 109 12.95 -65.91 -48.66
C THR C 109 13.83 -66.67 -49.64
N VAL C 110 14.24 -67.88 -49.25
CA VAL C 110 15.10 -68.73 -50.07
C VAL C 110 14.27 -69.91 -50.52
N LEU C 111 13.87 -69.91 -51.79
CA LEU C 111 12.94 -70.92 -52.32
C LEU C 111 13.69 -72.23 -52.57
N GLY C 112 13.72 -73.08 -51.54
CA GLY C 112 14.39 -74.37 -51.66
C GLY C 112 13.43 -75.54 -51.72
N GLN C 113 12.21 -75.28 -52.20
CA GLN C 113 11.14 -76.25 -52.27
C GLN C 113 10.32 -75.95 -53.51
N PRO C 114 9.88 -76.97 -54.25
CA PRO C 114 8.97 -76.71 -55.37
C PRO C 114 7.70 -76.04 -54.88
N LYS C 115 7.10 -75.23 -55.75
CA LYS C 115 5.86 -74.55 -55.39
C LYS C 115 4.77 -75.57 -55.10
N ALA C 116 3.95 -75.28 -54.10
CA ALA C 116 2.90 -76.19 -53.67
C ALA C 116 1.62 -75.40 -53.45
N ALA C 117 0.53 -75.84 -54.09
CA ALA C 117 -0.74 -75.15 -53.96
C ALA C 117 -1.40 -75.49 -52.62
N PRO C 118 -2.18 -74.56 -52.08
CA PRO C 118 -2.82 -74.80 -50.78
C PRO C 118 -3.80 -75.97 -50.82
N SER C 119 -4.00 -76.57 -49.65
CA SER C 119 -5.10 -77.50 -49.41
C SER C 119 -6.09 -76.79 -48.51
N VAL C 120 -7.34 -76.68 -48.97
CA VAL C 120 -8.36 -75.89 -48.28
C VAL C 120 -9.46 -76.82 -47.81
N THR C 121 -9.78 -76.75 -46.53
CA THR C 121 -10.92 -77.47 -45.96
C THR C 121 -11.79 -76.47 -45.20
N LEU C 122 -13.04 -76.36 -45.62
CA LEU C 122 -13.99 -75.43 -45.03
C LEU C 122 -15.02 -76.21 -44.21
N PHE C 123 -15.11 -75.90 -42.91
CA PHE C 123 -16.02 -76.58 -42.00
C PHE C 123 -17.19 -75.68 -41.65
N PRO C 124 -18.42 -76.16 -41.76
CA PRO C 124 -19.58 -75.36 -41.38
C PRO C 124 -19.73 -75.31 -39.87
N PRO C 125 -20.58 -74.44 -39.34
CA PRO C 125 -20.80 -74.42 -37.89
C PRO C 125 -21.38 -75.74 -37.40
N SER C 126 -20.87 -76.22 -36.28
CA SER C 126 -21.37 -77.45 -35.71
C SER C 126 -22.76 -77.23 -35.10
N SER C 127 -23.48 -78.34 -34.90
CA SER C 127 -24.82 -78.25 -34.32
C SER C 127 -24.77 -77.81 -32.86
N GLU C 128 -23.81 -78.33 -32.10
CA GLU C 128 -23.70 -77.96 -30.69
C GLU C 128 -23.47 -76.47 -30.54
N GLU C 129 -22.53 -75.92 -31.33
CA GLU C 129 -22.27 -74.48 -31.29
C GLU C 129 -23.52 -73.68 -31.66
N LEU C 130 -24.27 -74.15 -32.68
CA LEU C 130 -25.48 -73.46 -33.08
C LEU C 130 -26.55 -73.50 -31.99
N GLN C 131 -26.57 -74.55 -31.17
CA GLN C 131 -27.47 -74.58 -30.02
C GLN C 131 -27.00 -73.69 -28.88
N ALA C 132 -25.80 -73.12 -28.97
CA ALA C 132 -25.34 -72.09 -28.06
C ALA C 132 -25.44 -70.69 -28.68
N ASN C 133 -26.25 -70.55 -29.73
CA ASN C 133 -26.48 -69.27 -30.40
C ASN C 133 -25.20 -68.65 -30.93
N LYS C 134 -24.19 -69.47 -31.19
CA LYS C 134 -22.96 -69.03 -31.87
C LYS C 134 -22.80 -69.81 -33.17
N ALA C 135 -21.93 -69.30 -34.04
CA ALA C 135 -21.68 -69.93 -35.33
C ALA C 135 -20.32 -69.51 -35.84
N THR C 136 -19.44 -70.48 -36.05
CA THR C 136 -18.08 -70.21 -36.54
C THR C 136 -17.82 -71.06 -37.77
N LEU C 137 -17.31 -70.42 -38.82
CA LEU C 137 -16.86 -71.11 -40.02
C LEU C 137 -15.34 -71.20 -40.00
N VAL C 138 -14.80 -72.39 -40.19
CA VAL C 138 -13.36 -72.64 -40.08
C VAL C 138 -12.82 -72.98 -41.46
N CYS C 139 -11.82 -72.23 -41.91
CA CYS C 139 -11.13 -72.47 -43.17
C CYS C 139 -9.68 -72.80 -42.85
N LEU C 140 -9.31 -74.07 -43.05
CA LEU C 140 -7.97 -74.54 -42.74
C LEU C 140 -7.18 -74.72 -44.03
N ILE C 141 -5.99 -74.12 -44.08
CA ILE C 141 -5.14 -74.09 -45.26
C ILE C 141 -3.81 -74.75 -44.90
N SER C 142 -3.33 -75.63 -45.77
CA SER C 142 -2.20 -76.48 -45.39
C SER C 142 -1.37 -76.85 -46.60
N ASP C 143 -0.14 -77.28 -46.33
CA ASP C 143 0.78 -77.86 -47.32
C ASP C 143 1.06 -76.92 -48.49
N PHE C 144 1.08 -75.62 -48.26
CA PHE C 144 1.40 -74.69 -49.32
C PHE C 144 2.83 -74.17 -49.16
N TYR C 145 3.47 -73.92 -50.31
CA TYR C 145 4.81 -73.35 -50.39
C TYR C 145 4.87 -72.50 -51.65
N PRO C 146 5.46 -71.29 -51.59
CA PRO C 146 6.04 -70.68 -50.39
C PRO C 146 4.98 -70.21 -49.39
N GLY C 147 5.43 -69.74 -48.22
CA GLY C 147 4.52 -69.53 -47.11
C GLY C 147 3.84 -68.18 -47.03
N ALA C 148 2.94 -67.88 -47.97
CA ALA C 148 2.15 -66.67 -47.93
C ALA C 148 0.88 -66.89 -48.72
N VAL C 149 -0.27 -66.58 -48.12
CA VAL C 149 -1.56 -66.72 -48.78
C VAL C 149 -2.44 -65.52 -48.45
N THR C 150 -3.48 -65.36 -49.26
CA THR C 150 -4.51 -64.35 -49.06
C THR C 150 -5.85 -65.06 -48.96
N VAL C 151 -6.66 -64.68 -47.98
CA VAL C 151 -7.97 -65.29 -47.76
C VAL C 151 -9.04 -64.22 -47.94
N ALA C 152 -10.07 -64.55 -48.71
CA ALA C 152 -11.26 -63.73 -48.85
C ALA C 152 -12.48 -64.60 -48.67
N TRP C 153 -13.47 -64.11 -47.92
CA TRP C 153 -14.70 -64.83 -47.68
C TRP C 153 -15.83 -64.25 -48.52
N LYS C 154 -16.73 -65.11 -48.98
CA LYS C 154 -17.87 -64.72 -49.80
C LYS C 154 -19.16 -65.17 -49.15
N ALA C 155 -20.09 -64.24 -48.96
CA ALA C 155 -21.45 -64.55 -48.53
C ALA C 155 -22.32 -64.63 -49.78
N ASP C 156 -22.94 -65.78 -50.01
CA ASP C 156 -23.53 -66.09 -51.31
C ASP C 156 -22.46 -65.84 -52.37
N SER C 157 -22.63 -64.81 -53.20
CA SER C 157 -21.56 -64.38 -54.11
C SER C 157 -21.04 -62.99 -53.79
N SER C 158 -21.39 -62.45 -52.63
CA SER C 158 -20.99 -61.10 -52.28
C SER C 158 -19.89 -61.10 -51.23
N PRO C 159 -19.03 -60.09 -51.21
CA PRO C 159 -17.88 -60.10 -50.29
C PRO C 159 -18.30 -59.92 -48.84
N VAL C 160 -17.62 -60.66 -47.96
CA VAL C 160 -17.79 -60.51 -46.51
C VAL C 160 -16.72 -59.55 -46.02
N LYS C 161 -17.14 -58.54 -45.23
CA LYS C 161 -16.25 -57.48 -44.80
C LYS C 161 -16.18 -57.36 -43.28
N ALA C 162 -16.55 -58.42 -42.54
CA ALA C 162 -16.60 -58.34 -41.09
C ALA C 162 -16.64 -59.73 -40.49
N GLY C 163 -16.02 -59.88 -39.32
CA GLY C 163 -16.03 -61.14 -38.61
C GLY C 163 -14.97 -62.13 -38.99
N VAL C 164 -13.94 -61.69 -39.71
CA VAL C 164 -12.90 -62.58 -40.24
C VAL C 164 -11.63 -62.38 -39.41
N GLU C 165 -11.07 -63.48 -38.94
CA GLU C 165 -9.77 -63.50 -38.30
C GLU C 165 -8.92 -64.55 -38.98
N THR C 166 -7.73 -64.15 -39.46
CA THR C 166 -6.85 -65.03 -40.22
C THR C 166 -5.47 -65.04 -39.58
N THR C 167 -4.97 -66.22 -39.27
CA THR C 167 -3.68 -66.35 -38.62
C THR C 167 -2.55 -66.02 -39.59
N THR C 168 -1.37 -65.80 -39.02
CA THR C 168 -0.14 -65.76 -39.80
C THR C 168 0.21 -67.17 -40.27
N PRO C 169 0.94 -67.31 -41.38
CA PRO C 169 1.34 -68.64 -41.83
C PRO C 169 2.34 -69.28 -40.86
N SER C 170 2.31 -70.61 -40.82
CA SER C 170 3.10 -71.38 -39.87
C SER C 170 3.84 -72.51 -40.60
N LYS C 171 5.10 -72.71 -40.25
CA LYS C 171 5.91 -73.75 -40.88
C LYS C 171 5.53 -75.10 -40.29
N GLN C 172 5.15 -76.05 -41.15
CA GLN C 172 4.83 -77.39 -40.73
C GLN C 172 6.10 -78.23 -40.57
N SER C 173 5.93 -79.47 -40.14
CA SER C 173 7.08 -80.37 -39.97
C SER C 173 7.69 -80.75 -41.32
N ASN C 174 6.88 -80.78 -42.38
CA ASN C 174 7.38 -81.07 -43.72
C ASN C 174 7.95 -79.85 -44.42
N ASN C 175 8.03 -78.71 -43.73
CA ASN C 175 8.57 -77.44 -44.19
C ASN C 175 7.66 -76.72 -45.18
N LYS C 176 6.46 -77.23 -45.43
CA LYS C 176 5.42 -76.43 -46.07
C LYS C 176 4.72 -75.60 -45.00
N TYR C 177 3.76 -74.77 -45.41
CA TYR C 177 3.16 -73.82 -44.49
C TYR C 177 1.66 -74.06 -44.34
N ALA C 178 1.11 -73.55 -43.24
CA ALA C 178 -0.29 -73.74 -42.89
C ALA C 178 -0.86 -72.43 -42.35
N ALA C 179 -2.19 -72.33 -42.42
CA ALA C 179 -2.88 -71.12 -41.98
C ALA C 179 -4.33 -71.46 -41.72
N SER C 180 -4.99 -70.60 -40.93
CA SER C 180 -6.41 -70.79 -40.61
C SER C 180 -7.13 -69.45 -40.67
N SER C 181 -8.41 -69.52 -41.04
CA SER C 181 -9.27 -68.36 -41.12
C SER C 181 -10.61 -68.68 -40.47
N TYR C 182 -11.11 -67.76 -39.66
CA TYR C 182 -12.35 -67.95 -38.91
C TYR C 182 -13.34 -66.86 -39.25
N LEU C 183 -14.54 -67.26 -39.66
CA LEU C 183 -15.64 -66.32 -39.92
C LEU C 183 -16.71 -66.54 -38.87
N SER C 184 -16.94 -65.51 -38.05
CA SER C 184 -17.90 -65.60 -36.96
C SER C 184 -19.19 -64.92 -37.38
N LEU C 185 -20.30 -65.65 -37.28
CA LEU C 185 -21.61 -65.16 -37.69
C LEU C 185 -22.61 -65.42 -36.56
N THR C 186 -23.83 -64.94 -36.75
CA THR C 186 -24.91 -65.36 -35.87
C THR C 186 -25.70 -66.49 -36.54
N PRO C 187 -26.19 -67.48 -35.77
CA PRO C 187 -26.92 -68.62 -36.38
C PRO C 187 -27.95 -68.23 -37.43
N GLU C 188 -28.52 -67.03 -37.28
CA GLU C 188 -29.59 -66.54 -38.16
C GLU C 188 -29.03 -66.13 -39.52
N GLN C 189 -27.88 -65.45 -39.52
CA GLN C 189 -27.19 -65.14 -40.77
C GLN C 189 -26.79 -66.41 -41.50
N TRP C 190 -26.23 -67.37 -40.76
CA TRP C 190 -25.76 -68.62 -41.37
C TRP C 190 -26.87 -69.36 -42.08
N LYS C 191 -28.10 -69.30 -41.53
CA LYS C 191 -29.23 -69.96 -42.16
C LYS C 191 -29.83 -69.14 -43.29
N SER C 192 -29.65 -67.82 -43.28
CA SER C 192 -30.30 -66.97 -44.28
C SER C 192 -29.69 -67.15 -45.67
N HIS C 193 -28.36 -67.16 -45.75
CA HIS C 193 -27.69 -67.21 -47.04
C HIS C 193 -27.66 -68.63 -47.58
N ARG C 194 -27.62 -68.74 -48.92
CA ARG C 194 -27.60 -70.04 -49.57
C ARG C 194 -26.24 -70.72 -49.48
N SER C 195 -25.17 -69.94 -49.57
CA SER C 195 -23.82 -70.49 -49.58
C SER C 195 -22.86 -69.52 -48.92
N TYR C 196 -21.82 -70.07 -48.30
CA TYR C 196 -20.68 -69.31 -47.83
C TYR C 196 -19.43 -69.92 -48.45
N SER C 197 -18.49 -69.06 -48.85
CA SER C 197 -17.30 -69.50 -49.58
C SER C 197 -16.05 -68.92 -48.96
N CYS C 198 -14.99 -69.72 -48.91
CA CYS C 198 -13.67 -69.29 -48.46
C CYS C 198 -12.70 -69.43 -49.63
N GLN C 199 -12.08 -68.32 -50.02
CA GLN C 199 -11.18 -68.30 -51.18
C GLN C 199 -9.76 -68.01 -50.71
N VAL C 200 -8.84 -68.91 -51.03
CA VAL C 200 -7.43 -68.76 -50.70
C VAL C 200 -6.65 -68.52 -52.00
N THR C 201 -5.90 -67.42 -52.04
CA THR C 201 -5.09 -67.06 -53.19
C THR C 201 -3.62 -67.28 -52.87
N HIS C 202 -2.90 -67.93 -53.79
CA HIS C 202 -1.52 -68.32 -53.58
C HIS C 202 -0.76 -68.18 -54.89
N GLU C 203 0.23 -67.29 -54.91
CA GLU C 203 1.03 -67.02 -56.11
C GLU C 203 0.14 -66.77 -57.31
N GLY C 204 -0.91 -65.98 -57.11
CA GLY C 204 -1.81 -65.59 -58.18
C GLY C 204 -2.88 -66.61 -58.54
N SER C 205 -2.92 -67.75 -57.86
CA SER C 205 -3.89 -68.79 -58.15
C SER C 205 -4.83 -68.95 -56.97
N THR C 206 -6.14 -68.98 -57.25
CA THR C 206 -7.14 -68.98 -56.20
C THR C 206 -7.83 -70.34 -56.11
N VAL C 207 -7.85 -70.90 -54.91
CA VAL C 207 -8.57 -72.14 -54.60
C VAL C 207 -9.74 -71.78 -53.71
N GLU C 208 -10.91 -72.33 -54.00
CA GLU C 208 -12.15 -71.94 -53.34
C GLU C 208 -12.91 -73.16 -52.87
N LYS C 209 -13.48 -73.08 -51.67
CA LYS C 209 -14.36 -74.11 -51.13
C LYS C 209 -15.63 -73.46 -50.62
N THR C 210 -16.73 -74.20 -50.69
CA THR C 210 -18.06 -73.67 -50.44
C THR C 210 -18.87 -74.64 -49.60
N VAL C 211 -19.59 -74.11 -48.62
CA VAL C 211 -20.50 -74.88 -47.78
C VAL C 211 -21.90 -74.29 -47.89
N ALA C 212 -22.91 -75.13 -47.70
CA ALA C 212 -24.29 -74.70 -47.70
C ALA C 212 -24.98 -75.15 -46.42
N PRO C 213 -25.80 -74.28 -45.82
CA PRO C 213 -26.48 -74.64 -44.55
C PRO C 213 -27.18 -75.99 -44.55
N THR C 214 -27.82 -76.40 -45.65
CA THR C 214 -28.53 -77.67 -45.66
C THR C 214 -27.56 -78.84 -45.47
N GLN D 1 24.13 -21.68 -15.32
CA GLN D 1 25.57 -21.48 -15.38
C GLN D 1 26.31 -22.31 -14.33
N VAL D 2 27.62 -22.41 -14.51
CA VAL D 2 28.47 -23.04 -13.51
C VAL D 2 28.51 -22.17 -12.26
N GLN D 3 28.59 -22.80 -11.09
CA GLN D 3 28.65 -22.11 -9.82
C GLN D 3 29.96 -22.43 -9.11
N LEU D 4 30.55 -21.41 -8.49
CA LEU D 4 31.73 -21.58 -7.65
C LEU D 4 31.38 -21.20 -6.23
N GLN D 5 31.89 -21.98 -5.27
CA GLN D 5 31.59 -21.74 -3.86
C GLN D 5 32.84 -21.98 -3.04
N GLU D 6 33.33 -20.93 -2.39
CA GLU D 6 34.45 -21.05 -1.47
C GLU D 6 33.97 -21.57 -0.12
N SER D 7 34.73 -22.48 0.45
CA SER D 7 34.46 -22.98 1.79
C SER D 7 35.77 -22.99 2.58
N GLY D 8 35.67 -22.80 3.89
CA GLY D 8 36.83 -22.86 4.73
C GLY D 8 36.69 -22.15 6.06
N PRO D 9 37.56 -22.49 7.00
CA PRO D 9 37.54 -21.82 8.31
C PRO D 9 37.83 -20.34 8.16
N GLY D 10 37.03 -19.52 8.83
CA GLY D 10 37.15 -18.08 8.75
C GLY D 10 38.16 -17.45 9.69
N LEU D 11 38.76 -18.24 10.57
CA LEU D 11 39.71 -17.75 11.58
C LEU D 11 40.95 -18.62 11.55
N VAL D 12 42.13 -17.97 11.53
CA VAL D 12 43.41 -18.67 11.55
C VAL D 12 44.37 -17.93 12.45
N LYS D 13 45.12 -18.68 13.25
CA LYS D 13 46.17 -18.09 14.07
C LYS D 13 47.37 -17.73 13.19
N PRO D 14 48.10 -16.67 13.55
CA PRO D 14 49.28 -16.30 12.76
C PRO D 14 50.31 -17.41 12.73
N SER D 15 51.06 -17.46 11.63
CA SER D 15 52.10 -18.47 11.38
C SER D 15 51.54 -19.89 11.31
N GLU D 16 50.25 -20.04 11.06
CA GLU D 16 49.63 -21.35 10.86
C GLU D 16 49.04 -21.41 9.45
N THR D 17 48.48 -22.57 9.11
CA THR D 17 48.04 -22.83 7.74
C THR D 17 46.64 -22.29 7.50
N LEU D 18 46.52 -21.46 6.46
CA LEU D 18 45.22 -21.06 5.92
C LEU D 18 44.84 -22.04 4.82
N SER D 19 43.64 -22.61 4.92
CA SER D 19 43.19 -23.61 3.97
C SER D 19 41.77 -23.31 3.51
N LEU D 20 41.58 -23.24 2.20
CA LEU D 20 40.27 -23.03 1.61
C LEU D 20 40.07 -23.98 0.43
N THR D 21 38.81 -24.28 0.15
CA THR D 21 38.44 -25.21 -0.91
C THR D 21 37.30 -24.61 -1.73
N CYS D 22 37.39 -24.79 -3.04
CA CYS D 22 36.38 -24.29 -3.97
C CYS D 22 35.69 -25.49 -4.63
N THR D 23 34.37 -25.55 -4.50
CA THR D 23 33.57 -26.60 -5.10
C THR D 23 32.89 -26.06 -6.34
N VAL D 24 32.98 -26.81 -7.44
CA VAL D 24 32.35 -26.43 -8.70
C VAL D 24 31.08 -27.25 -8.87
N SER D 25 29.98 -26.59 -9.22
CA SER D 25 28.73 -27.27 -9.53
C SER D 25 28.22 -26.75 -10.87
N SER D 26 27.35 -27.56 -11.50
CA SER D 26 26.82 -27.27 -12.84
C SER D 26 27.94 -27.12 -13.85
N GLY D 27 28.98 -27.94 -13.72
CA GLY D 27 30.12 -27.87 -14.60
C GLY D 27 31.22 -28.76 -14.10
N SER D 28 32.22 -28.95 -14.94
CA SER D 28 33.32 -29.86 -14.65
C SER D 28 34.61 -29.08 -14.39
N ILE D 29 35.27 -29.41 -13.27
CA ILE D 29 36.61 -28.90 -13.05
C ILE D 29 37.58 -29.49 -14.08
N SER D 30 37.23 -30.62 -14.69
CA SER D 30 38.10 -31.33 -15.61
C SER D 30 37.98 -30.83 -17.05
N GLY D 31 37.36 -29.67 -17.26
CA GLY D 31 37.28 -29.12 -18.60
C GLY D 31 38.66 -28.83 -19.16
N THR D 32 38.84 -29.15 -20.44
CA THR D 32 40.17 -29.12 -21.04
C THR D 32 40.67 -27.71 -21.32
N SER D 33 39.77 -26.74 -21.45
CA SER D 33 40.16 -25.38 -21.83
C SER D 33 39.95 -24.38 -20.70
N TYR D 34 39.82 -24.86 -19.47
CA TYR D 34 39.66 -24.00 -18.31
C TYR D 34 40.95 -23.93 -17.50
N TYR D 35 41.16 -22.77 -16.86
CA TYR D 35 42.16 -22.58 -15.83
C TYR D 35 41.43 -22.16 -14.55
N TRP D 36 41.86 -22.69 -13.41
CA TRP D 36 41.20 -22.48 -12.13
C TRP D 36 42.12 -21.72 -11.18
N ASP D 37 41.62 -20.60 -10.66
CA ASP D 37 42.42 -19.57 -10.01
C ASP D 37 41.92 -19.23 -8.62
N TRP D 38 42.83 -18.70 -7.81
CA TRP D 38 42.55 -18.10 -6.51
C TRP D 38 43.01 -16.65 -6.50
N ILE D 39 42.16 -15.77 -5.95
CA ILE D 39 42.42 -14.34 -5.83
C ILE D 39 41.98 -13.90 -4.43
N ARG D 40 42.61 -12.85 -3.91
CA ARG D 40 42.25 -12.36 -2.59
C ARG D 40 42.18 -10.84 -2.57
N GLN D 41 41.35 -10.32 -1.67
CA GLN D 41 41.12 -8.89 -1.50
C GLN D 41 41.17 -8.55 -0.01
N PRO D 42 42.29 -7.99 0.46
CA PRO D 42 42.33 -7.51 1.84
C PRO D 42 41.28 -6.43 2.05
N PRO D 43 40.77 -6.29 3.28
CA PRO D 43 39.56 -5.48 3.51
C PRO D 43 39.80 -4.01 3.25
N GLY D 44 39.00 -3.43 2.35
CA GLY D 44 39.14 -2.04 1.99
C GLY D 44 40.22 -1.73 0.97
N LYS D 45 40.82 -2.76 0.37
CA LYS D 45 41.96 -2.57 -0.52
C LYS D 45 41.69 -3.30 -1.84
N GLY D 46 42.76 -3.58 -2.60
CA GLY D 46 42.64 -4.06 -3.95
C GLY D 46 42.80 -5.57 -4.08
N LEU D 47 42.70 -6.03 -5.33
CA LEU D 47 42.67 -7.44 -5.68
C LEU D 47 44.06 -7.94 -6.03
N GLU D 48 44.37 -9.17 -5.60
CA GLU D 48 45.70 -9.75 -5.80
C GLU D 48 45.55 -11.21 -6.20
N TRP D 49 46.10 -11.57 -7.35
CA TRP D 49 46.07 -12.95 -7.83
C TRP D 49 47.12 -13.79 -7.10
N ILE D 50 46.74 -15.01 -6.74
CA ILE D 50 47.59 -15.92 -5.98
C ILE D 50 48.18 -17.01 -6.86
N GLY D 51 47.33 -17.77 -7.53
CA GLY D 51 47.78 -18.87 -8.36
C GLY D 51 46.66 -19.45 -9.21
N THR D 52 47.05 -20.34 -10.10
CA THR D 52 46.18 -20.94 -11.11
C THR D 52 46.51 -22.42 -11.19
N ILE D 53 45.49 -23.25 -11.46
CA ILE D 53 45.70 -24.69 -11.60
C ILE D 53 44.91 -25.22 -12.79
N TYR D 54 45.41 -26.34 -13.33
CA TYR D 54 44.81 -27.08 -14.42
C TYR D 54 44.43 -28.47 -13.91
N TYR D 55 43.41 -29.07 -14.54
CA TYR D 55 42.87 -30.33 -14.02
C TYR D 55 43.93 -31.41 -13.93
N SER D 56 44.97 -31.36 -14.77
CA SER D 56 46.06 -32.32 -14.69
C SER D 56 46.86 -32.16 -13.41
N GLY D 57 46.88 -30.95 -12.85
CA GLY D 57 47.64 -30.64 -11.64
C GLY D 57 48.72 -29.61 -11.83
N SER D 58 48.96 -29.14 -13.05
CA SER D 58 49.96 -28.11 -13.28
C SER D 58 49.57 -26.82 -12.57
N THR D 59 50.57 -26.11 -12.04
CA THR D 59 50.35 -24.89 -11.28
C THR D 59 51.28 -23.80 -11.76
N TYR D 60 50.79 -22.56 -11.66
CA TYR D 60 51.62 -21.37 -11.76
C TYR D 60 51.24 -20.45 -10.62
N TYR D 61 52.24 -20.02 -9.86
CA TYR D 61 52.03 -19.29 -8.62
C TYR D 61 52.54 -17.85 -8.74
N ASN D 62 51.90 -16.96 -7.99
CA ASN D 62 52.40 -15.59 -7.88
C ASN D 62 53.77 -15.60 -7.22
N PRO D 63 54.79 -15.01 -7.86
CA PRO D 63 56.14 -15.03 -7.27
C PRO D 63 56.23 -14.46 -5.87
N SER D 64 55.39 -13.48 -5.53
CA SER D 64 55.47 -12.88 -4.20
C SER D 64 55.00 -13.85 -3.12
N LEU D 65 54.05 -14.73 -3.45
CA LEU D 65 53.47 -15.64 -2.49
C LEU D 65 53.97 -17.07 -2.67
N LYS D 66 54.93 -17.29 -3.58
CA LYS D 66 55.33 -18.65 -3.89
C LYS D 66 55.74 -19.41 -2.63
N SER D 67 56.50 -18.75 -1.73
CA SER D 67 57.07 -19.45 -0.58
C SER D 67 56.02 -20.12 0.28
N ARG D 68 54.76 -19.69 0.20
CA ARG D 68 53.72 -20.13 1.13
C ARG D 68 52.50 -20.75 0.44
N VAL D 69 52.47 -20.80 -0.89
CA VAL D 69 51.28 -21.18 -1.63
C VAL D 69 51.41 -22.61 -2.11
N THR D 70 50.31 -23.37 -1.95
CA THR D 70 50.12 -24.64 -2.61
C THR D 70 48.67 -24.74 -3.05
N ILE D 71 48.46 -24.98 -4.35
CA ILE D 71 47.13 -25.16 -4.90
C ILE D 71 47.04 -26.58 -5.44
N SER D 72 46.01 -27.31 -5.04
CA SER D 72 45.78 -28.68 -5.50
C SER D 72 44.39 -28.78 -6.11
N VAL D 73 44.13 -29.92 -6.75
CA VAL D 73 42.85 -30.19 -7.37
C VAL D 73 42.52 -31.67 -7.18
N ASP D 74 41.23 -31.95 -7.00
CA ASP D 74 40.74 -33.32 -6.89
C ASP D 74 39.54 -33.45 -7.84
N THR D 75 39.78 -34.00 -9.02
CA THR D 75 38.75 -34.08 -10.04
C THR D 75 37.55 -34.91 -9.60
N SER D 76 37.72 -35.83 -8.64
CA SER D 76 36.63 -36.71 -8.27
C SER D 76 35.57 -36.00 -7.43
N LYS D 77 35.96 -34.99 -6.65
CA LYS D 77 34.99 -34.17 -5.91
C LYS D 77 34.71 -32.84 -6.60
N ASN D 78 35.29 -32.61 -7.78
CA ASN D 78 35.13 -31.36 -8.51
C ASN D 78 35.48 -30.16 -7.63
N GLN D 79 36.69 -30.20 -7.09
CA GLN D 79 37.16 -29.20 -6.15
C GLN D 79 38.63 -28.89 -6.43
N PHE D 80 39.01 -27.64 -6.17
CA PHE D 80 40.42 -27.28 -6.05
C PHE D 80 40.62 -26.46 -4.78
N SER D 81 41.83 -26.51 -4.25
CA SER D 81 42.09 -26.06 -2.89
C SER D 81 43.32 -25.17 -2.82
N LEU D 82 43.35 -24.33 -1.79
CA LEU D 82 44.42 -23.38 -1.55
C LEU D 82 45.01 -23.59 -0.16
N LYS D 83 46.33 -23.46 -0.05
CA LYS D 83 47.01 -23.61 1.23
C LYS D 83 48.10 -22.56 1.37
N LEU D 84 47.97 -21.71 2.38
CA LEU D 84 48.97 -20.69 2.72
C LEU D 84 49.61 -21.13 4.04
N SER D 85 50.86 -21.62 3.96
CA SER D 85 51.37 -22.39 5.09
C SER D 85 51.83 -21.48 6.23
N PRO D 86 52.79 -20.54 6.04
CA PRO D 86 53.01 -19.55 7.11
C PRO D 86 52.24 -18.27 6.83
N VAL D 87 51.00 -18.21 7.31
CA VAL D 87 50.15 -17.06 7.06
C VAL D 87 50.57 -15.89 7.95
N THR D 88 50.46 -14.69 7.43
CA THR D 88 50.82 -13.46 8.13
C THR D 88 49.59 -12.58 8.28
N ALA D 89 49.80 -11.38 8.82
CA ALA D 89 48.70 -10.44 8.95
C ALA D 89 48.13 -10.05 7.60
N ALA D 90 48.94 -10.19 6.54
CA ALA D 90 48.45 -9.94 5.20
C ALA D 90 47.40 -10.96 4.76
N GLY D 91 47.29 -12.08 5.48
CA GLY D 91 46.34 -13.10 5.09
C GLY D 91 44.90 -12.69 5.28
N THR D 92 44.65 -11.74 6.17
CA THR D 92 43.29 -11.22 6.35
C THR D 92 42.78 -10.65 5.04
N ALA D 93 41.75 -11.29 4.49
CA ALA D 93 41.27 -10.95 3.16
C ALA D 93 39.99 -11.74 2.88
N VAL D 94 39.25 -11.27 1.88
CA VAL D 94 38.19 -12.07 1.27
C VAL D 94 38.82 -12.85 0.12
N TYR D 95 38.72 -14.17 0.16
CA TYR D 95 39.34 -15.01 -0.85
C TYR D 95 38.30 -15.44 -1.88
N TYR D 96 38.68 -15.35 -3.15
CA TYR D 96 37.83 -15.73 -4.27
C TYR D 96 38.48 -16.86 -5.06
N CYS D 97 37.66 -17.76 -5.58
CA CYS D 97 38.07 -18.64 -6.65
C CYS D 97 37.39 -18.19 -7.94
N ALA D 98 38.05 -18.44 -9.07
CA ALA D 98 37.56 -17.99 -10.36
C ALA D 98 38.00 -18.95 -11.46
N ARG D 99 37.36 -18.83 -12.62
CA ARG D 99 37.67 -19.64 -13.79
C ARG D 99 37.98 -18.73 -14.98
N ARG D 100 38.96 -19.14 -15.78
CA ARG D 100 39.21 -18.56 -17.10
C ARG D 100 39.19 -19.66 -18.15
N THR D 101 38.89 -19.27 -19.38
CA THR D 101 38.95 -20.15 -20.53
C THR D 101 40.10 -19.72 -21.44
N PHE D 102 40.75 -20.70 -22.08
CA PHE D 102 41.84 -20.39 -22.99
C PHE D 102 41.71 -21.20 -24.28
N TYR D 103 42.16 -20.59 -25.38
CA TYR D 103 42.15 -21.19 -26.70
C TYR D 103 43.50 -20.97 -27.35
N TYR D 104 43.68 -21.55 -28.53
CA TYR D 104 44.91 -21.42 -29.29
C TYR D 104 44.68 -20.56 -30.52
N ASP D 105 45.66 -19.69 -30.80
CA ASP D 105 45.60 -18.73 -31.90
C ASP D 105 45.61 -19.45 -33.24
N ARG D 106 45.16 -18.71 -34.27
CA ARG D 106 45.47 -19.12 -35.63
C ARG D 106 46.97 -19.29 -35.81
N SER D 107 47.77 -18.45 -35.16
CA SER D 107 49.21 -18.56 -35.15
C SER D 107 49.71 -19.74 -34.34
N GLY D 108 48.84 -20.37 -33.54
CA GLY D 108 49.24 -21.45 -32.66
C GLY D 108 49.59 -21.03 -31.26
N GLN D 109 49.54 -19.73 -30.96
CA GLN D 109 49.81 -19.24 -29.61
C GLN D 109 48.57 -19.37 -28.74
N LYS D 110 48.79 -19.52 -27.44
CA LYS D 110 47.70 -19.67 -26.50
C LYS D 110 47.19 -18.30 -26.06
N VAL D 111 45.87 -18.17 -25.95
CA VAL D 111 45.23 -16.93 -25.49
C VAL D 111 44.30 -17.29 -24.34
N VAL D 112 44.53 -16.71 -23.17
CA VAL D 112 43.71 -16.94 -21.99
C VAL D 112 42.88 -15.69 -21.74
N GLU D 113 41.57 -15.84 -21.67
CA GLU D 113 40.65 -14.72 -21.47
C GLU D 113 40.65 -14.32 -20.00
N PRO D 114 40.04 -13.15 -19.68
CA PRO D 114 39.92 -12.76 -18.27
C PRO D 114 38.96 -13.64 -17.46
N PHE D 115 38.78 -13.31 -16.19
CA PHE D 115 37.97 -14.14 -15.28
C PHE D 115 36.49 -13.94 -15.56
N ASP D 116 35.83 -14.97 -16.13
CA ASP D 116 34.39 -14.90 -16.38
C ASP D 116 33.59 -15.15 -15.10
N TYR D 117 33.94 -16.19 -14.36
CA TYR D 117 33.11 -16.74 -13.30
C TYR D 117 33.84 -16.61 -11.97
N TRP D 118 33.11 -16.16 -10.94
CA TRP D 118 33.68 -15.97 -9.63
C TRP D 118 32.83 -16.70 -8.59
N GLY D 119 33.46 -17.01 -7.46
CA GLY D 119 32.74 -17.47 -6.31
C GLY D 119 32.05 -16.32 -5.62
N GLN D 120 31.48 -16.62 -4.45
CA GLN D 120 30.90 -15.57 -3.64
C GLN D 120 31.92 -14.86 -2.78
N GLY D 121 33.08 -15.49 -2.56
CA GLY D 121 34.09 -14.92 -1.68
C GLY D 121 33.86 -15.28 -0.23
N THR D 122 34.92 -15.71 0.46
CA THR D 122 34.85 -16.00 1.88
C THR D 122 35.93 -15.22 2.60
N LEU D 123 35.57 -14.60 3.71
CA LEU D 123 36.53 -13.84 4.50
C LEU D 123 37.30 -14.75 5.43
N VAL D 124 38.60 -14.51 5.56
CA VAL D 124 39.44 -15.20 6.52
C VAL D 124 40.20 -14.16 7.33
N THR D 125 40.04 -14.20 8.64
CA THR D 125 40.73 -13.27 9.55
C THR D 125 41.92 -13.97 10.17
N VAL D 126 43.06 -13.30 10.17
CA VAL D 126 44.27 -13.81 10.82
C VAL D 126 44.38 -13.12 12.18
N SER D 127 44.28 -13.91 13.25
CA SER D 127 44.17 -13.34 14.58
C SER D 127 44.56 -14.36 15.63
N SER D 128 45.02 -13.85 16.77
CA SER D 128 45.23 -14.68 17.95
C SER D 128 43.96 -14.84 18.78
N ALA D 129 42.89 -14.11 18.44
CA ALA D 129 41.68 -14.09 19.24
C ALA D 129 40.82 -15.32 18.94
N SER D 130 39.88 -15.58 19.85
CA SER D 130 39.01 -16.74 19.80
C SER D 130 37.64 -16.37 19.24
N THR D 131 36.93 -17.40 18.77
CA THR D 131 35.56 -17.22 18.31
C THR D 131 34.65 -16.88 19.49
N LYS D 132 33.74 -15.94 19.27
CA LYS D 132 32.73 -15.58 20.26
C LYS D 132 31.42 -15.32 19.54
N GLY D 133 30.38 -16.07 19.93
CA GLY D 133 29.08 -15.95 19.32
C GLY D 133 28.34 -14.70 19.76
N PRO D 134 27.50 -14.16 18.88
CA PRO D 134 26.88 -12.87 19.17
C PRO D 134 25.72 -12.98 20.15
N SER D 135 25.51 -11.87 20.86
CA SER D 135 24.28 -11.65 21.62
C SER D 135 23.37 -10.76 20.78
N VAL D 136 22.06 -11.05 20.83
CA VAL D 136 21.09 -10.36 19.98
C VAL D 136 20.07 -9.67 20.88
N PHE D 137 19.96 -8.35 20.74
CA PHE D 137 19.10 -7.52 21.57
C PHE D 137 18.12 -6.73 20.72
N PRO D 138 16.91 -6.49 21.23
CA PRO D 138 15.89 -5.83 20.42
C PRO D 138 15.93 -4.31 20.50
N LEU D 139 15.93 -3.65 19.34
CA LEU D 139 15.70 -2.21 19.25
C LEU D 139 14.21 -2.04 18.96
N ALA D 140 13.42 -1.94 20.02
CA ALA D 140 11.97 -2.00 19.92
C ALA D 140 11.39 -0.69 19.37
N PRO D 141 10.24 -0.75 18.69
CA PRO D 141 9.64 0.47 18.16
C PRO D 141 9.27 1.44 19.28
N SER D 142 9.38 2.73 18.97
CA SER D 142 9.00 3.75 19.93
C SER D 142 7.48 3.81 20.06
N SER D 143 7.02 4.32 21.20
CA SER D 143 5.59 4.49 21.45
C SER D 143 5.09 5.79 20.81
N LYS D 144 5.26 5.86 19.48
CA LYS D 144 4.60 6.86 18.65
C LYS D 144 3.59 6.18 17.72
N SER D 145 3.00 5.07 18.17
CA SER D 145 2.15 4.25 17.32
C SER D 145 0.87 4.96 16.89
N THR D 146 0.44 6.00 17.62
CA THR D 146 -0.72 6.77 17.19
C THR D 146 -0.46 7.47 15.86
N SER D 147 0.80 7.79 15.57
CA SER D 147 1.15 8.45 14.32
C SER D 147 0.77 7.61 13.12
N GLY D 148 0.17 8.26 12.12
CA GLY D 148 -0.21 7.56 10.91
C GLY D 148 0.96 7.43 9.96
N GLY D 149 2.16 7.70 10.46
CA GLY D 149 3.37 7.67 9.65
C GLY D 149 4.18 6.39 9.71
N THR D 150 5.47 6.52 9.97
CA THR D 150 6.41 5.41 9.86
C THR D 150 7.23 5.29 11.14
N ALA D 151 7.40 4.05 11.60
CA ALA D 151 8.19 3.74 12.79
C ALA D 151 9.37 2.84 12.42
N ALA D 152 10.41 2.90 13.24
CA ALA D 152 11.61 2.11 13.04
C ALA D 152 11.76 1.09 14.17
N LEU D 153 12.23 -0.10 13.81
CA LEU D 153 12.55 -1.16 14.76
C LEU D 153 13.80 -1.87 14.27
N GLY D 154 14.45 -2.62 15.15
CA GLY D 154 15.70 -3.20 14.72
C GLY D 154 16.23 -4.25 15.68
N CYS D 155 17.44 -4.72 15.36
CA CYS D 155 18.13 -5.77 16.09
C CYS D 155 19.57 -5.35 16.29
N LEU D 156 20.04 -5.41 17.54
CA LEU D 156 21.43 -5.12 17.86
C LEU D 156 22.16 -6.44 18.06
N VAL D 157 23.25 -6.63 17.31
CA VAL D 157 24.04 -7.86 17.33
C VAL D 157 25.42 -7.49 17.89
N LYS D 158 25.68 -7.90 19.14
CA LYS D 158 26.79 -7.33 19.91
C LYS D 158 27.73 -8.41 20.44
N ASP D 159 29.02 -8.04 20.47
CA ASP D 159 30.07 -8.81 21.14
C ASP D 159 30.32 -10.16 20.47
N TYR D 160 30.73 -10.09 19.20
CA TYR D 160 30.99 -11.29 18.43
C TYR D 160 32.33 -11.17 17.70
N PHE D 161 32.88 -12.34 17.34
CA PHE D 161 34.16 -12.46 16.64
C PHE D 161 34.35 -13.90 16.16
N PRO D 162 34.89 -14.10 14.95
CA PRO D 162 35.25 -13.07 13.97
C PRO D 162 34.06 -12.73 13.08
N GLU D 163 34.29 -11.88 12.09
CA GLU D 163 33.23 -11.56 11.15
C GLU D 163 33.17 -12.63 10.07
N PRO D 164 32.03 -12.76 9.38
CA PRO D 164 30.82 -11.93 9.38
C PRO D 164 29.62 -12.50 10.12
N VAL D 165 28.63 -11.63 10.36
CA VAL D 165 27.27 -12.05 10.66
C VAL D 165 26.40 -11.62 9.48
N THR D 166 25.32 -12.37 9.26
CA THR D 166 24.30 -12.01 8.29
C THR D 166 22.98 -11.82 9.01
N VAL D 167 22.20 -10.85 8.56
CA VAL D 167 20.92 -10.53 9.19
C VAL D 167 19.83 -10.55 8.13
N SER D 168 18.69 -11.15 8.48
CA SER D 168 17.52 -11.20 7.63
C SER D 168 16.31 -10.81 8.48
N TRP D 169 15.23 -10.40 7.81
CA TRP D 169 14.01 -10.02 8.51
C TRP D 169 12.85 -10.82 7.95
N ASN D 170 12.09 -11.46 8.85
CA ASN D 170 10.91 -12.24 8.50
C ASN D 170 11.24 -13.31 7.45
N SER D 171 12.43 -13.90 7.58
CA SER D 171 12.90 -14.97 6.70
C SER D 171 12.98 -14.50 5.25
N GLY D 172 13.34 -13.23 5.05
CA GLY D 172 13.50 -12.68 3.73
C GLY D 172 12.28 -12.03 3.14
N ALA D 173 11.11 -12.21 3.76
CA ALA D 173 9.90 -11.55 3.26
C ALA D 173 9.94 -10.05 3.42
N LEU D 174 10.84 -9.53 4.27
CA LEU D 174 10.97 -8.10 4.52
C LEU D 174 12.33 -7.65 4.00
N THR D 175 12.33 -6.87 2.92
CA THR D 175 13.55 -6.33 2.32
C THR D 175 13.55 -4.82 2.22
N SER D 176 12.42 -4.22 1.86
CA SER D 176 12.35 -2.77 1.71
C SER D 176 12.48 -2.09 3.06
N GLY D 177 13.32 -1.06 3.13
CA GLY D 177 13.55 -0.35 4.37
C GLY D 177 14.62 -0.93 5.26
N VAL D 178 15.17 -2.09 4.92
CA VAL D 178 16.18 -2.73 5.74
C VAL D 178 17.53 -2.06 5.50
N HIS D 179 18.22 -1.73 6.59
CA HIS D 179 19.61 -1.28 6.55
C HIS D 179 20.39 -2.09 7.57
N THR D 180 21.17 -3.06 7.10
CA THR D 180 22.11 -3.80 7.95
C THR D 180 23.44 -3.07 7.89
N PHE D 181 23.81 -2.43 9.00
CA PHE D 181 24.95 -1.53 9.01
C PHE D 181 26.27 -2.30 9.02
N PRO D 182 27.36 -1.65 8.59
CA PRO D 182 28.67 -2.26 8.74
C PRO D 182 29.03 -2.45 10.20
N ALA D 183 29.73 -3.54 10.49
CA ALA D 183 30.16 -3.82 11.85
C ALA D 183 31.29 -2.88 12.25
N VAL D 184 31.21 -2.35 13.46
CA VAL D 184 32.30 -1.57 14.04
C VAL D 184 33.07 -2.47 14.99
N LEU D 185 34.39 -2.30 15.03
CA LEU D 185 35.22 -2.98 16.00
C LEU D 185 35.24 -2.18 17.29
N GLN D 186 34.96 -2.84 18.39
CA GLN D 186 34.91 -2.18 19.69
C GLN D 186 36.27 -2.27 20.38
N SER D 187 36.40 -1.53 21.48
CA SER D 187 37.61 -1.63 22.30
C SER D 187 37.80 -3.06 22.82
N SER D 188 36.70 -3.78 23.03
CA SER D 188 36.76 -5.15 23.53
C SER D 188 37.49 -6.09 22.60
N GLY D 189 37.76 -5.68 21.36
CA GLY D 189 38.20 -6.60 20.33
C GLY D 189 37.08 -7.37 19.70
N LEU D 190 35.84 -7.12 20.10
CA LEU D 190 34.68 -7.81 19.59
C LEU D 190 33.88 -6.87 18.71
N TYR D 191 33.24 -7.43 17.69
CA TYR D 191 32.47 -6.62 16.75
C TYR D 191 31.06 -6.37 17.27
N SER D 192 30.42 -5.36 16.69
CA SER D 192 29.03 -5.06 17.00
C SER D 192 28.38 -4.45 15.77
N LEU D 193 27.15 -4.88 15.49
CA LEU D 193 26.44 -4.51 14.28
C LEU D 193 24.99 -4.20 14.64
N SER D 194 24.37 -3.35 13.84
CA SER D 194 22.95 -3.03 14.02
C SER D 194 22.22 -3.26 12.70
N SER D 195 21.00 -3.76 12.78
CA SER D 195 20.14 -3.92 11.62
C SER D 195 18.78 -3.31 11.95
N VAL D 196 18.37 -2.31 11.18
CA VAL D 196 17.13 -1.60 11.40
C VAL D 196 16.25 -1.75 10.16
N VAL D 197 15.01 -1.29 10.29
CA VAL D 197 14.06 -1.27 9.18
C VAL D 197 12.95 -0.29 9.54
N THR D 198 12.46 0.41 8.53
CA THR D 198 11.32 1.31 8.69
C THR D 198 10.07 0.64 8.14
N VAL D 199 8.98 0.70 8.91
CA VAL D 199 7.70 0.08 8.55
C VAL D 199 6.59 1.05 8.87
N PRO D 200 5.42 0.87 8.23
CA PRO D 200 4.26 1.68 8.61
C PRO D 200 3.88 1.42 10.07
N SER D 201 3.59 2.50 10.79
CA SER D 201 3.26 2.37 12.21
C SER D 201 1.98 1.56 12.40
N SER D 202 1.06 1.61 11.44
CA SER D 202 -0.17 0.83 11.54
C SER D 202 0.11 -0.67 11.57
N SER D 203 1.22 -1.09 10.97
CA SER D 203 1.56 -2.50 10.90
C SER D 203 2.04 -3.06 12.23
N LEU D 204 2.26 -2.21 13.24
CA LEU D 204 2.89 -2.69 14.47
C LEU D 204 2.00 -3.68 15.22
N GLY D 205 0.68 -3.52 15.17
CA GLY D 205 -0.20 -4.50 15.77
C GLY D 205 -0.47 -5.69 14.86
N THR D 206 -0.44 -5.47 13.55
CA THR D 206 -0.84 -6.52 12.60
C THR D 206 0.28 -7.50 12.34
N GLN D 207 1.49 -7.00 12.07
CA GLN D 207 2.57 -7.80 11.50
C GLN D 207 3.65 -8.05 12.53
N THR D 208 3.93 -9.33 12.80
CA THR D 208 5.05 -9.71 13.64
C THR D 208 6.37 -9.49 12.91
N TYR D 209 7.37 -9.00 13.63
CA TYR D 209 8.69 -8.72 13.05
C TYR D 209 9.74 -9.55 13.77
N ILE D 210 10.39 -10.44 13.01
CA ILE D 210 11.48 -11.27 13.50
C ILE D 210 12.71 -10.95 12.68
N CYS D 211 13.84 -10.76 13.36
CA CYS D 211 15.12 -10.66 12.68
C CYS D 211 15.88 -11.97 12.83
N ASN D 212 16.54 -12.39 11.75
CA ASN D 212 17.18 -13.69 11.65
C ASN D 212 18.69 -13.47 11.57
N VAL D 213 19.38 -13.72 12.68
CA VAL D 213 20.81 -13.45 12.80
C VAL D 213 21.58 -14.75 12.66
N ASN D 214 22.67 -14.71 11.88
CA ASN D 214 23.48 -15.89 11.60
C ASN D 214 24.95 -15.56 11.79
N HIS D 215 25.64 -16.37 12.60
CA HIS D 215 27.10 -16.26 12.79
C HIS D 215 27.67 -17.66 12.69
N LYS D 216 28.22 -18.00 11.53
CA LYS D 216 28.63 -19.38 11.27
C LYS D 216 29.89 -19.81 12.03
N PRO D 217 30.89 -18.94 12.26
CA PRO D 217 32.02 -19.37 13.11
C PRO D 217 31.60 -19.96 14.44
N SER D 218 30.49 -19.51 15.02
CA SER D 218 30.03 -20.01 16.30
C SER D 218 28.81 -20.92 16.19
N ASN D 219 28.32 -21.18 14.97
CA ASN D 219 27.10 -21.97 14.76
C ASN D 219 25.91 -21.33 15.46
N THR D 220 25.87 -20.00 15.46
CA THR D 220 24.79 -19.24 16.07
C THR D 220 23.68 -19.03 15.03
N LYS D 221 22.46 -19.43 15.39
CA LYS D 221 21.29 -19.30 14.52
C LYS D 221 20.15 -18.78 15.41
N VAL D 222 20.03 -17.45 15.51
CA VAL D 222 19.10 -16.81 16.41
C VAL D 222 17.98 -16.15 15.61
N ASP D 223 16.74 -16.34 16.08
CA ASP D 223 15.57 -15.64 15.55
C ASP D 223 14.97 -14.85 16.71
N LYS D 224 15.15 -13.53 16.69
CA LYS D 224 14.68 -12.66 17.76
C LYS D 224 13.49 -11.83 17.28
N ARG D 225 12.47 -11.74 18.13
CA ARG D 225 11.24 -11.03 17.83
C ARG D 225 11.33 -9.63 18.42
N VAL D 226 11.16 -8.62 17.58
CA VAL D 226 11.11 -7.23 18.02
C VAL D 226 9.65 -6.88 18.26
N GLU D 227 9.28 -6.72 19.53
CA GLU D 227 7.88 -6.52 19.86
C GLU D 227 7.64 -5.08 20.34
N PRO D 228 6.41 -4.56 20.17
CA PRO D 228 6.13 -3.13 20.45
C PRO D 228 5.79 -2.83 21.91
N LYS D 229 6.78 -2.94 22.79
CA LYS D 229 6.60 -2.50 24.17
C LYS D 229 7.93 -2.12 24.81
N GLU E 1 55.44 -7.41 -11.76
CA GLU E 1 56.34 -6.43 -12.35
C GLU E 1 55.55 -5.32 -13.06
N ILE E 2 54.57 -5.70 -13.87
CA ILE E 2 53.76 -4.70 -14.56
C ILE E 2 52.83 -4.03 -13.56
N VAL E 3 52.85 -2.70 -13.52
CA VAL E 3 52.09 -1.91 -12.57
C VAL E 3 51.00 -1.17 -13.33
N LEU E 4 49.76 -1.35 -12.91
CA LEU E 4 48.63 -0.62 -13.46
C LEU E 4 48.21 0.44 -12.46
N THR E 5 48.21 1.70 -12.88
CA THR E 5 47.85 2.82 -12.01
C THR E 5 46.54 3.42 -12.50
N GLN E 6 45.55 3.50 -11.60
CA GLN E 6 44.22 3.97 -11.95
C GLN E 6 44.02 5.41 -11.49
N SER E 7 43.34 6.19 -12.34
CA SER E 7 43.04 7.58 -12.08
C SER E 7 41.62 7.84 -12.59
N PRO E 8 40.81 8.61 -11.85
CA PRO E 8 41.05 9.11 -10.50
C PRO E 8 40.88 7.99 -9.47
N SER E 9 41.31 8.24 -8.23
CA SER E 9 41.04 7.28 -7.17
C SER E 9 39.58 7.32 -6.76
N THR E 10 38.95 8.50 -6.81
CA THR E 10 37.55 8.67 -6.49
C THR E 10 36.89 9.55 -7.54
N LEU E 11 35.59 9.38 -7.70
CA LEU E 11 34.84 10.10 -8.72
C LEU E 11 33.39 10.20 -8.27
N SER E 12 32.89 11.43 -8.12
CA SER E 12 31.49 11.69 -7.81
C SER E 12 30.89 12.52 -8.93
N ALA E 13 29.74 12.08 -9.44
CA ALA E 13 29.10 12.76 -10.55
C ALA E 13 27.60 12.60 -10.44
N SER E 14 26.88 13.40 -11.21
CA SER E 14 25.42 13.35 -11.22
C SER E 14 24.92 12.30 -12.22
N VAL E 15 23.62 12.01 -12.14
CA VAL E 15 23.01 11.07 -13.07
C VAL E 15 23.01 11.67 -14.47
N GLY E 16 23.38 10.86 -15.45
CA GLY E 16 23.43 11.29 -16.83
C GLY E 16 24.76 11.84 -17.29
N ASP E 17 25.63 12.24 -16.35
CA ASP E 17 26.94 12.74 -16.73
C ASP E 17 27.77 11.65 -17.39
N ARG E 18 28.79 12.08 -18.12
CA ARG E 18 29.79 11.17 -18.66
C ARG E 18 30.97 11.14 -17.70
N VAL E 19 31.40 9.93 -17.33
CA VAL E 19 32.55 9.75 -16.45
C VAL E 19 33.56 8.87 -17.17
N THR E 20 34.84 9.06 -16.85
CA THR E 20 35.91 8.33 -17.52
C THR E 20 37.04 8.04 -16.55
N ILE E 21 37.34 6.76 -16.38
CA ILE E 21 38.46 6.29 -15.55
C ILE E 21 39.63 5.96 -16.46
N THR E 22 40.84 6.06 -15.91
CA THR E 22 42.08 5.86 -16.68
C THR E 22 42.93 4.78 -16.03
N CYS E 23 43.48 3.89 -16.86
CA CYS E 23 44.40 2.84 -16.43
C CYS E 23 45.70 3.00 -17.18
N ARG E 24 46.79 3.25 -16.46
CA ARG E 24 48.11 3.47 -17.05
C ARG E 24 49.03 2.32 -16.65
N ALA E 25 49.70 1.73 -17.63
CA ALA E 25 50.55 0.56 -17.42
C ALA E 25 52.01 0.96 -17.43
N SER E 26 52.81 0.30 -16.58
CA SER E 26 54.24 0.52 -16.56
C SER E 26 54.93 -0.01 -17.80
N GLN E 27 54.30 -0.95 -18.51
CA GLN E 27 54.85 -1.53 -19.73
C GLN E 27 53.72 -1.69 -20.75
N SER E 28 54.10 -1.97 -21.98
CA SER E 28 53.12 -2.18 -23.04
C SER E 28 52.44 -3.54 -22.85
N ILE E 29 51.12 -3.53 -22.74
CA ILE E 29 50.34 -4.75 -22.62
C ILE E 29 49.45 -4.96 -23.84
N SER E 30 49.63 -4.17 -24.89
CA SER E 30 48.89 -4.27 -26.15
C SER E 30 47.41 -4.01 -25.84
N SER E 31 46.49 -4.91 -26.17
CA SER E 31 45.08 -4.73 -25.88
C SER E 31 44.58 -5.68 -24.80
N TRP E 32 45.48 -6.40 -24.13
CA TRP E 32 45.10 -7.39 -23.13
C TRP E 32 44.77 -6.71 -21.79
N LEU E 33 43.71 -5.91 -21.81
CA LEU E 33 43.22 -5.23 -20.61
C LEU E 33 41.74 -5.50 -20.43
N ALA E 34 41.36 -5.87 -19.21
CA ALA E 34 39.98 -6.11 -18.85
C ALA E 34 39.55 -5.09 -17.79
N TRP E 35 38.24 -4.91 -17.67
CA TRP E 35 37.66 -4.02 -16.67
C TRP E 35 36.58 -4.76 -15.90
N TYR E 36 36.63 -4.65 -14.57
CA TYR E 36 35.64 -5.25 -13.71
C TYR E 36 34.91 -4.18 -12.91
N GLN E 37 33.66 -4.44 -12.57
CA GLN E 37 32.92 -3.65 -11.60
C GLN E 37 32.67 -4.50 -10.37
N GLN E 38 32.82 -3.90 -9.19
CA GLN E 38 32.60 -4.58 -7.92
C GLN E 38 31.65 -3.76 -7.09
N LYS E 39 30.41 -4.20 -6.98
CA LYS E 39 29.54 -3.57 -6.02
C LYS E 39 29.84 -4.15 -4.63
N PRO E 40 29.71 -3.35 -3.57
CA PRO E 40 30.29 -3.75 -2.28
C PRO E 40 29.68 -5.04 -1.75
N GLY E 41 30.55 -5.91 -1.23
CA GLY E 41 30.15 -7.20 -0.72
C GLY E 41 30.17 -8.32 -1.74
N LYS E 42 30.19 -8.01 -3.03
CA LYS E 42 30.03 -8.99 -4.07
C LYS E 42 31.32 -9.15 -4.88
N ALA E 43 31.36 -10.21 -5.68
CA ALA E 43 32.52 -10.47 -6.51
C ALA E 43 32.64 -9.44 -7.63
N PRO E 44 33.83 -9.26 -8.18
CA PRO E 44 33.97 -8.40 -9.36
C PRO E 44 33.30 -9.04 -10.57
N LYS E 45 32.68 -8.19 -11.40
CA LYS E 45 31.99 -8.64 -12.60
C LYS E 45 32.71 -8.09 -13.82
N LEU E 46 32.97 -8.96 -14.79
CA LEU E 46 33.66 -8.55 -16.01
C LEU E 46 32.76 -7.68 -16.87
N LEU E 47 33.27 -6.51 -17.26
CA LEU E 47 32.57 -5.57 -18.12
C LEU E 47 33.16 -5.50 -19.52
N ILE E 48 34.47 -5.32 -19.62
CA ILE E 48 35.14 -5.11 -20.90
C ILE E 48 36.30 -6.09 -21.02
N TYR E 49 36.44 -6.69 -22.20
CA TYR E 49 37.59 -7.52 -22.54
C TYR E 49 38.24 -6.98 -23.81
N GLU E 50 39.55 -7.21 -23.93
CA GLU E 50 40.34 -6.70 -25.05
C GLU E 50 40.17 -5.19 -25.21
N ALA E 51 40.08 -4.50 -24.08
CA ALA E 51 40.11 -3.04 -24.00
C ALA E 51 38.85 -2.35 -24.52
N SER E 52 38.30 -2.80 -25.65
CA SER E 52 37.14 -2.16 -26.24
C SER E 52 35.91 -3.04 -26.34
N SER E 53 36.04 -4.35 -26.23
CA SER E 53 34.94 -5.27 -26.46
C SER E 53 34.13 -5.48 -25.19
N LEU E 54 32.81 -5.55 -25.36
CA LEU E 54 31.85 -5.59 -24.26
C LEU E 54 31.37 -7.02 -24.05
N GLU E 55 31.39 -7.47 -22.80
CA GLU E 55 30.88 -8.80 -22.47
C GLU E 55 29.35 -8.81 -22.57
N ASN E 56 28.80 -9.99 -22.82
CA ASN E 56 27.36 -10.11 -23.00
C ASN E 56 26.61 -9.74 -21.73
N GLY E 57 25.54 -8.97 -21.89
CA GLY E 57 24.73 -8.51 -20.79
C GLY E 57 25.08 -7.12 -20.30
N VAL E 58 26.34 -6.71 -20.46
CA VAL E 58 26.75 -5.39 -19.97
C VAL E 58 25.98 -4.31 -20.71
N PRO E 59 25.41 -3.31 -20.03
CA PRO E 59 24.67 -2.26 -20.74
C PRO E 59 25.57 -1.46 -21.67
N SER E 60 24.96 -0.91 -22.72
CA SER E 60 25.73 -0.24 -23.76
C SER E 60 26.31 1.10 -23.32
N ARG E 61 25.89 1.65 -22.19
CA ARG E 61 26.49 2.90 -21.73
C ARG E 61 27.93 2.72 -21.28
N PHE E 62 28.44 1.48 -21.25
CA PHE E 62 29.82 1.22 -20.87
C PHE E 62 30.67 1.07 -22.12
N SER E 63 31.82 1.77 -22.13
CA SER E 63 32.74 1.69 -23.25
C SER E 63 34.17 1.74 -22.71
N GLY E 64 35.08 1.13 -23.46
CA GLY E 64 36.49 1.19 -23.15
C GLY E 64 37.31 1.46 -24.39
N SER E 65 38.37 2.25 -24.25
CA SER E 65 39.30 2.50 -25.33
C SER E 65 40.72 2.39 -24.80
N GLY E 66 41.67 2.28 -25.72
CA GLY E 66 43.07 2.24 -25.32
C GLY E 66 43.88 1.17 -25.99
N SER E 67 45.21 1.32 -25.95
CA SER E 67 46.16 0.33 -26.44
C SER E 67 47.55 0.76 -26.02
N GLY E 68 48.40 -0.20 -25.78
CA GLY E 68 49.77 0.08 -25.34
C GLY E 68 49.84 0.24 -23.81
N THR E 69 50.00 1.48 -23.34
CA THR E 69 50.17 1.75 -21.92
C THR E 69 49.09 2.65 -21.33
N GLU E 70 48.12 3.11 -22.12
CA GLU E 70 47.06 3.97 -21.60
C GLU E 70 45.71 3.46 -22.06
N PHE E 71 44.76 3.40 -21.13
CA PHE E 71 43.43 2.86 -21.39
C PHE E 71 42.41 3.71 -20.65
N THR E 72 41.16 3.65 -21.11
CA THR E 72 40.07 4.33 -20.44
C THR E 72 38.82 3.45 -20.46
N LEU E 73 38.01 3.62 -19.42
CA LEU E 73 36.64 3.12 -19.36
C LEU E 73 35.72 4.32 -19.20
N THR E 74 34.71 4.41 -20.04
CA THR E 74 33.82 5.56 -20.07
C THR E 74 32.38 5.11 -19.90
N ILE E 75 31.67 5.72 -18.96
CA ILE E 75 30.24 5.54 -18.82
C ILE E 75 29.56 6.77 -19.41
N SER E 76 28.76 6.54 -20.46
CA SER E 76 28.19 7.65 -21.22
C SER E 76 27.12 8.40 -20.42
N SER E 77 26.23 7.67 -19.75
CA SER E 77 25.18 8.26 -18.91
C SER E 77 25.18 7.52 -17.58
N LEU E 78 25.78 8.13 -16.57
CA LEU E 78 25.89 7.51 -15.25
C LEU E 78 24.49 7.26 -14.67
N GLN E 79 24.27 6.06 -14.16
CA GLN E 79 23.01 5.63 -13.57
C GLN E 79 23.21 5.29 -12.10
N PRO E 80 22.15 5.34 -11.30
CA PRO E 80 22.31 5.11 -9.85
C PRO E 80 22.91 3.76 -9.51
N ASP E 81 22.59 2.72 -10.29
CA ASP E 81 23.11 1.37 -10.10
C ASP E 81 24.60 1.26 -10.44
N ASP E 82 25.30 2.34 -10.77
CA ASP E 82 26.69 2.27 -11.20
C ASP E 82 27.63 2.74 -10.11
N PHE E 83 27.27 2.54 -8.84
CA PHE E 83 28.02 3.03 -7.69
C PHE E 83 29.28 2.21 -7.40
N ALA E 84 29.51 1.13 -8.13
CA ALA E 84 30.57 0.18 -7.80
C ALA E 84 31.96 0.83 -7.80
N THR E 85 32.93 0.05 -7.33
CA THR E 85 34.35 0.33 -7.52
C THR E 85 34.84 -0.43 -8.74
N TYR E 86 35.54 0.26 -9.64
CA TYR E 86 35.93 -0.32 -10.92
C TYR E 86 37.43 -0.59 -10.96
N TYR E 87 37.80 -1.74 -11.54
CA TYR E 87 39.17 -2.23 -11.56
C TYR E 87 39.58 -2.60 -12.98
N CYS E 88 40.82 -2.30 -13.34
CA CYS E 88 41.43 -2.79 -14.57
C CYS E 88 42.43 -3.89 -14.24
N GLN E 89 42.59 -4.82 -15.17
CA GLN E 89 43.50 -5.95 -14.99
C GLN E 89 44.12 -6.31 -16.32
N GLN E 90 45.41 -6.63 -16.30
CA GLN E 90 46.11 -7.13 -17.48
C GLN E 90 46.19 -8.65 -17.41
N TYR E 91 45.65 -9.32 -18.42
CA TYR E 91 45.87 -10.75 -18.62
C TYR E 91 46.96 -11.00 -19.67
N ASN E 92 47.77 -9.97 -19.96
CA ASN E 92 48.85 -10.10 -20.93
C ASN E 92 50.00 -10.93 -20.40
N SER E 93 50.28 -10.86 -19.11
CA SER E 93 51.46 -11.46 -18.53
C SER E 93 51.11 -12.66 -17.66
N TYR E 94 52.14 -13.39 -17.26
CA TYR E 94 51.96 -14.52 -16.36
C TYR E 94 51.51 -14.06 -14.98
N SER E 95 52.15 -13.02 -14.44
CA SER E 95 51.74 -12.43 -13.17
C SER E 95 50.59 -11.47 -13.43
N LEU E 96 49.37 -11.95 -13.20
CA LEU E 96 48.19 -11.11 -13.36
C LEU E 96 48.17 -10.05 -12.28
N THR E 97 47.93 -8.80 -12.67
CA THR E 97 47.90 -7.69 -11.73
C THR E 97 46.66 -6.84 -11.98
N PHE E 98 46.20 -6.20 -10.90
CA PHE E 98 45.01 -5.37 -10.93
C PHE E 98 45.40 -3.92 -10.71
N GLY E 99 44.45 -3.03 -11.03
CA GLY E 99 44.58 -1.64 -10.66
C GLY E 99 44.27 -1.44 -9.19
N GLY E 100 44.43 -0.20 -8.75
CA GLY E 100 44.06 0.15 -7.39
C GLY E 100 42.59 0.39 -7.19
N GLY E 101 41.83 0.52 -8.27
CA GLY E 101 40.41 0.76 -8.18
C GLY E 101 40.07 2.24 -8.29
N THR E 102 38.86 2.50 -8.74
CA THR E 102 38.27 3.84 -8.74
C THR E 102 36.86 3.72 -8.18
N LYS E 103 36.61 4.41 -7.07
CA LYS E 103 35.28 4.40 -6.48
C LYS E 103 34.43 5.49 -7.13
N VAL E 104 33.25 5.11 -7.60
CA VAL E 104 32.36 6.00 -8.32
C VAL E 104 31.11 6.21 -7.48
N GLU E 105 30.93 7.41 -6.96
CA GLU E 105 29.76 7.77 -6.17
C GLU E 105 28.83 8.65 -7.00
N ILE E 106 27.54 8.56 -6.71
CA ILE E 106 26.54 9.33 -7.43
C ILE E 106 26.22 10.59 -6.62
N LYS E 107 26.11 11.72 -7.31
CA LYS E 107 25.73 12.98 -6.70
C LYS E 107 24.24 13.23 -6.98
N ARG E 108 23.52 13.69 -5.96
CA ARG E 108 22.08 13.85 -6.07
C ARG E 108 21.63 15.03 -5.20
N THR E 109 20.32 15.27 -5.20
CA THR E 109 19.76 16.35 -4.42
C THR E 109 19.88 16.06 -2.92
N VAL E 110 19.96 17.12 -2.13
CA VAL E 110 20.05 17.00 -0.68
C VAL E 110 18.75 16.41 -0.14
N ALA E 111 18.87 15.39 0.71
CA ALA E 111 17.73 14.80 1.40
C ALA E 111 18.00 14.82 2.89
N ALA E 112 17.04 15.31 3.66
CA ALA E 112 17.21 15.42 5.10
C ALA E 112 17.11 14.04 5.76
N PRO E 113 17.84 13.82 6.84
CA PRO E 113 17.76 12.53 7.53
C PRO E 113 16.52 12.41 8.40
N SER E 114 16.03 11.19 8.51
CA SER E 114 15.02 10.83 9.50
C SER E 114 15.72 10.22 10.70
N VAL E 115 15.43 10.75 11.89
CA VAL E 115 16.15 10.39 13.10
C VAL E 115 15.24 9.60 14.03
N PHE E 116 15.71 8.43 14.47
CA PHE E 116 15.06 7.62 15.48
C PHE E 116 16.07 7.29 16.57
N ILE E 117 15.59 7.17 17.80
CA ILE E 117 16.43 6.78 18.92
C ILE E 117 15.82 5.57 19.59
N PHE E 118 16.67 4.67 20.08
CA PHE E 118 16.24 3.43 20.71
C PHE E 118 16.91 3.30 22.07
N PRO E 119 16.15 3.24 23.16
CA PRO E 119 16.76 3.02 24.48
C PRO E 119 17.35 1.62 24.54
N PRO E 120 18.21 1.35 25.52
CA PRO E 120 18.75 -0.01 25.67
C PRO E 120 17.63 -1.00 25.97
N SER E 121 17.80 -2.21 25.49
CA SER E 121 16.82 -3.26 25.76
C SER E 121 16.91 -3.71 27.21
N ASP E 122 15.78 -4.21 27.73
CA ASP E 122 15.78 -4.76 29.08
C ASP E 122 16.66 -6.00 29.17
N GLU E 123 16.74 -6.77 28.08
CA GLU E 123 17.61 -7.94 28.07
C GLU E 123 19.07 -7.55 28.18
N GLN E 124 19.47 -6.49 27.47
CA GLN E 124 20.87 -6.06 27.52
C GLN E 124 21.21 -5.44 28.86
N LEU E 125 20.26 -4.72 29.47
CA LEU E 125 20.52 -4.12 30.77
C LEU E 125 20.75 -5.19 31.83
N LYS E 126 20.02 -6.30 31.76
CA LYS E 126 20.29 -7.41 32.66
C LYS E 126 21.71 -7.94 32.47
N SER E 127 22.23 -7.91 31.24
CA SER E 127 23.56 -8.39 30.92
C SER E 127 24.67 -7.51 31.47
N GLY E 128 24.35 -6.33 32.00
CA GLY E 128 25.33 -5.46 32.63
C GLY E 128 25.90 -4.35 31.78
N THR E 129 25.36 -4.13 30.58
CA THR E 129 25.85 -3.12 29.66
C THR E 129 24.67 -2.41 29.01
N ALA E 130 24.92 -1.21 28.51
CA ALA E 130 23.88 -0.36 27.96
C ALA E 130 24.37 0.25 26.65
N SER E 131 23.62 0.01 25.57
CA SER E 131 23.88 0.57 24.25
C SER E 131 22.64 1.34 23.82
N VAL E 132 22.71 2.67 23.87
CA VAL E 132 21.66 3.50 23.28
C VAL E 132 22.04 3.80 21.84
N VAL E 133 21.08 3.65 20.93
CA VAL E 133 21.34 3.66 19.50
C VAL E 133 20.51 4.77 18.86
N CYS E 134 21.15 5.54 17.98
CA CYS E 134 20.48 6.57 17.20
C CYS E 134 20.68 6.27 15.72
N LEU E 135 19.61 6.42 14.94
CA LEU E 135 19.61 6.06 13.53
C LEU E 135 19.27 7.28 12.70
N LEU E 136 20.03 7.46 11.62
CA LEU E 136 19.79 8.49 10.62
C LEU E 136 19.52 7.79 9.30
N ASN E 137 18.36 8.04 8.70
CA ASN E 137 17.86 7.22 7.61
C ASN E 137 17.68 8.04 6.35
N ASN E 138 18.27 7.52 5.27
CA ASN E 138 18.08 7.99 3.89
C ASN E 138 18.35 9.49 3.75
N PHE E 139 19.62 9.85 3.86
CA PHE E 139 20.07 11.22 3.75
C PHE E 139 21.19 11.34 2.73
N TYR E 140 21.31 12.54 2.13
CA TYR E 140 22.40 12.95 1.25
C TYR E 140 22.73 14.41 1.51
N PRO E 141 24.02 14.78 1.62
CA PRO E 141 25.21 13.92 1.48
C PRO E 141 25.60 13.17 2.74
N ARG E 142 26.62 12.31 2.61
CA ARG E 142 27.02 11.45 3.72
C ARG E 142 27.54 12.26 4.90
N GLU E 143 28.08 13.45 4.65
CA GLU E 143 28.59 14.28 5.73
C GLU E 143 27.47 14.68 6.68
N ALA E 144 27.65 14.33 7.95
CA ALA E 144 26.71 14.69 9.00
C ALA E 144 27.42 14.59 10.34
N LYS E 145 26.82 15.16 11.37
CA LYS E 145 27.38 15.12 12.72
C LYS E 145 26.29 14.76 13.72
N VAL E 146 26.60 13.80 14.59
CA VAL E 146 25.71 13.40 15.67
C VAL E 146 26.41 13.71 16.99
N GLN E 147 25.65 14.27 17.93
CA GLN E 147 26.17 14.67 19.23
C GLN E 147 25.34 14.01 20.32
N TRP E 148 25.95 13.13 21.09
CA TRP E 148 25.29 12.51 22.23
C TRP E 148 25.41 13.43 23.44
N LYS E 149 24.27 13.82 24.02
CA LYS E 149 24.26 14.56 25.27
C LYS E 149 23.54 13.75 26.33
N VAL E 150 24.08 13.75 27.53
CA VAL E 150 23.51 13.01 28.65
C VAL E 150 23.44 13.97 29.83
N ASP E 151 22.24 14.20 30.35
CA ASP E 151 21.98 15.29 31.28
C ASP E 151 22.47 16.62 30.69
N ASN E 152 22.12 16.82 29.42
CA ASN E 152 22.50 18.01 28.64
C ASN E 152 24.01 18.25 28.65
N ALA E 153 24.79 17.21 28.95
CA ALA E 153 26.24 17.29 28.97
C ALA E 153 26.78 16.56 27.75
N LEU E 154 27.54 17.28 26.92
CA LEU E 154 28.17 16.66 25.76
C LEU E 154 29.12 15.56 26.21
N GLN E 155 29.17 14.49 25.43
CA GLN E 155 30.03 13.36 25.71
C GLN E 155 30.96 13.10 24.55
N SER E 156 32.06 12.39 24.82
CA SER E 156 33.07 12.12 23.81
C SER E 156 33.81 10.84 24.16
N GLY E 157 34.15 10.06 23.14
CA GLY E 157 34.92 8.85 23.31
C GLY E 157 34.13 7.63 23.72
N ASN E 158 32.84 7.77 24.03
CA ASN E 158 32.02 6.66 24.51
C ASN E 158 31.03 6.18 23.46
N SER E 159 31.24 6.53 22.19
CA SER E 159 30.31 6.17 21.13
C SER E 159 31.08 5.78 19.88
N GLN E 160 30.36 5.20 18.93
CA GLN E 160 30.91 4.77 17.66
C GLN E 160 29.79 4.81 16.63
N GLU E 161 30.16 4.96 15.36
CA GLU E 161 29.16 5.11 14.31
C GLU E 161 29.58 4.35 13.06
N SER E 162 28.60 4.09 12.20
CA SER E 162 28.76 3.31 10.99
C SER E 162 27.75 3.80 9.96
N VAL E 163 28.21 3.95 8.71
CA VAL E 163 27.37 4.46 7.63
C VAL E 163 27.24 3.38 6.57
N THR E 164 26.03 3.21 6.06
CA THR E 164 25.76 2.26 4.99
C THR E 164 26.42 2.73 3.68
N GLU E 165 26.68 1.76 2.80
CA GLU E 165 27.05 2.12 1.45
C GLU E 165 25.86 2.81 0.76
N GLN E 166 26.19 3.59 -0.27
CA GLN E 166 25.17 4.34 -0.99
C GLN E 166 24.18 3.41 -1.67
N ASP E 167 22.89 3.75 -1.56
CA ASP E 167 21.85 2.88 -2.08
C ASP E 167 21.83 2.91 -3.60
N SER E 168 21.53 1.76 -4.20
CA SER E 168 21.59 1.60 -5.64
C SER E 168 20.35 2.12 -6.36
N LYS E 169 19.37 2.65 -5.64
CA LYS E 169 18.17 3.19 -6.29
C LYS E 169 17.90 4.64 -5.93
N ASP E 170 18.05 5.04 -4.66
CA ASP E 170 17.82 6.42 -4.28
C ASP E 170 19.11 7.19 -4.00
N SER E 171 20.26 6.49 -3.97
CA SER E 171 21.57 7.12 -3.83
C SER E 171 21.72 7.89 -2.52
N THR E 172 21.03 7.45 -1.48
CA THR E 172 21.13 8.04 -0.16
C THR E 172 21.92 7.12 0.76
N TYR E 173 22.18 7.60 1.98
CA TYR E 173 22.93 6.88 2.99
C TYR E 173 22.09 6.71 4.25
N SER E 174 22.61 5.89 5.16
CA SER E 174 22.03 5.77 6.50
C SER E 174 23.16 5.53 7.49
N LEU E 175 23.03 6.13 8.68
CA LEU E 175 24.08 6.09 9.69
C LEU E 175 23.49 5.67 11.02
N SER E 176 24.23 4.84 11.76
CA SER E 176 23.86 4.46 13.12
C SER E 176 24.98 4.89 14.06
N SER E 177 24.61 5.56 15.15
CA SER E 177 25.55 5.95 16.20
C SER E 177 25.14 5.24 17.49
N THR E 178 26.02 4.39 18.00
CA THR E 178 25.73 3.58 19.17
C THR E 178 26.57 4.08 20.35
N LEU E 179 25.89 4.43 21.44
CA LEU E 179 26.53 4.93 22.65
C LEU E 179 26.54 3.82 23.69
N THR E 180 27.74 3.37 24.07
CA THR E 180 27.91 2.28 25.01
C THR E 180 28.25 2.83 26.39
N LEU E 181 27.43 2.50 27.37
CA LEU E 181 27.66 2.87 28.76
C LEU E 181 27.55 1.64 29.64
N SER E 182 28.16 1.72 30.81
CA SER E 182 27.98 0.66 31.79
C SER E 182 26.55 0.67 32.30
N LYS E 183 26.10 -0.48 32.82
CA LYS E 183 24.76 -0.54 33.38
C LYS E 183 24.60 0.48 34.51
N ALA E 184 25.63 0.65 35.33
CA ALA E 184 25.55 1.57 36.46
C ALA E 184 25.49 3.02 36.00
N ASP E 185 26.45 3.44 35.16
CA ASP E 185 26.47 4.82 34.67
C ASP E 185 25.18 5.16 33.95
N TYR E 186 24.51 4.17 33.36
CA TYR E 186 23.19 4.41 32.78
C TYR E 186 22.16 4.71 33.86
N GLU E 187 22.24 4.04 35.00
CA GLU E 187 21.26 4.23 36.08
C GLU E 187 21.40 5.56 36.78
N LYS E 188 22.49 6.30 36.57
CA LYS E 188 22.68 7.54 37.32
C LYS E 188 21.96 8.72 36.66
N HIS E 189 21.95 8.77 35.34
CA HIS E 189 21.46 9.92 34.58
C HIS E 189 20.12 9.60 33.95
N LYS E 190 19.28 10.63 33.80
CA LYS E 190 17.88 10.40 33.42
C LYS E 190 17.56 10.72 31.97
N VAL E 191 18.11 11.80 31.40
CA VAL E 191 17.77 12.22 30.04
C VAL E 191 18.90 11.84 29.09
N TYR E 192 18.53 11.24 27.96
CA TYR E 192 19.48 10.76 26.96
C TYR E 192 19.03 11.26 25.59
N ALA E 193 19.88 12.06 24.95
CA ALA E 193 19.50 12.72 23.70
C ALA E 193 20.63 12.61 22.68
N CYS E 194 20.25 12.78 21.41
CA CYS E 194 21.19 12.82 20.29
CA CYS E 194 21.21 12.85 20.32
C CYS E 194 20.78 13.95 19.36
N GLU E 195 21.72 14.84 19.06
CA GLU E 195 21.46 16.01 18.23
C GLU E 195 22.14 15.81 16.87
N VAL E 196 21.41 16.10 15.80
CA VAL E 196 21.86 15.83 14.44
C VAL E 196 21.90 17.15 13.66
N THR E 197 23.04 17.43 13.05
CA THR E 197 23.20 18.55 12.12
C THR E 197 23.42 18.00 10.73
N HIS E 198 22.65 18.49 9.76
CA HIS E 198 22.75 18.06 8.38
C HIS E 198 22.11 19.14 7.51
N GLN E 199 22.54 19.17 6.23
CA GLN E 199 22.16 20.28 5.35
C GLN E 199 20.65 20.37 5.18
N GLY E 200 19.98 19.23 5.03
CA GLY E 200 18.55 19.21 4.79
C GLY E 200 17.69 19.62 5.96
N LEU E 201 18.28 19.92 7.11
CA LEU E 201 17.58 20.41 8.28
C LEU E 201 17.91 21.88 8.46
N SER E 202 16.88 22.73 8.45
CA SER E 202 17.10 24.15 8.70
C SER E 202 17.60 24.40 10.12
N SER E 203 17.18 23.56 11.07
CA SER E 203 17.62 23.61 12.45
C SER E 203 18.03 22.21 12.89
N PRO E 204 18.97 22.10 13.83
CA PRO E 204 19.40 20.77 14.29
C PRO E 204 18.27 20.04 15.00
N VAL E 205 18.13 18.75 14.67
CA VAL E 205 17.08 17.91 15.22
C VAL E 205 17.62 17.19 16.45
N THR E 206 16.83 17.19 17.52
CA THR E 206 17.17 16.44 18.72
C THR E 206 16.11 15.37 18.98
N LYS E 207 16.57 14.18 19.36
CA LYS E 207 15.71 13.06 19.71
C LYS E 207 16.17 12.53 21.05
N SER E 208 15.25 12.48 22.02
CA SER E 208 15.60 12.17 23.39
C SER E 208 14.62 11.16 23.98
N PHE E 209 15.00 10.60 25.13
CA PHE E 209 14.10 9.81 25.94
C PHE E 209 14.45 10.00 27.41
N ASN E 210 13.45 9.81 28.26
CA ASN E 210 13.64 9.67 29.69
C ASN E 210 13.56 8.20 30.05
N ARG E 211 14.27 7.81 31.12
CA ARG E 211 14.41 6.38 31.43
C ARG E 211 13.11 5.71 31.83
N GLY E 212 11.99 6.42 31.85
CA GLY E 212 10.69 5.81 32.01
C GLY E 212 9.76 6.17 30.87
N GLU E 213 9.60 5.25 29.92
CA GLU E 213 8.83 5.50 28.70
C GLU E 213 7.57 4.63 28.68
N CYS E 214 6.69 4.93 27.72
CA CYS E 214 5.41 4.25 27.63
C CYS E 214 5.59 2.77 27.32
N SER E 215 4.68 1.96 27.86
CA SER E 215 4.64 0.52 27.58
C SER E 215 3.23 0.09 27.20
N THR F 15 -18.97 11.07 76.79
CA THR F 15 -18.73 10.29 75.58
C THR F 15 -19.38 10.93 74.36
N ASN F 16 -18.55 11.53 73.51
CA ASN F 16 -19.03 12.25 72.34
C ASN F 16 -19.59 11.28 71.30
N LEU F 17 -20.52 11.77 70.50
CA LEU F 17 -21.07 11.01 69.38
C LEU F 17 -20.23 11.26 68.14
N CYS F 18 -20.00 10.20 67.37
CA CYS F 18 -19.11 10.30 66.22
C CYS F 18 -19.75 11.18 65.14
N PRO F 19 -19.01 12.15 64.59
CA PRO F 19 -19.57 13.09 63.62
C PRO F 19 -19.74 12.48 62.22
N PHE F 20 -20.48 11.38 62.16
CA PHE F 20 -20.74 10.75 60.87
C PHE F 20 -21.70 11.59 60.03
N GLY F 21 -22.68 12.23 60.67
CA GLY F 21 -23.60 13.08 59.95
C GLY F 21 -22.91 14.21 59.20
N GLU F 22 -21.82 14.74 59.76
CA GLU F 22 -21.08 15.79 59.08
C GLU F 22 -20.53 15.32 57.74
N VAL F 23 -20.15 14.05 57.65
CA VAL F 23 -19.68 13.51 56.38
C VAL F 23 -20.85 13.24 55.44
N PHE F 24 -21.83 12.47 55.92
CA PHE F 24 -22.89 11.97 55.04
C PHE F 24 -23.82 13.09 54.61
N ASN F 25 -24.22 13.96 55.53
CA ASN F 25 -25.20 15.00 55.27
C ASN F 25 -24.53 16.34 54.94
N ALA F 26 -23.37 16.32 54.30
CA ALA F 26 -22.69 17.55 53.94
C ALA F 26 -23.35 18.20 52.74
N THR F 27 -23.50 19.53 52.79
CA THR F 27 -24.12 20.24 51.68
C THR F 27 -23.28 20.13 50.41
N ARG F 28 -21.96 20.24 50.55
CA ARG F 28 -21.04 20.20 49.42
C ARG F 28 -20.19 18.94 49.49
N PHE F 29 -19.97 18.31 48.34
CA PHE F 29 -19.13 17.13 48.23
C PHE F 29 -17.94 17.45 47.34
N ALA F 30 -16.95 16.56 47.37
CA ALA F 30 -15.70 16.78 46.64
C ALA F 30 -15.70 16.05 45.31
N SER F 31 -14.90 16.56 44.39
CA SER F 31 -14.62 15.83 43.16
C SER F 31 -13.83 14.57 43.47
N VAL F 32 -13.94 13.57 42.60
CA VAL F 32 -13.32 12.28 42.90
C VAL F 32 -11.81 12.35 42.83
N TYR F 33 -11.25 13.18 41.93
CA TYR F 33 -9.80 13.31 41.89
C TYR F 33 -9.28 13.97 43.17
N ALA F 34 -10.03 14.90 43.72
CA ALA F 34 -9.66 15.55 44.97
C ALA F 34 -10.59 15.06 46.09
N TRP F 35 -10.72 13.73 46.22
CA TRP F 35 -11.64 13.17 47.21
C TRP F 35 -11.23 13.59 48.62
N ASN F 36 -12.23 13.75 49.47
CA ASN F 36 -12.04 14.27 50.82
C ASN F 36 -11.89 13.12 51.82
N ARG F 37 -11.10 13.37 52.87
CA ARG F 37 -10.91 12.42 53.95
C ARG F 37 -11.11 13.11 55.29
N LYS F 38 -11.87 12.46 56.17
CA LYS F 38 -12.03 12.89 57.55
C LYS F 38 -11.65 11.74 58.47
N ARG F 39 -10.96 12.07 59.57
CA ARG F 39 -10.54 11.10 60.55
C ARG F 39 -11.44 11.18 61.78
N ILE F 40 -12.02 10.05 62.17
CA ILE F 40 -12.92 9.97 63.31
C ILE F 40 -12.20 9.19 64.42
N SER F 41 -12.23 9.72 65.64
CA SER F 41 -11.58 9.06 66.75
C SER F 41 -12.22 9.49 68.06
N ASN F 42 -11.99 8.68 69.09
CA ASN F 42 -12.45 8.93 70.47
C ASN F 42 -13.91 9.35 70.52
N CYS F 43 -14.79 8.48 70.00
CA CYS F 43 -16.22 8.78 70.03
C CYS F 43 -17.02 7.50 69.97
N VAL F 44 -18.32 7.63 70.22
CA VAL F 44 -19.28 6.54 70.15
C VAL F 44 -20.05 6.66 68.84
N ALA F 45 -20.12 5.57 68.09
CA ALA F 45 -20.71 5.55 66.76
C ALA F 45 -21.87 4.58 66.71
N ASP F 46 -23.04 5.07 66.28
CA ASP F 46 -24.18 4.21 66.02
C ASP F 46 -24.25 3.98 64.51
N TYR F 47 -23.77 2.81 64.07
CA TYR F 47 -23.86 2.45 62.66
C TYR F 47 -25.27 2.04 62.26
N SER F 48 -26.16 1.82 63.22
CA SER F 48 -27.52 1.41 62.89
C SER F 48 -28.24 2.44 62.04
N VAL F 49 -27.90 3.73 62.21
CA VAL F 49 -28.52 4.74 61.36
C VAL F 49 -28.08 4.56 59.91
N LEU F 50 -26.88 4.02 59.69
CA LEU F 50 -26.43 3.76 58.32
C LEU F 50 -27.12 2.52 57.75
N TYR F 51 -26.92 1.36 58.36
CA TYR F 51 -27.38 0.14 57.73
C TYR F 51 -28.88 -0.12 57.90
N ASN F 52 -29.59 0.71 58.66
CA ASN F 52 -31.04 0.59 58.73
C ASN F 52 -31.75 1.57 57.79
N SER F 53 -31.00 2.25 56.91
CA SER F 53 -31.58 3.20 56.00
C SER F 53 -31.87 2.54 54.66
N ALA F 54 -33.04 2.84 54.10
CA ALA F 54 -33.40 2.39 52.76
C ALA F 54 -32.98 3.37 51.69
N SER F 55 -32.30 4.46 52.06
CA SER F 55 -31.96 5.52 51.11
C SER F 55 -30.66 5.28 50.37
N PHE F 56 -29.96 4.17 50.64
CA PHE F 56 -28.64 3.94 50.07
C PHE F 56 -28.72 2.96 48.90
N SER F 57 -28.19 3.38 47.75
CA SER F 57 -28.21 2.54 46.56
C SER F 57 -27.22 1.39 46.68
N THR F 58 -26.04 1.67 47.23
CA THR F 58 -25.00 0.67 47.39
C THR F 58 -24.54 0.67 48.84
N PHE F 59 -24.56 -0.50 49.47
CA PHE F 59 -24.06 -0.70 50.83
C PHE F 59 -23.32 -2.03 50.79
N LYS F 60 -22.02 -1.98 50.51
CA LYS F 60 -21.19 -3.17 50.38
C LYS F 60 -20.01 -3.04 51.31
N CYS F 61 -19.91 -3.94 52.29
CA CYS F 61 -18.82 -3.92 53.25
C CYS F 61 -17.85 -5.05 52.93
N TYR F 62 -16.56 -4.78 53.13
CA TYR F 62 -15.50 -5.71 52.79
C TYR F 62 -14.70 -6.03 54.05
N GLY F 63 -14.49 -7.32 54.30
CA GLY F 63 -13.76 -7.75 55.47
C GLY F 63 -14.51 -7.66 56.78
N VAL F 64 -15.76 -7.18 56.77
CA VAL F 64 -16.53 -7.03 57.99
C VAL F 64 -18.00 -6.95 57.60
N SER F 65 -18.87 -7.39 58.52
CA SER F 65 -20.30 -7.28 58.27
C SER F 65 -20.86 -6.03 58.94
N PRO F 66 -21.74 -5.30 58.24
CA PRO F 66 -22.30 -4.07 58.84
C PRO F 66 -23.05 -4.32 60.13
N THR F 67 -23.73 -5.45 60.24
CA THR F 67 -24.55 -5.71 61.42
C THR F 67 -23.70 -5.97 62.66
N LYS F 68 -22.50 -6.50 62.48
CA LYS F 68 -21.61 -6.76 63.61
C LYS F 68 -20.80 -5.54 64.04
N LEU F 69 -20.99 -4.40 63.38
CA LEU F 69 -20.15 -3.23 63.64
C LEU F 69 -20.42 -2.63 65.02
N ASN F 70 -21.69 -2.47 65.37
CA ASN F 70 -22.03 -1.87 66.65
C ASN F 70 -21.44 -2.64 67.84
N ASP F 71 -21.15 -3.93 67.66
CA ASP F 71 -20.55 -4.76 68.70
C ASP F 71 -19.02 -4.78 68.61
N LEU F 72 -18.44 -3.90 67.81
CA LEU F 72 -17.01 -3.86 67.60
C LEU F 72 -16.46 -2.50 68.02
N CYS F 73 -15.14 -2.47 68.21
CA CYS F 73 -14.42 -1.24 68.51
C CYS F 73 -13.19 -1.14 67.62
N PHE F 74 -12.84 0.09 67.26
CA PHE F 74 -11.71 0.34 66.38
C PHE F 74 -10.92 1.53 66.91
N THR F 75 -9.63 1.56 66.54
CA THR F 75 -8.76 2.63 67.02
C THR F 75 -9.02 3.94 66.30
N ASN F 76 -9.18 3.88 64.97
CA ASN F 76 -9.49 5.05 64.16
C ASN F 76 -10.46 4.64 63.05
N VAL F 77 -11.25 5.60 62.59
CA VAL F 77 -12.12 5.41 61.44
C VAL F 77 -11.91 6.57 60.48
N TYR F 78 -11.64 6.24 59.21
CA TYR F 78 -11.41 7.24 58.17
C TYR F 78 -12.58 7.21 57.20
N ALA F 79 -13.08 8.39 56.86
CA ALA F 79 -14.24 8.55 55.99
C ALA F 79 -13.83 9.33 54.75
N ASP F 80 -14.00 8.73 53.58
CA ASP F 80 -13.65 9.32 52.30
C ASP F 80 -14.92 9.54 51.49
N SER F 81 -15.04 10.71 50.89
CA SER F 81 -16.28 11.18 50.28
C SER F 81 -16.03 11.82 48.93
N PHE F 82 -16.83 11.46 47.94
CA PHE F 82 -16.72 12.04 46.60
C PHE F 82 -18.01 11.80 45.84
N VAL F 83 -18.01 12.24 44.57
CA VAL F 83 -19.15 12.09 43.66
C VAL F 83 -18.63 11.49 42.35
N ILE F 84 -19.34 10.47 41.86
CA ILE F 84 -19.04 9.82 40.58
C ILE F 84 -20.36 9.46 39.90
N ARG F 85 -20.26 8.96 38.67
CA ARG F 85 -21.46 8.47 37.98
C ARG F 85 -21.90 7.13 38.53
N GLY F 86 -23.20 6.85 38.41
CA GLY F 86 -23.71 5.57 38.85
C GLY F 86 -23.03 4.40 38.17
N ASP F 87 -22.71 4.55 36.89
CA ASP F 87 -21.98 3.53 36.13
C ASP F 87 -20.66 3.16 36.76
N GLU F 88 -20.08 4.05 37.57
CA GLU F 88 -18.72 3.87 38.08
C GLU F 88 -18.67 3.45 39.54
N VAL F 89 -19.82 3.35 40.22
CA VAL F 89 -19.81 2.94 41.63
C VAL F 89 -19.26 1.53 41.76
N ARG F 90 -19.43 0.69 40.73
CA ARG F 90 -18.86 -0.65 40.77
C ARG F 90 -17.36 -0.65 40.95
N GLN F 91 -16.68 0.44 40.57
CA GLN F 91 -15.23 0.52 40.68
C GLN F 91 -14.76 0.83 42.09
N ILE F 92 -15.65 1.18 43.01
CA ILE F 92 -15.27 1.50 44.39
C ILE F 92 -15.32 0.18 45.15
N ALA F 93 -14.30 -0.64 44.92
CA ALA F 93 -14.25 -2.01 45.39
C ALA F 93 -12.83 -2.55 45.27
N PRO F 94 -12.42 -3.48 46.13
CA PRO F 94 -11.09 -4.06 46.00
C PRO F 94 -10.92 -4.76 44.65
N GLY F 95 -9.74 -4.61 44.07
CA GLY F 95 -9.41 -5.31 42.84
C GLY F 95 -10.11 -4.84 41.59
N GLN F 96 -10.85 -3.74 41.66
CA GLN F 96 -11.53 -3.25 40.48
C GLN F 96 -10.55 -2.51 39.57
N THR F 97 -10.98 -2.32 38.32
CA THR F 97 -10.20 -1.62 37.31
C THR F 97 -11.11 -0.63 36.58
N GLY F 98 -10.49 0.41 36.03
CA GLY F 98 -11.22 1.47 35.35
C GLY F 98 -10.67 2.84 35.65
N LYS F 99 -11.16 3.86 34.92
CA LYS F 99 -10.63 5.22 35.09
C LYS F 99 -10.69 5.67 36.55
N ILE F 100 -11.80 5.38 37.23
CA ILE F 100 -11.93 5.77 38.62
C ILE F 100 -11.01 4.94 39.50
N ALA F 101 -11.11 3.61 39.40
CA ALA F 101 -10.32 2.73 40.25
C ALA F 101 -8.82 2.90 40.02
N ASP F 102 -8.42 3.32 38.82
CA ASP F 102 -7.00 3.41 38.50
C ASP F 102 -6.43 4.82 38.61
N TYR F 103 -7.19 5.85 38.25
CA TYR F 103 -6.66 7.21 38.19
C TYR F 103 -7.21 8.13 39.27
N ASN F 104 -8.21 7.72 40.04
CA ASN F 104 -8.81 8.65 41.00
C ASN F 104 -8.88 8.11 42.42
N TYR F 105 -9.39 6.90 42.62
CA TYR F 105 -9.55 6.36 43.97
C TYR F 105 -9.43 4.84 43.92
N LYS F 106 -8.37 4.30 44.51
CA LYS F 106 -8.09 2.87 44.49
C LYS F 106 -8.18 2.30 45.90
N LEU F 107 -8.90 1.17 46.04
CA LEU F 107 -8.91 0.52 47.34
C LEU F 107 -7.91 -0.63 47.36
N PRO F 108 -7.37 -0.98 48.52
CA PRO F 108 -6.37 -2.04 48.59
C PRO F 108 -6.98 -3.43 48.60
N ASP F 109 -6.14 -4.42 48.30
CA ASP F 109 -6.58 -5.81 48.29
C ASP F 109 -7.04 -6.27 49.66
N ASP F 110 -6.41 -5.77 50.72
CA ASP F 110 -6.78 -6.12 52.09
C ASP F 110 -7.59 -5.01 52.73
N PHE F 111 -8.67 -4.65 52.06
CA PHE F 111 -9.53 -3.55 52.51
C PHE F 111 -10.54 -4.07 53.52
N THR F 112 -10.68 -3.34 54.63
CA THR F 112 -11.70 -3.62 55.64
C THR F 112 -12.52 -2.36 55.83
N GLY F 113 -13.76 -2.39 55.38
CA GLY F 113 -14.62 -1.22 55.48
C GLY F 113 -15.80 -1.34 54.55
N CYS F 114 -16.59 -0.27 54.53
CA CYS F 114 -17.86 -0.26 53.82
C CYS F 114 -17.87 0.82 52.75
N VAL F 115 -18.45 0.48 51.60
CA VAL F 115 -18.69 1.41 50.51
C VAL F 115 -20.18 1.70 50.47
N ILE F 116 -20.54 2.97 50.66
CA ILE F 116 -21.93 3.40 50.73
C ILE F 116 -22.14 4.53 49.74
N ALA F 117 -23.16 4.42 48.91
CA ALA F 117 -23.42 5.41 47.87
C ALA F 117 -24.92 5.61 47.68
N TRP F 118 -25.29 6.79 47.22
CA TRP F 118 -26.69 7.08 46.94
C TRP F 118 -26.80 8.04 45.77
N ASN F 119 -27.94 7.96 45.08
CA ASN F 119 -28.24 8.85 43.97
C ASN F 119 -28.49 10.27 44.47
N SER F 120 -27.74 11.24 43.94
CA SER F 120 -27.85 12.63 44.36
C SER F 120 -28.23 13.55 43.20
N ASN F 121 -28.96 13.01 42.23
CA ASN F 121 -29.42 13.81 41.09
C ASN F 121 -30.16 15.07 41.55
N ASN F 122 -31.10 14.90 42.47
CA ASN F 122 -31.86 16.02 43.01
C ASN F 122 -30.95 17.13 43.54
N LEU F 123 -29.74 16.78 43.98
CA LEU F 123 -28.81 17.75 44.54
C LEU F 123 -27.74 18.19 43.55
N ASP F 124 -27.17 17.27 42.79
CA ASP F 124 -25.98 17.55 41.99
C ASP F 124 -26.28 17.70 40.50
N SER F 125 -27.54 17.82 40.11
CA SER F 125 -27.92 18.05 38.72
C SER F 125 -28.54 19.44 38.56
N LYS F 126 -28.32 20.03 37.39
CA LYS F 126 -28.88 21.33 37.04
C LYS F 126 -29.33 21.34 35.60
N VAL F 127 -30.47 22.00 35.34
CA VAL F 127 -30.86 22.27 33.96
C VAL F 127 -29.72 22.97 33.26
N GLY F 128 -29.33 22.45 32.10
CA GLY F 128 -28.15 22.90 31.40
C GLY F 128 -26.89 22.15 31.75
N GLY F 129 -26.93 21.30 32.77
CA GLY F 129 -25.80 20.49 33.15
C GLY F 129 -24.95 21.11 34.23
N ASN F 130 -24.61 20.33 35.25
CA ASN F 130 -23.65 20.73 36.27
C ASN F 130 -22.29 20.16 35.88
N TYR F 131 -21.33 21.03 35.60
CA TYR F 131 -20.00 20.63 35.15
C TYR F 131 -18.94 20.87 36.23
N ASN F 132 -19.35 20.96 37.49
CA ASN F 132 -18.43 21.33 38.56
C ASN F 132 -17.66 20.16 39.15
N TYR F 133 -18.18 18.95 39.03
CA TYR F 133 -17.45 17.77 39.50
C TYR F 133 -16.48 17.30 38.42
N ARG F 134 -15.24 17.00 38.83
CA ARG F 134 -14.18 16.69 37.88
C ARG F 134 -13.53 15.35 38.20
N TYR F 135 -13.00 14.72 37.16
CA TYR F 135 -12.25 13.47 37.28
C TYR F 135 -10.98 13.56 36.43
N ARG F 136 -10.03 12.71 36.76
CA ARG F 136 -8.77 12.63 36.01
C ARG F 136 -8.89 11.59 34.92
N LEU F 137 -8.56 11.97 33.69
CA LEU F 137 -8.68 11.10 32.53
C LEU F 137 -7.37 10.46 32.12
N PHE F 138 -6.24 11.12 32.38
CA PHE F 138 -4.93 10.66 31.94
C PHE F 138 -3.97 10.63 33.11
N ARG F 139 -3.18 9.57 33.21
CA ARG F 139 -2.13 9.48 34.20
C ARG F 139 -1.04 8.55 33.70
N LYS F 140 0.20 8.86 34.06
CA LYS F 140 1.33 8.07 33.58
C LYS F 140 1.35 6.68 34.19
N SER F 141 0.85 6.52 35.41
CA SER F 141 0.81 5.22 36.06
C SER F 141 -0.42 5.15 36.94
N ASN F 142 -0.84 3.93 37.27
CA ASN F 142 -2.00 3.73 38.12
C ASN F 142 -1.70 4.23 39.53
N LEU F 143 -2.77 4.50 40.27
CA LEU F 143 -2.64 4.97 41.65
C LEU F 143 -2.40 3.80 42.59
N LYS F 144 -1.49 3.99 43.53
CA LYS F 144 -1.38 3.07 44.64
C LYS F 144 -2.61 3.18 45.52
N PRO F 145 -2.98 2.11 46.23
CA PRO F 145 -4.17 2.17 47.10
C PRO F 145 -4.16 3.37 48.02
N PHE F 146 -5.28 4.09 48.05
CA PHE F 146 -5.51 5.26 48.89
C PHE F 146 -4.64 6.45 48.53
N GLU F 147 -3.87 6.38 47.44
CA GLU F 147 -3.10 7.54 46.99
C GLU F 147 -4.05 8.60 46.45
N ARG F 148 -3.61 9.86 46.54
CA ARG F 148 -4.40 10.98 46.05
C ARG F 148 -3.51 11.87 45.19
N ASP F 149 -4.01 12.22 44.00
CA ASP F 149 -3.28 13.06 43.05
C ASP F 149 -4.15 14.26 42.71
N ILE F 150 -3.72 15.44 43.12
CA ILE F 150 -4.39 16.68 42.76
C ILE F 150 -3.54 17.53 41.82
N SER F 151 -2.50 16.95 41.23
CA SER F 151 -1.65 17.69 40.32
C SER F 151 -2.37 17.95 39.00
N THR F 152 -1.92 19.00 38.31
CA THR F 152 -2.49 19.40 37.02
C THR F 152 -1.40 19.63 36.00
N GLU F 153 -0.36 18.81 36.06
CA GLU F 153 0.70 18.85 35.05
C GLU F 153 0.19 18.29 33.73
N ILE F 154 0.72 18.83 32.63
CA ILE F 154 0.20 18.49 31.31
C ILE F 154 0.62 17.08 30.93
N TYR F 155 -0.34 16.28 30.45
CA TYR F 155 -0.10 14.91 30.06
C TYR F 155 0.52 14.85 28.67
N GLN F 156 1.62 14.11 28.52
CA GLN F 156 2.37 14.02 27.28
C GLN F 156 2.04 12.68 26.62
N ALA F 157 1.04 12.69 25.74
CA ALA F 157 0.68 11.49 24.99
C ALA F 157 1.56 11.24 23.79
N GLY F 158 2.42 12.19 23.41
CA GLY F 158 3.23 12.09 22.24
C GLY F 158 4.73 12.12 22.56
N SER F 159 5.52 12.14 21.49
CA SER F 159 6.97 12.17 21.64
C SER F 159 7.45 13.54 22.09
N LYS F 160 6.82 14.60 21.60
CA LYS F 160 7.29 15.95 21.87
C LYS F 160 7.02 16.34 23.32
N PRO F 161 7.99 16.96 24.00
CA PRO F 161 7.71 17.52 25.33
C PRO F 161 6.69 18.64 25.28
N CYS F 162 5.90 18.74 26.35
CA CYS F 162 4.82 19.72 26.42
C CYS F 162 5.27 21.08 26.95
N ASN F 163 6.26 21.10 27.84
CA ASN F 163 6.78 22.33 28.45
C ASN F 163 5.69 23.10 29.20
N GLY F 164 4.73 22.38 29.77
CA GLY F 164 3.72 23.00 30.62
C GLY F 164 2.57 23.67 29.91
N VAL F 165 2.44 23.49 28.60
CA VAL F 165 1.41 24.15 27.82
C VAL F 165 0.58 23.08 27.12
N GLU F 166 -0.72 23.36 26.96
CA GLU F 166 -1.60 22.42 26.27
C GLU F 166 -1.49 22.61 24.76
N GLY F 167 -1.54 21.50 24.05
CA GLY F 167 -1.38 21.54 22.60
C GLY F 167 -1.51 20.16 22.03
N PHE F 168 -0.96 19.99 20.82
CA PHE F 168 -1.08 18.71 20.12
C PHE F 168 -0.41 17.61 20.93
N ASN F 169 -1.19 16.57 21.23
CA ASN F 169 -0.74 15.42 22.02
C ASN F 169 -0.26 15.83 23.40
N CYS F 170 -0.74 16.97 23.90
CA CYS F 170 -0.47 17.45 25.25
C CYS F 170 -1.82 17.80 25.87
N TYR F 171 -2.28 16.97 26.80
CA TYR F 171 -3.64 17.04 27.31
C TYR F 171 -3.67 17.58 28.73
N PHE F 172 -4.69 18.38 29.04
CA PHE F 172 -4.96 18.69 30.43
C PHE F 172 -5.53 17.45 31.10
N PRO F 173 -5.03 17.08 32.29
CA PRO F 173 -5.35 15.74 32.83
C PRO F 173 -6.77 15.58 33.34
N LEU F 174 -7.48 16.66 33.64
CA LEU F 174 -8.81 16.56 34.23
C LEU F 174 -9.89 16.79 33.18
N GLN F 175 -11.09 16.31 33.51
CA GLN F 175 -12.29 16.53 32.73
C GLN F 175 -13.47 16.65 33.68
N SER F 176 -14.55 17.26 33.20
CA SER F 176 -15.76 17.43 33.99
C SER F 176 -16.81 16.40 33.61
N TYR F 177 -17.53 15.91 34.62
CA TYR F 177 -18.77 15.21 34.35
C TYR F 177 -19.81 16.18 33.78
N GLY F 178 -20.79 15.62 33.09
CA GLY F 178 -21.94 16.39 32.66
C GLY F 178 -23.19 15.86 33.29
N PHE F 179 -23.62 16.48 34.39
CA PHE F 179 -24.71 15.94 35.21
C PHE F 179 -25.99 16.70 34.90
N GLN F 180 -26.79 16.14 33.99
CA GLN F 180 -28.09 16.64 33.58
C GLN F 180 -29.18 15.94 34.39
N PRO F 181 -30.17 16.69 34.90
CA PRO F 181 -31.20 16.06 35.73
C PRO F 181 -31.99 15.00 35.00
N THR F 182 -32.00 15.03 33.67
CA THR F 182 -32.90 14.22 32.86
C THR F 182 -32.21 13.01 32.24
N ASN F 183 -30.92 12.82 32.47
CA ASN F 183 -30.18 11.74 31.82
C ASN F 183 -30.47 10.40 32.50
N GLY F 184 -29.94 9.33 31.93
CA GLY F 184 -30.13 8.01 32.50
C GLY F 184 -29.40 7.86 33.83
N VAL F 185 -29.94 6.96 34.66
CA VAL F 185 -29.42 6.81 36.03
C VAL F 185 -27.94 6.47 36.01
N GLY F 186 -27.50 5.66 35.05
CA GLY F 186 -26.10 5.33 34.95
C GLY F 186 -25.20 6.53 34.73
N TYR F 187 -25.75 7.63 34.23
CA TYR F 187 -24.99 8.86 33.99
C TYR F 187 -25.29 9.93 35.03
N GLN F 188 -26.05 9.60 36.06
CA GLN F 188 -26.45 10.55 37.10
C GLN F 188 -25.42 10.58 38.22
N PRO F 189 -25.34 11.69 38.95
CA PRO F 189 -24.35 11.80 40.02
C PRO F 189 -24.74 10.97 41.24
N TYR F 190 -23.73 10.35 41.86
CA TYR F 190 -23.92 9.54 43.04
C TYR F 190 -22.91 9.98 44.10
N ARG F 191 -23.39 10.23 45.32
CA ARG F 191 -22.50 10.55 46.42
C ARG F 191 -22.01 9.26 47.06
N VAL F 192 -20.70 9.19 47.31
CA VAL F 192 -20.08 7.98 47.85
C VAL F 192 -19.34 8.32 49.14
N VAL F 193 -19.44 7.44 50.13
CA VAL F 193 -18.67 7.51 51.37
C VAL F 193 -18.02 6.14 51.58
N VAL F 194 -16.69 6.13 51.66
CA VAL F 194 -15.95 4.90 51.93
C VAL F 194 -15.46 4.97 53.37
N LEU F 195 -15.97 4.08 54.21
CA LEU F 195 -15.58 4.00 55.61
C LEU F 195 -14.50 2.95 55.77
N SER F 196 -13.38 3.32 56.38
CA SER F 196 -12.25 2.42 56.61
C SER F 196 -12.02 2.23 58.10
N PHE F 197 -11.79 0.98 58.50
CA PHE F 197 -11.67 0.61 59.91
C PHE F 197 -10.24 0.18 60.22
N GLU F 198 -9.66 0.78 61.27
CA GLU F 198 -8.27 0.55 61.64
C GLU F 198 -8.20 0.15 63.11
N LEU F 199 -7.61 -1.02 63.39
CA LEU F 199 -7.45 -1.51 64.76
C LEU F 199 -5.96 -1.69 65.05
N LEU F 200 -5.47 -0.95 66.05
CA LEU F 200 -4.08 -0.99 66.49
C LEU F 200 -3.97 -1.67 67.85
N HIS F 201 -2.72 -1.95 68.25
CA HIS F 201 -2.41 -2.46 69.59
C HIS F 201 -2.48 -1.29 70.58
N ALA F 202 -3.69 -0.84 70.86
CA ALA F 202 -3.89 0.43 71.53
C ALA F 202 -5.31 0.45 72.10
N PRO F 203 -5.64 1.45 72.92
CA PRO F 203 -7.05 1.63 73.31
C PRO F 203 -7.91 1.88 72.09
N ALA F 204 -9.00 1.12 71.97
CA ALA F 204 -9.94 1.27 70.87
C ALA F 204 -10.95 2.33 71.27
N THR F 205 -10.77 3.55 70.74
CA THR F 205 -11.55 4.70 71.16
C THR F 205 -12.73 5.00 70.26
N VAL F 206 -12.88 4.28 69.15
CA VAL F 206 -14.07 4.38 68.31
C VAL F 206 -14.88 3.11 68.56
N CYS F 207 -15.94 3.25 69.36
CA CYS F 207 -16.77 2.13 69.75
C CYS F 207 -18.19 2.31 69.24
N GLY F 208 -19.05 1.39 69.65
CA GLY F 208 -20.45 1.48 69.36
C GLY F 208 -21.27 1.17 70.61
N PRO F 209 -22.57 1.50 70.57
CA PRO F 209 -23.54 1.22 71.64
C PRO F 209 -23.36 -0.14 72.33
N GLN G 1 18.71 -0.13 71.98
CA GLN G 1 18.36 -1.33 71.24
C GLN G 1 17.71 -0.98 69.89
N VAL G 2 16.60 -0.25 69.93
CA VAL G 2 15.91 0.19 68.71
C VAL G 2 16.57 1.49 68.25
N GLN G 3 17.26 1.44 67.12
CA GLN G 3 18.04 2.59 66.69
C GLN G 3 18.14 2.63 65.17
N LEU G 4 18.36 3.83 64.65
CA LEU G 4 18.75 4.07 63.26
C LEU G 4 20.10 4.74 63.25
N VAL G 5 21.00 4.27 62.38
CA VAL G 5 22.36 4.78 62.29
C VAL G 5 22.63 5.20 60.85
N GLN G 6 23.07 6.44 60.67
CA GLN G 6 23.33 7.01 59.35
C GLN G 6 24.85 7.11 59.12
N SER G 7 25.22 7.65 57.97
CA SER G 7 26.62 7.82 57.61
C SER G 7 27.11 9.21 58.03
N GLY G 8 28.33 9.56 57.62
CA GLY G 8 28.87 10.87 57.92
C GLY G 8 29.46 11.57 56.71
N ALA G 9 29.26 10.98 55.53
CA ALA G 9 29.88 11.47 54.30
C ALA G 9 29.45 12.91 54.02
N GLN G 10 30.42 13.81 53.90
CA GLN G 10 30.11 15.23 53.88
C GLN G 10 30.57 15.92 52.60
N LEU G 11 31.86 16.20 52.50
CA LEU G 11 32.36 17.06 51.44
C LEU G 11 32.15 16.42 50.07
N LYS G 12 31.59 17.20 49.15
CA LYS G 12 31.38 16.79 47.77
C LYS G 12 31.34 18.05 46.93
N LYS G 13 31.62 17.89 45.64
CA LYS G 13 31.64 19.03 44.74
C LYS G 13 30.38 19.05 43.87
N PRO G 14 29.99 20.22 43.37
CA PRO G 14 28.74 20.30 42.59
C PRO G 14 28.81 19.43 41.34
N GLY G 15 27.67 18.83 41.00
CA GLY G 15 27.60 17.92 39.87
C GLY G 15 28.06 16.51 40.17
N GLU G 16 28.53 16.23 41.39
CA GLU G 16 28.90 14.89 41.78
C GLU G 16 27.70 14.17 42.39
N SER G 17 27.81 12.84 42.47
CA SER G 17 26.75 12.01 43.02
C SER G 17 27.08 11.61 44.45
N LEU G 18 26.03 11.41 45.25
CA LEU G 18 26.19 10.97 46.62
C LEU G 18 25.01 10.08 47.01
N LYS G 19 25.31 9.02 47.76
CA LYS G 19 24.29 8.17 48.36
C LYS G 19 24.61 8.04 49.85
N ILE G 20 23.65 8.41 50.69
CA ILE G 20 23.78 8.23 52.13
C ILE G 20 22.79 7.15 52.56
N SER G 21 23.04 6.60 53.76
CA SER G 21 22.37 5.39 54.20
C SER G 21 21.80 5.54 55.61
N CYS G 22 20.89 4.64 55.94
CA CYS G 22 20.20 4.66 57.24
C CYS G 22 19.91 3.22 57.62
N LYS G 23 20.60 2.70 58.64
CA LYS G 23 20.55 1.29 59.02
C LYS G 23 19.77 1.12 60.31
N GLY G 24 18.81 0.20 60.31
CA GLY G 24 17.98 -0.06 61.47
C GLY G 24 18.40 -1.30 62.25
N SER G 25 18.15 -1.26 63.56
CA SER G 25 18.37 -2.42 64.41
C SER G 25 17.32 -2.40 65.51
N GLY G 26 17.17 -3.54 66.17
CA GLY G 26 16.25 -3.70 67.28
C GLY G 26 14.82 -3.98 66.90
N TYR G 27 14.49 -4.01 65.60
CA TYR G 27 13.12 -4.19 65.15
C TYR G 27 13.11 -4.78 63.76
N ASN G 28 11.91 -5.10 63.28
CA ASN G 28 11.71 -5.68 61.95
C ASN G 28 11.65 -4.57 60.92
N PHE G 29 12.70 -4.48 60.11
CA PHE G 29 12.81 -3.38 59.14
C PHE G 29 11.66 -3.38 58.15
N SER G 30 11.16 -4.56 57.78
CA SER G 30 10.17 -4.62 56.70
C SER G 30 8.82 -4.06 57.13
N ARG G 31 8.53 -4.04 58.42
CA ARG G 31 7.19 -3.71 58.88
C ARG G 31 6.98 -2.24 59.21
N TYR G 32 8.01 -1.42 59.16
CA TYR G 32 7.91 -0.01 59.52
C TYR G 32 8.39 0.89 58.40
N TRP G 33 7.78 2.06 58.26
CA TRP G 33 8.18 3.03 57.26
C TRP G 33 9.41 3.81 57.71
N ILE G 34 10.09 4.42 56.74
CA ILE G 34 11.23 5.30 56.98
C ILE G 34 11.00 6.59 56.22
N ALA G 35 11.30 7.72 56.86
CA ALA G 35 11.24 9.02 56.21
C ALA G 35 12.61 9.68 56.23
N TRP G 36 12.89 10.46 55.19
CA TRP G 36 14.05 11.34 55.16
C TRP G 36 13.59 12.76 55.45
N VAL G 37 14.20 13.40 56.44
CA VAL G 37 13.89 14.77 56.81
C VAL G 37 15.14 15.61 56.63
N ARG G 38 15.01 16.72 55.92
CA ARG G 38 16.13 17.62 55.71
C ARG G 38 16.04 18.84 56.61
N HIS G 39 17.16 19.22 57.19
CA HIS G 39 17.30 20.42 58.01
C HIS G 39 18.23 21.36 57.27
N MET G 40 17.67 22.11 56.33
CA MET G 40 18.47 22.98 55.50
C MET G 40 18.93 24.21 56.29
N PRO G 41 20.02 24.85 55.87
CA PRO G 41 20.57 25.97 56.64
C PRO G 41 19.57 27.11 56.77
N GLY G 42 19.33 27.52 58.01
CA GLY G 42 18.42 28.62 58.30
C GLY G 42 16.96 28.28 58.21
N LYS G 43 16.61 27.04 57.84
CA LYS G 43 15.23 26.62 57.72
C LYS G 43 14.89 25.63 58.85
N GLY G 44 13.73 25.01 58.75
CA GLY G 44 13.29 24.04 59.74
C GLY G 44 13.45 22.61 59.29
N LEU G 45 12.40 21.80 59.49
CA LEU G 45 12.40 20.39 59.12
C LEU G 45 11.36 20.14 58.05
N GLU G 46 11.75 19.45 56.98
CA GLU G 46 10.86 19.16 55.87
C GLU G 46 11.05 17.72 55.44
N VAL G 47 9.95 17.01 55.22
CA VAL G 47 10.00 15.62 54.80
C VAL G 47 10.27 15.56 53.30
N MET G 48 11.30 14.82 52.91
CA MET G 48 11.64 14.64 51.51
C MET G 48 10.87 13.50 50.86
N GLY G 49 10.68 12.41 51.59
CA GLY G 49 10.02 11.24 51.04
C GLY G 49 10.03 10.14 52.07
N ILE G 50 9.23 9.11 51.77
CA ILE G 50 9.04 7.98 52.68
C ILE G 50 9.11 6.69 51.87
N ILE G 51 9.44 5.60 52.56
CA ILE G 51 9.55 4.30 51.91
C ILE G 51 9.14 3.21 52.90
N TYR G 52 8.37 2.23 52.40
CA TYR G 52 8.07 0.98 53.07
C TYR G 52 9.03 -0.08 52.56
N PRO G 53 9.80 -0.75 53.41
CA PRO G 53 10.87 -1.63 52.90
C PRO G 53 10.38 -2.95 52.32
N ASP G 54 9.28 -3.51 52.81
CA ASP G 54 8.83 -4.81 52.33
C ASP G 54 8.55 -4.77 50.83
N ASP G 55 7.66 -3.88 50.40
CA ASP G 55 7.54 -3.50 49.00
C ASP G 55 8.07 -2.08 48.86
N SER G 56 9.07 -1.89 48.01
CA SER G 56 9.73 -0.58 47.95
C SER G 56 8.78 0.51 47.49
N ASP G 57 7.70 0.74 48.27
CA ASP G 57 6.71 1.77 47.99
C ASP G 57 7.29 3.10 48.43
N THR G 58 7.56 3.98 47.46
CA THR G 58 8.26 5.24 47.72
C THR G 58 7.42 6.41 47.24
N ARG G 59 7.03 7.29 48.17
CA ARG G 59 6.40 8.56 47.84
C ARG G 59 7.43 9.68 47.99
N TYR G 60 7.39 10.64 47.07
CA TYR G 60 8.36 11.73 47.02
C TYR G 60 7.66 13.07 47.20
N SER G 61 8.29 13.94 47.98
CA SER G 61 7.79 15.31 48.11
C SER G 61 7.98 16.06 46.79
N PRO G 62 7.05 16.94 46.42
CA PRO G 62 7.20 17.66 45.14
C PRO G 62 8.46 18.48 45.03
N SER G 63 9.05 18.91 46.16
CA SER G 63 10.23 19.77 46.09
C SER G 63 11.47 18.99 45.66
N VAL G 64 11.55 17.70 45.99
CA VAL G 64 12.73 16.91 45.66
C VAL G 64 12.50 15.96 44.49
N ARG G 65 11.30 15.95 43.91
CA ARG G 65 10.96 14.99 42.87
C ARG G 65 11.85 15.16 41.64
N GLY G 66 12.57 14.10 41.29
CA GLY G 66 13.45 14.11 40.16
C GLY G 66 14.90 14.42 40.48
N GLN G 67 15.15 15.00 41.65
CA GLN G 67 16.52 15.33 42.05
C GLN G 67 17.15 14.23 42.88
N VAL G 68 16.35 13.46 43.60
CA VAL G 68 16.83 12.42 44.50
C VAL G 68 16.08 11.12 44.23
N THR G 69 16.69 10.01 44.68
CA THR G 69 16.08 8.69 44.60
C THR G 69 16.20 8.03 45.97
N ILE G 70 15.08 7.50 46.47
CA ILE G 70 15.04 6.78 47.74
C ILE G 70 14.86 5.30 47.44
N SER G 71 15.57 4.46 48.18
CA SER G 71 15.52 3.02 47.97
C SER G 71 15.76 2.30 49.29
N ALA G 72 15.49 1.00 49.27
CA ALA G 72 15.68 0.16 50.44
C ALA G 72 16.22 -1.20 50.02
N ASP G 73 16.95 -1.84 50.93
CA ASP G 73 17.40 -3.22 50.77
C ASP G 73 17.03 -3.95 52.05
N LYS G 74 15.94 -4.72 52.02
CA LYS G 74 15.48 -5.35 53.25
C LYS G 74 16.48 -6.37 53.78
N SER G 75 17.20 -7.04 52.87
CA SER G 75 18.19 -8.04 53.28
C SER G 75 19.13 -7.49 54.34
N THR G 76 19.63 -6.27 54.14
CA THR G 76 20.61 -5.67 55.04
C THR G 76 20.02 -4.54 55.88
N SER G 77 18.70 -4.41 55.92
CA SER G 77 18.00 -3.47 56.80
C SER G 77 18.55 -2.06 56.67
N ILE G 78 18.66 -1.59 55.42
CA ILE G 78 19.25 -0.29 55.13
C ILE G 78 18.37 0.45 54.14
N VAL G 79 18.20 1.75 54.37
CA VAL G 79 17.48 2.65 53.49
C VAL G 79 18.46 3.68 52.97
N TYR G 80 18.31 4.08 51.71
CA TYR G 80 19.23 5.00 51.07
C TYR G 80 18.52 6.29 50.64
N LEU G 81 19.35 7.32 50.48
CA LEU G 81 18.97 8.56 49.81
C LEU G 81 20.11 8.92 48.86
N GLN G 82 19.79 9.12 47.59
CA GLN G 82 20.82 9.31 46.57
C GLN G 82 20.54 10.56 45.75
N TRP G 83 21.58 11.35 45.51
CA TRP G 83 21.52 12.48 44.59
C TRP G 83 22.25 12.12 43.31
N SER G 84 21.62 12.39 42.16
CA SER G 84 22.30 12.19 40.89
C SER G 84 23.36 13.25 40.67
N SER G 85 22.99 14.52 40.76
CA SER G 85 23.91 15.64 40.59
C SER G 85 23.68 16.64 41.72
N LEU G 86 24.61 16.68 42.67
CA LEU G 86 24.49 17.58 43.81
C LEU G 86 24.64 19.02 43.37
N LYS G 87 23.86 19.90 44.00
CA LYS G 87 24.02 21.34 43.87
C LYS G 87 24.49 21.91 45.20
N ALA G 88 25.02 23.13 45.16
CA ALA G 88 25.43 23.79 46.40
C ALA G 88 24.24 23.97 47.34
N SER G 89 23.07 24.26 46.78
CA SER G 89 21.86 24.42 47.58
C SER G 89 21.52 23.16 48.36
N ASP G 90 22.03 22.00 47.96
CA ASP G 90 21.80 20.73 48.65
C ASP G 90 22.55 20.61 49.96
N THR G 91 23.36 21.61 50.34
CA THR G 91 24.10 21.55 51.58
C THR G 91 23.15 21.64 52.77
N GLY G 92 23.34 20.76 53.75
CA GLY G 92 22.50 20.75 54.93
C GLY G 92 22.68 19.46 55.71
N ILE G 93 21.81 19.28 56.70
CA ILE G 93 21.81 18.08 57.52
C ILE G 93 20.58 17.25 57.16
N TYR G 94 20.76 15.93 57.11
CA TYR G 94 19.71 15.03 56.67
C TYR G 94 19.52 13.92 57.71
N TYR G 95 18.30 13.82 58.24
CA TYR G 95 17.94 12.79 59.19
C TYR G 95 17.03 11.78 58.53
N CYS G 96 17.17 10.52 58.93
CA CYS G 96 16.14 9.52 58.70
C CYS G 96 15.40 9.26 60.01
N ALA G 97 14.16 8.81 59.88
CA ALA G 97 13.34 8.55 61.06
C ALA G 97 12.30 7.49 60.72
N ARG G 98 11.99 6.65 61.70
CA ARG G 98 11.02 5.59 61.54
C ARG G 98 9.63 6.08 61.91
N PHE G 99 8.62 5.57 61.21
CA PHE G 99 7.24 5.84 61.60
C PHE G 99 6.36 4.68 61.18
N GLY G 100 5.28 4.46 61.93
CA GLY G 100 4.38 3.36 61.66
C GLY G 100 4.03 2.58 62.90
N ALA G 101 2.93 1.83 62.85
CA ALA G 101 2.49 1.00 63.96
C ALA G 101 3.13 -0.39 63.94
N GLY G 102 3.76 -0.77 62.83
CA GLY G 102 4.42 -2.05 62.71
C GLY G 102 3.52 -3.20 62.30
N MET G 103 2.22 -2.97 62.17
CA MET G 103 1.29 -4.05 61.86
C MET G 103 1.03 -4.14 60.35
N THR G 104 0.39 -5.23 59.97
CA THR G 104 0.01 -5.50 58.58
C THR G 104 -1.46 -5.12 58.37
N GLY G 105 -1.94 -5.32 57.15
CA GLY G 105 -3.32 -4.99 56.88
C GLY G 105 -3.53 -3.48 56.77
N MET G 106 -4.76 -3.07 57.06
CA MET G 106 -5.15 -1.66 56.92
C MET G 106 -4.22 -0.65 57.58
N PRO G 107 -3.70 -0.86 58.79
CA PRO G 107 -2.92 0.23 59.44
C PRO G 107 -1.74 0.73 58.62
N ARG G 108 -1.13 -0.09 57.76
CA ARG G 108 0.04 0.38 57.02
C ARG G 108 -0.32 1.52 56.07
N TYR G 109 -1.57 1.58 55.64
CA TYR G 109 -2.00 2.63 54.72
C TYR G 109 -2.22 3.95 55.42
N PHE G 110 -2.24 3.97 56.76
CA PHE G 110 -2.43 5.19 57.52
C PHE G 110 -1.26 5.45 58.48
N ASP G 111 -0.12 4.83 58.23
CA ASP G 111 1.03 5.06 59.10
C ASP G 111 1.54 6.49 59.00
N THR G 112 1.19 7.21 57.93
CA THR G 112 1.62 8.60 57.80
C THR G 112 0.88 9.53 58.75
N THR G 113 -0.14 9.06 59.46
CA THR G 113 -0.81 9.86 60.48
C THR G 113 -0.18 9.66 61.86
N ARG G 114 1.06 9.20 61.92
CA ARG G 114 1.69 8.91 63.21
C ARG G 114 3.03 9.63 63.30
N TRP G 115 3.85 9.25 64.28
CA TRP G 115 5.01 10.05 64.66
C TRP G 115 6.32 9.34 64.31
N PHE G 116 7.39 10.13 64.30
CA PHE G 116 8.74 9.62 64.03
C PHE G 116 9.40 9.30 65.36
N ASP G 117 9.44 8.01 65.73
CA ASP G 117 9.83 7.74 67.11
C ASP G 117 11.33 7.50 67.25
N PRO G 118 11.96 6.59 66.47
CA PRO G 118 13.43 6.56 66.48
C PRO G 118 13.98 7.46 65.39
N TRP G 119 14.87 8.38 65.77
CA TRP G 119 15.51 9.28 64.82
C TRP G 119 16.96 8.88 64.62
N GLY G 120 17.44 9.01 63.40
CA GLY G 120 18.85 8.82 63.14
C GLY G 120 19.69 9.95 63.69
N GLN G 121 21.00 9.72 63.68
CA GLN G 121 21.94 10.73 64.18
C GLN G 121 21.96 11.96 63.28
N GLY G 122 21.86 11.77 61.98
CA GLY G 122 21.91 12.87 61.02
C GLY G 122 23.24 12.87 60.29
N THR G 123 23.19 13.23 59.01
CA THR G 123 24.37 13.27 58.16
C THR G 123 24.56 14.71 57.68
N GLN G 124 25.73 15.28 57.98
CA GLN G 124 26.08 16.57 57.41
C GLN G 124 26.57 16.38 55.99
N VAL G 125 25.96 17.10 55.05
CA VAL G 125 26.34 17.06 53.65
C VAL G 125 26.71 18.47 53.24
N THR G 126 27.95 18.67 52.80
CA THR G 126 28.45 19.99 52.41
C THR G 126 28.90 19.91 50.95
N VAL G 127 28.21 20.64 50.08
CA VAL G 127 28.55 20.71 48.67
C VAL G 127 29.24 22.05 48.42
N SER G 128 30.47 22.00 47.94
CA SER G 128 31.26 23.22 47.77
C SER G 128 32.16 23.10 46.55
N SER G 129 32.39 24.23 45.89
CA SER G 129 33.32 24.32 44.77
C SER G 129 34.76 24.54 45.22
N ALA G 130 35.02 24.57 46.52
CA ALA G 130 36.31 24.98 47.04
C ALA G 130 37.33 23.86 46.93
N SER G 131 38.51 24.18 46.41
CA SER G 131 39.67 23.32 46.53
C SER G 131 40.42 23.68 47.80
N THR G 132 41.14 22.71 48.35
CA THR G 132 41.85 22.92 49.60
C THR G 132 42.91 24.02 49.42
N LYS G 133 42.83 25.06 50.26
CA LYS G 133 43.70 26.21 50.17
C LYS G 133 44.26 26.53 51.56
N GLY G 134 45.51 26.99 51.60
CA GLY G 134 46.15 27.38 52.82
C GLY G 134 45.74 28.77 53.30
N PRO G 135 45.87 29.01 54.60
CA PRO G 135 45.49 30.30 55.15
C PRO G 135 46.57 31.36 54.94
N SER G 136 46.11 32.61 54.95
CA SER G 136 46.99 33.78 55.05
C SER G 136 46.77 34.40 56.42
N VAL G 137 47.84 34.52 57.20
CA VAL G 137 47.76 35.01 58.56
C VAL G 137 48.31 36.43 58.61
N PHE G 138 47.52 37.35 59.18
CA PHE G 138 47.88 38.76 59.27
C PHE G 138 47.75 39.25 60.70
N PRO G 139 48.61 40.17 61.14
CA PRO G 139 48.59 40.60 62.54
C PRO G 139 47.40 41.52 62.77
N LEU G 140 46.73 41.32 63.90
CA LEU G 140 45.69 42.22 64.40
C LEU G 140 46.30 43.10 65.48
N ALA G 141 46.55 44.36 65.14
CA ALA G 141 47.26 45.27 66.01
C ALA G 141 46.43 45.61 67.24
N PRO G 142 47.08 45.84 68.39
CA PRO G 142 46.36 46.11 69.63
C PRO G 142 45.41 47.28 69.49
N SER G 143 44.18 47.07 69.97
CA SER G 143 43.17 48.12 69.99
C SER G 143 42.36 47.99 71.27
N SER G 144 41.67 49.07 71.62
CA SER G 144 41.01 49.15 72.92
C SER G 144 39.74 48.32 72.93
N LYS G 145 39.58 47.50 73.98
CA LYS G 145 38.36 46.72 74.20
C LYS G 145 37.43 47.41 75.18
N SER G 146 37.93 47.73 76.38
CA SER G 146 37.18 48.48 77.38
C SER G 146 38.08 49.56 77.93
N THR G 147 37.62 50.82 77.86
CA THR G 147 38.42 51.94 78.34
C THR G 147 38.34 52.10 79.86
N SER G 148 37.19 51.75 80.46
CA SER G 148 37.08 51.79 81.91
C SER G 148 37.91 50.67 82.54
N GLY G 149 37.82 49.47 81.99
CA GLY G 149 38.64 48.37 82.46
C GLY G 149 40.11 48.48 82.08
N GLY G 150 40.41 49.26 81.05
CA GLY G 150 41.79 49.39 80.60
C GLY G 150 42.29 48.19 79.83
N THR G 151 41.40 47.45 79.20
CA THR G 151 41.77 46.24 78.46
C THR G 151 41.91 46.56 76.98
N ALA G 152 42.93 45.96 76.36
CA ALA G 152 43.14 46.02 74.93
C ALA G 152 43.28 44.59 74.40
N ALA G 153 42.94 44.41 73.14
CA ALA G 153 43.00 43.10 72.50
C ALA G 153 43.94 43.15 71.32
N LEU G 154 44.90 42.22 71.30
CA LEU G 154 45.77 42.00 70.15
C LEU G 154 45.62 40.54 69.70
N GLY G 155 45.76 40.32 68.41
CA GLY G 155 45.58 38.98 67.89
C GLY G 155 46.11 38.85 66.49
N CYS G 156 45.71 37.76 65.83
CA CYS G 156 46.08 37.51 64.45
C CYS G 156 44.86 36.99 63.69
N LEU G 157 44.86 37.24 62.38
CA LEU G 157 43.73 36.92 61.51
C LEU G 157 44.13 35.79 60.58
N VAL G 158 43.34 34.73 60.59
CA VAL G 158 43.53 33.58 59.71
C VAL G 158 42.47 33.69 58.60
N LYS G 159 42.90 33.98 57.38
CA LYS G 159 42.01 34.40 56.32
C LYS G 159 42.09 33.44 55.13
N ASP G 160 40.92 33.15 54.53
CA ASP G 160 40.77 32.43 53.27
C ASP G 160 41.40 31.04 53.34
N TYR G 161 40.79 30.19 54.17
CA TYR G 161 41.25 28.82 54.32
C TYR G 161 40.10 27.84 54.12
N PHE G 162 40.44 26.66 53.59
CA PHE G 162 39.50 25.59 53.34
C PHE G 162 40.26 24.27 53.36
N PRO G 163 39.70 23.20 53.93
CA PRO G 163 38.45 23.23 54.69
C PRO G 163 38.75 23.46 56.16
N GLU G 164 37.71 23.56 56.98
CA GLU G 164 37.92 23.47 58.42
C GLU G 164 38.53 22.11 58.73
N PRO G 165 39.28 21.98 59.83
CA PRO G 165 39.58 22.95 60.90
C PRO G 165 40.98 23.57 60.86
N VAL G 166 41.11 24.71 61.53
CA VAL G 166 42.40 25.28 61.89
C VAL G 166 42.51 25.31 63.41
N THR G 167 43.72 25.12 63.91
CA THR G 167 44.03 25.22 65.32
C THR G 167 45.03 26.35 65.53
N VAL G 168 44.83 27.13 66.59
CA VAL G 168 45.67 28.28 66.88
C VAL G 168 46.11 28.21 68.34
N SER G 169 47.43 28.29 68.55
CA SER G 169 48.01 28.41 69.88
C SER G 169 48.74 29.74 69.99
N TRP G 170 49.05 30.15 71.20
CA TRP G 170 49.71 31.44 71.44
C TRP G 170 50.97 31.22 72.27
N ASN G 171 52.09 31.71 71.75
CA ASN G 171 53.40 31.55 72.39
C ASN G 171 53.72 30.07 72.62
N SER G 172 53.38 29.23 71.62
CA SER G 172 53.68 27.81 71.63
C SER G 172 53.10 27.09 72.84
N GLY G 173 51.96 27.58 73.34
CA GLY G 173 51.29 26.97 74.47
C GLY G 173 51.54 27.64 75.81
N ALA G 174 52.50 28.57 75.88
CA ALA G 174 52.75 29.28 77.13
C ALA G 174 51.56 30.15 77.50
N LEU G 175 50.90 30.76 76.51
CA LEU G 175 49.79 31.67 76.74
C LEU G 175 48.48 30.90 76.56
N THR G 176 47.73 30.75 77.65
CA THR G 176 46.40 30.16 77.62
C THR G 176 45.32 31.09 78.13
N SER G 177 45.64 32.00 79.04
CA SER G 177 44.67 32.90 79.65
C SER G 177 44.49 34.14 78.79
N GLY G 178 43.24 34.60 78.70
CA GLY G 178 42.91 35.74 77.87
C GLY G 178 42.82 35.44 76.39
N VAL G 179 43.00 34.19 75.98
CA VAL G 179 42.94 33.81 74.57
C VAL G 179 41.51 33.48 74.20
N HIS G 180 41.03 34.11 73.13
CA HIS G 180 39.69 33.86 72.60
C HIS G 180 39.84 33.57 71.11
N THR G 181 39.63 32.33 70.72
CA THR G 181 39.67 31.91 69.32
C THR G 181 38.24 31.87 68.80
N PHE G 182 37.90 32.80 67.91
CA PHE G 182 36.52 32.95 67.50
C PHE G 182 36.13 31.87 66.48
N PRO G 183 34.87 31.44 66.50
CA PRO G 183 34.37 30.60 65.41
C PRO G 183 34.53 31.31 64.08
N ALA G 184 34.73 30.52 63.04
CA ALA G 184 35.07 31.07 61.74
C ALA G 184 33.82 31.49 60.97
N VAL G 185 34.00 32.42 60.04
CA VAL G 185 32.97 32.84 59.12
C VAL G 185 33.20 32.12 57.79
N LEU G 186 32.10 31.79 57.12
CA LEU G 186 32.16 31.24 55.77
C LEU G 186 31.73 32.33 54.81
N GLN G 187 32.68 32.87 54.04
CA GLN G 187 32.37 33.95 53.12
C GLN G 187 31.71 33.41 51.86
N SER G 188 31.09 34.33 51.11
CA SER G 188 30.46 33.97 49.85
C SER G 188 31.45 33.35 48.87
N SER G 189 32.75 33.61 49.06
CA SER G 189 33.76 32.97 48.23
C SER G 189 33.77 31.46 48.40
N GLY G 190 33.27 30.95 49.52
CA GLY G 190 33.40 29.56 49.87
C GLY G 190 34.56 29.25 50.79
N LEU G 191 35.29 30.28 51.24
CA LEU G 191 36.46 30.14 52.09
C LEU G 191 36.13 30.60 53.49
N TYR G 192 36.91 30.11 54.44
CA TYR G 192 36.71 30.41 55.86
C TYR G 192 37.72 31.46 56.33
N SER G 193 37.28 32.27 57.30
CA SER G 193 38.15 33.23 57.97
C SER G 193 37.87 33.18 59.46
N LEU G 194 38.94 33.29 60.25
CA LEU G 194 38.86 33.10 61.69
C LEU G 194 39.79 34.09 62.37
N SER G 195 39.43 34.48 63.60
CA SER G 195 40.23 35.44 64.36
C SER G 195 40.41 34.95 65.79
N SER G 196 41.60 35.17 66.33
CA SER G 196 41.96 34.80 67.69
C SER G 196 42.65 35.99 68.34
N VAL G 197 42.20 36.36 69.55
CA VAL G 197 42.68 37.57 70.20
C VAL G 197 43.00 37.29 71.66
N VAL G 198 44.09 37.90 72.12
CA VAL G 198 44.47 37.91 73.53
C VAL G 198 44.04 39.23 74.13
N THR G 199 43.42 39.17 75.31
CA THR G 199 42.99 40.38 76.02
C THR G 199 43.98 40.66 77.14
N VAL G 200 44.59 41.84 77.10
CA VAL G 200 45.66 42.21 78.02
C VAL G 200 45.38 43.60 78.56
N PRO G 201 46.04 43.99 79.65
CA PRO G 201 45.97 45.39 80.09
C PRO G 201 46.75 46.28 79.15
N SER G 202 46.22 47.48 78.90
CA SER G 202 46.81 48.36 77.90
C SER G 202 48.14 48.93 78.37
N SER G 203 48.36 49.01 79.69
CA SER G 203 49.66 49.44 80.18
C SER G 203 50.72 48.36 80.00
N SER G 204 50.32 47.09 79.90
CA SER G 204 51.27 46.01 79.73
C SER G 204 51.86 45.93 78.33
N LEU G 205 51.29 46.64 77.36
CA LEU G 205 51.75 46.56 75.98
C LEU G 205 53.20 47.03 75.88
N GLY G 206 54.02 46.27 75.15
CA GLY G 206 55.42 46.57 75.03
C GLY G 206 56.30 45.88 76.05
N THR G 207 55.71 45.11 76.97
CA THR G 207 56.50 44.27 77.87
C THR G 207 56.55 42.86 77.31
N GLN G 208 55.40 42.20 77.27
CA GLN G 208 55.32 40.83 76.78
C GLN G 208 55.39 40.78 75.26
N THR G 209 55.87 39.64 74.75
CA THR G 209 55.93 39.37 73.31
C THR G 209 54.95 38.26 72.98
N TYR G 210 54.17 38.46 71.92
CA TYR G 210 53.09 37.55 71.57
C TYR G 210 53.31 37.01 70.15
N ILE G 211 53.42 35.69 70.04
CA ILE G 211 53.60 35.03 68.75
C ILE G 211 52.41 34.11 68.49
N CYS G 212 51.96 34.08 67.24
CA CYS G 212 50.69 33.48 66.83
C CYS G 212 50.97 32.17 66.09
N ASN G 213 50.73 31.04 66.76
CA ASN G 213 51.04 29.71 66.21
C ASN G 213 49.78 29.11 65.59
N VAL G 214 49.74 29.03 64.27
CA VAL G 214 48.59 28.54 63.52
C VAL G 214 49.00 27.28 62.77
N ASN G 215 48.10 26.31 62.74
CA ASN G 215 48.30 25.06 62.00
C ASN G 215 47.02 24.72 61.26
N HIS G 216 47.15 24.40 59.97
CA HIS G 216 46.03 23.97 59.12
C HIS G 216 46.49 22.68 58.43
N LYS G 217 46.22 21.54 59.08
CA LYS G 217 46.68 20.25 58.57
C LYS G 217 46.29 19.95 57.13
N PRO G 218 45.07 20.25 56.64
CA PRO G 218 44.70 19.84 55.26
C PRO G 218 45.71 20.24 54.18
N SER G 219 46.35 21.39 54.31
CA SER G 219 47.27 21.88 53.27
C SER G 219 48.72 21.90 53.73
N ASN G 220 49.04 21.26 54.86
CA ASN G 220 50.40 21.22 55.40
C ASN G 220 50.99 22.63 55.55
N THR G 221 50.17 23.54 56.04
CA THR G 221 50.59 24.91 56.30
C THR G 221 50.63 25.15 57.80
N LYS G 222 51.82 25.50 58.31
CA LYS G 222 52.00 25.88 59.70
C LYS G 222 52.69 27.24 59.73
N VAL G 223 52.11 28.20 60.44
CA VAL G 223 52.53 29.59 60.36
C VAL G 223 52.72 30.15 61.76
N ASP G 224 53.80 30.90 61.95
CA ASP G 224 54.07 31.61 63.20
C ASP G 224 54.21 33.09 62.89
N LYS G 225 53.34 33.92 63.48
CA LYS G 225 53.30 35.34 63.20
C LYS G 225 53.47 36.14 64.49
N ARG G 226 54.32 37.15 64.45
CA ARG G 226 54.62 37.96 65.62
C ARG G 226 53.77 39.24 65.59
N VAL G 227 52.93 39.41 66.61
CA VAL G 227 52.11 40.61 66.75
C VAL G 227 52.77 41.51 67.79
N GLU G 228 53.13 42.73 67.37
CA GLU G 228 53.71 43.71 68.24
C GLU G 228 52.82 44.94 68.31
N PRO G 229 52.88 45.71 69.41
CA PRO G 229 52.33 47.07 69.37
C PRO G 229 52.91 47.86 68.20
N LYS G 230 52.08 48.15 67.21
CA LYS G 230 52.47 48.71 65.91
C LYS G 230 53.63 49.71 65.96
N GLN H 2 6.85 29.00 53.13
CA GLN H 2 5.91 29.02 54.25
C GLN H 2 5.70 27.62 54.80
N SER H 3 4.69 27.48 55.66
CA SER H 3 4.36 26.19 56.25
C SER H 3 2.85 26.10 56.42
N VAL H 4 2.33 24.88 56.28
CA VAL H 4 0.91 24.66 56.52
C VAL H 4 0.61 24.79 58.01
N LEU H 5 1.47 24.24 58.85
CA LEU H 5 1.39 24.46 60.29
C LEU H 5 2.31 25.62 60.66
N THR H 6 1.71 26.70 61.15
CA THR H 6 2.47 27.89 61.51
C THR H 6 2.71 27.92 63.01
N GLN H 7 3.89 28.42 63.39
CA GLN H 7 4.45 28.30 64.72
C GLN H 7 5.19 29.61 65.00
N PRO H 8 5.10 30.14 66.21
CA PRO H 8 5.83 31.37 66.53
C PRO H 8 7.32 31.17 66.35
N PRO H 9 8.02 32.15 65.79
CA PRO H 9 9.47 31.96 65.58
C PRO H 9 10.24 31.75 66.87
N SER H 10 9.96 32.54 67.90
CA SER H 10 10.72 32.48 69.14
C SER H 10 9.80 32.60 70.34
N VAL H 11 10.20 31.96 71.44
CA VAL H 11 9.49 32.04 72.71
C VAL H 11 10.55 32.19 73.80
N SER H 12 10.25 33.03 74.79
CA SER H 12 11.21 33.38 75.83
C SER H 12 10.58 33.16 77.20
N GLY H 13 11.40 32.73 78.16
CA GLY H 13 10.93 32.52 79.51
C GLY H 13 12.04 32.49 80.54
N ALA H 14 11.77 33.05 81.73
CA ALA H 14 12.73 32.98 82.82
C ALA H 14 12.66 31.62 83.51
N PRO H 15 13.74 31.19 84.16
CA PRO H 15 13.73 29.90 84.85
C PRO H 15 12.63 29.84 85.90
N GLY H 16 11.69 28.90 85.72
CA GLY H 16 10.61 28.69 86.64
C GLY H 16 9.25 29.03 86.08
N GLN H 17 9.17 29.90 85.08
CA GLN H 17 7.88 30.31 84.53
C GLN H 17 7.32 29.22 83.63
N ARG H 18 6.13 29.48 83.08
CA ARG H 18 5.47 28.59 82.15
C ARG H 18 5.30 29.28 80.82
N VAL H 19 5.58 28.57 79.73
CA VAL H 19 5.42 29.12 78.39
C VAL H 19 4.57 28.16 77.56
N THR H 20 3.90 28.71 76.56
CA THR H 20 3.15 27.94 75.58
C THR H 20 3.71 28.20 74.19
N ILE H 21 3.84 27.15 73.39
CA ILE H 21 4.19 27.25 71.99
C ILE H 21 2.98 26.79 71.19
N SER H 22 2.43 27.69 70.39
CA SER H 22 1.24 27.37 69.63
C SER H 22 1.59 26.76 68.28
N CYS H 23 0.59 26.12 67.67
CA CYS H 23 0.74 25.46 66.39
C CYS H 23 -0.59 25.60 65.67
N LEU H 24 -0.61 26.39 64.60
CA LEU H 24 -1.85 26.75 63.93
C LEU H 24 -2.00 25.99 62.63
N GLY H 25 -3.15 25.35 62.43
CA GLY H 25 -3.38 24.58 61.22
C GLY H 25 -4.61 25.01 60.44
N GLY H 26 -5.27 24.05 59.79
CA GLY H 26 -6.40 24.40 58.95
C GLY H 26 -7.45 23.32 58.81
N SER H 27 -8.18 23.32 57.68
CA SER H 27 -9.20 22.30 57.46
C SER H 27 -8.61 20.98 56.96
N SER H 28 -7.53 21.04 56.17
CA SER H 28 -6.90 19.86 55.60
C SER H 28 -6.02 19.11 56.58
N ASN H 29 -5.76 19.68 57.75
CA ASN H 29 -4.91 19.10 58.78
C ASN H 29 -5.49 19.55 60.11
N ILE H 30 -5.45 18.67 61.12
CA ILE H 30 -5.99 18.99 62.45
C ILE H 30 -7.50 19.18 62.35
N GLY H 31 -7.94 20.09 61.49
CA GLY H 31 -9.35 20.28 61.23
C GLY H 31 -10.01 19.10 60.54
N ALA H 32 -9.22 18.20 59.98
CA ALA H 32 -9.75 16.97 59.40
C ALA H 32 -9.80 15.83 60.39
N GLY H 33 -9.27 16.02 61.60
CA GLY H 33 -9.27 15.01 62.63
C GLY H 33 -7.90 14.47 62.97
N TYR H 34 -6.85 14.92 62.30
CA TYR H 34 -5.52 14.37 62.49
C TYR H 34 -4.89 14.90 63.77
N ASP H 35 -4.10 14.04 64.43
CA ASP H 35 -3.45 14.41 65.67
C ASP H 35 -2.21 15.26 65.39
N VAL H 36 -1.65 15.81 66.47
CA VAL H 36 -0.45 16.66 66.41
C VAL H 36 0.62 16.04 67.30
N HIS H 37 1.79 15.78 66.71
CA HIS H 37 2.93 15.27 67.45
C HIS H 37 4.02 16.33 67.54
N TRP H 38 4.73 16.34 68.66
CA TRP H 38 5.75 17.35 68.93
C TRP H 38 7.12 16.71 69.03
N TYR H 39 8.14 17.42 68.55
CA TYR H 39 9.51 16.97 68.64
C TYR H 39 10.38 18.09 69.21
N GLN H 40 11.40 17.70 69.96
CA GLN H 40 12.35 18.64 70.57
C GLN H 40 13.71 18.44 69.94
N HIS H 41 14.32 19.52 69.48
CA HIS H 41 15.62 19.48 68.82
C HIS H 41 16.66 20.12 69.73
N LEU H 42 17.23 19.33 70.62
CA LEU H 42 18.22 19.84 71.56
C LEU H 42 19.51 20.21 70.82
N PRO H 43 20.20 21.26 71.26
CA PRO H 43 21.38 21.75 70.54
C PRO H 43 22.42 20.65 70.35
N GLY H 44 23.01 20.61 69.16
CA GLY H 44 24.00 19.60 68.85
C GLY H 44 23.47 18.18 68.92
N ALA H 45 22.17 18.00 68.70
CA ALA H 45 21.55 16.69 68.77
C ALA H 45 20.62 16.53 67.57
N ALA H 46 20.03 15.36 67.46
CA ALA H 46 18.97 15.09 66.50
C ALA H 46 17.62 15.40 67.12
N PRO H 47 16.58 15.59 66.29
CA PRO H 47 15.24 15.72 66.87
C PRO H 47 14.86 14.47 67.65
N LYS H 48 13.99 14.66 68.63
CA LYS H 48 13.52 13.56 69.46
C LYS H 48 12.02 13.71 69.68
N LEU H 49 11.33 12.56 69.80
CA LEU H 49 9.91 12.60 70.07
C LEU H 49 9.66 13.18 71.46
N LEU H 50 8.81 14.20 71.52
CA LEU H 50 8.46 14.84 72.79
C LEU H 50 7.02 14.58 73.20
N ILE H 51 6.08 14.59 72.25
CA ILE H 51 4.67 14.37 72.53
C ILE H 51 4.05 13.64 71.36
N SER H 52 3.43 12.49 71.62
CA SER H 52 2.65 11.75 70.62
C SER H 52 1.17 11.85 70.98
N GLY H 53 0.34 11.32 70.09
CA GLY H 53 -1.09 11.58 70.20
C GLY H 53 -1.30 13.06 69.99
N ASN H 54 -1.91 13.71 70.96
CA ASN H 54 -1.77 15.15 71.13
C ASN H 54 -1.27 15.54 72.50
N SER H 55 -1.20 14.57 73.42
CA SER H 55 -0.95 14.85 74.83
C SER H 55 -0.14 13.77 75.52
N ASN H 56 0.31 12.74 74.80
CA ASN H 56 0.93 11.58 75.42
C ASN H 56 2.44 11.79 75.54
N ARG H 57 2.95 11.59 76.74
CA ARG H 57 4.38 11.75 76.93
C ARG H 57 5.08 10.41 76.75
N PRO H 58 6.13 10.34 75.94
CA PRO H 58 6.94 9.13 75.86
C PRO H 58 7.67 8.88 77.17
N SER H 59 8.33 7.72 77.23
CA SER H 59 9.16 7.41 78.39
C SER H 59 10.31 8.40 78.49
N GLY H 60 10.59 8.86 79.70
CA GLY H 60 11.70 9.75 79.95
C GLY H 60 11.45 11.22 79.66
N VAL H 61 10.24 11.61 79.28
CA VAL H 61 9.88 13.00 79.08
C VAL H 61 9.16 13.49 80.34
N PRO H 62 9.65 14.52 81.02
CA PRO H 62 9.03 14.94 82.29
C PRO H 62 7.65 15.55 82.08
N ALA H 63 6.85 15.51 83.15
CA ALA H 63 5.46 15.94 83.10
C ALA H 63 5.30 17.46 83.00
N ARG H 64 6.39 18.22 83.14
CA ARG H 64 6.32 19.65 82.87
C ARG H 64 5.84 19.92 81.45
N PHE H 65 6.14 19.01 80.52
CA PHE H 65 5.66 19.13 79.15
C PHE H 65 4.26 18.57 79.04
N SER H 66 3.34 19.36 78.47
CA SER H 66 2.00 18.89 78.18
C SER H 66 1.63 19.38 76.79
N GLY H 67 0.63 18.70 76.20
CA GLY H 67 0.16 19.05 74.88
C GLY H 67 -1.34 18.95 74.80
N SER H 68 -1.92 19.79 73.96
CA SER H 68 -3.36 19.80 73.77
C SER H 68 -3.66 20.15 72.31
N LYS H 69 -4.84 19.72 71.86
CA LYS H 69 -5.32 20.01 70.52
C LYS H 69 -6.76 20.50 70.62
N SER H 70 -7.06 21.57 69.89
CA SER H 70 -8.39 22.17 69.95
C SER H 70 -8.70 22.84 68.63
N GLY H 71 -9.89 22.55 68.09
CA GLY H 71 -10.29 23.10 66.81
C GLY H 71 -9.31 22.79 65.70
N THR H 72 -8.65 23.84 65.18
CA THR H 72 -7.64 23.70 64.14
C THR H 72 -6.24 24.02 64.66
N SER H 73 -6.06 24.12 65.97
CA SER H 73 -4.79 24.52 66.56
C SER H 73 -4.38 23.53 67.65
N ALA H 74 -3.13 23.66 68.08
CA ALA H 74 -2.55 22.80 69.10
C ALA H 74 -1.53 23.59 69.88
N SER H 75 -1.28 23.19 71.13
CA SER H 75 -0.42 23.93 72.02
C SER H 75 0.46 22.98 72.83
N LEU H 76 1.73 23.35 72.96
CA LEU H 76 2.68 22.68 73.85
C LEU H 76 3.03 23.63 74.98
N ALA H 77 2.84 23.19 76.22
CA ALA H 77 3.06 24.02 77.39
C ALA H 77 4.15 23.41 78.27
N ILE H 78 5.11 24.23 78.66
CA ILE H 78 6.22 23.82 79.52
C ILE H 78 6.11 24.60 80.83
N THR H 79 5.89 23.89 81.92
CA THR H 79 5.87 24.49 83.25
C THR H 79 7.21 24.29 83.93
N GLY H 80 7.55 25.21 84.83
CA GLY H 80 8.82 25.17 85.54
C GLY H 80 10.02 25.07 84.61
N LEU H 81 10.20 26.06 83.75
CA LEU H 81 11.24 26.03 82.73
C LEU H 81 12.61 25.78 83.36
N GLN H 82 13.40 24.93 82.69
CA GLN H 82 14.77 24.68 83.07
C GLN H 82 15.68 25.04 81.90
N ALA H 83 16.94 25.35 82.21
CA ALA H 83 17.87 25.76 81.17
C ALA H 83 18.07 24.67 80.12
N GLU H 84 17.95 23.40 80.52
CA GLU H 84 18.10 22.29 79.60
C GLU H 84 16.94 22.16 78.62
N ASP H 85 15.86 22.92 78.80
CA ASP H 85 14.78 22.94 77.83
C ASP H 85 15.07 23.86 76.65
N GLU H 86 16.22 24.53 76.64
CA GLU H 86 16.59 25.40 75.53
C GLU H 86 16.82 24.54 74.29
N ALA H 87 15.97 24.71 73.28
CA ALA H 87 16.02 23.89 72.07
C ALA H 87 15.12 24.53 71.00
N ASP H 88 15.05 23.87 69.86
CA ASP H 88 14.03 24.14 68.85
C ASP H 88 12.89 23.14 69.02
N TYR H 89 11.66 23.63 68.95
CA TYR H 89 10.49 22.78 69.12
C TYR H 89 9.65 22.80 67.85
N TYR H 90 9.28 21.62 67.37
CA TYR H 90 8.51 21.45 66.14
C TYR H 90 7.22 20.71 66.44
N CYS H 91 6.12 21.21 65.89
CA CYS H 91 4.89 20.44 65.81
C CYS H 91 4.77 19.82 64.42
N GLN H 92 4.04 18.71 64.35
CA GLN H 92 3.92 17.95 63.12
C GLN H 92 2.54 17.33 63.05
N SER H 93 2.04 17.17 61.83
CA SER H 93 0.73 16.56 61.60
C SER H 93 0.70 15.98 60.19
N TYR H 94 -0.48 15.57 59.76
CA TYR H 94 -0.71 15.06 58.41
C TYR H 94 -1.72 15.97 57.72
N ASP H 95 -1.37 16.42 56.52
CA ASP H 95 -2.25 17.23 55.68
C ASP H 95 -2.77 16.37 54.54
N ASN H 96 -4.07 16.48 54.27
CA ASN H 96 -4.67 15.64 53.24
C ASN H 96 -4.11 15.94 51.86
N ASP H 97 -3.66 17.17 51.63
CA ASP H 97 -3.08 17.53 50.34
C ASP H 97 -1.57 17.34 50.31
N LEU H 98 -0.87 17.57 51.42
CA LEU H 98 0.59 17.62 51.42
C LEU H 98 1.24 16.56 52.31
N SER H 99 0.46 15.61 52.85
CA SER H 99 0.97 14.53 53.67
C SER H 99 1.57 15.02 54.98
N GLN H 100 2.69 14.44 55.40
CA GLN H 100 3.26 14.75 56.71
C GLN H 100 3.91 16.13 56.70
N VAL H 101 3.48 17.00 57.60
CA VAL H 101 3.88 18.41 57.58
C VAL H 101 4.44 18.81 58.95
N PHE H 102 5.48 19.62 58.93
CA PHE H 102 6.08 20.20 60.13
C PHE H 102 5.66 21.66 60.28
N GLY H 103 5.79 22.16 61.51
CA GLY H 103 5.80 23.60 61.70
C GLY H 103 7.14 24.19 61.31
N GLY H 104 7.22 25.52 61.36
CA GLY H 104 8.47 26.19 61.06
C GLY H 104 9.49 26.13 62.17
N GLY H 105 9.09 25.73 63.38
CA GLY H 105 9.97 25.65 64.51
C GLY H 105 9.81 26.84 65.45
N THR H 106 10.20 26.63 66.70
CA THR H 106 10.22 27.69 67.71
C THR H 106 11.51 27.55 68.51
N LYS H 107 12.29 28.61 68.56
CA LYS H 107 13.51 28.63 69.38
C LYS H 107 13.15 29.08 70.78
N LEU H 108 13.35 28.19 71.75
CA LEU H 108 13.04 28.46 73.15
C LEU H 108 14.32 28.89 73.87
N THR H 109 14.32 30.12 74.37
CA THR H 109 15.43 30.65 75.16
C THR H 109 15.00 30.77 76.61
N VAL H 110 15.78 30.16 77.50
CA VAL H 110 15.61 30.32 78.94
C VAL H 110 16.64 31.34 79.41
N LEU H 111 16.15 32.48 79.89
CA LEU H 111 17.01 33.60 80.27
C LEU H 111 17.55 33.36 81.68
N GLY H 112 18.59 32.53 81.75
CA GLY H 112 19.16 32.08 83.00
C GLY H 112 20.27 32.93 83.59
N GLN H 113 20.65 34.01 82.94
CA GLN H 113 21.68 34.91 83.43
C GLN H 113 21.20 36.34 83.23
N PRO H 114 21.71 37.29 84.01
CA PRO H 114 21.36 38.69 83.78
C PRO H 114 21.87 39.16 82.44
N LYS H 115 21.17 40.15 81.87
CA LYS H 115 21.59 40.72 80.59
C LYS H 115 22.98 41.32 80.72
N ALA H 116 23.86 40.97 79.78
CA ALA H 116 25.20 41.51 79.69
C ALA H 116 25.39 42.14 78.31
N ALA H 117 25.85 43.39 78.29
CA ALA H 117 26.03 44.10 77.04
C ALA H 117 27.26 43.60 76.29
N PRO H 118 27.28 43.71 74.97
CA PRO H 118 28.38 43.12 74.20
C PRO H 118 29.67 43.94 74.30
N SER H 119 30.78 43.24 74.47
CA SER H 119 32.10 43.83 74.40
C SER H 119 32.58 43.83 72.96
N VAL H 120 32.93 45.00 72.44
CA VAL H 120 33.21 45.20 71.02
C VAL H 120 34.64 45.69 70.86
N THR H 121 35.38 45.09 69.92
CA THR H 121 36.73 45.53 69.58
C THR H 121 36.89 45.47 68.08
N LEU H 122 37.38 46.56 67.49
CA LEU H 122 37.40 46.74 66.04
C LEU H 122 38.84 46.98 65.58
N PHE H 123 39.32 46.16 64.65
CA PHE H 123 40.71 46.18 64.21
C PHE H 123 40.80 46.73 62.79
N PRO H 124 41.77 47.62 62.54
CA PRO H 124 41.92 48.16 61.21
C PRO H 124 42.67 47.22 60.30
N PRO H 125 42.58 47.38 58.98
CA PRO H 125 43.39 46.54 58.07
C PRO H 125 44.86 46.63 58.44
N SER H 126 45.52 45.49 58.42
CA SER H 126 46.94 45.44 58.73
C SER H 126 47.75 45.85 57.52
N SER H 127 48.98 46.33 57.80
CA SER H 127 49.87 46.79 56.73
C SER H 127 50.21 45.65 55.78
N GLU H 128 50.58 44.49 56.33
CA GLU H 128 50.93 43.31 55.53
C GLU H 128 49.81 42.93 54.58
N GLU H 129 48.56 42.96 55.07
CA GLU H 129 47.41 42.75 54.20
C GLU H 129 47.34 43.83 53.12
N LEU H 130 47.52 45.09 53.50
CA LEU H 130 47.44 46.18 52.55
C LEU H 130 48.53 46.07 51.49
N GLN H 131 49.73 45.64 51.90
CA GLN H 131 50.81 45.41 50.93
C GLN H 131 50.46 44.30 49.94
N ALA H 132 49.52 43.42 50.29
CA ALA H 132 49.04 42.38 49.40
C ALA H 132 47.75 42.77 48.70
N ASN H 133 47.45 44.07 48.63
CA ASN H 133 46.29 44.60 47.89
C ASN H 133 44.97 44.02 48.42
N LYS H 134 44.86 43.91 49.75
CA LYS H 134 43.62 43.48 50.39
C LYS H 134 43.42 44.27 51.66
N ALA H 135 42.17 44.34 52.11
CA ALA H 135 41.83 45.10 53.31
C ALA H 135 40.64 44.44 53.99
N THR H 136 40.80 44.08 55.26
CA THR H 136 39.74 43.46 56.04
C THR H 136 39.58 44.21 57.36
N LEU H 137 38.33 44.54 57.69
CA LEU H 137 37.98 45.12 58.97
C LEU H 137 37.31 44.05 59.82
N VAL H 138 37.79 43.87 61.05
CA VAL H 138 37.36 42.79 61.93
C VAL H 138 36.66 43.38 63.14
N CYS H 139 35.41 42.96 63.35
CA CYS H 139 34.63 43.36 64.53
C CYS H 139 34.36 42.12 65.37
N LEU H 140 34.87 42.13 66.60
CA LEU H 140 34.77 40.99 67.49
C LEU H 140 33.85 41.35 68.65
N ILE H 141 32.77 40.58 68.81
CA ILE H 141 31.74 40.83 69.82
C ILE H 141 31.78 39.69 70.82
N SER H 142 31.75 40.03 72.10
CA SER H 142 32.01 39.04 73.14
C SER H 142 31.23 39.36 74.41
N ASP H 143 30.99 38.32 75.20
CA ASP H 143 30.49 38.44 76.57
C ASP H 143 29.11 39.07 76.65
N PHE H 144 28.24 38.80 75.68
CA PHE H 144 26.87 39.32 75.71
C PHE H 144 25.89 38.19 76.00
N TYR H 145 24.85 38.52 76.77
CA TYR H 145 23.73 37.63 77.06
C TYR H 145 22.47 38.48 77.11
N PRO H 146 21.35 38.00 76.51
CA PRO H 146 21.22 36.74 75.78
C PRO H 146 21.99 36.75 74.46
N GLY H 147 22.04 35.61 73.78
CA GLY H 147 22.92 35.46 72.64
C GLY H 147 22.32 35.78 71.29
N ALA H 148 22.11 37.05 71.01
CA ALA H 148 21.65 37.49 69.70
C ALA H 148 21.94 38.97 69.56
N VAL H 149 22.64 39.33 68.48
CA VAL H 149 23.00 40.71 68.21
C VAL H 149 22.67 41.04 66.76
N THR H 150 22.61 42.33 66.48
CA THR H 150 22.53 42.86 65.12
C THR H 150 23.78 43.69 64.88
N VAL H 151 24.41 43.48 63.73
CA VAL H 151 25.62 44.20 63.36
C VAL H 151 25.30 45.09 62.16
N ALA H 152 25.92 46.26 62.12
CA ALA H 152 25.71 47.21 61.04
C ALA H 152 26.98 48.06 60.90
N TRP H 153 27.50 48.13 59.69
CA TRP H 153 28.74 48.86 59.41
C TRP H 153 28.44 50.20 58.75
N LYS H 154 29.33 51.16 58.97
CA LYS H 154 29.20 52.50 58.43
C LYS H 154 30.55 52.99 57.94
N ALA H 155 30.57 53.52 56.71
CA ALA H 155 31.70 54.26 56.17
C ALA H 155 31.43 55.75 56.36
N ASP H 156 32.35 56.44 57.04
CA ASP H 156 32.14 57.81 57.53
C ASP H 156 30.82 57.76 58.29
N SER H 157 29.77 58.43 57.82
CA SER H 157 28.45 58.35 58.43
C SER H 157 27.44 57.64 57.52
N SER H 158 27.91 56.94 56.47
CA SER H 158 27.02 56.39 55.46
C SER H 158 27.01 54.87 55.53
N PRO H 159 25.84 54.25 55.37
CA PRO H 159 25.73 52.81 55.58
C PRO H 159 26.52 52.01 54.55
N VAL H 160 27.06 50.89 54.99
CA VAL H 160 27.80 49.96 54.14
C VAL H 160 26.89 48.80 53.78
N LYS H 161 26.85 48.45 52.49
CA LYS H 161 25.91 47.45 51.99
C LYS H 161 26.58 46.28 51.28
N ALA H 162 27.90 46.14 51.40
CA ALA H 162 28.60 45.08 50.67
C ALA H 162 29.88 44.72 51.41
N GLY H 163 30.30 43.46 51.25
CA GLY H 163 31.52 42.96 51.83
C GLY H 163 31.41 42.51 53.28
N VAL H 164 30.22 42.57 53.88
CA VAL H 164 30.05 42.25 55.29
C VAL H 164 29.65 40.79 55.42
N GLU H 165 30.35 40.07 56.30
CA GLU H 165 29.99 38.72 56.71
C GLU H 165 29.95 38.68 58.23
N THR H 166 28.94 38.00 58.77
CA THR H 166 28.71 37.99 60.22
C THR H 166 28.41 36.59 60.68
N THR H 167 29.17 36.10 61.66
CA THR H 167 28.96 34.76 62.18
C THR H 167 27.71 34.70 63.06
N THR H 168 27.12 33.51 63.10
CA THR H 168 26.09 33.24 64.08
C THR H 168 26.67 33.34 65.49
N PRO H 169 25.85 33.62 66.49
CA PRO H 169 26.35 33.65 67.87
C PRO H 169 26.79 32.26 68.32
N SER H 170 27.76 32.25 69.23
CA SER H 170 28.29 31.00 69.77
C SER H 170 28.59 31.19 71.25
N LYS H 171 28.42 30.11 72.02
CA LYS H 171 28.60 30.15 73.47
C LYS H 171 30.06 29.98 73.85
N GLN H 172 30.50 30.76 74.84
CA GLN H 172 31.83 30.63 75.41
C GLN H 172 31.75 29.86 76.73
N SER H 173 32.91 29.65 77.35
CA SER H 173 32.95 29.00 78.66
C SER H 173 32.18 29.80 79.70
N ASN H 174 32.20 31.13 79.59
CA ASN H 174 31.46 31.99 80.51
C ASN H 174 29.96 31.77 80.44
N ASN H 175 29.49 30.92 79.51
CA ASN H 175 28.07 30.78 79.16
C ASN H 175 27.47 32.06 78.60
N LYS H 176 28.30 33.06 78.32
CA LYS H 176 27.90 34.20 77.52
C LYS H 176 28.22 33.91 76.05
N TYR H 177 27.83 34.82 75.15
CA TYR H 177 27.86 34.53 73.73
C TYR H 177 28.80 35.49 73.01
N ALA H 178 29.24 35.06 71.82
CA ALA H 178 30.24 35.79 71.06
C ALA H 178 29.94 35.68 69.56
N ALA H 179 30.23 36.74 68.83
CA ALA H 179 30.03 36.78 67.39
C ALA H 179 31.16 37.55 66.72
N SER H 180 31.25 37.40 65.40
CA SER H 180 32.33 37.95 64.60
C SER H 180 31.75 38.57 63.34
N SER H 181 32.29 39.72 62.93
CA SER H 181 31.80 40.42 61.74
C SER H 181 32.98 40.97 60.95
N TYR H 182 33.06 40.62 59.67
CA TYR H 182 34.15 40.99 58.80
C TYR H 182 33.64 41.83 57.64
N LEU H 183 34.40 42.89 57.32
CA LEU H 183 34.11 43.75 56.18
C LEU H 183 35.31 43.75 55.25
N SER H 184 35.08 43.45 53.97
CA SER H 184 36.13 43.38 52.97
C SER H 184 36.03 44.59 52.05
N LEU H 185 37.12 45.35 51.98
CA LEU H 185 37.26 46.47 51.07
C LEU H 185 38.56 46.32 50.30
N THR H 186 38.72 47.12 49.26
CA THR H 186 40.03 47.24 48.64
C THR H 186 40.85 48.25 49.42
N PRO H 187 42.19 48.16 49.33
CA PRO H 187 43.04 49.12 50.04
C PRO H 187 42.72 50.58 49.71
N GLU H 188 42.15 50.85 48.54
CA GLU H 188 41.87 52.23 48.14
C GLU H 188 40.73 52.81 48.96
N GLN H 189 39.65 52.05 49.15
CA GLN H 189 38.52 52.54 49.94
C GLN H 189 38.91 52.77 51.39
N TRP H 190 39.83 51.96 51.92
CA TRP H 190 40.23 52.11 53.32
C TRP H 190 40.85 53.47 53.58
N LYS H 191 41.69 53.95 52.66
CA LYS H 191 42.36 55.24 52.81
C LYS H 191 41.58 56.38 52.16
N SER H 192 40.35 56.13 51.71
CA SER H 192 39.54 57.17 51.08
C SER H 192 38.44 57.71 52.00
N HIS H 193 38.37 57.22 53.24
CA HIS H 193 37.34 57.65 54.19
C HIS H 193 37.98 58.13 55.48
N ARG H 194 37.26 59.01 56.18
CA ARG H 194 37.74 59.51 57.46
C ARG H 194 37.62 58.44 58.55
N SER H 195 36.55 57.65 58.51
CA SER H 195 36.26 56.75 59.62
C SER H 195 35.48 55.54 59.10
N TYR H 196 35.58 54.45 59.86
CA TYR H 196 34.74 53.27 59.68
C TYR H 196 34.23 52.86 61.05
N SER H 197 32.95 52.50 61.12
CA SER H 197 32.31 52.21 62.40
C SER H 197 31.55 50.89 62.32
N CYS H 198 31.71 50.08 63.36
CA CYS H 198 30.97 48.83 63.54
C CYS H 198 30.01 49.02 64.72
N GLN H 199 28.71 48.94 64.46
CA GLN H 199 27.69 49.18 65.47
C GLN H 199 26.97 47.87 65.78
N VAL H 200 27.04 47.44 67.04
CA VAL H 200 26.40 46.22 67.50
C VAL H 200 25.18 46.59 68.32
N THR H 201 24.01 46.16 67.87
CA THR H 201 22.76 46.33 68.63
C THR H 201 22.44 45.04 69.35
N HIS H 202 22.14 45.15 70.65
CA HIS H 202 21.86 44.00 71.49
C HIS H 202 20.80 44.40 72.50
N GLU H 203 19.63 43.78 72.41
CA GLU H 203 18.52 44.04 73.33
C GLU H 203 18.15 45.53 73.33
N GLY H 204 18.04 46.10 72.14
CA GLY H 204 17.57 47.46 71.97
C GLY H 204 18.61 48.54 72.20
N SER H 205 19.84 48.20 72.57
CA SER H 205 20.90 49.17 72.78
C SER H 205 22.05 48.91 71.82
N THR H 206 22.77 49.97 71.46
CA THR H 206 23.86 49.86 70.51
C THR H 206 25.19 50.21 71.17
N VAL H 207 26.25 49.54 70.71
CA VAL H 207 27.62 49.79 71.12
C VAL H 207 28.46 49.92 69.85
N GLU H 208 29.07 51.09 69.66
CA GLU H 208 29.74 51.41 68.40
C GLU H 208 31.22 51.68 68.63
N LYS H 209 32.04 51.20 67.69
CA LYS H 209 33.48 51.46 67.69
C LYS H 209 33.90 51.97 66.31
N THR H 210 34.96 52.78 66.28
CA THR H 210 35.34 53.48 65.07
C THR H 210 36.85 53.49 64.89
N VAL H 211 37.30 53.32 63.65
CA VAL H 211 38.72 53.36 63.31
C VAL H 211 38.95 54.35 62.17
N ALA H 212 40.16 54.89 62.11
CA ALA H 212 40.59 55.92 61.17
C ALA H 212 41.83 55.44 60.41
N PRO H 213 42.21 56.10 59.29
CA PRO H 213 43.18 55.44 58.40
C PRO H 213 44.57 55.40 58.96
N THR H 214 44.85 56.27 59.91
CA THR H 214 46.17 56.66 60.35
C THR H 214 47.04 55.51 60.81
N GLN I 1 -3.41 -5.01 35.96
CA GLN I 1 -4.55 -5.91 36.07
C GLN I 1 -4.09 -7.36 36.34
N VAL I 2 -4.79 -8.03 37.24
CA VAL I 2 -4.35 -9.35 37.70
C VAL I 2 -4.38 -10.35 36.54
N GLN I 3 -3.47 -11.32 36.58
CA GLN I 3 -3.27 -12.29 35.52
C GLN I 3 -3.19 -13.69 36.11
N LEU I 4 -3.93 -14.62 35.52
CA LEU I 4 -4.00 -16.00 36.00
C LEU I 4 -3.48 -16.95 34.93
N GLN I 5 -2.68 -17.93 35.33
CA GLN I 5 -2.13 -18.90 34.40
C GLN I 5 -2.09 -20.27 35.05
N GLU I 6 -2.69 -21.26 34.38
CA GLU I 6 -2.71 -22.63 34.84
C GLU I 6 -1.51 -23.40 34.29
N SER I 7 -1.16 -24.48 34.97
CA SER I 7 0.01 -25.26 34.60
C SER I 7 -0.09 -26.65 35.20
N GLY I 8 0.46 -27.64 34.49
CA GLY I 8 0.45 -29.01 34.94
C GLY I 8 0.44 -30.00 33.79
N PRO I 9 0.76 -31.26 34.08
CA PRO I 9 0.84 -32.27 33.01
C PRO I 9 -0.47 -32.41 32.26
N GLY I 10 -0.37 -32.58 30.95
CA GLY I 10 -1.54 -32.67 30.09
C GLY I 10 -2.11 -34.05 29.90
N LEU I 11 -1.44 -35.09 30.43
CA LEU I 11 -1.90 -36.47 30.29
C LEU I 11 -1.78 -37.15 31.64
N VAL I 12 -2.85 -37.83 32.06
CA VAL I 12 -2.88 -38.54 33.33
C VAL I 12 -3.62 -39.87 33.12
N LYS I 13 -3.07 -40.95 33.72
CA LYS I 13 -3.71 -42.24 33.56
C LYS I 13 -4.95 -42.34 34.44
N PRO I 14 -5.93 -43.16 34.05
CA PRO I 14 -7.14 -43.30 34.88
C PRO I 14 -6.78 -43.87 36.24
N SER I 15 -7.39 -43.29 37.28
CA SER I 15 -7.30 -43.64 38.69
C SER I 15 -6.09 -43.00 39.37
N GLU I 16 -5.15 -42.40 38.63
CA GLU I 16 -4.03 -41.70 39.25
C GLU I 16 -4.46 -40.28 39.60
N THR I 17 -3.52 -39.46 40.06
CA THR I 17 -3.85 -38.13 40.58
C THR I 17 -3.62 -37.07 39.52
N LEU I 18 -4.60 -36.19 39.34
CA LEU I 18 -4.49 -35.02 38.47
C LEU I 18 -4.10 -33.82 39.33
N SER I 19 -3.07 -33.10 38.90
CA SER I 19 -2.58 -31.94 39.63
C SER I 19 -2.35 -30.78 38.68
N LEU I 20 -2.87 -29.60 39.04
CA LEU I 20 -2.61 -28.37 38.31
C LEU I 20 -2.35 -27.26 39.31
N THR I 21 -1.56 -26.28 38.88
CA THR I 21 -1.27 -25.10 39.69
C THR I 21 -1.69 -23.86 38.90
N CYS I 22 -2.22 -22.88 39.63
CA CYS I 22 -2.57 -21.58 39.07
C CYS I 22 -1.69 -20.52 39.72
N THR I 23 -0.85 -19.89 38.92
CA THR I 23 0.06 -18.83 39.39
C THR I 23 -0.57 -17.47 39.10
N VAL I 24 -0.57 -16.61 40.10
CA VAL I 24 -1.18 -15.29 40.00
C VAL I 24 -0.08 -14.25 39.85
N SER I 25 -0.28 -13.33 38.91
CA SER I 25 0.66 -12.26 38.63
C SER I 25 -0.09 -10.93 38.62
N SER I 26 0.67 -9.85 38.84
CA SER I 26 0.13 -8.50 38.89
C SER I 26 -1.02 -8.41 39.90
N GLY I 27 -0.82 -9.03 41.04
CA GLY I 27 -1.83 -9.12 42.08
C GLY I 27 -1.40 -10.09 43.16
N SER I 28 -2.05 -10.05 44.31
CA SER I 28 -1.71 -10.91 45.44
C SER I 28 -2.86 -11.86 45.70
N ILE I 29 -2.54 -13.15 45.81
CA ILE I 29 -3.54 -14.14 46.19
C ILE I 29 -4.12 -13.83 47.56
N SER I 30 -3.42 -13.05 48.37
CA SER I 30 -3.78 -12.80 49.76
C SER I 30 -4.69 -11.58 49.92
N GLY I 31 -5.75 -11.52 49.12
CA GLY I 31 -6.76 -10.49 49.25
C GLY I 31 -7.90 -10.98 50.11
N THR I 32 -8.27 -10.18 51.10
CA THR I 32 -9.25 -10.59 52.09
C THR I 32 -10.68 -10.66 51.55
N SER I 33 -10.88 -10.35 50.27
CA SER I 33 -12.22 -10.38 49.68
C SER I 33 -12.27 -11.21 48.39
N TYR I 34 -11.24 -11.99 48.10
CA TYR I 34 -11.17 -12.80 46.90
C TYR I 34 -11.40 -14.28 47.21
N TYR I 35 -12.22 -14.93 46.39
CA TYR I 35 -12.30 -16.38 46.34
C TYR I 35 -11.58 -16.84 45.07
N TRP I 36 -10.89 -17.97 45.18
CA TRP I 36 -10.11 -18.51 44.07
C TRP I 36 -10.68 -19.87 43.68
N ASP I 37 -11.02 -20.02 42.39
CA ASP I 37 -11.83 -21.13 41.94
C ASP I 37 -11.15 -21.92 40.84
N TRP I 38 -11.59 -23.18 40.70
CA TRP I 38 -11.23 -24.06 39.60
C TRP I 38 -12.50 -24.42 38.85
N ILE I 39 -12.46 -24.29 37.54
CA ILE I 39 -13.57 -24.67 36.67
C ILE I 39 -13.00 -25.55 35.56
N ARG I 40 -13.82 -26.47 35.06
CA ARG I 40 -13.39 -27.34 33.98
C ARG I 40 -14.49 -27.43 32.92
N GLN I 41 -14.06 -27.61 31.67
CA GLN I 41 -14.95 -27.67 30.52
C GLN I 41 -14.60 -28.89 29.69
N PRO I 42 -15.34 -29.99 29.81
CA PRO I 42 -15.06 -31.14 28.97
C PRO I 42 -15.18 -30.77 27.50
N PRO I 43 -14.43 -31.45 26.63
CA PRO I 43 -14.39 -31.04 25.22
C PRO I 43 -15.77 -31.01 24.58
N GLY I 44 -16.08 -29.90 23.92
CA GLY I 44 -17.36 -29.73 23.27
C GLY I 44 -18.54 -29.71 24.21
N LYS I 45 -18.35 -29.25 25.45
CA LYS I 45 -19.40 -29.30 26.45
C LYS I 45 -19.37 -28.01 27.27
N GLY I 46 -20.23 -27.96 28.29
CA GLY I 46 -20.38 -26.79 29.14
C GLY I 46 -19.34 -26.74 30.24
N LEU I 47 -19.60 -25.87 31.21
CA LEU I 47 -18.66 -25.56 32.28
C LEU I 47 -19.15 -26.09 33.61
N GLU I 48 -18.23 -26.67 34.39
CA GLU I 48 -18.52 -27.23 35.70
C GLU I 48 -17.61 -26.60 36.74
N TRP I 49 -18.20 -26.13 37.84
CA TRP I 49 -17.42 -25.59 38.95
C TRP I 49 -16.94 -26.72 39.84
N ILE I 50 -15.66 -26.66 40.21
CA ILE I 50 -15.03 -27.73 40.98
C ILE I 50 -14.96 -27.36 42.45
N GLY I 51 -14.31 -26.25 42.77
CA GLY I 51 -14.16 -25.85 44.16
C GLY I 51 -13.62 -24.45 44.29
N THR I 52 -13.50 -24.02 45.54
CA THR I 52 -13.06 -22.67 45.89
C THR I 52 -12.10 -22.72 47.07
N ILE I 53 -11.12 -21.83 47.06
CA ILE I 53 -10.23 -21.64 48.20
C ILE I 53 -10.15 -20.16 48.54
N TYR I 54 -9.99 -19.88 49.83
CA TYR I 54 -9.72 -18.54 50.36
C TYR I 54 -8.27 -18.50 50.83
N TYR I 55 -7.66 -17.32 50.77
CA TYR I 55 -6.22 -17.21 50.94
C TYR I 55 -5.74 -17.84 52.25
N SER I 56 -6.59 -17.86 53.28
CA SER I 56 -6.20 -18.43 54.56
C SER I 56 -6.24 -19.96 54.58
N GLY I 57 -6.79 -20.59 53.55
CA GLY I 57 -6.82 -22.04 53.46
C GLY I 57 -8.20 -22.65 53.57
N SER I 58 -9.24 -21.87 53.85
CA SER I 58 -10.60 -22.38 53.86
C SER I 58 -10.99 -22.84 52.45
N THR I 59 -11.65 -23.99 52.38
CA THR I 59 -12.08 -24.56 51.11
C THR I 59 -13.59 -24.79 51.09
N TYR I 60 -14.13 -24.86 49.88
CA TYR I 60 -15.52 -25.26 49.65
C TYR I 60 -15.56 -26.01 48.33
N TYR I 61 -15.94 -27.29 48.37
CA TYR I 61 -15.86 -28.16 47.21
C TYR I 61 -17.24 -28.50 46.67
N ASN I 62 -17.28 -28.88 45.39
CA ASN I 62 -18.54 -29.29 44.76
C ASN I 62 -18.97 -30.65 45.30
N PRO I 63 -20.21 -30.79 45.78
CA PRO I 63 -20.63 -32.07 46.35
C PRO I 63 -20.50 -33.27 45.41
N SER I 64 -20.52 -33.07 44.10
CA SER I 64 -20.47 -34.21 43.18
C SER I 64 -19.08 -34.82 43.08
N LEU I 65 -18.03 -34.07 43.39
CA LEU I 65 -16.67 -34.57 43.35
C LEU I 65 -16.01 -34.57 44.73
N LYS I 66 -16.79 -34.34 45.79
CA LYS I 66 -16.22 -33.91 47.06
C LYS I 66 -15.19 -34.88 47.61
N SER I 67 -15.44 -36.19 47.48
CA SER I 67 -14.53 -37.17 48.07
C SER I 67 -13.15 -37.10 47.46
N ARG I 68 -13.03 -36.67 46.20
CA ARG I 68 -11.79 -36.82 45.46
C ARG I 68 -11.09 -35.52 45.10
N VAL I 69 -11.58 -34.36 45.55
CA VAL I 69 -11.04 -33.07 45.15
C VAL I 69 -10.34 -32.44 46.35
N THR I 70 -9.15 -31.88 46.10
CA THR I 70 -8.40 -31.12 47.10
C THR I 70 -7.82 -29.89 46.44
N ILE I 71 -7.97 -28.73 47.08
CA ILE I 71 -7.39 -27.48 46.62
C ILE I 71 -6.58 -26.89 47.77
N SER I 72 -5.39 -26.37 47.46
CA SER I 72 -4.52 -25.76 48.46
C SER I 72 -3.98 -24.46 47.89
N VAL I 73 -3.39 -23.64 48.77
CA VAL I 73 -2.89 -22.32 48.39
C VAL I 73 -1.53 -22.08 49.05
N ASP I 74 -0.62 -21.46 48.30
CA ASP I 74 0.71 -21.09 48.77
C ASP I 74 0.85 -19.58 48.60
N THR I 75 0.53 -18.84 49.66
CA THR I 75 0.60 -17.37 49.60
C THR I 75 2.01 -16.88 49.32
N SER I 76 3.03 -17.66 49.70
CA SER I 76 4.40 -17.25 49.46
C SER I 76 4.75 -17.26 47.98
N LYS I 77 4.18 -18.19 47.21
CA LYS I 77 4.43 -18.29 45.78
C LYS I 77 3.31 -17.67 44.96
N ASN I 78 2.29 -17.12 45.59
CA ASN I 78 1.12 -16.58 44.90
C ASN I 78 0.51 -17.63 43.98
N GLN I 79 0.32 -18.83 44.53
CA GLN I 79 -0.13 -19.99 43.78
C GLN I 79 -1.24 -20.70 44.54
N PHE I 80 -2.14 -21.34 43.80
CA PHE I 80 -3.06 -22.30 44.38
C PHE I 80 -3.26 -23.46 43.41
N SER I 81 -3.46 -24.65 43.99
CA SER I 81 -3.34 -25.91 43.25
C SER I 81 -4.60 -26.74 43.38
N LEU I 82 -4.74 -27.70 42.47
CA LEU I 82 -5.89 -28.60 42.42
C LEU I 82 -5.39 -30.04 42.37
N LYS I 83 -6.13 -30.94 43.02
CA LYS I 83 -5.76 -32.35 43.10
C LYS I 83 -7.03 -33.19 43.04
N LEU I 84 -7.10 -34.13 42.10
CA LEU I 84 -8.23 -35.02 41.87
C LEU I 84 -7.68 -36.45 41.91
N SER I 85 -7.76 -37.09 43.08
CA SER I 85 -6.91 -38.27 43.31
C SER I 85 -7.36 -39.51 42.55
N PRO I 86 -8.63 -39.89 42.55
CA PRO I 86 -9.08 -40.91 41.59
C PRO I 86 -9.76 -40.27 40.38
N VAL I 87 -9.04 -39.99 39.31
CA VAL I 87 -9.64 -39.33 38.15
C VAL I 87 -10.37 -40.38 37.32
N THR I 88 -11.66 -40.18 37.15
CA THR I 88 -12.45 -40.95 36.21
C THR I 88 -12.22 -40.40 34.80
N ALA I 89 -12.86 -41.01 33.81
CA ALA I 89 -12.79 -40.49 32.45
C ALA I 89 -13.46 -39.12 32.32
N ALA I 90 -14.15 -38.66 33.36
CA ALA I 90 -14.76 -37.34 33.36
C ALA I 90 -13.76 -36.22 33.60
N GLY I 91 -12.50 -36.55 33.91
CA GLY I 91 -11.47 -35.55 34.10
C GLY I 91 -10.86 -35.01 32.83
N THR I 92 -11.16 -35.61 31.68
CA THR I 92 -10.73 -35.08 30.40
C THR I 92 -11.48 -33.77 30.15
N ALA I 93 -10.76 -32.66 30.24
CA ALA I 93 -11.37 -31.34 30.11
C ALA I 93 -10.28 -30.29 30.05
N VAL I 94 -10.68 -29.09 29.61
CA VAL I 94 -9.86 -27.90 29.79
C VAL I 94 -10.16 -27.32 31.16
N TYR I 95 -9.11 -27.07 31.94
CA TYR I 95 -9.27 -26.62 33.32
C TYR I 95 -8.95 -25.14 33.42
N TYR I 96 -9.80 -24.41 34.13
CA TYR I 96 -9.68 -22.97 34.29
C TYR I 96 -9.54 -22.64 35.77
N CYS I 97 -8.63 -21.73 36.09
CA CYS I 97 -8.66 -21.08 37.39
C CYS I 97 -9.22 -19.67 37.22
N ALA I 98 -9.88 -19.18 38.27
CA ALA I 98 -10.61 -17.92 38.19
C ALA I 98 -10.67 -17.27 39.57
N ARG I 99 -11.04 -16.00 39.58
CA ARG I 99 -11.14 -15.21 40.80
C ARG I 99 -12.52 -14.58 40.90
N ARG I 100 -13.03 -14.49 42.13
CA ARG I 100 -14.27 -13.78 42.43
C ARG I 100 -14.03 -12.83 43.59
N THR I 101 -14.94 -11.88 43.75
CA THR I 101 -14.92 -10.92 44.85
C THR I 101 -16.24 -11.02 45.60
N PHE I 102 -16.16 -11.05 46.93
CA PHE I 102 -17.34 -11.12 47.77
C PHE I 102 -17.36 -9.96 48.76
N TYR I 103 -18.57 -9.51 49.10
CA TYR I 103 -18.80 -8.44 50.05
C TYR I 103 -19.89 -8.86 51.02
N TYR I 104 -20.22 -7.97 51.95
CA TYR I 104 -21.29 -8.22 52.92
C TYR I 104 -22.41 -7.23 52.70
N ASP I 105 -23.60 -7.75 52.42
CA ASP I 105 -24.80 -6.98 52.20
C ASP I 105 -25.18 -6.20 53.46
N ARG I 106 -25.98 -5.15 53.25
CA ARG I 106 -26.49 -4.35 54.36
C ARG I 106 -27.08 -5.20 55.48
N SER I 107 -27.76 -6.29 55.10
CA SER I 107 -28.35 -7.20 56.09
C SER I 107 -27.32 -8.05 56.80
N GLY I 108 -26.08 -8.10 56.31
CA GLY I 108 -25.07 -8.94 56.89
C GLY I 108 -24.84 -10.25 56.18
N GLN I 109 -25.48 -10.46 55.04
CA GLN I 109 -25.32 -11.70 54.28
C GLN I 109 -24.16 -11.56 53.30
N LYS I 110 -23.33 -12.61 53.22
CA LYS I 110 -22.27 -12.63 52.24
C LYS I 110 -22.87 -12.68 50.84
N VAL I 111 -22.24 -11.96 49.91
CA VAL I 111 -22.66 -11.94 48.52
C VAL I 111 -21.42 -12.10 47.65
N VAL I 112 -21.41 -13.10 46.77
CA VAL I 112 -20.27 -13.38 45.91
C VAL I 112 -20.62 -12.97 44.49
N GLU I 113 -19.81 -12.10 43.90
CA GLU I 113 -20.00 -11.66 42.52
C GLU I 113 -19.55 -12.75 41.56
N PRO I 114 -19.95 -12.68 40.28
CA PRO I 114 -19.57 -13.73 39.33
C PRO I 114 -18.07 -13.75 39.05
N PHE I 115 -17.63 -14.64 38.15
CA PHE I 115 -16.21 -14.83 37.87
C PHE I 115 -15.67 -13.67 37.05
N ASP I 116 -14.97 -12.73 37.71
CA ASP I 116 -14.41 -11.58 37.00
C ASP I 116 -13.27 -12.00 36.07
N TYR I 117 -12.25 -12.63 36.63
CA TYR I 117 -11.01 -12.91 35.93
C TYR I 117 -10.84 -14.40 35.72
N TRP I 118 -10.22 -14.76 34.61
CA TRP I 118 -9.99 -16.15 34.23
C TRP I 118 -8.54 -16.35 33.82
N GLY I 119 -8.12 -17.60 33.81
CA GLY I 119 -6.86 -17.99 33.22
C GLY I 119 -7.02 -18.25 31.74
N GLN I 120 -5.95 -18.77 31.13
CA GLN I 120 -6.04 -19.16 29.73
C GLN I 120 -6.61 -20.55 29.55
N GLY I 121 -6.60 -21.36 30.60
CA GLY I 121 -7.07 -22.73 30.47
C GLY I 121 -5.97 -23.67 30.06
N THR I 122 -6.10 -24.93 30.52
CA THR I 122 -5.13 -25.97 30.19
C THR I 122 -5.88 -27.27 30.01
N LEU I 123 -5.53 -28.00 28.95
CA LEU I 123 -6.18 -29.28 28.68
C LEU I 123 -5.49 -30.39 29.46
N VAL I 124 -6.31 -31.28 30.03
CA VAL I 124 -5.82 -32.53 30.61
C VAL I 124 -6.62 -33.66 30.00
N THR I 125 -5.93 -34.70 29.56
CA THR I 125 -6.55 -35.86 28.94
C THR I 125 -6.34 -37.07 29.84
N VAL I 126 -7.41 -37.77 30.17
CA VAL I 126 -7.35 -38.99 30.96
C VAL I 126 -7.34 -40.16 30.00
N SER I 127 -6.29 -40.98 30.08
CA SER I 127 -6.09 -42.07 29.14
C SER I 127 -4.96 -42.96 29.64
N SER I 128 -5.11 -44.26 29.43
CA SER I 128 -4.01 -45.17 29.68
C SER I 128 -3.01 -45.20 28.54
N ALA I 129 -3.32 -44.56 27.42
CA ALA I 129 -2.42 -44.51 26.28
C ALA I 129 -1.17 -43.71 26.61
N SER I 130 -0.11 -43.98 25.86
CA SER I 130 1.19 -43.37 26.09
C SER I 130 1.40 -42.16 25.20
N THR I 131 2.33 -41.30 25.62
CA THR I 131 2.70 -40.14 24.81
C THR I 131 3.36 -40.59 23.51
N LYS I 132 3.08 -39.85 22.44
CA LYS I 132 3.63 -40.14 21.13
C LYS I 132 3.81 -38.82 20.38
N GLY I 133 5.02 -38.59 19.87
CA GLY I 133 5.34 -37.37 19.17
C GLY I 133 4.87 -37.37 17.73
N PRO I 134 4.69 -36.18 17.16
CA PRO I 134 4.14 -36.08 15.80
C PRO I 134 5.21 -36.26 14.74
N SER I 135 4.75 -36.76 13.59
CA SER I 135 5.53 -36.73 12.36
C SER I 135 5.03 -35.56 11.51
N VAL I 136 5.95 -34.74 11.02
CA VAL I 136 5.60 -33.57 10.21
C VAL I 136 5.94 -33.87 8.75
N PHE I 137 4.97 -33.65 7.87
CA PHE I 137 5.11 -33.96 6.46
C PHE I 137 4.75 -32.75 5.61
N PRO I 138 5.45 -32.53 4.50
CA PRO I 138 5.19 -31.36 3.67
C PRO I 138 3.96 -31.55 2.78
N LEU I 139 3.16 -30.49 2.68
CA LEU I 139 2.09 -30.40 1.69
C LEU I 139 2.57 -29.41 0.65
N ALA I 140 3.20 -29.92 -0.40
CA ALA I 140 3.91 -29.09 -1.35
C ALA I 140 2.93 -28.29 -2.21
N PRO I 141 3.27 -27.06 -2.57
CA PRO I 141 2.43 -26.30 -3.51
C PRO I 141 2.48 -26.92 -4.89
N SER I 142 1.32 -27.01 -5.53
CA SER I 142 1.24 -27.60 -6.86
C SER I 142 1.88 -26.68 -7.89
N SER I 143 2.37 -27.28 -8.97
CA SER I 143 2.94 -26.50 -10.07
C SER I 143 1.86 -25.82 -10.89
N LYS I 144 0.64 -26.34 -10.87
CA LYS I 144 -0.49 -25.78 -11.63
C LYS I 144 -1.22 -24.68 -10.87
N SER I 145 -0.47 -23.82 -10.17
CA SER I 145 -1.07 -22.76 -9.37
C SER I 145 -1.16 -21.47 -10.17
N THR I 146 -2.31 -20.80 -10.05
CA THR I 146 -2.67 -19.61 -10.83
C THR I 146 -1.50 -18.65 -10.97
N SER I 147 -1.13 -18.37 -12.23
CA SER I 147 0.07 -17.58 -12.51
C SER I 147 0.00 -16.21 -11.83
N GLY I 148 -1.09 -15.48 -12.03
CA GLY I 148 -1.27 -14.21 -11.36
C GLY I 148 -2.11 -14.33 -10.11
N GLY I 149 -2.22 -15.54 -9.57
CA GLY I 149 -3.08 -15.79 -8.43
C GLY I 149 -2.36 -16.26 -7.19
N THR I 150 -3.08 -16.98 -6.32
CA THR I 150 -2.57 -17.42 -5.05
C THR I 150 -2.33 -18.93 -5.06
N ALA I 151 -1.37 -19.36 -4.25
CA ALA I 151 -1.02 -20.76 -4.10
C ALA I 151 -1.30 -21.23 -2.68
N ALA I 152 -1.25 -22.54 -2.49
CA ALA I 152 -1.55 -23.14 -1.20
C ALA I 152 -0.51 -24.20 -0.87
N LEU I 153 0.04 -24.13 0.33
CA LEU I 153 1.02 -25.07 0.83
C LEU I 153 0.78 -25.27 2.32
N GLY I 154 1.40 -26.30 2.89
CA GLY I 154 1.20 -26.52 4.31
C GLY I 154 1.99 -27.68 4.84
N CYS I 155 1.63 -28.07 6.06
CA CYS I 155 2.29 -29.11 6.81
C CYS I 155 1.26 -30.09 7.35
N LEU I 156 1.60 -31.38 7.33
CA LEU I 156 0.74 -32.42 7.87
C LEU I 156 1.36 -32.93 9.16
N VAL I 157 0.71 -32.64 10.28
CA VAL I 157 1.15 -33.08 11.60
C VAL I 157 0.32 -34.31 11.98
N LYS I 158 0.96 -35.47 12.04
CA LYS I 158 0.25 -36.75 12.07
C LYS I 158 0.75 -37.64 13.19
N ASP I 159 -0.19 -38.39 13.78
CA ASP I 159 0.10 -39.51 14.69
C ASP I 159 0.76 -39.02 15.99
N TYR I 160 0.02 -38.18 16.71
CA TYR I 160 0.49 -37.68 17.99
C TYR I 160 -0.60 -37.87 19.05
N PHE I 161 -0.15 -37.87 20.31
CA PHE I 161 -0.98 -38.02 21.49
C PHE I 161 -0.16 -37.63 22.71
N PRO I 162 -0.71 -36.86 23.66
CA PRO I 162 -2.04 -36.26 23.69
C PRO I 162 -2.06 -34.90 23.00
N GLU I 163 -3.24 -34.32 22.81
CA GLU I 163 -3.31 -32.94 22.37
C GLU I 163 -2.81 -32.03 23.48
N PRO I 164 -2.41 -30.78 23.15
CA PRO I 164 -2.41 -30.06 21.88
C PRO I 164 -1.08 -30.01 21.14
N VAL I 165 -1.15 -29.51 19.91
CA VAL I 165 0.01 -29.16 19.10
C VAL I 165 -0.16 -27.71 18.67
N THR I 166 0.93 -26.95 18.68
CA THR I 166 0.92 -25.59 18.14
C THR I 166 1.71 -25.57 16.83
N VAL I 167 1.22 -24.78 15.88
CA VAL I 167 1.85 -24.65 14.57
C VAL I 167 2.05 -23.18 14.26
N SER I 168 3.28 -22.81 13.92
CA SER I 168 3.64 -21.45 13.53
C SER I 168 4.38 -21.51 12.20
N TRP I 169 4.27 -20.43 11.42
CA TRP I 169 4.91 -20.35 10.11
C TRP I 169 5.96 -19.26 10.11
N ASN I 170 7.15 -19.59 9.61
CA ASN I 170 8.29 -18.69 9.57
C ASN I 170 8.50 -18.00 10.92
N SER I 171 8.45 -18.81 11.98
CA SER I 171 8.74 -18.40 13.35
C SER I 171 7.81 -17.31 13.86
N GLY I 172 6.59 -17.25 13.31
CA GLY I 172 5.60 -16.27 13.74
C GLY I 172 5.48 -15.06 12.84
N ALA I 173 6.37 -14.90 11.86
CA ALA I 173 6.28 -13.75 10.96
C ALA I 173 5.12 -13.89 9.98
N LEU I 174 4.79 -15.12 9.59
CA LEU I 174 3.74 -15.37 8.61
C LEU I 174 2.46 -15.78 9.33
N THR I 175 1.47 -14.90 9.33
CA THR I 175 0.18 -15.19 9.96
C THR I 175 -1.00 -15.00 9.02
N SER I 176 -0.95 -14.02 8.13
CA SER I 176 -2.05 -13.79 7.19
C SER I 176 -2.24 -14.99 6.29
N GLY I 177 -3.47 -15.51 6.24
CA GLY I 177 -3.80 -16.64 5.40
C GLY I 177 -3.46 -17.99 5.97
N VAL I 178 -3.20 -18.08 7.26
CA VAL I 178 -2.90 -19.35 7.92
C VAL I 178 -4.20 -19.97 8.43
N HIS I 179 -4.39 -21.26 8.17
CA HIS I 179 -5.51 -22.03 8.70
C HIS I 179 -4.96 -23.29 9.34
N THR I 180 -4.90 -23.34 10.67
CA THR I 180 -4.57 -24.56 11.38
C THR I 180 -5.88 -25.27 11.74
N PHE I 181 -6.07 -26.45 11.20
CA PHE I 181 -7.35 -27.11 11.34
C PHE I 181 -7.44 -27.83 12.69
N PRO I 182 -8.66 -27.97 13.22
CA PRO I 182 -8.84 -28.80 14.41
C PRO I 182 -8.37 -30.22 14.16
N ALA I 183 -7.82 -30.83 15.20
CA ALA I 183 -7.28 -32.17 15.07
C ALA I 183 -8.40 -33.19 14.97
N VAL I 184 -8.09 -34.33 14.36
CA VAL I 184 -9.02 -35.44 14.24
C VAL I 184 -8.43 -36.65 14.95
N LEU I 185 -9.27 -37.35 15.69
CA LEU I 185 -8.88 -38.58 16.37
C LEU I 185 -9.00 -39.74 15.40
N GLN I 186 -7.88 -40.40 15.12
CA GLN I 186 -7.86 -41.51 14.18
C GLN I 186 -8.23 -42.81 14.88
N SER I 187 -8.48 -43.85 14.05
CA SER I 187 -8.78 -45.17 14.60
C SER I 187 -7.65 -45.69 15.48
N SER I 188 -6.43 -45.21 15.25
CA SER I 188 -5.27 -45.61 16.05
C SER I 188 -5.29 -45.03 17.45
N GLY I 189 -6.19 -44.08 17.73
CA GLY I 189 -6.11 -43.32 18.95
C GLY I 189 -5.11 -42.18 18.90
N LEU I 190 -4.48 -41.96 17.75
CA LEU I 190 -3.52 -40.88 17.57
C LEU I 190 -4.18 -39.75 16.80
N TYR I 191 -3.82 -38.52 17.15
CA TYR I 191 -4.39 -37.34 16.51
C TYR I 191 -3.60 -36.95 15.26
N SER I 192 -4.29 -36.28 14.35
CA SER I 192 -3.67 -35.81 13.12
C SER I 192 -4.27 -34.47 12.75
N LEU I 193 -3.47 -33.63 12.10
CA LEU I 193 -3.79 -32.22 11.94
C LEU I 193 -3.04 -31.69 10.73
N SER I 194 -3.61 -30.67 10.09
CA SER I 194 -2.96 -30.02 8.96
C SER I 194 -3.01 -28.52 9.14
N SER I 195 -1.90 -27.86 8.81
CA SER I 195 -1.81 -26.41 8.78
C SER I 195 -1.50 -26.01 7.34
N VAL I 196 -2.30 -25.09 6.80
CA VAL I 196 -2.10 -24.61 5.44
C VAL I 196 -2.03 -23.08 5.46
N VAL I 197 -1.35 -22.53 4.47
CA VAL I 197 -1.24 -21.08 4.29
C VAL I 197 -1.35 -20.77 2.81
N THR I 198 -2.04 -19.68 2.49
CA THR I 198 -2.16 -19.21 1.11
C THR I 198 -1.17 -18.07 0.90
N VAL I 199 -0.41 -18.17 -0.20
CA VAL I 199 0.64 -17.20 -0.51
C VAL I 199 0.56 -16.84 -1.98
N PRO I 200 1.19 -15.73 -2.39
CA PRO I 200 1.27 -15.40 -3.81
C PRO I 200 2.13 -16.41 -4.57
N SER I 201 1.60 -16.94 -5.66
CA SER I 201 2.35 -17.87 -6.49
C SER I 201 3.61 -17.24 -7.06
N SER I 202 3.67 -15.91 -7.12
CA SER I 202 4.87 -15.24 -7.60
C SER I 202 6.08 -15.53 -6.73
N SER I 203 5.85 -15.75 -5.43
CA SER I 203 6.92 -15.93 -4.45
C SER I 203 7.35 -17.38 -4.30
N LEU I 204 6.72 -18.32 -5.01
CA LEU I 204 6.98 -19.73 -4.76
C LEU I 204 8.41 -20.13 -5.06
N GLY I 205 9.12 -19.39 -5.90
CA GLY I 205 10.52 -19.69 -6.15
C GLY I 205 11.46 -18.96 -5.21
N THR I 206 10.99 -17.83 -4.66
CA THR I 206 11.83 -16.93 -3.88
C THR I 206 11.72 -17.13 -2.38
N GLN I 207 10.51 -17.32 -1.85
CA GLN I 207 10.26 -17.15 -0.43
C GLN I 207 10.41 -18.48 0.32
N THR I 208 11.14 -18.43 1.44
CA THR I 208 11.25 -19.58 2.33
C THR I 208 9.97 -19.72 3.14
N TYR I 209 9.43 -20.94 3.20
CA TYR I 209 8.24 -21.22 3.99
C TYR I 209 8.53 -22.41 4.90
N ILE I 210 8.72 -22.13 6.19
CA ILE I 210 8.98 -23.15 7.19
C ILE I 210 7.82 -23.14 8.18
N CYS I 211 7.30 -24.32 8.50
CA CYS I 211 6.31 -24.47 9.56
C CYS I 211 6.98 -25.01 10.81
N ASN I 212 6.65 -24.41 11.95
CA ASN I 212 7.30 -24.71 13.21
C ASN I 212 6.29 -25.42 14.12
N VAL I 213 6.50 -26.72 14.31
CA VAL I 213 5.59 -27.56 15.08
C VAL I 213 6.21 -27.83 16.45
N ASN I 214 5.38 -27.77 17.48
CA ASN I 214 5.81 -28.02 18.85
C ASN I 214 4.77 -28.88 19.55
N HIS I 215 5.22 -29.98 20.15
CA HIS I 215 4.36 -30.89 20.91
C HIS I 215 5.02 -31.11 22.26
N LYS I 216 4.65 -30.28 23.24
CA LYS I 216 5.35 -30.26 24.51
C LYS I 216 5.37 -31.61 25.25
N PRO I 217 4.30 -32.43 25.26
CA PRO I 217 4.38 -33.70 25.99
C PRO I 217 5.50 -34.62 25.53
N SER I 218 5.77 -34.67 24.22
CA SER I 218 6.82 -35.53 23.69
C SER I 218 8.16 -34.83 23.52
N ASN I 219 8.26 -33.55 23.92
CA ASN I 219 9.48 -32.75 23.75
C ASN I 219 9.90 -32.70 22.28
N THR I 220 8.94 -32.52 21.39
CA THR I 220 9.15 -32.59 19.95
C THR I 220 8.94 -31.21 19.35
N LYS I 221 10.03 -30.61 18.86
CA LYS I 221 10.01 -29.38 18.09
C LYS I 221 10.60 -29.67 16.72
N VAL I 222 9.81 -29.45 15.67
CA VAL I 222 10.22 -29.74 14.30
C VAL I 222 9.92 -28.51 13.44
N ASP I 223 10.94 -28.08 12.69
CA ASP I 223 10.81 -27.04 11.68
C ASP I 223 10.89 -27.73 10.31
N LYS I 224 9.78 -27.75 9.57
CA LYS I 224 9.73 -28.38 8.26
C LYS I 224 9.64 -27.33 7.17
N ARG I 225 10.57 -27.39 6.22
CA ARG I 225 10.53 -26.51 5.06
C ARG I 225 9.61 -27.10 4.01
N VAL I 226 8.64 -26.31 3.56
CA VAL I 226 7.71 -26.72 2.51
C VAL I 226 8.22 -26.08 1.22
N GLU I 227 9.06 -26.82 0.49
CA GLU I 227 9.57 -26.38 -0.81
C GLU I 227 8.65 -26.86 -1.92
N PRO I 228 8.64 -26.17 -3.07
CA PRO I 228 7.85 -26.64 -4.21
C PRO I 228 8.57 -27.77 -4.93
N LYS I 229 7.88 -28.90 -5.07
CA LYS I 229 8.30 -30.00 -5.95
C LYS I 229 7.22 -31.08 -5.99
N GLU J 1 -30.24 -28.39 43.44
CA GLU J 1 -29.53 -28.62 42.18
C GLU J 1 -30.19 -27.84 41.05
N ILE J 2 -29.99 -26.53 41.04
CA ILE J 2 -30.57 -25.69 40.00
C ILE J 2 -30.06 -26.13 38.65
N VAL J 3 -30.97 -26.35 37.71
CA VAL J 3 -30.64 -26.65 36.32
C VAL J 3 -31.01 -25.44 35.48
N LEU J 4 -30.04 -24.95 34.70
CA LEU J 4 -30.29 -23.85 33.77
C LEU J 4 -30.40 -24.42 32.36
N THR J 5 -31.48 -24.07 31.67
CA THR J 5 -31.78 -24.61 30.34
C THR J 5 -31.80 -23.45 29.34
N GLN J 6 -30.86 -23.46 28.40
CA GLN J 6 -30.75 -22.40 27.41
C GLN J 6 -31.41 -22.79 26.10
N SER J 7 -32.12 -21.83 25.51
CA SER J 7 -32.74 -21.97 24.20
C SER J 7 -32.59 -20.64 23.48
N PRO J 8 -32.35 -20.67 22.15
CA PRO J 8 -32.17 -21.89 21.36
C PRO J 8 -30.79 -22.50 21.59
N SER J 9 -30.55 -23.68 21.02
CA SER J 9 -29.22 -24.26 21.10
C SER J 9 -28.27 -23.62 20.10
N THR J 10 -28.76 -23.33 18.89
CA THR J 10 -27.94 -22.74 17.84
C THR J 10 -28.72 -21.62 17.17
N LEU J 11 -27.99 -20.62 16.69
CA LEU J 11 -28.61 -19.44 16.09
C LEU J 11 -27.70 -18.90 15.00
N SER J 12 -28.28 -18.66 13.82
CA SER J 12 -27.60 -18.04 12.71
C SER J 12 -28.33 -16.75 12.36
N ALA J 13 -27.59 -15.66 12.21
CA ALA J 13 -28.20 -14.37 11.94
C ALA J 13 -27.24 -13.49 11.15
N SER J 14 -27.80 -12.47 10.51
CA SER J 14 -27.04 -11.54 9.69
C SER J 14 -26.60 -10.33 10.50
N VAL J 15 -25.56 -9.65 10.00
CA VAL J 15 -25.01 -8.49 10.70
C VAL J 15 -26.06 -7.38 10.77
N GLY J 16 -26.17 -6.75 11.94
CA GLY J 16 -27.17 -5.74 12.17
C GLY J 16 -28.49 -6.24 12.70
N ASP J 17 -28.70 -7.56 12.70
CA ASP J 17 -29.94 -8.14 13.18
C ASP J 17 -29.95 -8.20 14.71
N ARG J 18 -31.16 -8.22 15.26
CA ARG J 18 -31.35 -8.34 16.69
C ARG J 18 -31.57 -9.81 17.03
N VAL J 19 -30.82 -10.31 18.00
CA VAL J 19 -30.90 -11.70 18.43
C VAL J 19 -31.14 -11.73 19.94
N THR J 20 -31.89 -12.73 20.39
CA THR J 20 -32.29 -12.84 21.78
C THR J 20 -32.19 -14.30 22.22
N ILE J 21 -31.51 -14.52 23.35
CA ILE J 21 -31.25 -15.83 23.92
C ILE J 21 -32.05 -15.95 25.22
N THR J 22 -32.47 -17.17 25.55
CA THR J 22 -33.29 -17.42 26.72
C THR J 22 -32.63 -18.43 27.67
N CYS J 23 -32.66 -18.10 28.96
CA CYS J 23 -32.13 -18.97 30.02
C CYS J 23 -33.23 -19.16 31.06
N ARG J 24 -33.72 -20.38 31.20
CA ARG J 24 -34.75 -20.70 32.17
C ARG J 24 -34.16 -21.55 33.29
N ALA J 25 -34.60 -21.27 34.52
CA ALA J 25 -34.08 -21.92 35.72
C ALA J 25 -35.14 -22.82 36.33
N SER J 26 -34.72 -23.98 36.83
CA SER J 26 -35.66 -24.91 37.44
C SER J 26 -36.31 -24.31 38.69
N GLN J 27 -35.60 -23.42 39.38
CA GLN J 27 -36.13 -22.74 40.56
C GLN J 27 -35.80 -21.26 40.46
N SER J 28 -36.52 -20.46 41.25
CA SER J 28 -36.31 -19.03 41.26
C SER J 28 -34.92 -18.69 41.82
N ILE J 29 -34.15 -17.93 41.05
CA ILE J 29 -32.87 -17.43 41.50
C ILE J 29 -32.86 -15.91 41.58
N SER J 30 -34.04 -15.31 41.74
CA SER J 30 -34.20 -13.87 41.86
C SER J 30 -33.56 -13.16 40.66
N SER J 31 -32.47 -12.43 40.90
CA SER J 31 -31.73 -11.76 39.84
C SER J 31 -30.26 -12.16 39.79
N TRP J 32 -29.87 -13.24 40.45
CA TRP J 32 -28.46 -13.62 40.53
C TRP J 32 -28.05 -14.46 39.32
N LEU J 33 -28.16 -13.86 38.13
CA LEU J 33 -27.84 -14.55 36.88
C LEU J 33 -26.80 -13.76 36.09
N ALA J 34 -25.70 -14.39 35.75
CA ALA J 34 -24.70 -13.78 34.90
C ALA J 34 -24.75 -14.39 33.50
N TRP J 35 -24.28 -13.61 32.52
CA TRP J 35 -24.11 -14.07 31.15
C TRP J 35 -22.64 -13.99 30.77
N TYR J 36 -22.18 -14.99 30.02
CA TYR J 36 -20.79 -15.03 29.58
C TYR J 36 -20.73 -15.21 28.07
N GLN J 37 -19.64 -14.71 27.48
CA GLN J 37 -19.30 -14.92 26.08
C GLN J 37 -18.00 -15.70 26.00
N GLN J 38 -18.02 -16.84 25.30
CA GLN J 38 -16.81 -17.65 25.10
C GLN J 38 -16.57 -17.82 23.61
N LYS J 39 -15.44 -17.34 23.14
CA LYS J 39 -14.95 -17.56 21.79
C LYS J 39 -14.05 -18.78 21.74
N PRO J 40 -13.95 -19.44 20.58
CA PRO J 40 -13.28 -20.75 20.54
C PRO J 40 -11.84 -20.69 21.02
N GLY J 41 -11.50 -21.60 21.92
CA GLY J 41 -10.15 -21.70 22.45
C GLY J 41 -9.77 -20.64 23.46
N LYS J 42 -10.73 -19.85 23.92
CA LYS J 42 -10.49 -18.78 24.87
C LYS J 42 -11.35 -19.00 26.11
N ALA J 43 -11.00 -18.33 27.19
CA ALA J 43 -11.77 -18.44 28.42
C ALA J 43 -13.05 -17.61 28.32
N PRO J 44 -14.08 -17.97 29.10
CA PRO J 44 -15.30 -17.15 29.10
C PRO J 44 -15.03 -15.73 29.56
N LYS J 45 -15.84 -14.80 29.05
CA LYS J 45 -15.74 -13.39 29.36
C LYS J 45 -17.11 -12.92 29.85
N LEU J 46 -17.12 -12.14 30.93
CA LEU J 46 -18.36 -11.80 31.62
C LEU J 46 -19.03 -10.58 30.99
N LEU J 47 -20.26 -10.74 30.50
CA LEU J 47 -20.97 -9.63 29.88
C LEU J 47 -21.98 -8.97 30.80
N ILE J 48 -22.82 -9.76 31.48
CA ILE J 48 -23.94 -9.26 32.25
C ILE J 48 -23.82 -9.76 33.68
N TYR J 49 -24.03 -8.85 34.63
CA TYR J 49 -24.21 -9.20 36.04
C TYR J 49 -25.54 -8.65 36.52
N GLU J 50 -25.84 -8.87 37.81
CA GLU J 50 -27.21 -8.80 38.30
C GLU J 50 -28.05 -9.64 37.35
N ALA J 51 -28.97 -9.02 36.61
CA ALA J 51 -29.50 -9.67 35.41
C ALA J 51 -29.61 -8.72 34.24
N SER J 52 -29.49 -7.42 34.47
CA SER J 52 -29.60 -6.39 33.45
C SER J 52 -28.37 -5.50 33.40
N SER J 53 -27.42 -5.67 34.31
CA SER J 53 -26.30 -4.76 34.46
C SER J 53 -25.14 -5.19 33.59
N LEU J 54 -24.55 -4.23 32.87
CA LEU J 54 -23.48 -4.48 31.92
C LEU J 54 -22.13 -4.31 32.61
N GLU J 55 -21.23 -5.27 32.40
CA GLU J 55 -19.89 -5.16 32.97
C GLU J 55 -19.07 -4.14 32.20
N ASN J 56 -18.17 -3.46 32.90
CA ASN J 56 -17.42 -2.36 32.32
C ASN J 56 -16.67 -2.80 31.07
N GLY J 57 -16.72 -1.97 30.03
CA GLY J 57 -16.06 -2.29 28.79
C GLY J 57 -16.79 -3.26 27.89
N VAL J 58 -18.05 -3.55 28.15
CA VAL J 58 -18.85 -4.39 27.27
C VAL J 58 -19.60 -3.48 26.31
N PRO J 59 -19.61 -3.77 25.01
CA PRO J 59 -20.35 -2.93 24.06
C PRO J 59 -21.83 -2.81 24.42
N SER J 60 -22.39 -1.63 24.15
CA SER J 60 -23.75 -1.32 24.55
C SER J 60 -24.82 -2.09 23.78
N ARG J 61 -24.45 -2.79 22.70
CA ARG J 61 -25.43 -3.62 22.01
C ARG J 61 -25.86 -4.81 22.85
N PHE J 62 -25.11 -5.15 23.89
CA PHE J 62 -25.47 -6.22 24.79
C PHE J 62 -26.39 -5.70 25.90
N SER J 63 -27.29 -6.57 26.36
CA SER J 63 -28.33 -6.19 27.30
C SER J 63 -28.95 -7.46 27.88
N GLY J 64 -29.48 -7.34 29.08
CA GLY J 64 -30.12 -8.46 29.74
C GLY J 64 -31.41 -8.04 30.41
N SER J 65 -32.30 -9.01 30.59
CA SER J 65 -33.57 -8.79 31.26
C SER J 65 -34.03 -10.11 31.86
N GLY J 66 -34.81 -10.02 32.93
CA GLY J 66 -35.45 -11.18 33.52
C GLY J 66 -35.34 -11.21 35.03
N SER J 67 -36.23 -12.00 35.64
CA SER J 67 -36.23 -12.24 37.08
C SER J 67 -37.00 -13.51 37.36
N GLY J 68 -36.68 -14.14 38.49
CA GLY J 68 -37.33 -15.37 38.87
C GLY J 68 -36.77 -16.58 38.16
N THR J 69 -37.40 -16.98 37.06
CA THR J 69 -37.03 -18.20 36.36
C THR J 69 -36.69 -18.02 34.89
N GLU J 70 -37.02 -16.88 34.28
CA GLU J 70 -36.79 -16.69 32.85
C GLU J 70 -35.98 -15.42 32.65
N PHE J 71 -34.87 -15.54 31.92
CA PHE J 71 -33.96 -14.44 31.65
C PHE J 71 -33.61 -14.42 30.17
N THR J 72 -33.28 -13.23 29.66
CA THR J 72 -32.96 -13.06 28.25
C THR J 72 -31.68 -12.27 28.09
N LEU J 73 -30.94 -12.59 27.02
CA LEU J 73 -29.77 -11.84 26.59
C LEU J 73 -30.00 -11.38 25.16
N THR J 74 -29.76 -10.09 24.89
CA THR J 74 -30.09 -9.50 23.61
C THR J 74 -28.90 -8.75 23.05
N ILE J 75 -28.66 -8.93 21.76
CA ILE J 75 -27.67 -8.17 21.00
C ILE J 75 -28.45 -7.33 19.98
N SER J 76 -28.42 -6.01 20.15
CA SER J 76 -29.30 -5.13 19.38
C SER J 76 -28.86 -5.05 17.92
N SER J 77 -27.56 -5.02 17.66
CA SER J 77 -27.02 -4.98 16.31
C SER J 77 -25.88 -5.98 16.22
N LEU J 78 -26.13 -7.12 15.56
CA LEU J 78 -25.13 -8.18 15.49
C LEU J 78 -23.90 -7.72 14.72
N GLN J 79 -22.73 -8.05 15.25
CA GLN J 79 -21.48 -7.69 14.62
C GLN J 79 -20.65 -8.94 14.33
N PRO J 80 -19.80 -8.92 13.31
CA PRO J 80 -19.09 -10.14 12.91
C PRO J 80 -18.26 -10.76 14.01
N ASP J 81 -17.76 -9.97 14.96
CA ASP J 81 -16.97 -10.51 16.06
C ASP J 81 -17.80 -11.13 17.17
N ASP J 82 -19.13 -11.09 17.08
CA ASP J 82 -19.99 -11.61 18.12
C ASP J 82 -20.29 -13.10 17.98
N PHE J 83 -19.65 -13.77 17.03
CA PHE J 83 -19.75 -15.21 16.92
C PHE J 83 -19.07 -15.86 18.10
N ALA J 84 -19.82 -16.63 18.88
CA ALA J 84 -19.34 -17.25 20.12
C ALA J 84 -20.44 -18.15 20.66
N THR J 85 -20.12 -18.85 21.75
CA THR J 85 -21.12 -19.53 22.56
C THR J 85 -21.38 -18.69 23.80
N TYR J 86 -22.66 -18.56 24.15
CA TYR J 86 -23.09 -17.67 25.23
C TYR J 86 -23.69 -18.50 26.36
N TYR J 87 -23.12 -18.36 27.56
CA TYR J 87 -23.49 -19.15 28.72
C TYR J 87 -24.14 -18.26 29.78
N CYS J 88 -25.18 -18.78 30.42
CA CYS J 88 -25.74 -18.17 31.61
C CYS J 88 -25.30 -18.96 32.85
N GLN J 89 -25.22 -18.26 33.98
CA GLN J 89 -24.76 -18.87 35.22
C GLN J 89 -25.47 -18.23 36.39
N GLN J 90 -25.82 -19.03 37.40
CA GLN J 90 -26.32 -18.51 38.66
C GLN J 90 -25.17 -18.52 39.67
N TYR J 91 -24.91 -17.35 40.26
CA TYR J 91 -23.81 -17.20 41.20
C TYR J 91 -24.28 -16.93 42.62
N ASN J 92 -25.56 -17.16 42.91
CA ASN J 92 -26.04 -17.14 44.29
C ASN J 92 -25.64 -18.42 45.00
N SER J 93 -26.21 -19.55 44.57
CA SER J 93 -26.20 -20.78 45.34
C SER J 93 -24.80 -21.35 45.51
N TYR J 94 -24.69 -22.37 46.36
CA TYR J 94 -23.41 -23.00 46.64
C TYR J 94 -22.90 -23.79 45.45
N SER J 95 -23.80 -24.37 44.66
CA SER J 95 -23.43 -25.12 43.46
C SER J 95 -23.66 -24.20 42.27
N LEU J 96 -22.59 -23.56 41.80
CA LEU J 96 -22.68 -22.53 40.77
C LEU J 96 -22.83 -23.23 39.41
N THR J 97 -24.06 -23.32 38.92
CA THR J 97 -24.34 -24.09 37.71
C THR J 97 -24.39 -23.18 36.49
N PHE J 98 -23.91 -23.71 35.37
CA PHE J 98 -23.97 -23.05 34.07
C PHE J 98 -25.07 -23.68 33.23
N GLY J 99 -25.53 -22.92 32.22
CA GLY J 99 -26.40 -23.47 31.21
C GLY J 99 -25.62 -24.28 30.19
N GLY J 100 -26.35 -24.76 29.18
CA GLY J 100 -25.71 -25.49 28.10
C GLY J 100 -25.03 -24.62 27.08
N GLY J 101 -25.40 -23.35 27.00
CA GLY J 101 -24.84 -22.43 26.04
C GLY J 101 -25.70 -22.30 24.80
N THR J 102 -25.39 -21.27 24.01
CA THR J 102 -26.07 -21.02 22.75
C THR J 102 -25.00 -20.58 21.75
N LYS J 103 -24.74 -21.41 20.74
CA LYS J 103 -23.74 -21.09 19.74
C LYS J 103 -24.37 -20.19 18.67
N VAL J 104 -23.82 -18.99 18.51
CA VAL J 104 -24.31 -18.03 17.52
C VAL J 104 -23.35 -18.00 16.34
N GLU J 105 -23.88 -18.18 15.14
CA GLU J 105 -23.11 -18.10 13.90
C GLU J 105 -23.61 -16.91 13.09
N ILE J 106 -22.70 -16.30 12.33
CA ILE J 106 -23.01 -15.11 11.55
C ILE J 106 -23.35 -15.53 10.12
N LYS J 107 -24.49 -15.08 9.61
CA LYS J 107 -24.88 -15.30 8.23
C LYS J 107 -24.26 -14.23 7.34
N ARG J 108 -23.67 -14.65 6.22
CA ARG J 108 -23.12 -13.74 5.23
C ARG J 108 -23.50 -14.24 3.84
N THR J 109 -22.98 -13.56 2.81
CA THR J 109 -23.30 -13.95 1.44
C THR J 109 -22.51 -15.19 1.04
N VAL J 110 -22.96 -15.84 -0.04
CA VAL J 110 -22.44 -17.14 -0.42
C VAL J 110 -21.03 -16.98 -1.00
N ALA J 111 -20.10 -17.80 -0.51
CA ALA J 111 -18.72 -17.83 -0.98
C ALA J 111 -18.38 -19.24 -1.48
N ALA J 112 -17.41 -19.31 -2.42
CA ALA J 112 -17.08 -20.55 -3.11
C ALA J 112 -15.78 -21.16 -2.59
N PRO J 113 -15.62 -22.49 -2.70
CA PRO J 113 -14.65 -23.19 -1.84
C PRO J 113 -13.17 -22.98 -2.16
N SER J 114 -12.77 -22.69 -3.40
CA SER J 114 -11.36 -22.57 -3.78
C SER J 114 -10.59 -23.85 -3.43
N VAL J 115 -10.89 -24.91 -4.18
CA VAL J 115 -10.43 -26.25 -3.82
C VAL J 115 -8.97 -26.43 -4.24
N PHE J 116 -8.16 -26.99 -3.34
CA PHE J 116 -6.78 -27.38 -3.61
C PHE J 116 -6.61 -28.86 -3.28
N ILE J 117 -5.71 -29.51 -4.01
CA ILE J 117 -5.42 -30.93 -3.83
C ILE J 117 -3.94 -31.10 -3.49
N PHE J 118 -3.66 -31.99 -2.54
CA PHE J 118 -2.30 -32.20 -2.04
C PHE J 118 -1.99 -33.70 -2.08
N PRO J 119 -0.97 -34.10 -2.84
CA PRO J 119 -0.64 -35.54 -2.92
C PRO J 119 0.13 -35.99 -1.70
N PRO J 120 0.41 -37.28 -1.56
CA PRO J 120 1.25 -37.74 -0.46
C PRO J 120 2.70 -37.30 -0.63
N SER J 121 3.37 -37.07 0.50
CA SER J 121 4.78 -36.72 0.47
C SER J 121 5.64 -37.98 0.33
N ASP J 122 6.85 -37.79 -0.19
CA ASP J 122 7.75 -38.93 -0.39
C ASP J 122 8.23 -39.49 0.94
N GLU J 123 8.50 -38.61 1.91
CA GLU J 123 8.95 -39.04 3.22
C GLU J 123 7.89 -39.89 3.91
N GLN J 124 6.63 -39.46 3.84
CA GLN J 124 5.55 -40.24 4.43
C GLN J 124 5.39 -41.58 3.72
N LEU J 125 5.65 -41.63 2.43
CA LEU J 125 5.51 -42.89 1.69
C LEU J 125 6.59 -43.89 2.09
N LYS J 126 7.77 -43.39 2.47
CA LYS J 126 8.83 -44.28 2.93
C LYS J 126 8.39 -45.07 4.16
N SER J 127 7.51 -44.49 4.98
CA SER J 127 7.03 -45.20 6.16
C SER J 127 6.07 -46.31 5.80
N GLY J 128 5.20 -46.08 4.80
CA GLY J 128 4.26 -47.09 4.37
C GLY J 128 2.81 -46.64 4.43
N THR J 129 2.59 -45.34 4.59
CA THR J 129 1.25 -44.78 4.66
C THR J 129 1.16 -43.60 3.70
N ALA J 130 0.03 -43.49 2.99
CA ALA J 130 -0.22 -42.42 2.04
C ALA J 130 -1.40 -41.58 2.51
N SER J 131 -1.19 -40.27 2.61
CA SER J 131 -2.24 -39.34 2.99
C SER J 131 -2.49 -38.36 1.85
N VAL J 132 -3.75 -38.23 1.45
CA VAL J 132 -4.17 -37.31 0.40
C VAL J 132 -5.06 -36.25 1.05
N VAL J 133 -4.60 -35.01 1.03
CA VAL J 133 -5.30 -33.91 1.68
C VAL J 133 -6.01 -33.08 0.63
N CYS J 134 -7.26 -32.73 0.90
CA CYS J 134 -8.04 -31.82 0.06
C CYS J 134 -8.45 -30.61 0.90
N LEU J 135 -8.24 -29.42 0.35
CA LEU J 135 -8.44 -28.18 1.08
C LEU J 135 -9.55 -27.35 0.42
N LEU J 136 -10.58 -27.02 1.20
CA LEU J 136 -11.61 -26.08 0.79
C LEU J 136 -11.44 -24.83 1.62
N ASN J 137 -11.18 -23.69 0.97
CA ASN J 137 -10.72 -22.50 1.65
C ASN J 137 -11.74 -21.36 1.53
N ASN J 138 -12.09 -20.78 2.68
CA ASN J 138 -12.77 -19.49 2.76
C ASN J 138 -14.09 -19.51 1.98
N PHE J 139 -15.03 -20.31 2.49
CA PHE J 139 -16.34 -20.48 1.88
C PHE J 139 -17.43 -20.34 2.94
N TYR J 140 -18.65 -20.05 2.45
CA TYR J 140 -19.86 -20.00 3.28
C TYR J 140 -21.01 -20.21 2.32
N PRO J 141 -22.03 -21.02 2.68
CA PRO J 141 -22.32 -21.71 3.93
C PRO J 141 -21.34 -22.80 4.34
N ARG J 142 -21.41 -23.20 5.60
CA ARG J 142 -20.54 -24.24 6.13
C ARG J 142 -20.82 -25.58 5.47
N GLU J 143 -22.09 -25.86 5.16
CA GLU J 143 -22.47 -27.17 4.64
C GLU J 143 -21.89 -27.38 3.25
N ALA J 144 -21.07 -28.42 3.11
CA ALA J 144 -20.45 -28.76 1.84
C ALA J 144 -20.19 -30.25 1.80
N LYS J 145 -20.12 -30.80 0.59
CA LYS J 145 -19.97 -32.24 0.38
C LYS J 145 -18.66 -32.51 -0.34
N VAL J 146 -17.80 -33.31 0.29
CA VAL J 146 -16.51 -33.71 -0.29
C VAL J 146 -16.57 -35.21 -0.55
N GLN J 147 -16.19 -35.59 -1.77
CA GLN J 147 -16.29 -36.97 -2.23
C GLN J 147 -14.97 -37.40 -2.81
N TRP J 148 -14.39 -38.48 -2.27
CA TRP J 148 -13.11 -38.98 -2.74
C TRP J 148 -13.32 -40.04 -3.81
N LYS J 149 -12.60 -39.87 -4.93
CA LYS J 149 -12.74 -40.72 -6.11
C LYS J 149 -11.37 -41.27 -6.45
N VAL J 150 -11.22 -42.60 -6.39
CA VAL J 150 -9.95 -43.26 -6.69
C VAL J 150 -10.18 -44.14 -7.91
N ASP J 151 -9.57 -43.76 -9.03
CA ASP J 151 -9.82 -44.41 -10.33
C ASP J 151 -11.32 -44.42 -10.64
N ASN J 152 -11.96 -43.29 -10.41
CA ASN J 152 -13.40 -43.09 -10.62
C ASN J 152 -14.25 -44.04 -9.77
N ALA J 153 -13.75 -44.41 -8.59
CA ALA J 153 -14.47 -45.28 -7.68
C ALA J 153 -14.83 -44.53 -6.41
N LEU J 154 -16.09 -44.64 -6.00
CA LEU J 154 -16.56 -44.02 -4.78
C LEU J 154 -15.78 -44.55 -3.58
N GLN J 155 -15.38 -43.65 -2.69
CA GLN J 155 -14.59 -44.00 -1.52
C GLN J 155 -15.40 -43.73 -0.25
N SER J 156 -15.41 -44.71 0.66
CA SER J 156 -16.23 -44.64 1.86
C SER J 156 -15.48 -45.27 3.03
N GLY J 157 -15.46 -44.57 4.15
CA GLY J 157 -14.91 -45.11 5.38
C GLY J 157 -13.42 -44.93 5.58
N ASN J 158 -12.71 -44.34 4.63
CA ASN J 158 -11.27 -44.16 4.74
C ASN J 158 -10.88 -42.69 4.61
N SER J 159 -11.71 -41.80 5.13
CA SER J 159 -11.44 -40.37 5.09
C SER J 159 -11.95 -39.73 6.37
N GLN J 160 -11.32 -38.62 6.75
CA GLN J 160 -11.76 -37.81 7.88
C GLN J 160 -11.63 -36.35 7.50
N GLU J 161 -12.57 -35.54 7.99
CA GLU J 161 -12.63 -34.13 7.62
C GLU J 161 -12.73 -33.26 8.86
N SER J 162 -12.15 -32.07 8.77
CA SER J 162 -12.11 -31.10 9.86
C SER J 162 -12.45 -29.73 9.30
N VAL J 163 -13.25 -28.97 10.03
CA VAL J 163 -13.66 -27.63 9.64
C VAL J 163 -13.11 -26.64 10.65
N THR J 164 -12.70 -25.47 10.16
CA THR J 164 -12.25 -24.43 11.06
C THR J 164 -13.44 -23.74 11.72
N GLU J 165 -13.14 -22.85 12.66
CA GLU J 165 -14.17 -21.99 13.21
C GLU J 165 -14.38 -20.79 12.29
N GLN J 166 -15.51 -20.11 12.49
CA GLN J 166 -15.88 -19.01 11.60
C GLN J 166 -14.95 -17.82 11.81
N ASP J 167 -14.36 -17.34 10.72
CA ASP J 167 -13.46 -16.20 10.79
C ASP J 167 -14.20 -14.96 11.31
N SER J 168 -13.53 -14.24 12.22
CA SER J 168 -14.16 -13.05 12.79
C SER J 168 -14.35 -11.96 11.76
N LYS J 169 -13.41 -11.80 10.84
CA LYS J 169 -13.44 -10.68 9.92
C LYS J 169 -14.43 -10.91 8.76
N ASP J 170 -14.30 -12.05 8.07
CA ASP J 170 -15.09 -12.28 6.86
C ASP J 170 -16.19 -13.32 6.99
N SER J 171 -16.24 -14.06 8.09
CA SER J 171 -17.31 -15.00 8.41
C SER J 171 -17.35 -16.19 7.45
N THR J 172 -16.18 -16.70 7.04
CA THR J 172 -16.11 -17.88 6.19
C THR J 172 -15.54 -19.07 6.96
N TYR J 173 -15.63 -20.23 6.33
CA TYR J 173 -15.13 -21.49 6.86
C TYR J 173 -14.05 -22.04 5.93
N SER J 174 -13.26 -22.97 6.47
CA SER J 174 -12.33 -23.75 5.67
C SER J 174 -12.39 -25.20 6.10
N LEU J 175 -12.29 -26.10 5.13
CA LEU J 175 -12.50 -27.52 5.32
C LEU J 175 -11.26 -28.28 4.89
N SER J 176 -10.95 -29.36 5.59
CA SER J 176 -9.79 -30.19 5.27
C SER J 176 -10.17 -31.66 5.40
N SER J 177 -10.06 -32.40 4.30
CA SER J 177 -10.34 -33.82 4.27
C SER J 177 -9.07 -34.57 3.86
N THR J 178 -8.70 -35.58 4.65
CA THR J 178 -7.54 -36.40 4.35
C THR J 178 -7.98 -37.84 4.13
N LEU J 179 -7.57 -38.40 3.00
CA LEU J 179 -7.81 -39.80 2.67
C LEU J 179 -6.57 -40.59 3.04
N THR J 180 -6.72 -41.59 3.90
CA THR J 180 -5.60 -42.37 4.42
C THR J 180 -5.62 -43.76 3.81
N LEU J 181 -4.55 -44.09 3.08
CA LEU J 181 -4.37 -45.39 2.45
C LEU J 181 -3.02 -45.97 2.86
N SER J 182 -2.82 -47.25 2.55
CA SER J 182 -1.51 -47.84 2.67
C SER J 182 -0.68 -47.55 1.43
N LYS J 183 0.63 -47.72 1.55
CA LYS J 183 1.51 -47.50 0.40
C LYS J 183 1.15 -48.43 -0.76
N ALA J 184 0.76 -49.66 -0.46
CA ALA J 184 0.44 -50.62 -1.51
C ALA J 184 -0.82 -50.21 -2.26
N ASP J 185 -1.91 -49.94 -1.53
CA ASP J 185 -3.14 -49.53 -2.18
C ASP J 185 -2.97 -48.23 -2.94
N TYR J 186 -2.15 -47.31 -2.43
CA TYR J 186 -1.92 -46.06 -3.12
C TYR J 186 -1.15 -46.25 -4.41
N GLU J 187 -0.19 -47.17 -4.40
CA GLU J 187 0.63 -47.43 -5.59
C GLU J 187 -0.08 -48.35 -6.59
N LYS J 188 -1.18 -48.98 -6.20
CA LYS J 188 -1.92 -49.83 -7.12
C LYS J 188 -2.72 -48.99 -8.10
N HIS J 189 -3.47 -48.01 -7.61
CA HIS J 189 -4.29 -47.15 -8.44
C HIS J 189 -3.47 -45.97 -8.98
N LYS J 190 -4.06 -45.23 -9.93
CA LYS J 190 -3.35 -44.15 -10.61
C LYS J 190 -3.95 -42.79 -10.36
N VAL J 191 -5.22 -42.56 -10.73
CA VAL J 191 -5.80 -41.22 -10.63
C VAL J 191 -6.53 -41.08 -9.29
N TYR J 192 -6.21 -40.00 -8.57
CA TYR J 192 -6.81 -39.66 -7.29
C TYR J 192 -7.48 -38.30 -7.41
N ALA J 193 -8.69 -38.18 -6.89
CA ALA J 193 -9.46 -36.96 -7.09
C ALA J 193 -10.47 -36.80 -5.98
N CYS J 194 -10.90 -35.56 -5.79
CA CYS J 194 -11.88 -35.17 -4.77
CA CYS J 194 -11.90 -35.21 -4.79
C CYS J 194 -12.93 -34.28 -5.42
N GLU J 195 -14.19 -34.62 -5.23
CA GLU J 195 -15.32 -33.88 -5.79
C GLU J 195 -16.00 -33.07 -4.69
N VAL J 196 -16.25 -31.80 -4.96
CA VAL J 196 -16.75 -30.86 -3.97
C VAL J 196 -18.07 -30.28 -4.44
N THR J 197 -19.08 -30.33 -3.58
CA THR J 197 -20.39 -29.76 -3.84
C THR J 197 -20.69 -28.68 -2.82
N HIS J 198 -21.25 -27.56 -3.30
CA HIS J 198 -21.50 -26.39 -2.46
C HIS J 198 -22.43 -25.46 -3.22
N GLN J 199 -23.10 -24.57 -2.47
CA GLN J 199 -24.05 -23.64 -3.08
C GLN J 199 -23.37 -22.76 -4.11
N GLY J 200 -22.26 -22.12 -3.73
CA GLY J 200 -21.56 -21.22 -4.63
C GLY J 200 -21.05 -21.88 -5.91
N LEU J 201 -21.15 -23.19 -5.99
CA LEU J 201 -20.67 -23.96 -7.12
C LEU J 201 -21.86 -24.30 -8.00
N SER J 202 -21.83 -23.85 -9.25
CA SER J 202 -22.90 -24.19 -10.18
C SER J 202 -22.89 -25.68 -10.48
N SER J 203 -21.69 -26.23 -10.72
CA SER J 203 -21.47 -27.64 -10.94
C SER J 203 -20.31 -28.10 -10.07
N PRO J 204 -20.40 -29.29 -9.48
CA PRO J 204 -19.31 -29.80 -8.63
C PRO J 204 -17.93 -29.68 -9.29
N VAL J 205 -16.95 -29.22 -8.52
CA VAL J 205 -15.56 -29.09 -8.98
C VAL J 205 -14.78 -30.30 -8.50
N THR J 206 -13.93 -30.83 -9.37
CA THR J 206 -13.02 -31.93 -9.05
C THR J 206 -11.59 -31.45 -9.23
N LYS J 207 -10.73 -31.72 -8.24
CA LYS J 207 -9.30 -31.48 -8.34
C LYS J 207 -8.59 -32.82 -8.28
N SER J 208 -7.79 -33.11 -9.30
CA SER J 208 -7.25 -34.45 -9.51
C SER J 208 -5.74 -34.41 -9.67
N PHE J 209 -5.11 -35.54 -9.35
CA PHE J 209 -3.72 -35.78 -9.73
C PHE J 209 -3.57 -37.26 -10.07
N ASN J 210 -2.64 -37.54 -10.96
CA ASN J 210 -2.22 -38.91 -11.27
C ASN J 210 -0.97 -39.23 -10.45
N ARG J 211 -0.77 -40.53 -10.20
CA ARG J 211 0.17 -40.93 -9.14
C ARG J 211 1.56 -40.35 -9.33
N GLY J 212 1.97 -40.12 -10.58
CA GLY J 212 3.19 -39.37 -10.84
C GLY J 212 2.86 -37.95 -11.28
N GLU J 213 3.35 -37.58 -12.46
CA GLU J 213 2.86 -36.42 -13.22
C GLU J 213 2.80 -35.13 -12.38
N CYS J 214 3.92 -34.82 -11.72
CA CYS J 214 4.13 -33.51 -11.12
C CYS J 214 5.61 -33.36 -10.80
N SER J 215 6.08 -32.12 -10.82
CA SER J 215 7.51 -31.82 -10.73
C SER J 215 8.17 -32.38 -9.48
N THR K 15 -10.83 37.27 -14.01
CA THR K 15 -9.83 37.44 -12.96
C THR K 15 -9.68 36.16 -12.12
N ASN K 16 -9.04 36.30 -10.96
CA ASN K 16 -8.65 35.13 -10.18
C ASN K 16 -9.85 34.48 -9.48
N LEU K 17 -9.73 33.18 -9.22
CA LEU K 17 -10.79 32.39 -8.62
C LEU K 17 -10.65 32.36 -7.10
N CYS K 18 -11.79 32.34 -6.42
CA CYS K 18 -11.79 32.44 -4.96
C CYS K 18 -11.30 31.13 -4.34
N PRO K 19 -10.35 31.19 -3.41
CA PRO K 19 -9.72 29.97 -2.84
C PRO K 19 -10.57 29.31 -1.77
N PHE K 20 -11.71 28.73 -2.19
CA PHE K 20 -12.56 28.02 -1.24
C PHE K 20 -12.04 26.63 -0.93
N GLY K 21 -11.33 26.00 -1.88
CA GLY K 21 -10.75 24.70 -1.62
C GLY K 21 -9.72 24.73 -0.51
N GLU K 22 -9.02 25.86 -0.36
CA GLU K 22 -8.10 26.02 0.75
C GLU K 22 -8.80 25.85 2.09
N VAL K 23 -10.01 26.37 2.21
CA VAL K 23 -10.76 26.28 3.47
C VAL K 23 -11.36 24.89 3.63
N PHE K 24 -12.05 24.41 2.60
CA PHE K 24 -12.81 23.16 2.72
C PHE K 24 -11.89 21.95 2.72
N ASN K 25 -10.86 21.95 1.88
CA ASN K 25 -10.02 20.78 1.71
C ASN K 25 -8.69 20.90 2.45
N ALA K 26 -8.64 21.71 3.50
CA ALA K 26 -7.45 21.78 4.33
C ALA K 26 -7.21 20.46 5.04
N THR K 27 -5.94 20.12 5.24
CA THR K 27 -5.60 18.87 5.91
C THR K 27 -6.03 18.89 7.37
N ARG K 28 -5.72 19.97 8.08
CA ARG K 28 -5.98 20.08 9.51
C ARG K 28 -6.99 21.19 9.78
N PHE K 29 -7.92 20.93 10.68
CA PHE K 29 -8.90 21.92 11.11
C PHE K 29 -8.62 22.35 12.55
N ALA K 30 -9.36 23.34 13.01
CA ALA K 30 -9.13 23.96 14.30
C ALA K 30 -10.13 23.50 15.34
N SER K 31 -9.73 23.58 16.61
CA SER K 31 -10.68 23.44 17.70
C SER K 31 -11.71 24.57 17.61
N VAL K 32 -12.95 24.27 18.00
CA VAL K 32 -14.03 25.22 17.82
C VAL K 32 -13.81 26.48 18.66
N TYR K 33 -13.20 26.35 19.84
CA TYR K 33 -12.91 27.54 20.63
C TYR K 33 -11.88 28.44 19.95
N ALA K 34 -11.04 27.87 19.10
CA ALA K 34 -10.01 28.60 18.36
C ALA K 34 -10.29 28.55 16.86
N TRP K 35 -11.56 28.74 16.49
CA TRP K 35 -11.97 28.64 15.10
C TRP K 35 -11.17 29.60 14.23
N ASN K 36 -10.93 29.18 12.99
CA ASN K 36 -10.10 29.93 12.06
C ASN K 36 -10.96 30.70 11.07
N ARG K 37 -10.44 31.84 10.63
CA ARG K 37 -11.13 32.71 9.68
C ARG K 37 -10.18 33.09 8.55
N LYS K 38 -10.74 33.18 7.35
CA LYS K 38 -10.05 33.64 6.15
C LYS K 38 -10.89 34.73 5.50
N ARG K 39 -10.22 35.81 5.09
CA ARG K 39 -10.91 36.90 4.39
C ARG K 39 -10.78 36.67 2.89
N ILE K 40 -11.92 36.49 2.23
CA ILE K 40 -12.00 36.31 0.78
C ILE K 40 -12.39 37.63 0.15
N SER K 41 -11.62 38.05 -0.85
CA SER K 41 -11.90 39.31 -1.55
C SER K 41 -11.28 39.24 -2.93
N ASN K 42 -11.79 40.09 -3.82
CA ASN K 42 -11.21 40.31 -5.15
C ASN K 42 -10.99 38.99 -5.89
N CYS K 43 -12.09 38.28 -6.15
CA CYS K 43 -12.02 37.01 -6.85
C CYS K 43 -13.42 36.63 -7.29
N VAL K 44 -13.49 35.64 -8.19
CA VAL K 44 -14.75 35.10 -8.68
C VAL K 44 -14.97 33.75 -8.01
N ALA K 45 -16.19 33.50 -7.57
CA ALA K 45 -16.52 32.32 -6.77
C ALA K 45 -17.64 31.55 -7.45
N ASP K 46 -17.44 30.24 -7.62
CA ASP K 46 -18.47 29.35 -8.15
C ASP K 46 -19.04 28.58 -6.96
N TYR K 47 -20.15 29.09 -6.41
CA TYR K 47 -20.80 28.45 -5.29
C TYR K 47 -21.46 27.13 -5.65
N SER K 48 -21.63 26.83 -6.95
CA SER K 48 -22.24 25.57 -7.32
C SER K 48 -21.34 24.38 -6.97
N VAL K 49 -20.03 24.58 -6.94
CA VAL K 49 -19.14 23.52 -6.48
C VAL K 49 -19.52 23.07 -5.08
N LEU K 50 -19.95 24.01 -4.24
CA LEU K 50 -20.45 23.68 -2.92
C LEU K 50 -21.86 23.09 -2.98
N TYR K 51 -22.83 23.87 -3.45
CA TYR K 51 -24.23 23.45 -3.33
C TYR K 51 -24.63 22.35 -4.31
N ASN K 52 -23.75 21.90 -5.20
CA ASN K 52 -24.02 20.74 -6.04
C ASN K 52 -23.20 19.53 -5.63
N SER K 53 -22.36 19.65 -4.61
CA SER K 53 -21.63 18.51 -4.08
C SER K 53 -22.54 17.65 -3.21
N ALA K 54 -22.31 16.35 -3.24
CA ALA K 54 -23.11 15.40 -2.47
C ALA K 54 -22.47 15.03 -1.14
N SER K 55 -21.34 15.63 -0.79
CA SER K 55 -20.53 15.16 0.33
C SER K 55 -20.86 15.83 1.66
N PHE K 56 -21.75 16.82 1.67
CA PHE K 56 -22.04 17.59 2.88
C PHE K 56 -23.31 17.06 3.55
N SER K 57 -23.26 16.96 4.88
CA SER K 57 -24.42 16.52 5.64
C SER K 57 -25.37 17.67 5.94
N THR K 58 -24.83 18.86 6.20
CA THR K 58 -25.62 20.06 6.47
C THR K 58 -25.24 21.12 5.44
N PHE K 59 -26.25 21.70 4.80
CA PHE K 59 -26.05 22.84 3.89
C PHE K 59 -27.25 23.77 4.09
N LYS K 60 -27.14 24.65 5.08
CA LYS K 60 -28.22 25.57 5.44
C LYS K 60 -27.70 26.99 5.30
N CYS K 61 -28.40 27.80 4.52
CA CYS K 61 -28.07 29.19 4.30
C CYS K 61 -29.14 30.08 4.92
N TYR K 62 -28.71 31.20 5.51
CA TYR K 62 -29.59 32.07 6.26
C TYR K 62 -29.55 33.47 5.67
N GLY K 63 -30.72 34.04 5.44
CA GLY K 63 -30.83 35.35 4.83
C GLY K 63 -30.55 35.40 3.35
N VAL K 64 -30.29 34.24 2.73
CA VAL K 64 -29.94 34.20 1.31
C VAL K 64 -30.11 32.75 0.84
N SER K 65 -30.56 32.59 -0.40
CA SER K 65 -30.68 31.28 -1.01
C SER K 65 -29.39 30.91 -1.71
N PRO K 66 -28.93 29.65 -1.59
CA PRO K 66 -27.66 29.27 -2.23
C PRO K 66 -27.71 29.38 -3.75
N THR K 67 -28.82 28.99 -4.36
CA THR K 67 -28.92 29.00 -5.82
C THR K 67 -28.88 30.41 -6.39
N LYS K 68 -29.19 31.42 -5.58
CA LYS K 68 -29.12 32.80 -6.03
C LYS K 68 -27.76 33.44 -5.78
N LEU K 69 -26.81 32.68 -5.23
CA LEU K 69 -25.51 33.25 -4.89
C LEU K 69 -24.68 33.56 -6.14
N ASN K 70 -24.76 32.71 -7.16
CA ASN K 70 -23.95 32.92 -8.35
C ASN K 70 -24.37 34.14 -9.14
N ASP K 71 -25.48 34.78 -8.78
CA ASP K 71 -25.93 36.00 -9.44
C ASP K 71 -25.74 37.23 -8.58
N LEU K 72 -25.07 37.10 -7.44
CA LEU K 72 -24.94 38.19 -6.48
C LEU K 72 -23.47 38.57 -6.31
N CYS K 73 -23.24 39.83 -5.93
CA CYS K 73 -21.92 40.36 -5.68
C CYS K 73 -21.84 40.85 -4.24
N PHE K 74 -20.70 40.59 -3.59
CA PHE K 74 -20.46 41.01 -2.22
C PHE K 74 -19.11 41.71 -2.15
N THR K 75 -18.94 42.53 -1.10
CA THR K 75 -17.68 43.21 -0.91
C THR K 75 -16.63 42.29 -0.31
N ASN K 76 -17.02 41.48 0.67
CA ASN K 76 -16.11 40.53 1.29
C ASN K 76 -16.90 39.28 1.67
N VAL K 77 -16.22 38.13 1.65
CA VAL K 77 -16.76 36.87 2.15
C VAL K 77 -15.78 36.34 3.20
N TYR K 78 -16.32 35.92 4.34
CA TYR K 78 -15.52 35.36 5.42
C TYR K 78 -15.87 33.88 5.60
N ALA K 79 -14.83 33.06 5.74
CA ALA K 79 -14.98 31.60 5.81
C ALA K 79 -14.37 31.10 7.12
N ASP K 80 -15.22 30.70 8.04
CA ASP K 80 -14.79 30.20 9.34
C ASP K 80 -14.86 28.67 9.35
N SER K 81 -13.94 28.04 10.10
CA SER K 81 -13.82 26.59 10.06
C SER K 81 -13.33 26.05 11.38
N PHE K 82 -13.84 24.87 11.76
CA PHE K 82 -13.57 24.23 13.06
C PHE K 82 -14.21 22.84 13.04
N VAL K 83 -14.03 22.11 14.14
CA VAL K 83 -14.55 20.74 14.30
C VAL K 83 -15.40 20.67 15.57
N ILE K 84 -16.55 19.99 15.48
CA ILE K 84 -17.43 19.75 16.62
C ILE K 84 -18.06 18.37 16.48
N ARG K 85 -18.82 17.97 17.49
CA ARG K 85 -19.63 16.76 17.43
C ARG K 85 -20.80 16.94 16.47
N GLY K 86 -21.28 15.83 15.92
CA GLY K 86 -22.46 15.88 15.07
C GLY K 86 -23.68 16.41 15.80
N ASP K 87 -23.80 16.08 17.09
CA ASP K 87 -24.89 16.55 17.93
C ASP K 87 -24.86 18.04 18.18
N GLU K 88 -23.77 18.73 17.83
CA GLU K 88 -23.64 20.15 18.07
C GLU K 88 -23.76 20.99 16.81
N VAL K 89 -23.85 20.37 15.63
CA VAL K 89 -23.94 21.13 14.38
C VAL K 89 -25.23 21.94 14.34
N ARG K 90 -26.28 21.44 14.98
CA ARG K 90 -27.52 22.20 15.09
C ARG K 90 -27.29 23.55 15.77
N GLN K 91 -26.33 23.62 16.70
CA GLN K 91 -26.05 24.86 17.43
C GLN K 91 -25.41 25.93 16.55
N ILE K 92 -24.79 25.54 15.44
CA ILE K 92 -24.17 26.51 14.55
C ILE K 92 -25.26 27.12 13.68
N ALA K 93 -26.06 28.00 14.26
CA ALA K 93 -27.19 28.62 13.59
C ALA K 93 -27.62 29.83 14.40
N PRO K 94 -28.28 30.81 13.78
CA PRO K 94 -28.73 32.00 14.53
C PRO K 94 -29.69 31.63 15.65
N GLY K 95 -29.50 32.28 16.79
CA GLY K 95 -30.43 32.16 17.90
C GLY K 95 -30.32 30.89 18.70
N GLN K 96 -29.23 30.14 18.56
CA GLN K 96 -29.11 28.87 19.23
C GLN K 96 -28.54 29.04 20.65
N THR K 97 -28.65 27.98 21.44
CA THR K 97 -28.13 27.97 22.79
C THR K 97 -27.43 26.63 23.04
N GLY K 98 -26.58 26.62 24.06
CA GLY K 98 -25.70 25.51 24.34
C GLY K 98 -24.26 25.98 24.51
N LYS K 99 -23.42 25.04 24.95
CA LYS K 99 -22.04 25.40 25.24
C LYS K 99 -21.28 25.85 23.99
N ILE K 100 -21.61 25.29 22.82
CA ILE K 100 -20.92 25.69 21.61
C ILE K 100 -21.41 27.04 21.12
N ALA K 101 -22.73 27.23 21.09
CA ALA K 101 -23.29 28.49 20.62
C ALA K 101 -23.00 29.63 21.59
N ASP K 102 -22.80 29.35 22.87
CA ASP K 102 -22.62 30.41 23.85
C ASP K 102 -21.17 30.68 24.23
N TYR K 103 -20.31 29.66 24.25
CA TYR K 103 -18.94 29.83 24.71
C TYR K 103 -17.89 29.65 23.62
N ASN K 104 -18.28 29.33 22.39
CA ASN K 104 -17.28 29.01 21.36
C ASN K 104 -17.52 29.74 20.04
N TYR K 105 -18.68 29.55 19.41
CA TYR K 105 -18.99 30.17 18.13
C TYR K 105 -20.44 30.62 18.11
N LYS K 106 -20.65 31.93 18.04
CA LYS K 106 -21.97 32.56 18.03
C LYS K 106 -22.26 33.13 16.65
N LEU K 107 -23.49 32.95 16.18
CA LEU K 107 -23.89 33.68 14.99
C LEU K 107 -24.93 34.72 15.36
N PRO K 108 -24.96 35.88 14.71
CA PRO K 108 -25.88 36.95 15.10
C PRO K 108 -27.29 36.73 14.59
N ASP K 109 -28.20 37.56 15.09
CA ASP K 109 -29.60 37.47 14.69
C ASP K 109 -29.80 37.92 13.25
N ASP K 110 -28.97 38.83 12.74
CA ASP K 110 -29.05 39.30 11.37
C ASP K 110 -28.01 38.63 10.47
N PHE K 111 -27.70 37.36 10.72
CA PHE K 111 -26.73 36.63 9.93
C PHE K 111 -27.18 36.46 8.50
N THR K 112 -26.29 36.74 7.55
CA THR K 112 -26.45 36.37 6.16
C THR K 112 -25.28 35.47 5.79
N GLY K 113 -25.55 34.20 5.52
CA GLY K 113 -24.49 33.30 5.14
C GLY K 113 -24.95 31.85 5.18
N CYS K 114 -23.97 30.96 5.05
CA CYS K 114 -24.23 29.54 4.90
C CYS K 114 -23.40 28.73 5.89
N VAL K 115 -24.01 27.66 6.39
CA VAL K 115 -23.38 26.74 7.34
C VAL K 115 -23.28 25.39 6.64
N ILE K 116 -22.06 24.90 6.46
CA ILE K 116 -21.80 23.64 5.75
C ILE K 116 -20.99 22.72 6.65
N ALA K 117 -21.39 21.46 6.70
CA ALA K 117 -20.75 20.49 7.59
C ALA K 117 -20.78 19.09 6.98
N TRP K 118 -19.70 18.34 7.20
CA TRP K 118 -19.62 16.95 6.77
C TRP K 118 -18.98 16.11 7.87
N ASN K 119 -19.25 14.81 7.82
CA ASN K 119 -18.65 13.87 8.76
C ASN K 119 -17.17 13.70 8.45
N SER K 120 -16.33 13.81 9.48
CA SER K 120 -14.89 13.68 9.32
C SER K 120 -14.33 12.56 10.20
N ASN K 121 -15.14 11.53 10.46
CA ASN K 121 -14.67 10.41 11.28
C ASN K 121 -13.42 9.76 10.70
N ASN K 122 -13.36 9.63 9.37
CA ASN K 122 -12.24 8.98 8.73
C ASN K 122 -10.92 9.70 9.02
N LEU K 123 -10.97 10.99 9.31
CA LEU K 123 -9.77 11.79 9.50
C LEU K 123 -9.50 12.15 10.95
N ASP K 124 -10.53 12.44 11.74
CA ASP K 124 -10.37 13.12 13.02
C ASP K 124 -10.58 12.23 14.23
N SER K 125 -10.89 10.95 14.04
CA SER K 125 -10.96 10.01 15.16
C SER K 125 -9.86 8.97 15.02
N LYS K 126 -9.32 8.56 16.17
CA LYS K 126 -8.29 7.54 16.24
C LYS K 126 -8.71 6.46 17.23
N VAL K 127 -8.29 5.23 16.96
CA VAL K 127 -8.50 4.16 17.95
C VAL K 127 -7.79 4.54 19.24
N GLY K 128 -8.50 4.37 20.36
CA GLY K 128 -8.07 4.90 21.64
C GLY K 128 -8.50 6.32 21.88
N GLY K 129 -9.00 7.02 20.86
CA GLY K 129 -9.56 8.34 21.03
C GLY K 129 -8.62 9.47 20.67
N ASN K 130 -9.04 10.31 19.73
CA ASN K 130 -8.35 11.57 19.44
C ASN K 130 -8.84 12.63 20.42
N TYR K 131 -7.95 13.10 21.29
CA TYR K 131 -8.31 14.07 22.31
C TYR K 131 -7.78 15.47 22.00
N ASN K 132 -7.31 15.71 20.77
CA ASN K 132 -6.70 16.99 20.44
C ASN K 132 -7.73 18.10 20.24
N TYR K 133 -8.93 17.76 19.77
CA TYR K 133 -9.97 18.76 19.57
C TYR K 133 -10.65 19.08 20.89
N ARG K 134 -10.70 20.36 21.24
CA ARG K 134 -11.29 20.80 22.51
C ARG K 134 -12.36 21.87 22.26
N TYR K 135 -13.05 22.23 23.34
CA TYR K 135 -14.05 23.28 23.34
C TYR K 135 -14.14 23.88 24.73
N ARG K 136 -14.53 25.17 24.79
CA ARG K 136 -14.58 25.89 26.05
C ARG K 136 -15.87 25.58 26.80
N LEU K 137 -15.75 25.17 28.06
CA LEU K 137 -16.89 24.77 28.87
C LEU K 137 -17.29 25.81 29.91
N PHE K 138 -16.41 26.75 30.26
CA PHE K 138 -16.67 27.71 31.32
C PHE K 138 -16.34 29.12 30.84
N ARG K 139 -17.22 30.07 31.13
CA ARG K 139 -16.98 31.46 30.76
C ARG K 139 -17.83 32.39 31.61
N LYS K 140 -17.23 33.53 31.99
CA LYS K 140 -17.94 34.52 32.80
C LYS K 140 -19.19 35.06 32.12
N SER K 141 -19.26 34.99 30.80
CA SER K 141 -20.39 35.52 30.05
C SER K 141 -20.43 34.86 28.69
N ASN K 142 -21.60 34.91 28.06
CA ASN K 142 -21.72 34.38 26.71
C ASN K 142 -20.97 35.27 25.72
N LEU K 143 -20.51 34.67 24.64
CA LEU K 143 -19.84 35.43 23.60
C LEU K 143 -20.82 36.33 22.87
N LYS K 144 -20.34 37.50 22.47
CA LYS K 144 -21.06 38.31 21.51
C LYS K 144 -20.90 37.71 20.11
N PRO K 145 -21.85 37.95 19.20
CA PRO K 145 -21.76 37.35 17.86
C PRO K 145 -20.41 37.57 17.19
N PHE K 146 -19.77 36.46 16.79
CA PHE K 146 -18.50 36.40 16.05
C PHE K 146 -17.28 36.65 16.94
N GLU K 147 -17.46 36.76 18.25
CA GLU K 147 -16.34 36.94 19.16
C GLU K 147 -15.55 35.65 19.29
N ARG K 148 -14.27 35.77 19.62
CA ARG K 148 -13.37 34.63 19.75
C ARG K 148 -12.59 34.74 21.05
N ASP K 149 -12.40 33.61 21.73
CA ASP K 149 -11.72 33.55 23.03
C ASP K 149 -10.80 32.34 23.03
N ILE K 150 -9.50 32.59 23.20
CA ILE K 150 -8.52 31.52 23.30
C ILE K 150 -7.76 31.59 24.63
N SER K 151 -8.35 32.22 25.63
CA SER K 151 -7.73 32.25 26.96
C SER K 151 -7.75 30.86 27.58
N THR K 152 -6.73 30.57 28.37
CA THR K 152 -6.69 29.35 29.17
C THR K 152 -6.62 29.66 30.66
N GLU K 153 -7.10 30.85 31.05
CA GLU K 153 -7.10 31.25 32.44
C GLU K 153 -8.04 30.36 33.25
N ILE K 154 -7.64 30.05 34.49
CA ILE K 154 -8.45 29.21 35.35
C ILE K 154 -9.76 29.92 35.67
N TYR K 155 -10.88 29.25 35.47
CA TYR K 155 -12.19 29.84 35.69
C TYR K 155 -12.57 29.77 37.17
N GLN K 156 -13.01 30.89 37.73
CA GLN K 156 -13.40 30.98 39.13
C GLN K 156 -14.92 30.83 39.22
N ALA K 157 -15.37 29.66 39.67
CA ALA K 157 -16.79 29.41 39.85
C ALA K 157 -17.27 29.67 41.25
N GLY K 158 -16.37 29.97 42.19
CA GLY K 158 -16.75 30.26 43.56
C GLY K 158 -16.28 31.63 44.01
N SER K 159 -16.35 31.90 45.31
CA SER K 159 -15.97 33.21 45.83
C SER K 159 -14.48 33.35 46.10
N LYS K 160 -13.70 32.26 46.00
CA LYS K 160 -12.27 32.33 46.31
C LYS K 160 -11.46 32.48 45.03
N PRO K 161 -10.47 33.37 44.99
CA PRO K 161 -9.63 33.50 43.80
C PRO K 161 -8.83 32.23 43.55
N CYS K 162 -8.56 31.97 42.28
CA CYS K 162 -7.95 30.72 41.86
C CYS K 162 -6.43 30.75 41.90
N ASN K 163 -5.82 31.93 41.71
CA ASN K 163 -4.37 32.08 41.74
C ASN K 163 -3.68 31.19 40.71
N GLY K 164 -4.34 30.99 39.56
CA GLY K 164 -3.74 30.30 38.44
C GLY K 164 -3.75 28.78 38.50
N VAL K 165 -4.26 28.18 39.58
CA VAL K 165 -4.21 26.74 39.75
C VAL K 165 -5.62 26.17 39.77
N GLU K 166 -5.76 24.95 39.29
CA GLU K 166 -7.02 24.22 39.39
C GLU K 166 -7.24 23.76 40.82
N GLY K 167 -8.46 23.95 41.32
CA GLY K 167 -8.80 23.58 42.66
C GLY K 167 -10.30 23.48 42.85
N PHE K 168 -10.75 23.58 44.09
CA PHE K 168 -12.18 23.58 44.36
C PHE K 168 -12.80 24.85 43.79
N ASN K 169 -13.85 24.68 42.98
CA ASN K 169 -14.53 25.79 42.30
C ASN K 169 -13.56 26.61 41.44
N CYS K 170 -12.49 25.97 40.95
CA CYS K 170 -11.49 26.62 40.12
C CYS K 170 -11.06 25.63 39.04
N TYR K 171 -11.57 25.83 37.81
CA TYR K 171 -11.49 24.84 36.76
C TYR K 171 -10.73 25.34 35.55
N PHE K 172 -9.97 24.43 34.94
CA PHE K 172 -9.42 24.68 33.61
C PHE K 172 -10.58 24.84 32.63
N PRO K 173 -10.58 25.87 31.77
CA PRO K 173 -11.80 26.23 31.03
C PRO K 173 -12.10 25.37 29.81
N LEU K 174 -11.20 24.47 29.40
CA LEU K 174 -11.40 23.71 28.17
C LEU K 174 -11.65 22.24 28.47
N GLN K 175 -12.39 21.60 27.57
CA GLN K 175 -12.74 20.19 27.69
C GLN K 175 -12.49 19.50 26.35
N SER K 176 -11.75 18.39 26.39
CA SER K 176 -11.44 17.67 25.16
C SER K 176 -12.61 16.81 24.73
N TYR K 177 -12.82 16.73 23.42
CA TYR K 177 -13.63 15.66 22.86
C TYR K 177 -12.84 14.37 22.86
N GLY K 178 -13.55 13.26 22.97
CA GLY K 178 -12.94 11.96 22.81
C GLY K 178 -13.45 11.28 21.56
N PHE K 179 -12.84 11.56 20.42
CA PHE K 179 -13.34 11.08 19.14
C PHE K 179 -12.75 9.70 18.86
N GLN K 180 -13.61 8.68 18.95
CA GLN K 180 -13.29 7.29 18.65
C GLN K 180 -14.06 6.84 17.41
N PRO K 181 -13.43 6.06 16.53
CA PRO K 181 -14.11 5.63 15.29
C PRO K 181 -15.38 4.84 15.54
N THR K 182 -15.54 4.29 16.75
CA THR K 182 -16.67 3.44 17.09
C THR K 182 -17.79 4.20 17.78
N ASN K 183 -17.63 5.51 18.01
CA ASN K 183 -18.70 6.30 18.59
C ASN K 183 -19.88 6.39 17.65
N GLY K 184 -21.03 6.79 18.20
CA GLY K 184 -22.20 7.06 17.40
C GLY K 184 -22.01 8.26 16.50
N VAL K 185 -22.92 8.37 15.54
CA VAL K 185 -22.85 9.47 14.58
C VAL K 185 -22.89 10.82 15.29
N GLY K 186 -23.56 10.89 16.43
CA GLY K 186 -23.68 12.17 17.13
C GLY K 186 -22.47 12.54 17.95
N TYR K 187 -21.68 11.55 18.37
CA TYR K 187 -20.43 11.80 19.06
C TYR K 187 -19.23 11.62 18.14
N GLN K 188 -19.45 11.64 16.84
CA GLN K 188 -18.44 11.55 15.80
C GLN K 188 -18.01 12.96 15.38
N PRO K 189 -16.79 13.11 14.86
CA PRO K 189 -16.32 14.45 14.48
C PRO K 189 -16.93 14.92 13.17
N TYR K 190 -17.27 16.21 13.13
CA TYR K 190 -17.79 16.85 11.93
C TYR K 190 -17.01 18.13 11.68
N ARG K 191 -16.58 18.33 10.44
CA ARG K 191 -15.92 19.57 10.05
C ARG K 191 -16.95 20.55 9.53
N VAL K 192 -16.79 21.82 9.92
CA VAL K 192 -17.79 22.85 9.66
C VAL K 192 -17.11 24.06 9.04
N VAL K 193 -17.68 24.56 7.95
CA VAL K 193 -17.29 25.84 7.35
C VAL K 193 -18.50 26.75 7.37
N VAL K 194 -18.30 27.99 7.83
CA VAL K 194 -19.37 28.99 7.90
C VAL K 194 -18.96 30.17 7.01
N LEU K 195 -19.72 30.39 5.94
CA LEU K 195 -19.48 31.50 5.03
C LEU K 195 -20.35 32.69 5.44
N SER K 196 -19.72 33.86 5.55
CA SER K 196 -20.41 35.10 5.90
C SER K 196 -20.27 36.10 4.76
N PHE K 197 -21.38 36.70 4.37
CA PHE K 197 -21.41 37.63 3.24
C PHE K 197 -21.61 39.06 3.74
N GLU K 198 -20.76 39.97 3.28
CA GLU K 198 -20.77 41.36 3.72
C GLU K 198 -20.87 42.27 2.51
N LEU K 199 -21.91 43.09 2.45
CA LEU K 199 -22.12 44.06 1.38
C LEU K 199 -21.92 45.45 1.93
N LEU K 200 -20.89 46.14 1.43
CA LEU K 200 -20.59 47.51 1.83
C LEU K 200 -21.01 48.50 0.75
N HIS K 201 -20.89 49.79 1.08
CA HIS K 201 -21.12 50.84 0.10
C HIS K 201 -19.98 50.90 -0.92
N ALA K 202 -18.85 50.28 -0.62
CA ALA K 202 -17.74 50.20 -1.56
C ALA K 202 -18.08 49.27 -2.71
N PRO K 203 -17.36 49.35 -3.83
CA PRO K 203 -17.59 48.42 -4.93
C PRO K 203 -17.40 46.97 -4.50
N ALA K 204 -18.22 46.10 -5.09
CA ALA K 204 -18.29 44.69 -4.68
C ALA K 204 -17.28 43.87 -5.46
N THR K 205 -16.32 43.28 -4.75
CA THR K 205 -15.20 42.59 -5.40
C THR K 205 -15.42 41.08 -5.54
N VAL K 206 -16.25 40.46 -4.70
CA VAL K 206 -16.49 39.02 -4.76
C VAL K 206 -17.81 38.80 -5.48
N CYS K 207 -17.72 38.30 -6.71
CA CYS K 207 -18.87 38.10 -7.57
C CYS K 207 -18.87 36.68 -8.11
N GLY K 208 -20.07 36.16 -8.37
CA GLY K 208 -20.21 34.87 -8.98
C GLY K 208 -19.98 34.92 -10.48
N PRO K 209 -19.91 33.74 -11.10
CA PRO K 209 -19.68 33.64 -12.54
C PRO K 209 -20.93 33.96 -13.35
N GLN L 1 -17.21 69.43 9.82
CA GLN L 1 -15.99 68.64 9.85
C GLN L 1 -16.03 67.54 10.90
N VAL L 2 -15.75 66.31 10.48
CA VAL L 2 -15.72 65.17 11.39
C VAL L 2 -14.45 65.26 12.24
N GLN L 3 -14.62 65.33 13.56
CA GLN L 3 -13.47 65.49 14.44
C GLN L 3 -13.69 64.74 15.75
N LEU L 4 -12.57 64.51 16.44
CA LEU L 4 -12.54 63.97 17.79
C LEU L 4 -11.64 64.88 18.62
N VAL L 5 -12.19 65.41 19.72
CA VAL L 5 -11.47 66.32 20.61
C VAL L 5 -11.32 65.63 21.96
N GLN L 6 -10.09 65.61 22.48
CA GLN L 6 -9.80 64.88 23.70
C GLN L 6 -9.53 65.83 24.86
N SER L 7 -9.53 65.23 26.06
CA SER L 7 -9.22 65.95 27.29
C SER L 7 -7.79 66.49 27.25
N GLY L 8 -7.52 67.47 28.13
CA GLY L 8 -6.22 68.08 28.19
C GLY L 8 -5.22 67.26 28.98
N ALA L 9 -3.94 67.66 28.86
CA ALA L 9 -2.86 66.94 29.52
C ALA L 9 -3.09 66.88 31.03
N GLN L 10 -2.65 65.78 31.63
CA GLN L 10 -2.89 65.51 33.04
C GLN L 10 -1.59 65.21 33.76
N LEU L 11 -1.50 65.68 35.00
CA LEU L 11 -0.44 65.33 35.94
C LEU L 11 -1.09 64.67 37.14
N LYS L 12 -0.70 63.43 37.43
CA LYS L 12 -1.29 62.67 38.52
C LYS L 12 -0.17 61.95 39.27
N LYS L 13 -0.55 61.39 40.40
CA LYS L 13 0.38 60.74 41.31
C LYS L 13 0.01 59.27 41.45
N PRO L 14 1.01 58.39 41.54
CA PRO L 14 0.73 56.94 41.52
C PRO L 14 -0.31 56.54 42.57
N GLY L 15 -1.32 55.81 42.10
CA GLY L 15 -2.43 55.37 42.92
C GLY L 15 -3.70 56.14 42.70
N GLU L 16 -3.63 57.31 42.04
CA GLU L 16 -4.80 58.13 41.81
C GLU L 16 -5.55 57.67 40.56
N SER L 17 -6.87 57.74 40.63
CA SER L 17 -7.69 57.41 39.48
C SER L 17 -7.68 58.55 38.46
N LEU L 18 -7.93 58.20 37.20
CA LEU L 18 -8.00 59.19 36.12
C LEU L 18 -9.00 58.74 35.09
N LYS L 19 -9.67 59.71 34.48
CA LYS L 19 -10.70 59.48 33.47
C LYS L 19 -10.55 60.55 32.38
N ILE L 20 -10.09 60.16 31.20
CA ILE L 20 -9.93 61.09 30.09
C ILE L 20 -11.09 60.90 29.13
N SER L 21 -11.29 61.89 28.26
CA SER L 21 -12.48 61.97 27.42
C SER L 21 -12.10 62.11 25.95
N CYS L 22 -13.08 61.84 25.09
CA CYS L 22 -12.91 61.88 23.64
C CYS L 22 -14.28 62.16 23.04
N LYS L 23 -14.51 63.40 22.60
CA LYS L 23 -15.82 63.85 22.15
C LYS L 23 -15.88 63.89 20.63
N GLY L 24 -16.92 63.28 20.07
CA GLY L 24 -17.12 63.28 18.64
C GLY L 24 -18.03 64.41 18.17
N SER L 25 -17.73 64.92 16.97
CA SER L 25 -18.52 65.98 16.35
C SER L 25 -18.59 65.72 14.86
N GLY L 26 -19.68 66.18 14.24
CA GLY L 26 -19.83 66.15 12.80
C GLY L 26 -20.26 64.81 12.22
N TYR L 27 -20.57 63.81 13.03
CA TYR L 27 -21.08 62.55 12.51
C TYR L 27 -21.99 61.91 13.55
N ASN L 28 -22.74 60.91 13.12
CA ASN L 28 -23.59 60.13 14.03
C ASN L 28 -22.69 59.28 14.92
N PHE L 29 -22.57 59.70 16.19
CA PHE L 29 -21.65 59.07 17.12
C PHE L 29 -21.96 57.60 17.36
N SER L 30 -23.19 57.17 17.14
CA SER L 30 -23.63 55.82 17.52
C SER L 30 -23.46 54.79 16.41
N ARG L 31 -23.09 55.19 15.19
CA ARG L 31 -22.93 54.25 14.11
C ARG L 31 -21.47 53.94 13.80
N TYR L 32 -20.55 54.40 14.63
CA TYR L 32 -19.12 54.21 14.39
C TYR L 32 -18.44 53.76 15.68
N TRP L 33 -17.32 53.05 15.51
CA TRP L 33 -16.55 52.53 16.63
C TRP L 33 -15.48 53.52 17.06
N ILE L 34 -15.11 53.47 18.34
CA ILE L 34 -14.01 54.26 18.87
C ILE L 34 -12.99 53.31 19.48
N ALA L 35 -11.72 53.50 19.14
CA ALA L 35 -10.62 52.77 19.74
C ALA L 35 -9.74 53.73 20.52
N TRP L 36 -9.20 53.25 21.64
CA TRP L 36 -8.16 53.97 22.37
C TRP L 36 -6.81 53.37 21.97
N VAL L 37 -5.89 54.23 21.57
CA VAL L 37 -4.56 53.82 21.14
C VAL L 37 -3.54 54.54 22.02
N ARG L 38 -2.65 53.77 22.64
CA ARG L 38 -1.64 54.33 23.52
C ARG L 38 -0.31 54.44 22.78
N HIS L 39 0.39 55.54 23.02
CA HIS L 39 1.71 55.82 22.43
C HIS L 39 2.69 55.94 23.59
N MET L 40 3.36 54.83 23.91
CA MET L 40 4.21 54.83 25.10
C MET L 40 5.60 55.37 24.76
N PRO L 41 6.30 55.92 25.76
CA PRO L 41 7.62 56.52 25.50
C PRO L 41 8.60 55.52 24.89
N GLY L 42 9.09 55.85 23.70
CA GLY L 42 10.02 55.00 22.99
C GLY L 42 9.40 53.83 22.28
N LYS L 43 8.08 53.70 22.28
CA LYS L 43 7.37 52.60 21.64
C LYS L 43 6.47 53.13 20.53
N GLY L 44 5.78 52.21 19.86
CA GLY L 44 4.91 52.58 18.77
C GLY L 44 3.49 52.86 19.20
N LEU L 45 2.53 52.25 18.49
CA LEU L 45 1.11 52.42 18.77
C LEU L 45 0.49 51.07 19.11
N GLU L 46 -0.39 51.07 20.09
CA GLU L 46 -1.03 49.84 20.56
C GLU L 46 -2.48 50.13 20.88
N VAL L 47 -3.38 49.25 20.43
CA VAL L 47 -4.79 49.40 20.69
C VAL L 47 -5.09 48.84 22.08
N MET L 48 -5.66 49.68 22.94
CA MET L 48 -6.05 49.23 24.28
C MET L 48 -7.42 48.56 24.27
N GLY L 49 -8.40 49.18 23.62
CA GLY L 49 -9.73 48.60 23.52
C GLY L 49 -10.57 49.39 22.55
N ILE L 50 -11.76 48.86 22.29
CA ILE L 50 -12.70 49.46 21.34
C ILE L 50 -14.09 49.44 21.96
N ILE L 51 -14.91 50.42 21.57
CA ILE L 51 -16.28 50.54 22.06
C ILE L 51 -17.19 50.99 20.92
N TYR L 52 -18.38 50.42 20.87
CA TYR L 52 -19.41 50.79 19.90
C TYR L 52 -20.49 51.57 20.65
N PRO L 53 -20.47 52.91 20.59
CA PRO L 53 -21.24 53.71 21.56
C PRO L 53 -22.74 53.46 21.57
N ASP L 54 -23.34 53.02 20.46
CA ASP L 54 -24.77 52.71 20.49
C ASP L 54 -25.06 51.58 21.44
N ASP L 55 -24.32 50.48 21.31
CA ASP L 55 -24.49 49.31 22.16
C ASP L 55 -23.73 49.42 23.48
N SER L 56 -22.70 50.26 23.52
CA SER L 56 -21.65 50.18 24.54
C SER L 56 -21.01 48.80 24.56
N ASP L 57 -21.03 48.13 23.40
CA ASP L 57 -20.22 46.94 23.17
C ASP L 57 -18.75 47.31 23.30
N THR L 58 -18.08 46.78 24.32
CA THR L 58 -16.71 47.15 24.66
C THR L 58 -15.84 45.92 24.61
N ARG L 59 -14.71 46.02 23.91
CA ARG L 59 -13.72 44.95 23.84
C ARG L 59 -12.38 45.47 24.36
N TYR L 60 -11.65 44.62 25.06
CA TYR L 60 -10.39 44.99 25.68
C TYR L 60 -9.27 44.10 25.17
N SER L 61 -8.10 44.70 24.97
CA SER L 61 -6.91 43.91 24.68
C SER L 61 -6.48 43.18 25.95
N PRO L 62 -5.97 41.95 25.83
CA PRO L 62 -5.53 41.22 27.04
C PRO L 62 -4.47 41.97 27.85
N SER L 63 -3.85 42.99 27.27
CA SER L 63 -2.80 43.74 27.98
C SER L 63 -3.39 44.60 29.09
N VAL L 64 -4.57 45.19 28.85
CA VAL L 64 -5.10 46.25 29.71
C VAL L 64 -6.25 45.79 30.58
N ARG L 65 -6.67 44.53 30.48
CA ARG L 65 -7.82 44.08 31.28
C ARG L 65 -7.57 44.34 32.76
N GLY L 66 -8.64 44.65 33.48
CA GLY L 66 -8.55 44.88 34.91
C GLY L 66 -8.12 46.27 35.31
N GLN L 67 -7.14 46.84 34.60
CA GLN L 67 -6.60 48.13 35.01
C GLN L 67 -7.35 49.32 34.41
N VAL L 68 -8.04 49.15 33.29
CA VAL L 68 -8.74 50.27 32.66
C VAL L 68 -10.19 49.89 32.35
N THR L 69 -11.00 50.93 32.16
CA THR L 69 -12.41 50.78 31.79
C THR L 69 -12.72 51.76 30.67
N ILE L 70 -13.27 51.25 29.57
CA ILE L 70 -13.70 52.07 28.46
C ILE L 70 -15.21 52.23 28.53
N SER L 71 -15.68 53.46 28.34
CA SER L 71 -17.08 53.81 28.57
C SER L 71 -17.55 54.74 27.47
N ALA L 72 -18.87 54.89 27.37
CA ALA L 72 -19.45 55.73 26.33
C ALA L 72 -20.76 56.33 26.82
N ASP L 73 -20.91 57.64 26.64
CA ASP L 73 -22.15 58.35 26.91
C ASP L 73 -22.76 58.75 25.56
N LYS L 74 -23.76 57.98 25.12
CA LYS L 74 -24.41 58.26 23.86
C LYS L 74 -24.99 59.68 23.83
N SER L 75 -25.60 60.11 24.94
CA SER L 75 -26.37 61.34 24.95
C SER L 75 -25.52 62.59 24.76
N THR L 76 -24.20 62.51 25.00
CA THR L 76 -23.33 63.67 24.84
C THR L 76 -22.17 63.43 23.88
N SER L 77 -22.19 62.32 23.13
CA SER L 77 -21.22 62.05 22.07
C SER L 77 -19.78 62.02 22.61
N ILE L 78 -19.57 61.24 23.68
CA ILE L 78 -18.28 61.21 24.36
C ILE L 78 -17.99 59.79 24.82
N VAL L 79 -16.74 59.36 24.64
CA VAL L 79 -16.26 58.09 25.16
C VAL L 79 -15.13 58.38 26.15
N TYR L 80 -15.05 57.56 27.19
CA TYR L 80 -14.08 57.74 28.26
C TYR L 80 -13.13 56.56 28.33
N LEU L 81 -11.92 56.82 28.82
CA LEU L 81 -10.98 55.81 29.25
C LEU L 81 -10.61 56.12 30.70
N GLN L 82 -10.57 55.09 31.55
CA GLN L 82 -10.46 55.32 32.99
C GLN L 82 -9.56 54.30 33.67
N TRP L 83 -8.64 54.80 34.49
CA TRP L 83 -7.79 53.98 35.36
C TRP L 83 -8.26 54.08 36.80
N SER L 84 -8.24 52.96 37.51
CA SER L 84 -8.59 52.97 38.94
C SER L 84 -7.40 53.33 39.82
N SER L 85 -6.22 52.75 39.56
CA SER L 85 -4.98 53.12 40.24
C SER L 85 -3.91 53.30 39.17
N LEU L 86 -3.47 54.53 38.97
CA LEU L 86 -2.47 54.83 37.95
C LEU L 86 -1.09 54.39 38.43
N LYS L 87 -0.39 53.65 37.59
CA LYS L 87 1.01 53.32 37.81
C LYS L 87 1.89 54.30 37.07
N ALA L 88 3.14 54.43 37.52
CA ALA L 88 4.11 55.21 36.77
C ALA L 88 4.30 54.66 35.36
N SER L 89 4.11 53.36 35.18
CA SER L 89 4.21 52.73 33.86
C SER L 89 3.11 53.18 32.91
N ASP L 90 2.05 53.82 33.40
CA ASP L 90 0.96 54.28 32.56
C ASP L 90 1.25 55.64 31.93
N THR L 91 2.42 56.22 32.20
CA THR L 91 2.78 57.51 31.61
C THR L 91 2.95 57.37 30.09
N GLY L 92 2.33 58.28 29.36
CA GLY L 92 2.42 58.27 27.91
C GLY L 92 1.36 59.17 27.31
N ILE L 93 1.19 59.00 25.99
CA ILE L 93 0.22 59.76 25.21
C ILE L 93 -0.88 58.81 24.75
N TYR L 94 -2.12 59.24 24.88
CA TYR L 94 -3.28 58.40 24.59
C TYR L 94 -4.15 59.06 23.54
N TYR L 95 -4.36 58.35 22.42
CA TYR L 95 -5.20 58.81 21.33
C TYR L 95 -6.49 58.00 21.28
N CYS L 96 -7.57 58.68 20.88
CA CYS L 96 -8.78 58.01 20.45
C CYS L 96 -8.95 58.21 18.95
N ALA L 97 -9.42 57.17 18.27
CA ALA L 97 -9.59 57.23 16.82
C ALA L 97 -10.84 56.44 16.45
N ARG L 98 -11.48 56.86 15.36
CA ARG L 98 -12.72 56.27 14.90
C ARG L 98 -12.47 55.26 13.80
N PHE L 99 -13.19 54.15 13.83
CA PHE L 99 -13.14 53.17 12.75
C PHE L 99 -14.52 52.58 12.52
N GLY L 100 -14.73 52.06 11.32
CA GLY L 100 -16.00 51.48 10.96
C GLY L 100 -16.63 52.11 9.74
N ALA L 101 -17.50 51.36 9.06
CA ALA L 101 -18.15 51.81 7.84
C ALA L 101 -19.45 52.55 8.10
N GLY L 102 -19.86 52.71 9.35
CA GLY L 102 -21.09 53.41 9.66
C GLY L 102 -22.36 52.68 9.31
N MET L 103 -22.27 51.40 8.97
CA MET L 103 -23.43 50.63 8.54
C MET L 103 -23.92 49.71 9.65
N THR L 104 -25.21 49.39 9.59
CA THR L 104 -25.81 48.40 10.47
C THR L 104 -25.89 47.06 9.73
N GLY L 105 -26.36 46.04 10.43
CA GLY L 105 -26.41 44.71 9.86
C GLY L 105 -25.08 43.99 9.92
N MET L 106 -24.74 43.26 8.87
CA MET L 106 -23.54 42.43 8.86
C MET L 106 -22.24 43.22 8.96
N PRO L 107 -22.07 44.34 8.24
CA PRO L 107 -20.77 45.05 8.29
C PRO L 107 -20.28 45.38 9.70
N ARG L 108 -21.20 45.61 10.65
CA ARG L 108 -20.79 46.01 12.00
C ARG L 108 -19.86 45.00 12.64
N TYR L 109 -20.06 43.70 12.38
CA TYR L 109 -19.25 42.68 13.00
C TYR L 109 -17.83 42.60 12.43
N PHE L 110 -17.54 43.29 11.33
CA PHE L 110 -16.23 43.28 10.70
C PHE L 110 -15.64 44.68 10.57
N ASP L 111 -16.15 45.64 11.35
CA ASP L 111 -15.61 46.99 11.31
C ASP L 111 -14.15 47.03 11.78
N THR L 112 -13.69 46.00 12.47
CA THR L 112 -12.30 45.94 12.93
C THR L 112 -11.32 45.62 11.79
N THR L 113 -11.81 45.17 10.65
CA THR L 113 -10.97 45.05 9.45
C THR L 113 -10.72 46.39 8.78
N ARG L 114 -11.34 47.46 9.27
CA ARG L 114 -11.25 48.78 8.67
C ARG L 114 -10.16 49.59 9.36
N TRP L 115 -10.13 50.90 9.12
CA TRP L 115 -9.01 51.77 9.49
C TRP L 115 -9.48 52.89 10.42
N PHE L 116 -8.50 53.51 11.09
CA PHE L 116 -8.72 54.66 11.95
C PHE L 116 -8.49 55.93 11.14
N ASP L 117 -9.57 56.67 10.83
CA ASP L 117 -9.32 57.85 10.02
C ASP L 117 -9.45 59.15 10.81
N PRO L 118 -10.58 59.43 11.49
CA PRO L 118 -10.60 60.57 12.42
C PRO L 118 -9.84 60.21 13.69
N TRP L 119 -8.63 60.75 13.82
CA TRP L 119 -7.79 60.59 14.99
C TRP L 119 -7.92 61.83 15.89
N GLY L 120 -7.82 61.60 17.21
CA GLY L 120 -7.88 62.71 18.14
C GLY L 120 -6.51 63.32 18.40
N GLN L 121 -6.53 64.48 19.06
CA GLN L 121 -5.31 65.23 19.31
C GLN L 121 -4.36 64.47 20.24
N GLY L 122 -4.89 63.67 21.14
CA GLY L 122 -4.09 62.97 22.11
C GLY L 122 -4.11 63.64 23.46
N THR L 123 -3.91 62.84 24.51
CA THR L 123 -3.87 63.32 25.89
C THR L 123 -2.62 62.75 26.54
N GLN L 124 -1.72 63.64 26.98
CA GLN L 124 -0.54 63.22 27.69
C GLN L 124 -0.87 63.00 29.15
N VAL L 125 -0.49 61.83 29.68
CA VAL L 125 -0.66 61.48 31.07
C VAL L 125 0.71 61.18 31.64
N THR L 126 1.12 61.95 32.64
CA THR L 126 2.38 61.73 33.34
C THR L 126 2.10 61.44 34.81
N VAL L 127 2.55 60.27 35.26
CA VAL L 127 2.37 59.78 36.62
C VAL L 127 3.74 59.59 37.22
N SER L 128 4.02 60.26 38.35
CA SER L 128 5.37 60.21 38.92
C SER L 128 5.33 60.57 40.39
N SER L 129 5.89 59.69 41.23
CA SER L 129 6.23 60.04 42.60
C SER L 129 7.42 61.00 42.59
N ALA L 130 7.18 62.24 43.02
CA ALA L 130 8.17 63.31 42.85
C ALA L 130 9.52 62.91 43.48
N SER L 131 9.56 62.80 44.80
CA SER L 131 10.76 62.38 45.52
C SER L 131 11.98 63.18 45.08
N THR L 132 11.89 64.51 45.26
CA THR L 132 13.03 65.38 45.01
C THR L 132 14.26 64.82 45.69
N LYS L 133 15.24 64.41 44.88
CA LYS L 133 16.36 63.62 45.38
C LYS L 133 17.63 64.06 44.67
N GLY L 134 18.75 63.95 45.38
CA GLY L 134 20.04 64.34 44.84
C GLY L 134 20.73 63.21 44.11
N PRO L 135 21.63 63.57 43.21
CA PRO L 135 22.33 62.56 42.41
C PRO L 135 23.45 61.86 43.18
N SER L 136 23.64 60.58 42.84
CA SER L 136 24.79 59.82 43.28
C SER L 136 25.75 59.67 42.10
N VAL L 137 27.03 59.93 42.33
CA VAL L 137 28.03 60.00 41.27
C VAL L 137 29.03 58.87 41.45
N PHE L 138 29.31 58.13 40.39
CA PHE L 138 30.27 57.05 40.40
C PHE L 138 31.23 57.21 39.22
N PRO L 139 32.53 56.98 39.44
CA PRO L 139 33.50 57.20 38.36
C PRO L 139 33.54 56.06 37.37
N LEU L 140 33.70 56.40 36.10
CA LEU L 140 33.84 55.43 35.01
C LEU L 140 35.30 55.43 34.57
N ALA L 141 36.07 54.49 35.10
CA ALA L 141 37.51 54.48 34.91
C ALA L 141 37.87 54.26 33.44
N PRO L 142 39.03 54.75 33.00
CA PRO L 142 39.46 54.53 31.62
C PRO L 142 39.97 53.12 31.40
N SER L 143 40.13 52.78 30.12
CA SER L 143 40.57 51.45 29.73
C SER L 143 42.08 51.31 29.89
N SER L 144 42.59 50.12 29.57
CA SER L 144 44.02 49.86 29.64
C SER L 144 44.73 50.34 28.38
N GLY L 150 46.64 56.02 22.00
CA GLY L 150 46.49 57.41 21.59
C GLY L 150 45.36 58.13 22.29
N THR L 151 44.14 57.63 22.09
CA THR L 151 42.94 58.20 22.67
C THR L 151 42.31 57.21 23.64
N ALA L 152 41.96 57.69 24.83
CA ALA L 152 41.28 56.92 25.85
C ALA L 152 40.13 57.75 26.41
N ALA L 153 39.13 57.08 26.99
CA ALA L 153 37.89 57.72 27.41
C ALA L 153 37.54 57.35 28.84
N LEU L 154 37.15 58.36 29.61
CA LEU L 154 36.74 58.23 30.99
C LEU L 154 35.52 59.10 31.25
N GLY L 155 34.89 58.87 32.40
CA GLY L 155 33.74 59.69 32.77
C GLY L 155 33.26 59.36 34.17
N CYS L 156 32.14 59.99 34.54
CA CYS L 156 31.46 59.68 35.79
C CYS L 156 29.96 59.58 35.51
N LEU L 157 29.26 58.88 36.40
CA LEU L 157 27.86 58.51 36.19
C LEU L 157 26.98 59.12 37.27
N VAL L 158 26.03 59.94 36.85
CA VAL L 158 24.99 60.49 37.73
C VAL L 158 23.84 59.50 37.73
N LYS L 159 23.46 58.99 38.91
CA LYS L 159 22.70 57.74 38.90
C LYS L 159 21.24 57.83 39.33
N ASP L 160 20.84 58.75 40.21
CA ASP L 160 19.43 58.81 40.59
C ASP L 160 19.08 60.18 41.13
N TYR L 161 18.24 60.93 40.40
CA TYR L 161 17.83 62.27 40.83
C TYR L 161 16.47 62.61 40.25
N PHE L 162 15.87 63.68 40.80
CA PHE L 162 14.62 64.30 40.39
C PHE L 162 14.50 65.63 41.14
N PRO L 163 14.01 66.70 40.49
CA PRO L 163 13.71 66.76 39.06
C PRO L 163 14.94 67.20 38.30
N GLU L 164 14.89 67.07 36.97
CA GLU L 164 15.95 67.63 36.15
C GLU L 164 15.92 69.15 36.30
N PRO L 165 17.06 69.84 36.05
CA PRO L 165 18.31 69.47 35.40
C PRO L 165 19.53 69.23 36.30
N VAL L 166 20.50 68.54 35.71
CA VAL L 166 21.81 68.29 36.31
C VAL L 166 22.87 68.86 35.38
N THR L 167 23.86 69.52 35.97
CA THR L 167 24.97 70.14 35.24
C THR L 167 26.27 69.43 35.60
N VAL L 168 27.05 69.09 34.58
CA VAL L 168 28.31 68.37 34.79
C VAL L 168 29.42 69.11 34.07
N SER L 169 30.45 69.50 34.81
CA SER L 169 31.66 70.10 34.27
C SER L 169 32.84 69.19 34.58
N TRP L 170 33.97 69.49 33.95
CA TRP L 170 35.19 68.70 34.12
C TRP L 170 36.35 69.63 34.45
N ASN L 171 37.06 69.31 35.54
CA ASN L 171 38.14 70.15 36.07
C ASN L 171 37.67 71.57 36.36
N SER L 172 36.41 71.68 36.83
CA SER L 172 35.83 72.94 37.27
C SER L 172 35.90 74.01 36.18
N GLY L 173 35.68 73.60 34.93
CA GLY L 173 35.67 74.50 33.81
C GLY L 173 36.92 74.50 32.96
N ALA L 174 38.03 73.97 33.49
CA ALA L 174 39.28 73.94 32.72
C ALA L 174 39.18 72.99 31.54
N LEU L 175 38.58 71.82 31.73
CA LEU L 175 38.42 70.83 30.67
C LEU L 175 37.05 71.01 30.02
N THR L 176 37.04 71.42 28.76
CA THR L 176 35.81 71.58 28.00
C THR L 176 35.80 70.81 26.68
N SER L 177 36.93 70.25 26.26
CA SER L 177 37.05 69.58 24.96
C SER L 177 36.97 68.08 25.16
N GLY L 178 36.18 67.42 24.31
CA GLY L 178 35.95 65.99 24.44
C GLY L 178 34.89 65.62 25.45
N VAL L 179 34.31 66.58 26.16
CA VAL L 179 33.23 66.32 27.10
C VAL L 179 31.95 66.06 26.34
N HIS L 180 31.20 65.05 26.76
CA HIS L 180 29.87 64.77 26.21
C HIS L 180 28.95 64.35 27.35
N THR L 181 28.05 65.24 27.73
CA THR L 181 27.01 64.92 28.71
C THR L 181 25.81 64.35 27.96
N PHE L 182 25.53 63.08 28.19
CA PHE L 182 24.44 62.42 27.49
C PHE L 182 23.10 62.79 28.10
N PRO L 183 22.05 62.92 27.28
CA PRO L 183 20.70 63.11 27.83
C PRO L 183 20.35 61.99 28.80
N ALA L 184 19.52 62.31 29.78
CA ALA L 184 19.25 61.41 30.88
C ALA L 184 18.20 60.37 30.50
N VAL L 185 18.09 59.34 31.34
CA VAL L 185 17.12 58.27 31.17
C VAL L 185 16.15 58.30 32.33
N LEU L 186 14.86 58.11 32.03
CA LEU L 186 13.81 58.09 33.03
C LEU L 186 13.50 56.63 33.37
N GLN L 187 13.80 56.23 34.61
CA GLN L 187 13.58 54.87 35.04
C GLN L 187 12.14 54.70 35.54
N SER L 188 11.73 53.44 35.67
CA SER L 188 10.40 53.14 36.21
C SER L 188 10.24 53.65 37.64
N SER L 189 11.35 53.85 38.35
CA SER L 189 11.29 54.48 39.67
C SER L 189 10.87 55.95 39.59
N GLY L 190 10.94 56.55 38.41
CA GLY L 190 10.68 57.96 38.24
C GLY L 190 11.90 58.85 38.40
N LEU L 191 13.06 58.27 38.67
CA LEU L 191 14.28 59.01 38.94
C LEU L 191 15.16 59.00 37.69
N TYR L 192 15.81 60.13 37.42
CA TYR L 192 16.66 60.24 36.24
C TYR L 192 18.09 59.78 36.54
N SER L 193 18.80 59.43 35.47
CA SER L 193 20.21 59.04 35.54
C SER L 193 20.87 59.43 34.22
N LEU L 194 22.14 59.84 34.28
CA LEU L 194 22.86 60.20 33.07
C LEU L 194 24.34 59.94 33.25
N SER L 195 25.06 60.03 32.13
CA SER L 195 26.51 59.86 32.11
C SER L 195 27.15 61.04 31.43
N SER L 196 28.41 61.29 31.78
CA SER L 196 29.22 62.33 31.15
C SER L 196 30.60 61.75 30.91
N VAL L 197 31.13 61.96 29.71
CA VAL L 197 32.35 61.29 29.26
C VAL L 197 33.25 62.29 28.57
N VAL L 198 34.56 62.21 28.86
CA VAL L 198 35.57 63.01 28.19
C VAL L 198 36.55 62.08 27.49
N THR L 199 37.02 62.50 26.32
CA THR L 199 38.08 61.80 25.60
C THR L 199 39.39 62.56 25.80
N VAL L 200 40.40 61.88 26.30
CA VAL L 200 41.69 62.50 26.60
C VAL L 200 42.80 61.70 25.93
N PRO L 201 43.93 62.34 25.59
CA PRO L 201 45.08 61.58 25.11
C PRO L 201 45.54 60.56 26.16
N SER L 202 46.02 59.42 25.67
CA SER L 202 46.41 58.34 26.57
C SER L 202 47.70 58.63 27.33
N SER L 203 48.55 59.54 26.82
CA SER L 203 49.75 59.91 27.54
C SER L 203 49.44 60.76 28.77
N SER L 204 48.33 61.51 28.73
CA SER L 204 47.94 62.37 29.85
C SER L 204 47.57 61.57 31.09
N LEU L 205 47.25 60.29 30.95
CA LEU L 205 46.93 59.45 32.09
C LEU L 205 48.10 59.42 33.07
N GLY L 206 47.78 59.50 34.35
CA GLY L 206 48.83 59.56 35.38
C GLY L 206 49.43 60.94 35.60
N THR L 207 49.76 61.65 34.51
CA THR L 207 50.34 62.97 34.64
C THR L 207 49.30 64.04 34.94
N GLN L 208 48.05 63.82 34.57
CA GLN L 208 46.98 64.80 34.75
C GLN L 208 45.85 64.19 35.56
N THR L 209 45.25 65.00 36.43
CA THR L 209 44.14 64.58 37.27
C THR L 209 42.84 65.06 36.67
N TYR L 210 41.85 64.17 36.60
CA TYR L 210 40.56 64.47 36.00
C TYR L 210 39.47 64.37 37.06
N ILE L 211 38.72 65.46 37.24
CA ILE L 211 37.66 65.55 38.24
C ILE L 211 36.41 66.08 37.57
N CYS L 212 35.29 65.40 37.77
CA CYS L 212 34.00 65.87 37.26
C CYS L 212 33.22 66.53 38.39
N ASN L 213 32.61 67.67 38.08
CA ASN L 213 31.88 68.48 39.05
C ASN L 213 30.41 68.48 38.68
N VAL L 214 29.56 68.05 39.62
CA VAL L 214 28.14 67.84 39.39
C VAL L 214 27.35 68.88 40.17
N ASN L 215 26.29 69.39 39.56
CA ASN L 215 25.42 70.37 40.20
C ASN L 215 23.96 70.02 39.94
N HIS L 216 23.17 69.89 41.01
CA HIS L 216 21.74 69.64 40.94
C HIS L 216 21.06 70.71 41.79
N LYS L 217 20.54 71.75 41.14
CA LYS L 217 20.01 72.92 41.83
C LYS L 217 18.75 72.66 42.67
N PRO L 218 17.87 71.70 42.34
CA PRO L 218 16.71 71.51 43.22
C PRO L 218 17.07 70.97 44.60
N SER L 219 18.08 70.12 44.70
CA SER L 219 18.46 69.50 45.97
C SER L 219 19.64 70.18 46.65
N ASN L 220 20.17 71.25 46.04
CA ASN L 220 21.32 71.98 46.58
C ASN L 220 22.53 71.05 46.79
N THR L 221 22.68 70.08 45.89
CA THR L 221 23.75 69.09 45.98
C THR L 221 24.82 69.43 44.96
N LYS L 222 26.08 69.48 45.41
CA LYS L 222 27.23 69.74 44.54
C LYS L 222 28.32 68.73 44.89
N VAL L 223 28.49 67.72 44.05
CA VAL L 223 29.43 66.63 44.29
C VAL L 223 30.52 66.67 43.24
N ASP L 224 31.77 66.57 43.69
CA ASP L 224 32.93 66.41 42.82
C ASP L 224 33.51 65.02 43.02
N LYS L 225 33.81 64.33 41.92
CA LYS L 225 34.42 63.01 41.97
C LYS L 225 35.58 62.96 40.99
N ARG L 226 36.60 62.18 41.35
CA ARG L 226 37.82 62.07 40.57
C ARG L 226 37.86 60.72 39.88
N VAL L 227 38.19 60.73 38.59
CA VAL L 227 38.26 59.50 37.80
C VAL L 227 39.74 59.17 37.63
N GLU L 228 40.18 58.13 38.33
CA GLU L 228 41.56 57.72 38.26
C GLU L 228 41.66 56.31 37.67
N PRO L 229 42.73 56.02 36.90
CA PRO L 229 43.01 54.73 36.27
C PRO L 229 42.78 53.53 37.20
N GLN M 2 8.77 42.96 19.12
CA GLN M 2 7.76 41.93 19.34
C GLN M 2 6.38 42.36 18.85
N SER M 3 6.29 42.62 17.56
CA SER M 3 5.03 42.90 16.88
C SER M 3 4.83 41.86 15.78
N VAL M 4 3.59 41.37 15.64
CA VAL M 4 3.36 40.33 14.65
C VAL M 4 3.55 40.86 13.24
N LEU M 5 3.39 42.18 13.07
CA LEU M 5 3.68 42.87 11.82
C LEU M 5 5.02 43.58 11.99
N THR M 6 6.03 43.14 11.24
CA THR M 6 7.40 43.59 11.44
C THR M 6 7.81 44.59 10.39
N GLN M 7 8.28 45.76 10.84
CA GLN M 7 8.71 46.87 10.02
C GLN M 7 10.20 47.16 10.26
N PRO M 8 10.91 47.64 9.25
CA PRO M 8 12.30 48.07 9.46
C PRO M 8 12.34 49.25 10.42
N PRO M 9 13.26 49.23 11.39
CA PRO M 9 13.33 50.35 12.34
C PRO M 9 13.54 51.70 11.67
N SER M 10 14.31 51.75 10.60
CA SER M 10 14.54 53.00 9.90
C SER M 10 14.78 52.73 8.41
N VAL M 11 14.35 53.67 7.59
CA VAL M 11 14.73 53.73 6.17
C VAL M 11 15.19 55.15 5.86
N SER M 12 16.21 55.28 5.02
CA SER M 12 16.78 56.57 4.67
C SER M 12 16.61 56.81 3.17
N GLY M 13 16.83 58.06 2.76
CA GLY M 13 16.76 58.43 1.36
C GLY M 13 17.02 59.91 1.12
N ALA M 14 17.70 60.22 0.01
CA ALA M 14 18.01 61.60 -0.34
C ALA M 14 16.78 62.30 -0.92
N PRO M 15 16.74 63.63 -0.87
CA PRO M 15 15.62 64.35 -1.49
C PRO M 15 15.49 64.03 -2.96
N GLY M 16 14.26 63.71 -3.38
CA GLY M 16 13.96 63.39 -4.76
C GLY M 16 13.94 61.92 -5.09
N GLN M 17 14.28 61.05 -4.15
CA GLN M 17 14.42 59.64 -4.41
C GLN M 17 13.14 58.88 -4.06
N ARG M 18 13.12 57.61 -4.43
CA ARG M 18 12.05 56.69 -4.06
C ARG M 18 12.56 55.73 -2.99
N VAL M 19 11.78 55.58 -1.92
CA VAL M 19 12.09 54.66 -0.84
C VAL M 19 10.87 53.75 -0.65
N THR M 20 11.13 52.57 -0.09
CA THR M 20 10.06 51.62 0.25
C THR M 20 10.15 51.25 1.71
N ILE M 21 8.97 51.00 2.31
CA ILE M 21 8.85 50.57 3.70
C ILE M 21 8.05 49.29 3.73
N SER M 22 8.65 48.23 4.26
CA SER M 22 8.07 46.90 4.23
C SER M 22 7.29 46.59 5.50
N CYS M 23 6.31 45.68 5.38
CA CYS M 23 5.46 45.28 6.50
C CYS M 23 5.22 43.78 6.33
N LEU M 24 5.90 42.97 7.15
CA LEU M 24 5.88 41.52 7.03
C LEU M 24 5.00 40.91 8.10
N GLY M 25 4.08 40.04 7.68
CA GLY M 25 3.10 39.43 8.55
C GLY M 25 3.16 37.91 8.49
N GLY M 26 2.00 37.29 8.70
CA GLY M 26 1.95 35.84 8.76
C GLY M 26 0.64 35.24 8.29
N SER M 27 0.27 34.08 8.85
CA SER M 27 -0.97 33.43 8.44
C SER M 27 -2.18 34.05 9.12
N SER M 28 -2.02 34.53 10.35
CA SER M 28 -3.13 35.09 11.13
C SER M 28 -3.48 36.51 10.72
N ASN M 29 -2.66 37.14 9.90
CA ASN M 29 -2.85 38.52 9.46
C ASN M 29 -2.28 38.61 8.06
N ILE M 30 -2.92 39.39 7.18
CA ILE M 30 -2.46 39.54 5.80
C ILE M 30 -2.58 38.22 5.07
N GLY M 31 -1.81 37.21 5.51
CA GLY M 31 -1.93 35.86 5.01
C GLY M 31 -3.27 35.20 5.28
N ALA M 32 -4.07 35.76 6.19
CA ALA M 32 -5.46 35.36 6.35
C ALA M 32 -6.39 36.08 5.39
N GLY M 33 -5.88 37.05 4.63
CA GLY M 33 -6.67 37.79 3.68
C GLY M 33 -7.02 39.21 4.10
N TYR M 34 -6.48 39.69 5.21
CA TYR M 34 -6.81 41.02 5.68
C TYR M 34 -5.98 42.07 4.94
N ASP M 35 -6.52 43.28 4.89
CA ASP M 35 -5.87 44.39 4.21
C ASP M 35 -4.96 45.13 5.18
N VAL M 36 -4.00 45.87 4.62
CA VAL M 36 -3.01 46.62 5.40
C VAL M 36 -3.22 48.10 5.15
N HIS M 37 -3.46 48.85 6.22
CA HIS M 37 -3.58 50.30 6.16
C HIS M 37 -2.32 50.95 6.71
N TRP M 38 -2.11 52.22 6.35
CA TRP M 38 -0.89 52.93 6.71
C TRP M 38 -1.22 54.25 7.38
N TYR M 39 -0.34 54.67 8.28
CA TYR M 39 -0.49 55.90 9.05
C TYR M 39 0.82 56.65 9.10
N GLN M 40 0.73 57.98 9.03
CA GLN M 40 1.89 58.86 9.10
C GLN M 40 1.82 59.68 10.38
N HIS M 41 2.89 59.65 11.17
CA HIS M 41 2.97 60.34 12.45
C HIS M 41 3.97 61.47 12.31
N LEU M 42 3.47 62.65 11.95
CA LEU M 42 4.35 63.79 11.76
C LEU M 42 4.80 64.33 13.11
N PRO M 43 6.05 64.79 13.22
CA PRO M 43 6.54 65.31 14.50
C PRO M 43 5.71 66.48 14.98
N GLY M 44 5.22 66.38 16.22
CA GLY M 44 4.40 67.40 16.83
C GLY M 44 2.91 67.18 16.69
N ALA M 45 2.49 66.13 16.00
CA ALA M 45 1.09 65.92 15.67
C ALA M 45 0.66 64.51 16.02
N ALA M 46 -0.63 64.25 15.84
CA ALA M 46 -1.17 62.92 16.01
C ALA M 46 -0.97 62.12 14.73
N PRO M 47 -1.05 60.78 14.81
CA PRO M 47 -0.98 59.98 13.58
C PRO M 47 -2.18 60.27 12.67
N LYS M 48 -1.95 60.21 11.37
CA LYS M 48 -2.98 60.47 10.40
C LYS M 48 -3.05 59.32 9.40
N LEU M 49 -4.26 59.05 8.92
CA LEU M 49 -4.45 58.04 7.89
C LEU M 49 -3.68 58.45 6.64
N LEU M 50 -2.94 57.50 6.08
CA LEU M 50 -2.14 57.74 4.89
C LEU M 50 -2.54 56.85 3.71
N ILE M 51 -2.83 55.58 3.96
CA ILE M 51 -3.24 54.62 2.95
C ILE M 51 -4.30 53.72 3.56
N SER M 52 -5.50 53.73 3.00
CA SER M 52 -6.54 52.78 3.37
C SER M 52 -6.61 51.69 2.31
N GLY M 53 -7.49 50.71 2.54
CA GLY M 53 -7.46 49.52 1.70
C GLY M 53 -6.08 48.91 1.78
N ASN M 54 -5.54 48.53 0.63
CA ASN M 54 -4.13 48.21 0.54
C ASN M 54 -3.37 49.25 -0.27
N SER M 55 -4.07 50.12 -0.98
CA SER M 55 -3.43 50.96 -1.97
C SER M 55 -4.17 52.27 -2.20
N ASN M 56 -5.20 52.59 -1.42
CA ASN M 56 -6.06 53.72 -1.71
C ASN M 56 -5.62 54.95 -0.91
N ARG M 57 -5.45 56.07 -1.61
CA ARG M 57 -5.00 57.31 -0.99
C ARG M 57 -6.20 58.13 -0.54
N PRO M 58 -6.30 58.51 0.73
CA PRO M 58 -7.37 59.42 1.16
C PRO M 58 -7.15 60.81 0.58
N SER M 59 -8.19 61.64 0.70
CA SER M 59 -8.09 63.01 0.23
C SER M 59 -7.01 63.76 1.01
N GLY M 60 -6.27 64.60 0.29
CA GLY M 60 -5.19 65.35 0.91
C GLY M 60 -3.86 64.62 1.00
N VAL M 61 -3.76 63.43 0.44
CA VAL M 61 -2.52 62.65 0.40
C VAL M 61 -2.03 62.61 -1.03
N PRO M 62 -0.79 62.99 -1.31
CA PRO M 62 -0.33 63.11 -2.70
C PRO M 62 0.05 61.78 -3.32
N ALA M 63 0.18 61.80 -4.65
CA ALA M 63 0.41 60.58 -5.43
C ALA M 63 1.78 59.97 -5.17
N ARG M 64 2.73 60.74 -4.64
CA ARG M 64 4.03 60.20 -4.28
C ARG M 64 3.91 58.99 -3.37
N PHE M 65 2.82 58.91 -2.61
CA PHE M 65 2.58 57.84 -1.65
C PHE M 65 1.80 56.73 -2.33
N SER M 66 2.33 55.51 -2.30
CA SER M 66 1.73 54.36 -2.95
C SER M 66 1.73 53.16 -2.03
N GLY M 67 0.75 52.27 -2.22
CA GLY M 67 0.58 51.11 -1.39
C GLY M 67 0.49 49.84 -2.20
N SER M 68 1.01 48.74 -1.64
CA SER M 68 0.94 47.44 -2.25
C SER M 68 0.76 46.38 -1.17
N LYS M 69 0.28 45.21 -1.58
CA LYS M 69 0.12 44.07 -0.69
C LYS M 69 0.21 42.80 -1.51
N SER M 70 0.98 41.83 -1.03
CA SER M 70 1.13 40.57 -1.73
C SER M 70 1.56 39.49 -0.75
N GLY M 71 0.89 38.34 -0.79
CA GLY M 71 1.21 37.22 0.07
C GLY M 71 1.02 37.53 1.54
N THR M 72 2.13 37.52 2.29
CA THR M 72 2.10 37.81 3.72
C THR M 72 2.74 39.16 4.06
N SER M 73 2.89 40.03 3.07
CA SER M 73 3.62 41.28 3.25
C SER M 73 2.94 42.41 2.51
N ALA M 74 3.32 43.64 2.87
CA ALA M 74 2.82 44.85 2.25
C ALA M 74 3.95 45.87 2.19
N SER M 75 3.86 46.78 1.21
CA SER M 75 4.90 47.78 1.01
C SER M 75 4.30 49.15 0.80
N LEU M 76 4.88 50.14 1.46
CA LEU M 76 4.59 51.54 1.22
C LEU M 76 5.73 52.15 0.42
N ALA M 77 5.39 52.92 -0.61
CA ALA M 77 6.39 53.51 -1.50
C ALA M 77 6.21 55.02 -1.53
N ILE M 78 7.31 55.74 -1.31
CA ILE M 78 7.32 57.20 -1.41
C ILE M 78 8.34 57.58 -2.47
N THR M 79 7.88 58.23 -3.53
CA THR M 79 8.74 58.75 -4.58
C THR M 79 8.83 60.26 -4.46
N GLY M 80 9.81 60.84 -5.14
CA GLY M 80 10.06 62.27 -5.06
C GLY M 80 10.15 62.74 -3.63
N LEU M 81 10.97 62.05 -2.84
CA LEU M 81 11.04 62.26 -1.39
C LEU M 81 11.27 63.72 -1.05
N GLN M 82 10.60 64.18 0.01
CA GLN M 82 10.67 65.57 0.43
C GLN M 82 11.04 65.64 1.91
N ALA M 83 11.69 66.75 2.29
CA ALA M 83 12.10 66.93 3.68
C ALA M 83 10.92 66.80 4.63
N GLU M 84 9.74 67.25 4.20
CA GLU M 84 8.54 67.15 5.03
C GLU M 84 8.11 65.71 5.26
N ASP M 85 8.54 64.78 4.40
CA ASP M 85 8.15 63.38 4.54
C ASP M 85 8.82 62.70 5.73
N GLU M 86 9.79 63.36 6.38
CA GLU M 86 10.44 62.79 7.56
C GLU M 86 9.42 62.63 8.68
N ALA M 87 9.18 61.37 9.09
CA ALA M 87 8.25 61.07 10.16
C ALA M 87 8.32 59.59 10.46
N ASP M 88 7.46 59.15 11.38
CA ASP M 88 7.26 57.74 11.67
C ASP M 88 6.08 57.23 10.85
N TYR M 89 6.24 56.06 10.24
CA TYR M 89 5.20 55.44 9.44
C TYR M 89 4.82 54.09 10.03
N TYR M 90 3.52 53.83 10.09
CA TYR M 90 2.99 52.62 10.72
C TYR M 90 2.07 51.90 9.74
N CYS M 91 2.29 50.60 9.57
CA CYS M 91 1.28 49.75 8.94
C CYS M 91 0.39 49.15 10.02
N GLN M 92 -0.81 48.72 9.61
CA GLN M 92 -1.80 48.21 10.54
C GLN M 92 -2.71 47.22 9.82
N SER M 93 -3.10 46.17 10.51
CA SER M 93 -3.94 45.13 9.93
C SER M 93 -4.76 44.47 11.03
N TYR M 94 -5.53 43.46 10.65
CA TYR M 94 -6.27 42.64 11.61
C TYR M 94 -5.59 41.30 11.77
N ASP M 95 -5.41 40.88 13.02
CA ASP M 95 -4.89 39.56 13.36
C ASP M 95 -6.00 38.75 14.00
N ASN M 96 -6.15 37.50 13.56
CA ASN M 96 -7.24 36.67 14.08
C ASN M 96 -7.12 36.43 15.57
N ASP M 97 -5.90 36.41 16.11
CA ASP M 97 -5.68 36.20 17.53
C ASP M 97 -5.63 37.50 18.34
N LEU M 98 -5.06 38.57 17.79
CA LEU M 98 -4.78 39.79 18.55
C LEU M 98 -5.52 41.01 18.02
N SER M 99 -6.38 40.83 17.01
CA SER M 99 -7.28 41.86 16.48
C SER M 99 -6.45 42.96 15.81
N GLN M 100 -6.88 44.22 15.90
CA GLN M 100 -6.21 45.31 15.21
C GLN M 100 -4.80 45.50 15.74
N VAL M 101 -3.82 45.36 14.86
CA VAL M 101 -2.41 45.33 15.25
C VAL M 101 -1.64 46.33 14.39
N PHE M 102 -0.72 47.05 15.02
CA PHE M 102 0.20 47.96 14.35
C PHE M 102 1.56 47.30 14.19
N GLY M 103 2.33 47.81 13.23
CA GLY M 103 3.73 47.47 13.14
C GLY M 103 4.55 48.29 14.13
N GLY M 104 5.84 47.94 14.23
CA GLY M 104 6.71 48.61 15.18
C GLY M 104 6.99 50.06 14.85
N GLY M 105 6.71 50.48 13.61
CA GLY M 105 7.00 51.83 13.20
C GLY M 105 8.32 51.94 12.45
N THR M 106 8.38 52.83 11.46
CA THR M 106 9.59 53.08 10.69
C THR M 106 9.88 54.57 10.71
N LYS M 107 11.10 54.94 11.11
CA LYS M 107 11.52 56.34 11.09
C LYS M 107 12.15 56.63 9.73
N LEU M 108 11.41 57.30 8.87
CA LEU M 108 11.92 57.73 7.58
C LEU M 108 12.74 59.01 7.77
N THR M 109 13.99 58.98 7.35
CA THR M 109 14.88 60.13 7.43
C THR M 109 15.22 60.61 6.03
N VAL M 110 15.05 61.90 5.79
CA VAL M 110 15.48 62.53 4.54
C VAL M 110 16.92 62.97 4.74
N LEU M 111 17.85 62.33 4.03
CA LEU M 111 19.26 62.50 4.30
C LEU M 111 19.73 63.90 3.92
N GLY M 112 20.46 64.54 4.83
CA GLY M 112 21.02 65.85 4.58
C GLY M 112 22.50 65.90 4.89
N GLN M 113 23.04 64.80 5.38
CA GLN M 113 24.46 64.64 5.67
C GLN M 113 24.88 63.26 5.22
N PRO M 114 26.18 63.02 5.08
CA PRO M 114 26.65 61.64 4.85
C PRO M 114 26.25 60.77 6.03
N LYS M 115 26.01 59.49 5.73
CA LYS M 115 25.66 58.55 6.79
C LYS M 115 26.83 58.37 7.73
N ALA M 116 26.53 58.22 9.02
CA ALA M 116 27.54 58.12 10.06
C ALA M 116 27.23 56.94 10.96
N ALA M 117 28.22 56.06 11.13
CA ALA M 117 28.05 54.86 11.94
C ALA M 117 28.31 55.17 13.42
N PRO M 118 27.66 54.46 14.33
CA PRO M 118 27.77 54.79 15.75
C PRO M 118 29.14 54.43 16.32
N SER M 119 29.63 55.29 17.20
CA SER M 119 30.75 54.98 18.08
C SER M 119 30.20 54.61 19.45
N VAL M 120 30.62 53.45 19.96
CA VAL M 120 30.10 52.92 21.21
C VAL M 120 31.26 52.68 22.16
N THR M 121 31.10 53.12 23.41
CA THR M 121 32.00 52.80 24.51
C THR M 121 31.20 52.14 25.63
N LEU M 122 31.65 50.97 26.06
CA LEU M 122 30.97 50.21 27.11
C LEU M 122 31.79 50.32 28.39
N PHE M 123 31.11 50.67 29.48
CA PHE M 123 31.75 50.90 30.76
C PHE M 123 31.27 49.87 31.77
N PRO M 124 32.16 49.27 32.55
CA PRO M 124 31.74 48.29 33.57
C PRO M 124 31.15 49.00 34.78
N PRO M 125 30.57 48.25 35.72
CA PRO M 125 30.18 48.87 37.00
C PRO M 125 31.41 49.27 37.80
N SER M 126 31.37 50.48 38.35
CA SER M 126 32.50 50.99 39.12
C SER M 126 32.60 50.28 40.46
N SER M 127 33.83 50.24 41.00
CA SER M 127 34.05 49.55 42.27
C SER M 127 33.36 50.24 43.42
N GLU M 128 33.17 51.56 43.36
CA GLU M 128 32.38 52.24 44.38
C GLU M 128 30.92 51.84 44.27
N GLU M 129 30.41 51.68 43.05
CA GLU M 129 29.04 51.24 42.87
C GLU M 129 28.86 49.80 43.31
N LEU M 130 29.82 48.93 42.98
CA LEU M 130 29.75 47.54 43.41
C LEU M 130 29.72 47.42 44.93
N GLN M 131 30.41 48.31 45.64
CA GLN M 131 30.36 48.34 47.10
C GLN M 131 29.10 49.00 47.62
N ALA M 132 28.25 49.54 46.75
CA ALA M 132 26.95 50.08 47.13
C ALA M 132 25.82 49.08 46.92
N ASN M 133 26.17 47.79 46.75
CA ASN M 133 25.20 46.72 46.54
C ASN M 133 24.39 46.93 45.26
N LYS M 134 24.95 47.65 44.30
CA LYS M 134 24.29 47.91 43.02
C LYS M 134 25.32 47.78 41.90
N ALA M 135 24.82 47.58 40.68
CA ALA M 135 25.69 47.50 39.52
C ALA M 135 24.95 48.03 38.30
N THR M 136 25.66 48.78 37.46
CA THR M 136 25.11 49.35 36.25
C THR M 136 26.15 49.32 35.15
N LEU M 137 25.79 48.75 34.01
CA LEU M 137 26.63 48.75 32.82
C LEU M 137 26.18 49.87 31.89
N VAL M 138 27.11 50.75 31.53
CA VAL M 138 26.80 51.96 30.78
C VAL M 138 27.27 51.76 29.34
N CYS M 139 26.33 51.81 28.39
CA CYS M 139 26.63 51.72 26.97
C CYS M 139 26.34 53.08 26.35
N LEU M 140 27.39 53.76 25.89
CA LEU M 140 27.28 55.10 25.34
C LEU M 140 27.45 55.03 23.83
N ILE M 141 26.41 55.47 23.11
CA ILE M 141 26.37 55.42 21.66
C ILE M 141 26.28 56.86 21.15
N SER M 142 27.10 57.20 20.16
CA SER M 142 27.20 58.59 19.74
C SER M 142 27.56 58.67 18.25
N ASP M 143 27.26 59.84 17.68
CA ASP M 143 27.73 60.23 16.35
C ASP M 143 27.14 59.35 15.25
N PHE M 144 25.87 59.00 15.36
CA PHE M 144 25.22 58.23 14.32
C PHE M 144 24.13 59.04 13.64
N TYR M 145 23.97 58.78 12.33
CA TYR M 145 22.96 59.36 11.45
C TYR M 145 22.65 58.37 10.34
N PRO M 146 21.36 58.14 10.02
CA PRO M 146 20.16 58.70 10.66
C PRO M 146 20.00 58.24 12.12
N GLY M 147 19.20 58.96 12.89
CA GLY M 147 19.10 58.73 14.31
C GLY M 147 18.15 57.62 14.72
N ALA M 148 18.59 56.37 14.56
CA ALA M 148 17.77 55.21 14.93
C ALA M 148 18.69 54.03 15.16
N VAL M 149 18.60 53.42 16.35
CA VAL M 149 19.46 52.31 16.72
C VAL M 149 18.68 51.36 17.62
N THR M 150 18.98 50.08 17.51
CA THR M 150 18.46 49.06 18.42
C THR M 150 19.63 48.47 19.20
N VAL M 151 19.49 48.38 20.52
CA VAL M 151 20.54 47.87 21.39
C VAL M 151 20.10 46.52 21.95
N ALA M 152 20.97 45.53 21.85
CA ALA M 152 20.75 44.21 22.42
C ALA M 152 21.86 43.93 23.43
N TRP M 153 21.47 43.47 24.61
CA TRP M 153 22.41 43.12 25.67
C TRP M 153 22.54 41.62 25.76
N LYS M 154 23.78 41.14 25.88
CA LYS M 154 24.07 39.71 25.94
C LYS M 154 24.93 39.41 27.16
N ALA M 155 24.51 38.43 27.96
CA ALA M 155 25.30 37.90 29.06
C ALA M 155 26.02 36.65 28.56
N ASP M 156 27.36 36.66 28.65
CA ASP M 156 28.18 35.74 27.90
C ASP M 156 27.78 35.86 26.43
N SER M 157 27.21 34.82 25.84
CA SER M 157 26.61 34.92 24.52
C SER M 157 25.10 34.70 24.56
N SER M 158 24.49 34.82 25.73
CA SER M 158 23.07 34.56 25.92
C SER M 158 22.32 35.86 26.12
N PRO M 159 21.29 36.12 25.30
CA PRO M 159 20.54 37.38 25.42
C PRO M 159 19.98 37.59 26.82
N VAL M 160 20.06 38.84 27.28
CA VAL M 160 19.43 39.29 28.52
C VAL M 160 18.39 40.34 28.16
N LYS M 161 17.16 40.14 28.62
CA LYS M 161 16.09 41.10 28.37
C LYS M 161 15.77 41.96 29.59
N ALA M 162 16.08 41.50 30.79
CA ALA M 162 15.72 42.19 32.02
C ALA M 162 16.81 43.14 32.49
N GLY M 163 16.39 44.25 33.08
CA GLY M 163 17.30 45.24 33.62
C GLY M 163 17.80 46.27 32.64
N VAL M 164 17.20 46.36 31.45
CA VAL M 164 17.70 47.20 30.37
C VAL M 164 16.77 48.40 30.20
N GLU M 165 17.34 49.59 30.17
CA GLU M 165 16.57 50.83 29.96
C GLU M 165 17.36 51.71 29.00
N THR M 166 16.80 51.93 27.82
CA THR M 166 17.45 52.70 26.77
C THR M 166 16.72 54.01 26.54
N THR M 167 17.45 55.02 26.08
CA THR M 167 16.88 56.32 25.77
C THR M 167 16.55 56.41 24.29
N THR M 168 15.54 57.23 23.97
CA THR M 168 15.29 57.57 22.59
C THR M 168 16.49 58.33 22.04
N PRO M 169 16.78 58.18 20.75
CA PRO M 169 17.89 58.94 20.15
C PRO M 169 17.63 60.44 20.22
N SER M 170 18.68 61.20 20.48
CA SER M 170 18.58 62.64 20.67
C SER M 170 19.61 63.36 19.81
N LYS M 171 19.19 64.46 19.20
CA LYS M 171 20.03 65.20 18.26
C LYS M 171 21.10 65.99 19.01
N GLN M 172 22.35 65.80 18.61
CA GLN M 172 23.47 66.47 19.27
C GLN M 172 23.78 67.81 18.60
N SER M 173 24.87 68.45 19.02
CA SER M 173 25.29 69.70 18.42
C SER M 173 25.91 69.49 17.04
N ASN M 174 26.64 68.39 16.85
CA ASN M 174 27.20 68.06 15.55
C ASN M 174 26.14 67.67 14.53
N ASN M 175 24.86 67.76 14.87
CA ASN M 175 23.71 67.38 14.06
C ASN M 175 23.60 65.88 13.81
N LYS M 176 24.35 65.06 14.54
CA LYS M 176 24.10 63.62 14.60
C LYS M 176 23.42 63.29 15.92
N TYR M 177 23.21 61.99 16.16
CA TYR M 177 22.36 61.53 17.24
C TYR M 177 23.16 60.78 18.29
N ALA M 178 22.68 60.84 19.53
CA ALA M 178 23.28 60.13 20.64
C ALA M 178 22.19 59.40 21.42
N ALA M 179 22.59 58.27 22.02
CA ALA M 179 21.68 57.49 22.85
C ALA M 179 22.50 56.74 23.88
N SER M 180 21.82 56.30 24.94
CA SER M 180 22.48 55.60 26.05
C SER M 180 21.60 54.45 26.52
N SER M 181 22.26 53.36 26.94
CA SER M 181 21.58 52.16 27.40
C SER M 181 22.21 51.70 28.71
N TYR M 182 21.37 51.41 29.69
CA TYR M 182 21.82 51.02 31.03
C TYR M 182 21.28 49.64 31.37
N LEU M 183 22.18 48.71 31.63
CA LEU M 183 21.80 47.39 32.11
C LEU M 183 22.13 47.31 33.61
N SER M 184 21.11 47.06 34.42
CA SER M 184 21.24 47.02 35.88
C SER M 184 21.21 45.57 36.35
N LEU M 185 22.23 45.17 37.10
CA LEU M 185 22.29 43.87 37.72
C LEU M 185 22.63 44.05 39.20
N THR M 186 22.40 42.98 39.96
CA THR M 186 22.94 42.94 41.30
C THR M 186 24.43 42.64 41.22
N PRO M 187 25.20 43.02 42.24
CA PRO M 187 26.65 42.75 42.20
C PRO M 187 26.99 41.29 41.98
N GLU M 188 26.16 40.37 42.46
CA GLU M 188 26.42 38.95 42.24
C GLU M 188 26.10 38.51 40.82
N GLN M 189 25.11 39.14 40.17
CA GLN M 189 24.86 38.82 38.77
C GLN M 189 26.01 39.25 37.87
N TRP M 190 26.72 40.32 38.24
CA TRP M 190 27.83 40.78 37.42
C TRP M 190 29.02 39.83 37.51
N LYS M 191 29.26 39.26 38.69
CA LYS M 191 30.40 38.38 38.87
C LYS M 191 30.13 36.97 38.39
N SER M 192 28.86 36.53 38.41
CA SER M 192 28.54 35.16 38.05
C SER M 192 28.83 34.88 36.58
N HIS M 193 28.43 35.79 35.69
CA HIS M 193 28.59 35.57 34.26
C HIS M 193 30.01 35.89 33.81
N ARG M 194 30.44 35.20 32.75
CA ARG M 194 31.82 35.34 32.28
C ARG M 194 32.06 36.69 31.62
N SER M 195 31.17 37.09 30.72
CA SER M 195 31.31 38.36 30.03
C SER M 195 29.93 38.98 29.84
N TYR M 196 29.94 40.29 29.58
CA TYR M 196 28.73 41.04 29.24
C TYR M 196 29.03 41.89 28.03
N SER M 197 28.08 41.91 27.08
CA SER M 197 28.30 42.58 25.80
C SER M 197 27.15 43.51 25.47
N CYS M 198 27.49 44.60 24.80
CA CYS M 198 26.52 45.57 24.28
C CYS M 198 26.66 45.60 22.76
N GLN M 199 25.57 45.28 22.06
CA GLN M 199 25.55 45.26 20.61
C GLN M 199 24.58 46.31 20.10
N VAL M 200 25.07 47.20 19.23
CA VAL M 200 24.29 48.29 18.67
C VAL M 200 24.19 48.08 17.16
N THR M 201 22.97 48.11 16.64
CA THR M 201 22.72 47.89 15.22
C THR M 201 22.21 49.18 14.59
N HIS M 202 22.85 49.59 13.50
CA HIS M 202 22.51 50.84 12.82
C HIS M 202 22.77 50.67 11.33
N GLU M 203 21.72 50.84 10.53
CA GLU M 203 21.77 50.60 9.09
C GLU M 203 22.25 49.18 8.78
N GLY M 204 21.67 48.21 9.51
CA GLY M 204 22.00 46.80 9.29
C GLY M 204 23.37 46.38 9.76
N SER M 205 24.28 47.32 10.07
CA SER M 205 25.58 46.99 10.60
C SER M 205 25.53 47.03 12.12
N THR M 206 26.15 46.05 12.75
CA THR M 206 26.12 45.88 14.20
C THR M 206 27.52 46.12 14.77
N VAL M 207 27.60 46.95 15.81
CA VAL M 207 28.81 47.19 16.55
C VAL M 207 28.68 46.53 17.91
N GLU M 208 29.71 45.82 18.33
CA GLU M 208 29.69 45.06 19.58
C GLU M 208 30.84 45.52 20.47
N LYS M 209 30.54 45.74 21.74
CA LYS M 209 31.52 46.03 22.77
C LYS M 209 31.33 45.06 23.92
N THR M 210 32.43 44.51 24.43
CA THR M 210 32.40 43.51 25.47
C THR M 210 33.23 43.96 26.67
N VAL M 211 32.81 43.54 27.86
CA VAL M 211 33.57 43.81 29.07
C VAL M 211 33.77 42.52 29.87
N GLN N 1 -29.91 33.20 27.02
CA GLN N 1 -30.98 32.57 26.26
C GLN N 1 -32.16 33.53 26.02
N VAL N 2 -32.70 33.51 24.82
CA VAL N 2 -33.83 34.38 24.48
C VAL N 2 -35.07 33.93 25.25
N GLN N 3 -35.87 34.91 25.68
CA GLN N 3 -37.06 34.66 26.49
C GLN N 3 -38.27 35.34 25.87
N LEU N 4 -39.40 34.62 25.86
CA LEU N 4 -40.67 35.13 25.38
C LEU N 4 -41.66 35.16 26.53
N GLN N 5 -42.43 36.24 26.64
CA GLN N 5 -43.39 36.38 27.72
C GLN N 5 -44.71 36.93 27.19
N GLU N 6 -45.76 36.14 27.32
CA GLU N 6 -47.10 36.58 26.97
C GLU N 6 -47.61 37.59 27.99
N SER N 7 -48.42 38.53 27.52
CA SER N 7 -48.98 39.57 28.36
C SER N 7 -50.39 39.87 27.86
N GLY N 8 -51.35 39.95 28.77
CA GLY N 8 -52.69 40.31 28.38
C GLY N 8 -53.78 39.95 29.37
N PRO N 9 -55.00 40.39 29.07
CA PRO N 9 -56.11 40.18 30.00
C PRO N 9 -56.50 38.72 30.13
N GLY N 10 -56.95 38.36 31.33
CA GLY N 10 -57.40 37.02 31.59
C GLY N 10 -58.88 36.82 31.27
N LEU N 11 -59.65 37.90 31.26
CA LEU N 11 -61.09 37.84 31.05
C LEU N 11 -61.46 38.64 29.79
N VAL N 12 -62.25 38.02 28.92
CA VAL N 12 -62.74 38.66 27.70
C VAL N 12 -64.23 38.34 27.55
N LYS N 13 -65.03 39.37 27.28
CA LYS N 13 -66.46 39.18 27.08
C LYS N 13 -66.73 38.59 25.70
N PRO N 14 -67.80 37.79 25.55
CA PRO N 14 -68.06 37.14 24.26
C PRO N 14 -68.39 38.14 23.16
N SER N 15 -67.92 37.84 21.95
CA SER N 15 -68.11 38.61 20.72
C SER N 15 -67.27 39.88 20.69
N GLU N 16 -66.43 40.13 21.69
CA GLU N 16 -65.53 41.27 21.69
C GLU N 16 -64.12 40.77 21.33
N THR N 17 -63.13 41.65 21.43
CA THR N 17 -61.80 41.37 20.90
C THR N 17 -60.87 40.85 22.01
N LEU N 18 -60.31 39.67 21.79
CA LEU N 18 -59.19 39.16 22.57
C LEU N 18 -57.90 39.78 22.04
N SER N 19 -57.06 40.30 22.94
CA SER N 19 -55.80 40.89 22.53
C SER N 19 -54.70 40.50 23.51
N LEU N 20 -53.61 39.94 22.99
CA LEU N 20 -52.45 39.57 23.78
C LEU N 20 -51.19 40.14 23.14
N THR N 21 -50.15 40.27 23.96
CA THR N 21 -48.84 40.73 23.51
C THR N 21 -47.79 39.73 23.98
N CYS N 22 -46.83 39.44 23.09
CA CYS N 22 -45.67 38.64 23.43
C CYS N 22 -44.44 39.53 23.37
N THR N 23 -43.72 39.63 24.48
CA THR N 23 -42.52 40.46 24.56
C THR N 23 -41.30 39.55 24.47
N VAL N 24 -40.33 39.96 23.65
CA VAL N 24 -39.11 39.19 23.43
C VAL N 24 -37.97 39.87 24.16
N SER N 25 -37.15 39.06 24.85
CA SER N 25 -36.02 39.55 25.62
C SER N 25 -34.79 38.73 25.29
N SER N 26 -33.62 39.36 25.43
CA SER N 26 -32.34 38.71 25.15
C SER N 26 -32.30 38.19 23.71
N GLY N 27 -32.72 39.05 22.80
CA GLY N 27 -32.90 38.72 21.40
C GLY N 27 -33.88 39.66 20.76
N SER N 28 -33.80 39.76 19.44
CA SER N 28 -34.59 40.73 18.70
C SER N 28 -35.60 40.04 17.80
N ILE N 29 -36.83 40.57 17.76
CA ILE N 29 -37.84 40.06 16.84
C ILE N 29 -37.39 40.26 15.40
N SER N 30 -36.56 41.27 15.16
CA SER N 30 -36.04 41.55 13.81
C SER N 30 -34.91 40.61 13.40
N GLY N 31 -35.02 39.33 13.74
CA GLY N 31 -34.08 38.35 13.20
C GLY N 31 -34.55 37.95 11.82
N THR N 32 -33.63 38.02 10.85
CA THR N 32 -33.99 37.78 9.45
C THR N 32 -34.34 36.33 9.16
N SER N 33 -34.17 35.42 10.12
CA SER N 33 -34.47 34.01 9.91
C SER N 33 -35.48 33.47 10.93
N TYR N 34 -36.18 34.35 11.65
CA TYR N 34 -37.11 33.94 12.69
C TYR N 34 -38.55 34.16 12.23
N TYR N 35 -39.41 33.22 12.59
CA TYR N 35 -40.86 33.37 12.47
C TYR N 35 -41.46 33.42 13.86
N TRP N 36 -42.52 34.21 14.02
CA TRP N 36 -43.16 34.43 15.31
C TRP N 36 -44.61 33.95 15.25
N ASP N 37 -44.98 33.08 16.17
CA ASP N 37 -46.23 32.33 16.06
C ASP N 37 -47.04 32.39 17.34
N TRP N 38 -48.34 32.09 17.19
CA TRP N 38 -49.27 31.96 18.29
C TRP N 38 -49.90 30.57 18.25
N ILE N 39 -49.95 29.92 19.40
CA ILE N 39 -50.57 28.60 19.55
C ILE N 39 -51.42 28.64 20.80
N ARG N 40 -52.59 27.98 20.77
CA ARG N 40 -53.46 27.93 21.92
C ARG N 40 -53.81 26.51 22.28
N GLN N 41 -54.14 26.31 23.55
CA GLN N 41 -54.51 25.02 24.13
C GLN N 41 -55.72 25.22 25.02
N PRO N 42 -56.90 24.79 24.61
CA PRO N 42 -58.07 24.82 25.51
C PRO N 42 -57.83 23.89 26.69
N PRO N 43 -58.27 24.29 27.90
CA PRO N 43 -57.96 23.52 29.11
C PRO N 43 -58.40 22.06 28.99
N GLY N 44 -57.43 21.15 29.08
CA GLY N 44 -57.69 19.73 28.98
C GLY N 44 -57.57 19.14 27.59
N LYS N 45 -57.39 19.97 26.56
CA LYS N 45 -57.43 19.51 25.18
C LYS N 45 -56.05 19.66 24.53
N GLY N 46 -56.01 19.56 23.20
CA GLY N 46 -54.77 19.59 22.45
C GLY N 46 -54.39 20.98 21.99
N LEU N 47 -53.34 21.04 21.18
CA LEU N 47 -52.74 22.29 20.76
C LEU N 47 -53.17 22.65 19.34
N GLU N 48 -53.49 23.94 19.15
CA GLU N 48 -53.91 24.46 17.85
C GLU N 48 -53.06 25.66 17.49
N TRP N 49 -52.44 25.61 16.31
CA TRP N 49 -51.66 26.74 15.80
C TRP N 49 -52.59 27.82 15.26
N ILE N 50 -52.29 29.07 15.58
CA ILE N 50 -53.13 30.20 15.19
C ILE N 50 -52.58 30.92 13.96
N GLY N 51 -51.31 31.35 14.01
CA GLY N 51 -50.78 32.12 12.89
C GLY N 51 -49.33 32.49 13.12
N THR N 52 -48.75 33.09 12.08
CA THR N 52 -47.33 33.42 12.01
C THR N 52 -47.14 34.83 11.50
N ILE N 53 -46.13 35.52 12.02
CA ILE N 53 -45.72 36.82 11.50
C ILE N 53 -44.20 36.85 11.35
N TYR N 54 -43.74 37.55 10.32
CA TYR N 54 -42.34 37.81 10.07
C TYR N 54 -42.07 39.27 10.36
N TYR N 55 -40.82 39.59 10.73
CA TYR N 55 -40.55 40.92 11.30
C TYR N 55 -40.92 42.03 10.31
N SER N 56 -40.70 41.80 9.02
CA SER N 56 -41.04 42.80 8.01
C SER N 56 -42.55 42.95 7.83
N GLY N 57 -43.35 42.07 8.41
CA GLY N 57 -44.79 42.25 8.42
C GLY N 57 -45.59 41.09 7.88
N SER N 58 -44.97 40.20 7.12
CA SER N 58 -45.70 39.12 6.45
C SER N 58 -46.38 38.22 7.46
N THR N 59 -47.60 37.80 7.14
CA THR N 59 -48.42 36.97 8.02
C THR N 59 -49.01 35.80 7.25
N TYR N 60 -49.25 34.70 7.97
CA TYR N 60 -50.04 33.59 7.46
C TYR N 60 -50.83 33.01 8.62
N TYR N 61 -52.14 32.81 8.41
CA TYR N 61 -53.04 32.42 9.49
C TYR N 61 -53.59 31.03 9.24
N ASN N 62 -54.14 30.45 10.31
CA ASN N 62 -54.88 29.20 10.22
C ASN N 62 -56.17 29.46 9.45
N PRO N 63 -56.42 28.76 8.35
CA PRO N 63 -57.64 29.02 7.56
C PRO N 63 -58.92 28.85 8.36
N SER N 64 -58.91 28.04 9.42
CA SER N 64 -60.11 27.81 10.21
C SER N 64 -60.50 29.02 11.06
N LEU N 65 -59.57 29.95 11.27
CA LEU N 65 -59.81 31.12 12.12
C LEU N 65 -59.58 32.43 11.39
N LYS N 66 -59.20 32.39 10.10
CA LYS N 66 -58.53 33.54 9.46
C LYS N 66 -59.38 34.80 9.50
N SER N 67 -60.71 34.68 9.40
CA SER N 67 -61.56 35.86 9.37
C SER N 67 -61.44 36.67 10.66
N ARG N 68 -61.08 36.02 11.77
CA ARG N 68 -61.08 36.66 13.08
C ARG N 68 -59.69 36.94 13.63
N VAL N 69 -58.63 36.48 12.96
CA VAL N 69 -57.28 36.52 13.50
C VAL N 69 -56.53 37.71 12.92
N THR N 70 -55.83 38.45 13.77
CA THR N 70 -54.89 39.47 13.35
C THR N 70 -53.62 39.34 14.19
N ILE N 71 -52.47 39.43 13.52
CA ILE N 71 -51.18 39.38 14.19
C ILE N 71 -50.36 40.58 13.74
N SER N 72 -49.81 41.32 14.70
CA SER N 72 -49.05 42.53 14.44
C SER N 72 -47.69 42.46 15.14
N VAL N 73 -46.78 43.33 14.72
CA VAL N 73 -45.42 43.34 15.25
C VAL N 73 -44.99 44.79 15.45
N ASP N 74 -44.28 45.05 16.55
CA ASP N 74 -43.72 46.36 16.86
C ASP N 74 -42.20 46.20 16.99
N THR N 75 -41.50 46.46 15.89
CA THR N 75 -40.05 46.29 15.87
C THR N 75 -39.37 47.14 16.94
N SER N 76 -39.91 48.34 17.20
CA SER N 76 -39.27 49.23 18.15
C SER N 76 -39.44 48.76 19.59
N LYS N 77 -40.52 48.05 19.89
CA LYS N 77 -40.78 47.57 21.24
C LYS N 77 -40.37 46.12 21.45
N ASN N 78 -39.89 45.44 20.42
CA ASN N 78 -39.49 44.03 20.49
C ASN N 78 -40.66 43.15 20.90
N GLN N 79 -41.81 43.38 20.28
CA GLN N 79 -43.06 42.71 20.64
C GLN N 79 -43.78 42.25 19.38
N PHE N 80 -44.67 41.27 19.56
CA PHE N 80 -45.70 41.00 18.56
C PHE N 80 -46.98 40.61 19.29
N SER N 81 -48.09 40.67 18.57
CA SER N 81 -49.41 40.72 19.19
C SER N 81 -50.39 39.84 18.45
N LEU N 82 -51.46 39.49 19.16
CA LEU N 82 -52.56 38.70 18.63
C LEU N 82 -53.87 39.40 18.93
N LYS N 83 -54.80 39.34 17.99
CA LYS N 83 -56.15 39.86 18.19
C LYS N 83 -57.15 38.88 17.59
N LEU N 84 -58.24 38.63 18.32
CA LEU N 84 -59.34 37.77 17.88
C LEU N 84 -60.60 38.62 17.86
N SER N 85 -61.12 38.85 16.67
CA SER N 85 -61.95 40.03 16.47
C SER N 85 -63.38 39.84 16.98
N PRO N 86 -64.12 38.80 16.55
CA PRO N 86 -65.28 38.38 17.36
C PRO N 86 -64.95 37.09 18.08
N VAL N 87 -64.59 37.17 19.36
CA VAL N 87 -64.11 35.97 20.05
C VAL N 87 -65.29 35.04 20.32
N THR N 88 -65.05 33.75 20.12
CA THR N 88 -66.06 32.72 20.31
C THR N 88 -65.85 32.03 21.66
N ALA N 89 -66.72 31.06 21.95
CA ALA N 89 -66.52 30.23 23.14
C ALA N 89 -65.26 29.38 23.05
N ALA N 90 -64.80 29.08 21.83
CA ALA N 90 -63.54 28.40 21.62
C ALA N 90 -62.33 29.25 21.98
N GLY N 91 -62.54 30.52 22.37
CA GLY N 91 -61.44 31.37 22.77
C GLY N 91 -60.87 31.04 24.13
N THR N 92 -61.63 30.37 24.98
CA THR N 92 -61.15 30.00 26.32
C THR N 92 -60.04 28.97 26.18
N ALA N 93 -58.81 29.38 26.45
CA ALA N 93 -57.64 28.55 26.22
C ALA N 93 -56.41 29.24 26.78
N VAL N 94 -55.38 28.45 27.05
CA VAL N 94 -54.05 28.99 27.32
C VAL N 94 -53.40 29.35 26.00
N TYR N 95 -52.87 30.57 25.90
CA TYR N 95 -52.26 31.05 24.67
C TYR N 95 -50.75 31.10 24.84
N TYR N 96 -50.03 30.49 23.90
CA TYR N 96 -48.58 30.50 23.87
C TYR N 96 -48.12 31.29 22.65
N CYS N 97 -47.07 32.09 22.82
CA CYS N 97 -46.32 32.61 21.69
C CYS N 97 -45.04 31.80 21.55
N ALA N 98 -44.54 31.69 20.33
CA ALA N 98 -43.40 30.82 20.06
C ALA N 98 -42.59 31.38 18.91
N ARG N 99 -41.38 30.85 18.74
CA ARG N 99 -40.46 31.24 17.69
C ARG N 99 -39.89 30.01 17.00
N ARG N 100 -39.74 30.09 15.68
CA ARG N 100 -39.06 29.07 14.90
C ARG N 100 -38.11 29.74 13.93
N THR N 101 -37.15 28.95 13.43
CA THR N 101 -36.10 29.43 12.53
C THR N 101 -36.26 28.76 11.18
N PHE N 102 -36.05 29.53 10.11
CA PHE N 102 -36.09 28.98 8.76
C PHE N 102 -34.76 29.22 8.05
N TYR N 103 -34.41 28.30 7.16
CA TYR N 103 -33.19 28.39 6.37
C TYR N 103 -33.53 28.01 4.93
N TYR N 104 -32.52 28.11 4.06
CA TYR N 104 -32.63 27.71 2.66
C TYR N 104 -31.67 26.56 2.41
N ASP N 105 -32.17 25.48 1.81
CA ASP N 105 -31.35 24.32 1.58
C ASP N 105 -30.56 24.48 0.28
N ARG N 106 -29.81 23.42 -0.09
CA ARG N 106 -28.95 23.48 -1.27
C ARG N 106 -29.72 23.65 -2.56
N SER N 107 -31.02 23.36 -2.57
CA SER N 107 -31.86 23.55 -3.75
C SER N 107 -32.64 24.87 -3.70
N GLY N 108 -32.28 25.77 -2.79
CA GLY N 108 -32.98 27.03 -2.70
C GLY N 108 -34.38 26.97 -2.12
N GLN N 109 -34.75 25.85 -1.52
CA GLN N 109 -36.08 25.70 -0.93
C GLN N 109 -36.04 26.10 0.54
N LYS N 110 -37.06 26.86 0.95
CA LYS N 110 -37.15 27.32 2.33
C LYS N 110 -37.65 26.19 3.23
N VAL N 111 -36.90 25.93 4.30
CA VAL N 111 -37.24 24.92 5.30
C VAL N 111 -37.46 25.63 6.62
N VAL N 112 -38.52 25.26 7.33
CA VAL N 112 -38.87 25.86 8.62
C VAL N 112 -38.78 24.79 9.70
N GLU N 113 -37.96 25.05 10.71
CA GLU N 113 -37.77 24.13 11.81
C GLU N 113 -38.99 24.18 12.73
N PRO N 114 -39.14 23.21 13.64
CA PRO N 114 -40.27 23.25 14.58
C PRO N 114 -40.07 24.31 15.66
N PHE N 115 -41.13 24.51 16.44
CA PHE N 115 -41.09 25.47 17.55
C PHE N 115 -40.11 25.01 18.61
N ASP N 116 -39.05 25.78 18.86
CA ASP N 116 -38.08 25.43 19.89
C ASP N 116 -38.03 26.40 21.05
N TYR N 117 -38.59 27.60 20.92
CA TYR N 117 -38.69 28.55 22.02
C TYR N 117 -40.14 28.92 22.24
N TRP N 118 -40.60 28.84 23.48
CA TRP N 118 -41.98 29.11 23.82
C TRP N 118 -42.04 30.14 24.95
N GLY N 119 -43.24 30.67 25.18
CA GLY N 119 -43.50 31.49 26.34
C GLY N 119 -43.97 30.65 27.51
N GLN N 120 -44.27 31.34 28.62
CA GLN N 120 -44.87 30.65 29.76
C GLN N 120 -46.33 30.29 29.51
N GLY N 121 -46.99 30.97 28.58
CA GLY N 121 -48.40 30.73 28.32
C GLY N 121 -49.29 31.51 29.25
N THR N 122 -50.41 32.01 28.74
CA THR N 122 -51.34 32.79 29.52
C THR N 122 -52.76 32.30 29.25
N LEU N 123 -53.55 32.16 30.33
CA LEU N 123 -54.91 31.66 30.21
C LEU N 123 -55.88 32.81 30.00
N VAL N 124 -56.75 32.67 29.00
CA VAL N 124 -57.81 33.63 28.73
C VAL N 124 -59.15 32.92 28.80
N THR N 125 -60.12 33.56 29.44
CA THR N 125 -61.45 33.00 29.62
C THR N 125 -62.48 33.92 28.98
N VAL N 126 -63.42 33.34 28.24
CA VAL N 126 -64.52 34.07 27.62
C VAL N 126 -65.73 33.94 28.54
N SER N 127 -66.15 35.05 29.14
CA SER N 127 -67.28 35.00 30.05
C SER N 127 -67.94 36.36 30.16
N SER N 128 -69.25 36.34 30.36
CA SER N 128 -70.01 37.55 30.70
C SER N 128 -69.87 37.91 32.17
N ALA N 129 -69.19 37.09 32.95
CA ALA N 129 -69.04 37.32 34.38
C ALA N 129 -67.95 38.35 34.66
N SER N 130 -67.96 38.87 35.89
CA SER N 130 -67.04 39.91 36.30
C SER N 130 -65.90 39.34 37.13
N THR N 131 -64.78 40.07 37.13
CA THR N 131 -63.60 39.65 37.85
C THR N 131 -63.79 39.83 39.36
N LYS N 132 -63.34 38.86 40.14
CA LYS N 132 -63.39 38.92 41.59
C LYS N 132 -62.06 38.48 42.18
N GLY N 133 -61.51 39.29 43.08
CA GLY N 133 -60.29 38.96 43.77
C GLY N 133 -60.51 37.89 44.82
N PRO N 134 -59.46 37.12 45.12
CA PRO N 134 -59.61 36.02 46.08
C PRO N 134 -59.16 36.37 47.48
N SER N 135 -59.95 36.02 48.50
CA SER N 135 -59.49 36.15 49.88
C SER N 135 -58.61 34.95 50.25
N VAL N 136 -57.56 35.21 51.03
CA VAL N 136 -56.60 34.18 51.41
C VAL N 136 -56.68 33.99 52.92
N PHE N 137 -56.93 32.76 53.34
CA PHE N 137 -57.01 32.40 54.75
C PHE N 137 -55.94 31.37 55.09
N PRO N 138 -55.39 31.41 56.30
CA PRO N 138 -54.33 30.48 56.67
C PRO N 138 -54.88 29.09 56.94
N LEU N 139 -53.99 28.11 56.83
CA LEU N 139 -54.25 26.73 57.27
C LEU N 139 -53.10 26.39 58.22
N ALA N 140 -53.30 26.69 59.51
CA ALA N 140 -52.23 26.66 60.49
C ALA N 140 -51.86 25.23 60.86
N PRO N 141 -50.59 24.99 61.20
CA PRO N 141 -50.19 23.67 61.66
C PRO N 141 -50.85 23.30 62.98
N SER N 142 -51.15 22.01 63.13
CA SER N 142 -51.76 21.52 64.35
C SER N 142 -50.78 21.63 65.51
N SER N 143 -51.32 21.75 66.73
CA SER N 143 -50.48 21.89 67.90
C SER N 143 -49.70 20.62 68.20
N LYS N 144 -50.31 19.45 67.96
CA LYS N 144 -49.63 18.17 68.20
C LYS N 144 -48.40 18.03 67.31
N SER N 145 -48.61 18.03 65.98
CA SER N 145 -47.54 18.14 64.99
C SER N 145 -46.52 16.99 65.07
N THR N 146 -46.96 15.84 65.60
CA THR N 146 -46.22 14.57 65.49
C THR N 146 -44.79 14.68 66.02
N SER N 147 -44.60 15.45 67.10
CA SER N 147 -43.34 15.50 67.87
C SER N 147 -42.23 16.00 66.94
N GLY N 148 -41.07 15.34 66.88
CA GLY N 148 -40.03 15.69 65.95
C GLY N 148 -40.20 14.99 64.61
N GLY N 149 -41.34 15.22 63.98
CA GLY N 149 -41.66 14.59 62.72
C GLY N 149 -42.01 15.60 61.65
N THR N 150 -43.13 15.37 60.95
CA THR N 150 -43.52 16.18 59.81
C THR N 150 -44.86 16.86 60.08
N ALA N 151 -44.96 18.14 59.71
CA ALA N 151 -46.15 18.94 59.90
C ALA N 151 -46.67 19.44 58.55
N ALA N 152 -47.92 19.88 58.55
CA ALA N 152 -48.57 20.39 57.35
C ALA N 152 -49.18 21.75 57.65
N LEU N 153 -48.94 22.71 56.75
CA LEU N 153 -49.55 24.02 56.84
C LEU N 153 -49.87 24.49 55.43
N GLY N 154 -50.69 25.53 55.31
CA GLY N 154 -51.07 25.95 53.97
C GLY N 154 -51.90 27.21 53.95
N CYS N 155 -52.39 27.52 52.75
CA CYS N 155 -53.13 28.74 52.45
C CYS N 155 -54.36 28.41 51.62
N LEU N 156 -55.52 28.88 52.05
CA LEU N 156 -56.76 28.67 51.30
C LEU N 156 -57.11 29.94 50.53
N VAL N 157 -57.09 29.84 49.20
CA VAL N 157 -57.47 30.93 48.30
C VAL N 157 -58.91 30.68 47.87
N LYS N 158 -59.87 31.45 48.38
CA LYS N 158 -61.22 30.90 48.39
C LYS N 158 -62.16 31.40 47.29
N ASP N 159 -62.35 32.71 47.08
CA ASP N 159 -63.44 33.12 46.19
C ASP N 159 -62.96 34.01 45.05
N TYR N 160 -62.58 33.39 43.93
CA TYR N 160 -62.03 34.14 42.81
C TYR N 160 -62.58 33.70 41.46
N PHE N 161 -62.75 34.67 40.57
CA PHE N 161 -63.06 34.48 39.16
C PHE N 161 -62.34 35.58 38.40
N PRO N 162 -61.76 35.28 37.22
CA PRO N 162 -61.65 33.94 36.65
C PRO N 162 -60.35 33.30 37.10
N GLU N 163 -60.03 32.14 36.53
CA GLU N 163 -58.73 31.54 36.79
C GLU N 163 -57.67 32.27 35.97
N PRO N 164 -56.39 32.15 36.34
CA PRO N 164 -55.75 31.39 37.41
C PRO N 164 -55.22 32.22 38.59
N VAL N 165 -55.00 31.54 39.72
CA VAL N 165 -54.17 32.07 40.79
C VAL N 165 -52.87 31.27 40.80
N THR N 166 -51.79 31.96 41.19
CA THR N 166 -50.50 31.32 41.42
C THR N 166 -50.14 31.48 42.89
N VAL N 167 -49.50 30.45 43.45
CA VAL N 167 -49.10 30.46 44.86
C VAL N 167 -47.65 30.00 44.94
N SER N 168 -46.80 30.83 45.53
CA SER N 168 -45.44 30.46 45.87
C SER N 168 -45.29 30.50 47.39
N TRP N 169 -44.21 29.91 47.89
CA TRP N 169 -43.93 29.90 49.31
C TRP N 169 -42.57 30.53 49.57
N ASN N 170 -42.54 31.45 50.54
CA ASN N 170 -41.32 32.16 50.93
C ASN N 170 -40.61 32.75 49.71
N SER N 171 -41.38 33.45 48.88
CA SER N 171 -40.87 34.11 47.67
C SER N 171 -40.21 33.12 46.72
N GLY N 172 -40.53 31.84 46.81
CA GLY N 172 -39.92 30.83 45.98
C GLY N 172 -38.73 30.13 46.59
N ALA N 173 -38.32 30.51 47.81
CA ALA N 173 -37.24 29.80 48.47
C ALA N 173 -37.66 28.38 48.83
N LEU N 174 -38.92 28.20 49.22
CA LEU N 174 -39.45 26.91 49.64
C LEU N 174 -40.17 26.26 48.48
N THR N 175 -39.62 25.17 47.95
CA THR N 175 -40.27 24.40 46.91
C THR N 175 -40.53 22.95 47.27
N SER N 176 -39.79 22.38 48.23
CA SER N 176 -39.94 20.98 48.57
C SER N 176 -41.18 20.75 49.41
N GLY N 177 -41.92 19.70 49.08
CA GLY N 177 -43.13 19.37 49.80
C GLY N 177 -44.32 20.25 49.51
N VAL N 178 -44.20 21.17 48.55
CA VAL N 178 -45.30 22.06 48.20
C VAL N 178 -46.29 21.30 47.32
N HIS N 179 -47.58 21.48 47.59
CA HIS N 179 -48.64 20.98 46.72
C HIS N 179 -49.68 22.09 46.58
N THR N 180 -49.75 22.68 45.39
CA THR N 180 -50.81 23.62 45.04
C THR N 180 -51.85 22.86 44.22
N PHE N 181 -53.06 22.75 44.75
CA PHE N 181 -54.07 21.89 44.16
C PHE N 181 -54.78 22.58 43.00
N PRO N 182 -55.38 21.80 42.11
CA PRO N 182 -56.27 22.38 41.11
C PRO N 182 -57.44 23.09 41.78
N ALA N 183 -57.94 24.12 41.12
CA ALA N 183 -59.09 24.85 41.63
C ALA N 183 -60.37 24.05 41.43
N VAL N 184 -61.31 24.25 42.34
CA VAL N 184 -62.66 23.71 42.19
C VAL N 184 -63.61 24.88 41.96
N LEU N 185 -64.65 24.63 41.16
CA LEU N 185 -65.67 25.63 40.90
C LEU N 185 -66.84 25.40 41.84
N GLN N 186 -67.12 26.39 42.69
CA GLN N 186 -68.20 26.27 43.66
C GLN N 186 -69.54 26.63 43.00
N SER N 187 -70.63 26.36 43.73
CA SER N 187 -71.95 26.65 43.21
C SER N 187 -72.17 28.14 43.00
N SER N 188 -71.35 28.99 43.64
CA SER N 188 -71.41 30.43 43.41
C SER N 188 -70.83 30.83 42.07
N GLY N 189 -70.15 29.93 41.38
CA GLY N 189 -69.44 30.30 40.17
C GLY N 189 -68.05 30.85 40.42
N LEU N 190 -67.60 30.87 41.66
CA LEU N 190 -66.25 31.30 41.99
C LEU N 190 -65.37 30.09 42.26
N TYR N 191 -64.10 30.21 41.92
CA TYR N 191 -63.13 29.15 42.12
C TYR N 191 -62.54 29.24 43.51
N SER N 192 -62.11 28.08 44.03
CA SER N 192 -61.45 27.99 45.32
C SER N 192 -60.29 27.03 45.20
N LEU N 193 -59.20 27.34 45.90
CA LEU N 193 -57.94 26.64 45.72
C LEU N 193 -57.23 26.51 47.05
N SER N 194 -56.39 25.48 47.16
CA SER N 194 -55.61 25.23 48.36
C SER N 194 -54.16 24.96 47.98
N SER N 195 -53.25 25.43 48.83
CA SER N 195 -51.83 25.14 48.69
C SER N 195 -51.29 24.72 50.05
N VAL N 196 -50.51 23.64 50.07
CA VAL N 196 -49.99 23.08 51.31
C VAL N 196 -48.50 22.80 51.14
N VAL N 197 -47.80 22.75 52.26
CA VAL N 197 -46.39 22.36 52.26
C VAL N 197 -46.14 21.49 53.48
N THR N 198 -45.30 20.48 53.30
CA THR N 198 -44.92 19.58 54.37
C THR N 198 -43.58 20.05 54.94
N VAL N 199 -43.54 20.27 56.25
CA VAL N 199 -42.37 20.90 56.87
C VAL N 199 -41.96 20.14 58.13
N PRO N 200 -40.70 20.22 58.53
CA PRO N 200 -40.28 19.62 59.80
C PRO N 200 -40.93 20.32 60.97
N SER N 201 -41.39 19.53 61.94
CA SER N 201 -42.10 20.11 63.08
C SER N 201 -41.18 20.95 63.96
N SER N 202 -39.91 20.57 64.08
CA SER N 202 -38.98 21.37 64.87
C SER N 202 -38.80 22.76 64.27
N SER N 203 -38.95 22.89 62.94
CA SER N 203 -38.77 24.16 62.27
C SER N 203 -39.91 25.14 62.53
N LEU N 204 -41.03 24.68 63.09
CA LEU N 204 -42.22 25.53 63.19
C LEU N 204 -41.96 26.76 64.05
N GLY N 205 -41.21 26.61 65.14
CA GLY N 205 -40.93 27.75 65.99
C GLY N 205 -39.83 28.65 65.47
N THR N 206 -38.92 28.12 64.67
CA THR N 206 -37.75 28.86 64.22
C THR N 206 -37.90 29.48 62.84
N GLN N 207 -38.85 29.00 62.04
CA GLN N 207 -38.99 29.44 60.66
C GLN N 207 -40.34 30.11 60.47
N THR N 208 -40.37 31.02 59.51
CA THR N 208 -41.56 31.77 59.14
C THR N 208 -41.99 31.36 57.74
N TYR N 209 -43.26 31.02 57.59
CA TYR N 209 -43.79 30.47 56.35
C TYR N 209 -44.78 31.44 55.72
N ILE N 210 -44.39 31.98 54.58
CA ILE N 210 -45.15 33.00 53.85
C ILE N 210 -45.62 32.37 52.54
N CYS N 211 -46.93 32.37 52.31
CA CYS N 211 -47.47 31.99 51.01
C CYS N 211 -47.78 33.25 50.22
N ASN N 212 -47.28 33.30 48.99
CA ASN N 212 -47.44 34.46 48.12
C ASN N 212 -48.52 34.13 47.10
N VAL N 213 -49.68 34.75 47.25
CA VAL N 213 -50.83 34.49 46.38
C VAL N 213 -50.92 35.59 45.34
N ASN N 214 -51.08 35.22 44.08
CA ASN N 214 -51.17 36.16 42.98
C ASN N 214 -52.32 35.80 42.07
N HIS N 215 -53.24 36.75 41.85
CA HIS N 215 -54.38 36.61 40.95
C HIS N 215 -54.30 37.76 39.95
N LYS N 216 -53.61 37.53 38.83
CA LYS N 216 -53.37 38.60 37.87
C LYS N 216 -54.64 39.18 37.25
N PRO N 217 -55.67 38.41 36.89
CA PRO N 217 -56.86 39.04 36.27
C PRO N 217 -57.46 40.16 37.07
N SER N 218 -57.37 40.11 38.40
CA SER N 218 -57.88 41.18 39.26
C SER N 218 -56.77 42.09 39.78
N ASN N 219 -55.53 41.88 39.36
CA ASN N 219 -54.38 42.64 39.86
C ASN N 219 -54.33 42.60 41.39
N THR N 220 -54.40 41.37 41.92
CA THR N 220 -54.42 41.13 43.36
C THR N 220 -53.21 40.29 43.74
N LYS N 221 -52.38 40.84 44.63
CA LYS N 221 -51.26 40.11 45.22
C LYS N 221 -51.39 40.17 46.74
N VAL N 222 -51.27 39.02 47.39
CA VAL N 222 -51.41 38.93 48.85
C VAL N 222 -50.31 38.02 49.38
N ASP N 223 -49.58 38.50 50.40
CA ASP N 223 -48.64 37.70 51.16
C ASP N 223 -49.24 37.44 52.53
N LYS N 224 -49.53 36.19 52.84
CA LYS N 224 -50.12 35.81 54.12
C LYS N 224 -49.10 35.04 54.95
N ARG N 225 -48.98 35.43 56.23
CA ARG N 225 -48.15 34.71 57.19
C ARG N 225 -48.96 33.58 57.81
N VAL N 226 -48.43 32.36 57.72
CA VAL N 226 -49.05 31.18 58.31
C VAL N 226 -48.29 30.86 59.59
N GLU N 227 -48.93 31.13 60.74
CA GLU N 227 -48.33 31.03 62.06
C GLU N 227 -48.92 29.85 62.83
N PRO N 228 -48.13 29.19 63.68
CA PRO N 228 -48.70 28.20 64.60
C PRO N 228 -49.75 28.83 65.51
N LYS N 229 -50.71 28.00 65.92
CA LYS N 229 -51.92 28.30 66.74
C LYS N 229 -53.17 28.18 65.88
N GLU O 1 -56.81 19.34 4.94
CA GLU O 1 -55.75 19.47 5.94
C GLU O 1 -55.22 18.10 6.35
N ILE O 2 -54.03 18.11 6.93
CA ILE O 2 -53.41 16.89 7.44
C ILE O 2 -53.91 16.65 8.85
N VAL O 3 -54.23 15.41 9.17
CA VAL O 3 -54.69 15.03 10.50
C VAL O 3 -53.75 13.94 11.02
N LEU O 4 -53.09 14.24 12.13
CA LEU O 4 -52.16 13.33 12.78
C LEU O 4 -52.88 12.60 13.90
N THR O 5 -52.85 11.27 13.85
CA THR O 5 -53.56 10.43 14.80
C THR O 5 -52.54 9.68 15.66
N GLN O 6 -52.67 9.87 16.97
CA GLN O 6 -51.71 9.40 17.96
C GLN O 6 -52.32 8.24 18.75
N SER O 7 -51.56 7.16 18.89
CA SER O 7 -52.00 6.04 19.71
C SER O 7 -50.85 5.54 20.56
N PRO O 8 -51.11 5.12 21.82
CA PRO O 8 -52.45 5.19 22.42
C PRO O 8 -52.75 6.59 22.93
N SER O 9 -53.99 6.83 23.35
CA SER O 9 -54.31 8.13 23.93
C SER O 9 -53.72 8.27 25.33
N THR O 10 -53.59 7.17 26.06
CA THR O 10 -53.06 7.18 27.41
C THR O 10 -52.29 5.90 27.65
N LEU O 11 -51.27 6.00 28.51
CA LEU O 11 -50.35 4.91 28.79
C LEU O 11 -49.99 4.92 30.26
N SER O 12 -49.77 3.73 30.82
CA SER O 12 -49.26 3.59 32.17
C SER O 12 -48.18 2.53 32.18
N ALA O 13 -47.04 2.82 32.80
CA ALA O 13 -45.92 1.90 32.76
C ALA O 13 -45.00 2.15 33.95
N SER O 14 -44.25 1.11 34.31
CA SER O 14 -43.34 1.17 35.44
C SER O 14 -41.99 1.76 35.02
N VAL O 15 -41.25 2.23 36.03
CA VAL O 15 -39.94 2.81 35.79
C VAL O 15 -39.02 1.76 35.19
N GLY O 16 -38.32 2.11 34.12
CA GLY O 16 -37.44 1.19 33.44
C GLY O 16 -38.10 0.39 32.34
N ASP O 17 -39.41 0.51 32.18
CA ASP O 17 -40.05 -0.14 31.05
C ASP O 17 -39.91 0.71 29.79
N ARG O 18 -40.07 0.05 28.65
CA ARG O 18 -39.96 0.66 27.33
C ARG O 18 -41.34 0.99 26.81
N VAL O 19 -41.56 2.24 26.40
CA VAL O 19 -42.85 2.69 25.90
C VAL O 19 -42.66 3.20 24.47
N THR O 20 -43.66 2.94 23.63
CA THR O 20 -43.66 3.39 22.25
C THR O 20 -44.98 4.08 21.93
N ILE O 21 -44.88 5.26 21.31
CA ILE O 21 -46.03 6.05 20.90
C ILE O 21 -46.07 6.05 19.39
N THR O 22 -47.28 6.01 18.82
CA THR O 22 -47.46 5.99 17.36
C THR O 22 -48.16 7.26 16.91
N CYS O 23 -47.62 7.88 15.85
CA CYS O 23 -48.25 8.99 15.17
C CYS O 23 -48.52 8.59 13.72
N ARG O 24 -49.77 8.74 13.29
CA ARG O 24 -50.18 8.37 11.94
C ARG O 24 -50.71 9.59 11.22
N ALA O 25 -50.22 9.81 10.00
CA ALA O 25 -50.55 10.99 9.21
C ALA O 25 -51.56 10.63 8.12
N SER O 26 -52.51 11.55 7.87
CA SER O 26 -53.52 11.30 6.85
C SER O 26 -52.94 11.39 5.45
N GLN O 27 -51.84 12.12 5.26
CA GLN O 27 -51.12 12.16 4.00
C GLN O 27 -49.63 12.05 4.31
N SER O 28 -48.84 11.78 3.26
CA SER O 28 -47.40 11.64 3.45
C SER O 28 -46.77 12.97 3.79
N ILE O 29 -46.07 13.02 4.92
CA ILE O 29 -45.33 14.20 5.35
C ILE O 29 -43.82 13.98 5.27
N SER O 30 -43.39 12.89 4.63
CA SER O 30 -41.98 12.56 4.42
C SER O 30 -41.33 12.36 5.79
N SER O 31 -40.36 13.18 6.18
CA SER O 31 -39.74 13.08 7.50
C SER O 31 -39.93 14.36 8.30
N TRP O 32 -40.95 15.16 7.99
CA TRP O 32 -41.18 16.43 8.68
C TRP O 32 -42.16 16.23 9.83
N LEU O 33 -41.71 15.49 10.84
CA LEU O 33 -42.51 15.21 12.03
C LEU O 33 -41.68 15.44 13.28
N ALA O 34 -42.17 16.30 14.16
CA ALA O 34 -41.48 16.55 15.42
C ALA O 34 -42.28 15.99 16.60
N TRP O 35 -41.57 15.75 17.69
CA TRP O 35 -42.16 15.22 18.93
C TRP O 35 -41.92 16.21 20.06
N TYR O 36 -42.97 16.49 20.82
CA TYR O 36 -42.89 17.38 21.96
C TYR O 36 -43.27 16.65 23.25
N GLN O 37 -42.72 17.13 24.37
CA GLN O 37 -43.11 16.68 25.69
C GLN O 37 -43.66 17.87 26.45
N GLN O 38 -44.86 17.72 27.02
CA GLN O 38 -45.49 18.78 27.79
C GLN O 38 -45.66 18.31 29.23
N LYS O 39 -44.89 18.88 30.13
CA LYS O 39 -45.15 18.62 31.53
C LYS O 39 -46.29 19.51 32.01
N PRO O 40 -47.06 19.06 33.00
CA PRO O 40 -48.28 19.79 33.38
C PRO O 40 -47.97 21.21 33.84
N GLY O 41 -48.75 22.16 33.33
CA GLY O 41 -48.56 23.56 33.65
C GLY O 41 -47.42 24.25 32.92
N LYS O 42 -46.82 23.58 31.94
CA LYS O 42 -45.63 24.10 31.27
C LYS O 42 -45.83 24.07 29.76
N ALA O 43 -45.02 24.87 29.07
CA ALA O 43 -45.06 24.89 27.62
C ALA O 43 -44.47 23.59 27.06
N PRO O 44 -44.90 23.16 25.88
CA PRO O 44 -44.32 21.95 25.28
C PRO O 44 -42.85 22.14 24.96
N LYS O 45 -42.10 21.05 25.02
CA LYS O 45 -40.65 21.06 24.84
C LYS O 45 -40.29 20.19 23.64
N LEU O 46 -39.46 20.73 22.75
CA LEU O 46 -39.08 20.02 21.54
C LEU O 46 -38.02 18.98 21.84
N LEU O 47 -38.33 17.70 21.59
CA LEU O 47 -37.43 16.58 21.83
C LEU O 47 -36.78 16.04 20.56
N ILE O 48 -37.57 15.79 19.53
CA ILE O 48 -37.13 15.11 18.32
C ILE O 48 -37.51 15.95 17.12
N TYR O 49 -36.55 16.21 16.22
CA TYR O 49 -36.80 16.85 14.94
C TYR O 49 -36.42 15.91 13.81
N GLU O 50 -36.61 16.39 12.57
CA GLU O 50 -36.65 15.53 11.39
C GLU O 50 -37.65 14.42 11.71
N ALA O 51 -37.22 13.20 11.93
CA ALA O 51 -38.10 12.24 12.59
C ALA O 51 -37.35 11.37 13.57
N SER O 52 -36.02 11.41 13.55
CA SER O 52 -35.19 10.58 14.38
C SER O 52 -34.13 11.38 15.14
N SER O 53 -33.98 12.66 14.85
CA SER O 53 -32.89 13.47 15.39
C SER O 53 -33.30 14.10 16.72
N LEU O 54 -32.43 13.98 17.71
CA LEU O 54 -32.64 14.50 19.05
C LEU O 54 -32.13 15.93 19.16
N GLU O 55 -32.92 16.79 19.82
CA GLU O 55 -32.46 18.14 20.10
C GLU O 55 -31.44 18.12 21.23
N ASN O 56 -30.58 19.14 21.27
CA ASN O 56 -29.56 19.23 22.29
C ASN O 56 -30.18 19.22 23.68
N GLY O 57 -29.54 18.49 24.60
CA GLY O 57 -30.05 18.35 25.94
C GLY O 57 -31.08 17.26 26.14
N VAL O 58 -31.50 16.59 25.07
CA VAL O 58 -32.48 15.51 25.17
C VAL O 58 -31.75 14.18 25.33
N PRO O 59 -32.15 13.33 26.28
CA PRO O 59 -31.38 12.13 26.58
C PRO O 59 -31.56 11.04 25.54
N SER O 60 -30.52 10.20 25.44
CA SER O 60 -30.49 9.14 24.43
C SER O 60 -31.58 8.10 24.63
N ARG O 61 -32.25 8.08 25.79
CA ARG O 61 -33.33 7.14 25.98
C ARG O 61 -34.56 7.53 25.16
N PHE O 62 -34.62 8.75 24.65
CA PHE O 62 -35.65 9.16 23.71
C PHE O 62 -35.19 8.86 22.28
N SER O 63 -36.11 8.35 21.47
CA SER O 63 -35.74 7.85 20.15
C SER O 63 -36.94 7.98 19.21
N GLY O 64 -36.65 8.31 17.95
CA GLY O 64 -37.69 8.44 16.95
C GLY O 64 -37.41 7.58 15.73
N SER O 65 -38.49 7.21 15.05
CA SER O 65 -38.42 6.43 13.82
C SER O 65 -39.58 6.81 12.93
N GLY O 66 -39.49 6.39 11.68
CA GLY O 66 -40.62 6.53 10.76
C GLY O 66 -40.40 7.43 9.57
N SER O 67 -41.26 7.27 8.56
CA SER O 67 -41.19 8.06 7.33
C SER O 67 -42.51 7.92 6.59
N GLY O 68 -43.02 9.03 6.09
CA GLY O 68 -44.21 9.03 5.26
C GLY O 68 -45.51 9.19 6.01
N THR O 69 -46.05 8.10 6.54
CA THR O 69 -47.33 8.10 7.24
C THR O 69 -47.24 7.53 8.65
N GLU O 70 -46.32 6.61 8.91
CA GLU O 70 -46.19 5.96 10.21
C GLU O 70 -44.92 6.44 10.89
N PHE O 71 -45.06 6.95 12.12
CA PHE O 71 -43.92 7.37 12.93
C PHE O 71 -44.11 6.85 14.35
N THR O 72 -42.98 6.61 15.03
CA THR O 72 -43.00 6.14 16.41
C THR O 72 -42.04 6.94 17.26
N LEU O 73 -42.36 7.02 18.55
CA LEU O 73 -41.50 7.59 19.58
C LEU O 73 -41.27 6.53 20.64
N THR O 74 -40.01 6.35 21.05
CA THR O 74 -39.67 5.30 22.01
C THR O 74 -38.90 5.90 23.17
N ILE O 75 -39.30 5.52 24.39
CA ILE O 75 -38.57 5.84 25.62
C ILE O 75 -38.09 4.51 26.19
N SER O 76 -36.78 4.31 26.22
CA SER O 76 -36.26 2.96 26.45
C SER O 76 -36.30 2.56 27.93
N SER O 77 -36.07 3.51 28.84
CA SER O 77 -36.12 3.24 30.27
C SER O 77 -36.97 4.32 30.91
N LEU O 78 -38.26 4.05 31.06
CA LEU O 78 -39.18 5.04 31.62
C LEU O 78 -38.69 5.50 32.99
N GLN O 79 -38.76 6.81 33.22
CA GLN O 79 -38.28 7.40 34.46
C GLN O 79 -39.36 8.32 35.02
N PRO O 80 -39.39 8.50 36.35
CA PRO O 80 -40.50 9.27 36.95
C PRO O 80 -40.68 10.67 36.38
N ASP O 81 -39.60 11.29 35.89
CA ASP O 81 -39.72 12.60 35.28
C ASP O 81 -40.39 12.54 33.92
N ASP O 82 -40.43 11.38 33.28
CA ASP O 82 -41.02 11.24 31.96
C ASP O 82 -42.54 11.34 31.98
N PHE O 83 -43.13 11.50 33.16
CA PHE O 83 -44.56 11.81 33.28
C PHE O 83 -44.87 13.10 32.53
N ALA O 84 -45.64 13.00 31.46
CA ALA O 84 -45.99 14.14 30.62
C ALA O 84 -47.00 13.67 29.58
N THR O 85 -47.61 14.63 28.89
CA THR O 85 -48.33 14.36 27.66
C THR O 85 -47.39 14.63 26.50
N TYR O 86 -47.34 13.71 25.55
CA TYR O 86 -46.44 13.80 24.42
C TYR O 86 -47.23 14.04 23.14
N TYR O 87 -46.73 14.95 22.30
CA TYR O 87 -47.41 15.36 21.09
C TYR O 87 -46.50 15.18 19.88
N CYS O 88 -47.08 14.77 18.76
CA CYS O 88 -46.41 14.80 17.47
C CYS O 88 -46.98 15.94 16.63
N GLN O 89 -46.13 16.51 15.77
CA GLN O 89 -46.50 17.64 14.95
C GLN O 89 -45.80 17.56 13.61
N GLN O 90 -46.51 17.89 12.54
CA GLN O 90 -45.91 18.05 11.22
C GLN O 90 -45.60 19.53 11.00
N TYR O 91 -44.40 19.85 10.53
CA TYR O 91 -43.88 21.19 10.71
C TYR O 91 -43.34 21.89 9.46
N ASN O 92 -43.64 21.40 8.25
CA ASN O 92 -43.31 22.17 7.06
C ASN O 92 -44.52 22.64 6.28
N SER O 93 -45.62 21.88 6.27
CA SER O 93 -46.80 22.28 5.51
C SER O 93 -47.54 23.42 6.20
N TYR O 94 -48.25 24.22 5.40
CA TYR O 94 -48.71 25.53 5.86
C TYR O 94 -49.66 25.41 7.04
N SER O 95 -50.62 24.50 6.98
CA SER O 95 -51.50 24.26 8.13
C SER O 95 -50.75 23.34 9.09
N LEU O 96 -50.16 23.94 10.13
CA LEU O 96 -49.38 23.18 11.10
C LEU O 96 -50.31 22.51 12.09
N THR O 97 -50.29 21.18 12.15
CA THR O 97 -51.24 20.43 12.96
C THR O 97 -50.49 19.51 13.91
N PHE O 98 -51.12 19.27 15.06
CA PHE O 98 -50.59 18.39 16.10
C PHE O 98 -51.43 17.12 16.19
N GLY O 99 -50.89 16.14 16.89
CA GLY O 99 -51.70 15.02 17.32
C GLY O 99 -52.48 15.35 18.58
N GLY O 100 -53.42 14.47 18.92
CA GLY O 100 -54.24 14.68 20.10
C GLY O 100 -53.52 14.48 21.42
N GLY O 101 -52.31 13.94 21.38
CA GLY O 101 -51.49 13.78 22.56
C GLY O 101 -51.57 12.37 23.13
N THR O 102 -50.55 12.02 23.92
CA THR O 102 -50.55 10.78 24.68
C THR O 102 -50.00 11.06 26.07
N LYS O 103 -50.83 10.91 27.09
CA LYS O 103 -50.40 11.05 28.46
C LYS O 103 -49.69 9.77 28.92
N VAL O 104 -48.47 9.94 29.43
CA VAL O 104 -47.70 8.83 29.99
C VAL O 104 -47.74 8.98 31.51
N GLU O 105 -48.26 7.95 32.19
CA GLU O 105 -48.35 7.94 33.64
C GLU O 105 -47.50 6.78 34.18
N ILE O 106 -46.91 7.00 35.36
CA ILE O 106 -45.93 6.08 35.92
C ILE O 106 -46.61 5.14 36.91
N LYS O 107 -46.31 3.85 36.80
CA LYS O 107 -46.73 2.86 37.77
C LYS O 107 -45.65 2.71 38.84
N ARG O 108 -46.06 2.77 40.11
CA ARG O 108 -45.14 2.62 41.22
C ARG O 108 -45.79 1.74 42.28
N THR O 109 -45.06 1.47 43.36
CA THR O 109 -45.60 0.62 44.41
C THR O 109 -46.67 1.38 45.20
N VAL O 110 -47.44 0.61 45.99
CA VAL O 110 -48.51 1.18 46.79
C VAL O 110 -47.91 2.03 47.91
N ALA O 111 -48.50 3.21 48.14
CA ALA O 111 -48.05 4.12 49.19
C ALA O 111 -49.28 4.71 49.87
N ALA O 112 -49.36 4.55 51.20
CA ALA O 112 -50.51 5.03 51.94
C ALA O 112 -50.42 6.54 52.19
N PRO O 113 -51.57 7.22 52.24
CA PRO O 113 -51.54 8.68 52.44
C PRO O 113 -51.35 9.07 53.90
N SER O 114 -50.61 10.15 54.10
CA SER O 114 -50.61 10.83 55.38
C SER O 114 -51.79 11.79 55.42
N VAL O 115 -52.57 11.74 56.49
CA VAL O 115 -53.82 12.48 56.57
C VAL O 115 -53.69 13.59 57.61
N PHE O 116 -54.14 14.79 57.24
CA PHE O 116 -54.16 15.96 58.11
C PHE O 116 -55.53 16.61 58.01
N ILE O 117 -55.99 17.20 59.12
CA ILE O 117 -57.23 17.98 59.13
C ILE O 117 -56.91 19.39 59.58
N PHE O 118 -57.47 20.36 58.89
CA PHE O 118 -57.26 21.77 59.20
C PHE O 118 -58.58 22.40 59.60
N PRO O 119 -58.69 22.96 60.81
CA PRO O 119 -59.95 23.58 61.22
C PRO O 119 -60.19 24.89 60.48
N PRO O 120 -61.42 25.40 60.49
CA PRO O 120 -61.69 26.71 59.87
C PRO O 120 -60.80 27.80 60.45
N SER O 121 -60.52 28.80 59.62
CA SER O 121 -59.70 29.92 60.04
C SER O 121 -60.53 30.89 60.88
N ASP O 122 -59.90 31.46 61.91
CA ASP O 122 -60.56 32.50 62.69
C ASP O 122 -60.85 33.71 61.82
N GLU O 123 -59.93 34.04 60.90
CA GLU O 123 -60.15 35.14 59.98
C GLU O 123 -61.33 34.87 59.07
N GLN O 124 -61.48 33.63 58.61
CA GLN O 124 -62.61 33.29 57.74
C GLN O 124 -63.93 33.37 58.50
N LEU O 125 -63.92 32.98 59.78
CA LEU O 125 -65.15 33.00 60.56
C LEU O 125 -65.69 34.41 60.72
N LYS O 126 -64.82 35.41 60.68
CA LYS O 126 -65.30 36.80 60.64
C LYS O 126 -66.17 37.04 59.43
N SER O 127 -65.83 36.43 58.30
CA SER O 127 -66.62 36.58 57.09
C SER O 127 -68.02 35.97 57.24
N GLY O 128 -68.15 34.90 58.01
CA GLY O 128 -69.42 34.23 58.16
C GLY O 128 -69.54 32.92 57.42
N THR O 129 -68.43 32.37 56.93
CA THR O 129 -68.39 31.10 56.24
C THR O 129 -67.24 30.29 56.79
N ALA O 130 -67.40 28.96 56.79
CA ALA O 130 -66.45 28.06 57.43
C ALA O 130 -66.02 26.98 56.45
N SER O 131 -64.70 26.78 56.34
CA SER O 131 -64.12 25.78 55.46
C SER O 131 -63.13 24.95 56.25
N VAL O 132 -63.39 23.65 56.33
CA VAL O 132 -62.51 22.67 56.96
C VAL O 132 -61.87 21.84 55.87
N VAL O 133 -60.56 21.69 55.92
CA VAL O 133 -59.79 21.07 54.85
C VAL O 133 -59.16 19.79 55.35
N CYS O 134 -59.25 18.75 54.53
CA CYS O 134 -58.63 17.47 54.78
C CYS O 134 -57.57 17.23 53.71
N LEU O 135 -56.34 16.94 54.13
CA LEU O 135 -55.22 16.71 53.23
C LEU O 135 -54.82 15.24 53.28
N LEU O 136 -54.82 14.60 52.11
CA LEU O 136 -54.25 13.27 51.89
C LEU O 136 -53.00 13.46 51.07
N ASN O 137 -51.85 13.08 51.62
CA ASN O 137 -50.59 13.47 51.04
C ASN O 137 -49.77 12.28 50.59
N ASN O 138 -49.33 12.36 49.33
CA ASN O 138 -48.35 11.46 48.70
C ASN O 138 -48.77 9.99 48.84
N PHE O 139 -49.78 9.63 48.05
CA PHE O 139 -50.32 8.28 48.00
C PHE O 139 -50.35 7.79 46.56
N TYR O 140 -50.21 6.45 46.41
CA TYR O 140 -50.39 5.72 45.16
C TYR O 140 -51.04 4.40 45.53
N PRO O 141 -52.10 3.96 44.81
CA PRO O 141 -52.66 4.57 43.60
C PRO O 141 -53.57 5.77 43.84
N ARG O 142 -54.13 6.31 42.75
CA ARG O 142 -54.94 7.54 42.85
C ARG O 142 -56.25 7.29 43.57
N GLU O 143 -56.82 6.09 43.44
CA GLU O 143 -58.15 5.83 43.97
C GLU O 143 -58.18 6.00 45.48
N ALA O 144 -59.01 6.92 45.95
CA ALA O 144 -59.16 7.19 47.38
C ALA O 144 -60.55 7.75 47.63
N LYS O 145 -61.05 7.53 48.84
CA LYS O 145 -62.38 7.97 49.23
C LYS O 145 -62.28 8.75 50.54
N VAL O 146 -62.96 9.89 50.60
CA VAL O 146 -63.02 10.71 51.81
C VAL O 146 -64.48 10.89 52.17
N GLN O 147 -64.81 10.62 53.44
CA GLN O 147 -66.15 10.85 53.95
C GLN O 147 -66.06 11.84 55.11
N TRP O 148 -66.92 12.86 55.09
CA TRP O 148 -66.96 13.87 56.14
C TRP O 148 -68.07 13.53 57.11
N LYS O 149 -67.75 13.53 58.41
CA LYS O 149 -68.71 13.23 59.45
C LYS O 149 -68.72 14.37 60.47
N VAL O 150 -69.91 14.88 60.77
CA VAL O 150 -70.09 15.96 61.74
C VAL O 150 -70.94 15.39 62.88
N ASP O 151 -70.33 15.25 64.05
CA ASP O 151 -70.97 14.62 65.21
C ASP O 151 -71.53 13.26 64.82
N ASN O 152 -70.71 12.49 64.09
CA ASN O 152 -71.00 11.14 63.63
C ASN O 152 -72.10 11.08 62.59
N ALA O 153 -72.40 12.18 61.92
CA ALA O 153 -73.37 12.20 60.83
C ALA O 153 -72.64 12.33 59.50
N LEU O 154 -72.80 11.33 58.64
CA LEU O 154 -72.25 11.41 57.29
C LEU O 154 -72.84 12.60 56.56
N GLN O 155 -71.98 13.37 55.88
CA GLN O 155 -72.39 14.56 55.18
C GLN O 155 -72.37 14.32 53.68
N SER O 156 -73.28 14.97 52.96
CA SER O 156 -73.39 14.80 51.52
C SER O 156 -73.64 16.13 50.84
N GLY O 157 -72.91 16.39 49.76
CA GLY O 157 -73.12 17.58 48.95
C GLY O 157 -72.45 18.84 49.45
N ASN O 158 -71.80 18.80 50.62
CA ASN O 158 -71.15 19.98 51.17
C ASN O 158 -69.63 19.90 51.04
N SER O 159 -69.12 19.07 50.14
CA SER O 159 -67.69 18.87 50.01
C SER O 159 -67.27 18.89 48.54
N GLN O 160 -66.06 19.38 48.30
CA GLN O 160 -65.45 19.38 46.98
C GLN O 160 -63.98 18.99 47.12
N GLU O 161 -63.51 18.12 46.22
CA GLU O 161 -62.16 17.56 46.35
C GLU O 161 -61.35 17.80 45.09
N SER O 162 -60.03 17.85 45.27
CA SER O 162 -59.09 18.12 44.19
C SER O 162 -57.86 17.23 44.35
N VAL O 163 -57.28 16.80 43.23
CA VAL O 163 -56.12 15.92 43.24
C VAL O 163 -55.00 16.57 42.44
N THR O 164 -53.78 16.45 42.95
CA THR O 164 -52.61 16.90 42.22
C THR O 164 -52.31 15.97 41.06
N GLU O 165 -51.47 16.44 40.14
CA GLU O 165 -50.92 15.54 39.14
C GLU O 165 -49.79 14.73 39.76
N GLN O 166 -49.41 13.64 39.08
CA GLN O 166 -48.38 12.76 39.61
C GLN O 166 -47.07 13.51 39.81
N ASP O 167 -46.48 13.33 41.00
CA ASP O 167 -45.21 13.99 41.30
C ASP O 167 -44.12 13.48 40.34
N SER O 168 -43.27 14.40 39.89
CA SER O 168 -42.24 14.06 38.93
C SER O 168 -41.03 13.38 39.56
N LYS O 169 -41.01 13.22 40.88
CA LYS O 169 -39.92 12.55 41.56
C LYS O 169 -40.33 11.25 42.21
N ASP O 170 -41.45 11.22 42.95
CA ASP O 170 -41.88 10.00 43.62
C ASP O 170 -43.17 9.41 43.03
N SER O 171 -43.74 10.05 42.00
CA SER O 171 -44.86 9.49 41.24
C SER O 171 -46.12 9.30 42.08
N THR O 172 -46.29 10.10 43.13
CA THR O 172 -47.43 9.97 44.03
C THR O 172 -48.49 11.03 43.71
N TYR O 173 -49.62 10.94 44.40
CA TYR O 173 -50.71 11.90 44.28
C TYR O 173 -51.04 12.49 45.65
N SER O 174 -51.84 13.56 45.64
CA SER O 174 -52.31 14.16 46.88
C SER O 174 -53.71 14.71 46.65
N LEU O 175 -54.49 14.79 47.73
CA LEU O 175 -55.90 15.15 47.63
C LEU O 175 -56.25 16.15 48.72
N SER O 176 -57.11 17.11 48.38
CA SER O 176 -57.64 18.08 49.34
C SER O 176 -59.16 18.08 49.22
N SER O 177 -59.85 17.78 50.32
CA SER O 177 -61.30 17.89 50.41
C SER O 177 -61.65 19.09 51.27
N THR O 178 -62.54 19.94 50.79
CA THR O 178 -62.99 21.12 51.51
C THR O 178 -64.46 20.97 51.86
N LEU O 179 -64.77 21.03 53.16
CA LEU O 179 -66.14 21.03 53.63
C LEU O 179 -66.55 22.47 53.94
N THR O 180 -67.59 22.96 53.27
CA THR O 180 -68.01 24.34 53.42
C THR O 180 -69.35 24.40 54.16
N LEU O 181 -69.38 25.17 55.24
CA LEU O 181 -70.55 25.28 56.09
C LEU O 181 -70.78 26.76 56.42
N SER O 182 -72.01 27.10 56.75
CA SER O 182 -72.27 28.42 57.32
C SER O 182 -71.62 28.51 58.68
N LYS O 183 -71.23 29.73 59.09
CA LYS O 183 -70.72 29.88 60.44
C LYS O 183 -71.72 29.34 61.45
N ALA O 184 -73.00 29.63 61.24
CA ALA O 184 -74.05 29.17 62.13
C ALA O 184 -74.02 27.64 62.27
N ASP O 185 -74.26 26.93 61.16
CA ASP O 185 -74.26 25.47 61.20
C ASP O 185 -72.97 24.91 61.78
N TYR O 186 -71.85 25.62 61.58
CA TYR O 186 -70.58 25.17 62.12
C TYR O 186 -70.56 25.24 63.64
N GLU O 187 -70.97 26.37 64.22
CA GLU O 187 -70.93 26.51 65.67
C GLU O 187 -72.14 25.88 66.37
N LYS O 188 -72.96 25.14 65.63
CA LYS O 188 -74.03 24.34 66.23
C LYS O 188 -73.64 22.88 66.40
N HIS O 189 -72.39 22.54 66.10
CA HIS O 189 -71.89 21.16 66.21
C HIS O 189 -70.49 21.20 66.82
N LYS O 190 -69.97 20.02 67.17
CA LYS O 190 -68.73 19.93 67.94
C LYS O 190 -67.64 19.10 67.27
N VAL O 191 -67.94 17.88 66.81
CA VAL O 191 -66.95 16.98 66.24
C VAL O 191 -66.91 17.17 64.73
N TYR O 192 -65.72 17.45 64.18
CA TYR O 192 -65.55 17.51 62.74
C TYR O 192 -64.45 16.51 62.35
N ALA O 193 -64.82 15.52 61.52
CA ALA O 193 -63.96 14.38 61.29
C ALA O 193 -63.86 14.06 59.81
N CYS O 194 -62.70 13.58 59.40
CA CYS O 194 -62.39 13.19 58.02
C CYS O 194 -62.02 11.72 58.00
N GLU O 195 -62.75 10.93 57.20
CA GLU O 195 -62.54 9.49 57.14
C GLU O 195 -61.98 9.13 55.76
N VAL O 196 -60.84 8.45 55.74
CA VAL O 196 -60.11 8.17 54.51
C VAL O 196 -59.99 6.67 54.32
N THR O 197 -60.38 6.20 53.13
CA THR O 197 -60.19 4.82 52.73
C THR O 197 -59.24 4.80 51.53
N HIS O 198 -58.24 3.93 51.59
CA HIS O 198 -57.25 3.80 50.52
C HIS O 198 -56.61 2.43 50.63
N GLN O 199 -56.05 1.97 49.51
CA GLN O 199 -55.54 0.60 49.44
C GLN O 199 -54.38 0.38 50.40
N GLY O 200 -53.51 1.37 50.55
CA GLY O 200 -52.37 1.24 51.45
C GLY O 200 -52.70 1.28 52.93
N LEU O 201 -53.96 1.50 53.28
CA LEU O 201 -54.40 1.52 54.67
C LEU O 201 -55.01 0.16 55.03
N SER O 202 -54.69 -0.34 56.23
CA SER O 202 -55.27 -1.60 56.66
C SER O 202 -56.77 -1.47 56.91
N SER O 203 -57.21 -0.29 57.33
CA SER O 203 -58.62 -0.01 57.55
C SER O 203 -58.81 1.49 57.43
N PRO O 204 -60.06 1.97 57.33
CA PRO O 204 -60.26 3.42 57.18
C PRO O 204 -59.65 4.21 58.33
N VAL O 205 -59.02 5.33 58.00
CA VAL O 205 -58.35 6.18 58.96
C VAL O 205 -59.16 7.46 59.12
N THR O 206 -59.43 7.84 60.37
CA THR O 206 -60.17 9.04 60.70
C THR O 206 -59.24 10.08 61.30
N LYS O 207 -59.46 11.34 60.93
CA LYS O 207 -58.82 12.48 61.57
C LYS O 207 -59.93 13.42 62.02
N SER O 208 -59.88 13.84 63.28
CA SER O 208 -60.98 14.60 63.87
C SER O 208 -60.44 15.72 64.74
N PHE O 209 -61.23 16.80 64.82
CA PHE O 209 -61.02 17.84 65.81
C PHE O 209 -62.36 18.25 66.39
N ASN O 210 -62.34 18.58 67.67
CA ASN O 210 -63.39 19.30 68.36
C ASN O 210 -62.98 20.75 68.48
N ARG O 211 -63.96 21.67 68.42
CA ARG O 211 -63.66 23.08 68.59
C ARG O 211 -62.94 23.30 69.92
N GLY O 212 -61.70 23.81 69.82
CA GLY O 212 -60.71 23.82 70.86
C GLY O 212 -59.32 23.58 70.27
N GLU O 213 -58.35 23.38 71.18
CA GLU O 213 -56.98 23.01 70.81
C GLU O 213 -56.26 24.17 70.13
N CYS O 214 -55.67 25.08 70.92
CA CYS O 214 -54.96 26.23 70.38
C CYS O 214 -53.78 26.58 71.27
N SER O 215 -52.58 26.58 70.68
CA SER O 215 -51.34 26.91 71.37
C SER O 215 -50.16 26.89 70.39
N THR P 15 -27.01 13.43 -26.81
CA THR P 15 -27.31 13.88 -25.45
C THR P 15 -26.35 13.23 -24.44
N ASN P 16 -26.07 11.94 -24.65
CA ASN P 16 -25.16 11.22 -23.76
C ASN P 16 -23.71 11.48 -24.17
N LEU P 17 -22.80 11.19 -23.24
CA LEU P 17 -21.38 11.50 -23.42
C LEU P 17 -20.66 10.35 -24.13
N CYS P 18 -19.66 10.71 -24.93
CA CYS P 18 -18.91 9.74 -25.71
C CYS P 18 -17.90 9.01 -24.84
N PRO P 19 -17.86 7.67 -24.91
CA PRO P 19 -16.99 6.89 -24.01
C PRO P 19 -15.55 6.80 -24.51
N PHE P 20 -14.89 7.95 -24.64
CA PHE P 20 -13.51 7.95 -25.08
C PHE P 20 -12.57 7.46 -23.99
N GLY P 21 -12.96 7.62 -22.72
CA GLY P 21 -12.13 7.11 -21.64
C GLY P 21 -11.97 5.61 -21.66
N GLU P 22 -12.98 4.89 -22.17
CA GLU P 22 -12.92 3.44 -22.20
C GLU P 22 -11.81 2.94 -23.10
N VAL P 23 -11.53 3.64 -24.20
CA VAL P 23 -10.50 3.19 -25.13
C VAL P 23 -9.12 3.73 -24.75
N PHE P 24 -9.05 4.94 -24.17
CA PHE P 24 -7.76 5.51 -23.82
C PHE P 24 -7.25 4.95 -22.50
N ASN P 25 -8.14 4.73 -21.53
CA ASN P 25 -7.76 4.25 -20.22
C ASN P 25 -8.01 2.76 -20.05
N ALA P 26 -8.11 2.01 -21.15
CA ALA P 26 -8.27 0.57 -21.08
C ALA P 26 -7.12 -0.04 -20.30
N THR P 27 -7.46 -0.89 -19.32
CA THR P 27 -6.43 -1.51 -18.50
C THR P 27 -5.50 -2.40 -19.33
N ARG P 28 -6.00 -2.93 -20.45
CA ARG P 28 -5.23 -3.81 -21.31
C ARG P 28 -5.38 -3.34 -22.76
N PHE P 29 -4.26 -3.24 -23.46
CA PHE P 29 -4.24 -2.93 -24.88
C PHE P 29 -3.93 -4.17 -25.68
N ALA P 30 -4.17 -4.09 -26.99
CA ALA P 30 -4.01 -5.23 -27.88
C ALA P 30 -2.70 -5.13 -28.65
N SER P 31 -2.32 -6.25 -29.27
CA SER P 31 -1.19 -6.28 -30.19
C SER P 31 -1.63 -5.74 -31.55
N VAL P 32 -0.64 -5.25 -32.32
CA VAL P 32 -0.94 -4.50 -33.54
C VAL P 32 -1.63 -5.39 -34.56
N TYR P 33 -1.10 -6.59 -34.78
CA TYR P 33 -1.70 -7.47 -35.78
C TYR P 33 -3.18 -7.68 -35.50
N ALA P 34 -3.57 -7.61 -34.23
CA ALA P 34 -4.97 -7.75 -33.83
C ALA P 34 -5.46 -6.49 -33.13
N TRP P 35 -5.39 -5.34 -33.79
CA TRP P 35 -5.79 -4.09 -33.16
C TRP P 35 -7.28 -4.09 -32.83
N ASN P 36 -7.65 -3.22 -31.89
CA ASN P 36 -9.01 -3.15 -31.37
C ASN P 36 -9.72 -1.94 -31.94
N ARG P 37 -10.95 -2.13 -32.41
CA ARG P 37 -11.76 -1.03 -32.94
C ARG P 37 -13.05 -0.92 -32.15
N LYS P 38 -13.42 0.32 -31.81
CA LYS P 38 -14.67 0.62 -31.13
C LYS P 38 -15.40 1.68 -31.93
N ARG P 39 -16.69 1.44 -32.22
CA ARG P 39 -17.50 2.37 -32.99
C ARG P 39 -18.21 3.32 -32.03
N ILE P 40 -17.86 4.60 -32.10
CA ILE P 40 -18.45 5.63 -31.26
C ILE P 40 -19.54 6.33 -32.07
N SER P 41 -20.73 6.45 -31.49
CA SER P 41 -21.84 7.12 -32.17
C SER P 41 -22.87 7.54 -31.14
N ASN P 42 -23.81 8.39 -31.60
CA ASN P 42 -24.95 8.92 -30.83
C ASN P 42 -24.54 9.56 -29.50
N CYS P 43 -23.40 10.23 -29.48
CA CYS P 43 -22.97 10.86 -28.24
C CYS P 43 -22.31 12.21 -28.53
N VAL P 44 -22.14 13.00 -27.48
CA VAL P 44 -21.39 14.25 -27.55
C VAL P 44 -19.97 13.97 -27.08
N ALA P 45 -19.00 14.53 -27.78
CA ALA P 45 -17.60 14.19 -27.58
C ALA P 45 -16.81 15.46 -27.28
N ASP P 46 -16.10 15.46 -26.15
CA ASP P 46 -15.25 16.57 -25.75
C ASP P 46 -13.82 16.20 -26.12
N TYR P 47 -13.40 16.60 -27.33
CA TYR P 47 -12.04 16.35 -27.74
C TYR P 47 -11.03 17.20 -26.99
N SER P 48 -11.49 18.17 -26.20
CA SER P 48 -10.57 19.09 -25.53
C SER P 48 -9.80 18.40 -24.41
N VAL P 49 -10.44 17.47 -23.70
CA VAL P 49 -9.73 16.70 -22.69
C VAL P 49 -8.58 15.92 -23.32
N LEU P 50 -8.62 15.74 -24.65
CA LEU P 50 -7.52 15.13 -25.38
C LEU P 50 -6.51 16.17 -25.85
N TYR P 51 -6.95 17.12 -26.70
CA TYR P 51 -5.99 17.96 -27.41
C TYR P 51 -5.30 18.97 -26.49
N ASN P 52 -5.84 19.22 -25.29
CA ASN P 52 -5.14 20.06 -24.33
C ASN P 52 -4.42 19.27 -23.24
N SER P 53 -4.56 17.94 -23.25
CA SER P 53 -3.80 17.12 -22.32
C SER P 53 -2.34 17.07 -22.75
N ALA P 54 -1.43 17.33 -21.82
CA ALA P 54 0.00 17.36 -22.11
C ALA P 54 0.70 16.04 -21.81
N SER P 55 -0.07 14.97 -21.64
CA SER P 55 0.49 13.66 -21.33
C SER P 55 0.80 12.83 -22.57
N PHE P 56 0.63 13.38 -23.76
CA PHE P 56 0.74 12.63 -25.00
C PHE P 56 2.06 12.94 -25.69
N SER P 57 2.79 11.89 -26.07
CA SER P 57 4.02 12.08 -26.85
C SER P 57 3.71 12.55 -28.26
N THR P 58 2.76 11.89 -28.91
CA THR P 58 2.43 12.15 -30.31
C THR P 58 0.95 12.54 -30.37
N PHE P 59 0.66 13.71 -30.97
CA PHE P 59 -0.71 14.14 -31.21
C PHE P 59 -0.75 14.77 -32.60
N LYS P 60 -0.85 13.91 -33.61
CA LYS P 60 -0.87 14.34 -35.01
C LYS P 60 -2.25 14.05 -35.59
N CYS P 61 -2.87 15.08 -36.18
CA CYS P 61 -4.15 14.94 -36.85
C CYS P 61 -3.98 15.21 -38.33
N TYR P 62 -4.64 14.41 -39.16
CA TYR P 62 -4.54 14.49 -40.60
C TYR P 62 -5.90 14.79 -41.20
N GLY P 63 -5.93 15.72 -42.16
CA GLY P 63 -7.16 16.10 -42.80
C GLY P 63 -8.11 16.90 -41.94
N VAL P 64 -7.77 17.19 -40.69
CA VAL P 64 -8.63 17.97 -39.81
C VAL P 64 -7.77 18.56 -38.70
N SER P 65 -8.18 19.70 -38.18
CA SER P 65 -7.48 20.35 -37.08
C SER P 65 -8.11 19.94 -35.75
N PRO P 66 -7.31 19.54 -34.76
CA PRO P 66 -7.91 19.07 -33.49
C PRO P 66 -8.73 20.12 -32.78
N THR P 67 -8.30 21.38 -32.81
CA THR P 67 -9.01 22.43 -32.08
C THR P 67 -10.39 22.68 -32.66
N LYS P 68 -10.51 22.69 -33.99
CA LYS P 68 -11.80 22.96 -34.64
C LYS P 68 -12.78 21.81 -34.53
N LEU P 69 -12.32 20.64 -34.08
CA LEU P 69 -13.19 19.46 -34.04
C LEU P 69 -14.33 19.62 -33.04
N ASN P 70 -14.10 20.33 -31.94
CA ASN P 70 -15.11 20.44 -30.89
C ASN P 70 -16.32 21.25 -31.31
N ASP P 71 -16.25 21.95 -32.45
CA ASP P 71 -17.43 22.61 -33.02
C ASP P 71 -17.76 22.03 -34.39
N LEU P 72 -17.46 20.74 -34.58
CA LEU P 72 -17.80 20.01 -35.80
C LEU P 72 -18.62 18.78 -35.44
N CYS P 73 -19.27 18.21 -36.45
CA CYS P 73 -20.13 17.05 -36.25
C CYS P 73 -19.82 15.98 -37.28
N PHE P 74 -20.00 14.72 -36.89
CA PHE P 74 -19.75 13.58 -37.75
C PHE P 74 -20.84 12.53 -37.55
N THR P 75 -20.94 11.62 -38.52
CA THR P 75 -21.94 10.55 -38.43
C THR P 75 -21.46 9.42 -37.52
N ASN P 76 -20.21 9.00 -37.69
CA ASN P 76 -19.63 7.95 -36.86
C ASN P 76 -18.15 8.28 -36.62
N VAL P 77 -17.63 7.79 -35.49
CA VAL P 77 -16.23 7.95 -35.13
C VAL P 77 -15.70 6.60 -34.72
N TYR P 78 -14.55 6.22 -35.27
CA TYR P 78 -13.94 4.92 -35.00
C TYR P 78 -12.61 5.12 -34.28
N ALA P 79 -12.38 4.30 -33.27
CA ALA P 79 -11.21 4.43 -32.40
C ALA P 79 -10.46 3.11 -32.37
N ASP P 80 -9.27 3.08 -32.96
CA ASP P 80 -8.42 1.90 -33.00
C ASP P 80 -7.28 2.05 -32.00
N SER P 81 -6.90 0.94 -31.36
CA SER P 81 -5.93 0.98 -30.27
C SER P 81 -5.05 -0.27 -30.30
N PHE P 82 -3.77 -0.09 -29.96
CA PHE P 82 -2.77 -1.17 -30.00
C PHE P 82 -1.49 -0.65 -29.34
N VAL P 83 -0.42 -1.46 -29.43
CA VAL P 83 0.86 -1.16 -28.78
C VAL P 83 2.00 -1.46 -29.74
N ILE P 84 2.98 -0.56 -29.83
CA ILE P 84 4.17 -0.75 -30.65
C ILE P 84 5.38 -0.19 -29.92
N ARG P 85 6.52 -0.21 -30.60
CA ARG P 85 7.71 0.47 -30.14
C ARG P 85 7.64 1.96 -30.44
N GLY P 86 8.38 2.75 -29.67
CA GLY P 86 8.42 4.18 -29.91
C GLY P 86 9.00 4.52 -31.27
N ASP P 87 9.97 3.72 -31.73
CA ASP P 87 10.54 3.92 -33.06
C ASP P 87 9.47 3.77 -34.15
N GLU P 88 8.47 2.92 -33.92
CA GLU P 88 7.51 2.56 -34.95
C GLU P 88 6.27 3.44 -34.95
N VAL P 89 6.11 4.34 -33.98
CA VAL P 89 4.94 5.22 -33.96
C VAL P 89 4.92 6.14 -35.18
N ARG P 90 6.07 6.47 -35.76
CA ARG P 90 6.11 7.24 -36.98
C ARG P 90 5.43 6.55 -38.16
N GLN P 91 5.33 5.21 -38.15
CA GLN P 91 4.71 4.46 -39.24
C GLN P 91 3.18 4.57 -39.25
N ILE P 92 2.57 5.11 -38.21
CA ILE P 92 1.10 5.28 -38.19
C ILE P 92 0.84 6.69 -38.73
N ALA P 93 0.79 6.78 -40.05
CA ALA P 93 0.54 8.00 -40.79
C ALA P 93 0.31 7.62 -42.25
N PRO P 94 -0.45 8.41 -43.00
CA PRO P 94 -0.73 8.04 -44.40
C PRO P 94 0.55 7.92 -45.21
N GLY P 95 0.62 6.85 -46.02
CA GLY P 95 1.72 6.67 -46.94
C GLY P 95 3.02 6.24 -46.33
N GLN P 96 3.01 5.67 -45.14
CA GLN P 96 4.23 5.23 -44.50
C GLN P 96 4.56 3.79 -44.91
N THR P 97 5.82 3.42 -44.71
CA THR P 97 6.30 2.10 -45.09
C THR P 97 7.02 1.47 -43.90
N GLY P 98 7.12 0.15 -43.94
CA GLY P 98 7.67 -0.63 -42.85
C GLY P 98 6.77 -1.78 -42.47
N LYS P 99 7.30 -2.64 -41.61
CA LYS P 99 6.59 -3.87 -41.25
C LYS P 99 5.28 -3.58 -40.53
N ILE P 100 5.26 -2.53 -39.70
CA ILE P 100 4.02 -2.19 -39.00
C ILE P 100 2.99 -1.63 -39.98
N ALA P 101 3.44 -0.72 -40.84
CA ALA P 101 2.51 -0.05 -41.76
C ALA P 101 2.02 -1.00 -42.86
N ASP P 102 2.89 -1.88 -43.34
CA ASP P 102 2.53 -2.74 -44.47
C ASP P 102 1.95 -4.08 -44.05
N TYR P 103 2.24 -4.57 -42.84
CA TYR P 103 1.81 -5.89 -42.42
C TYR P 103 0.90 -5.89 -41.19
N ASN P 104 0.63 -4.72 -40.59
CA ASN P 104 -0.17 -4.70 -39.36
C ASN P 104 -1.27 -3.65 -39.36
N TYR P 105 -0.95 -2.40 -39.70
CA TYR P 105 -1.93 -1.31 -39.62
C TYR P 105 -1.57 -0.25 -40.65
N LYS P 106 -2.45 -0.07 -41.65
CA LYS P 106 -2.21 0.87 -42.75
C LYS P 106 -3.35 1.88 -42.82
N LEU P 107 -2.99 3.16 -42.85
CA LEU P 107 -3.92 4.28 -42.97
C LEU P 107 -4.01 4.74 -44.44
N PRO P 108 -5.20 5.13 -44.89
CA PRO P 108 -5.37 5.46 -46.32
C PRO P 108 -4.71 6.76 -46.69
N ASP P 109 -4.63 7.00 -48.00
CA ASP P 109 -4.19 8.28 -48.51
C ASP P 109 -5.26 9.36 -48.33
N ASP P 110 -6.51 8.95 -48.11
CA ASP P 110 -7.62 9.86 -47.86
C ASP P 110 -7.85 10.13 -46.38
N PHE P 111 -6.93 9.70 -45.52
CA PHE P 111 -7.21 9.63 -44.09
C PHE P 111 -7.64 10.97 -43.53
N THR P 112 -8.65 10.93 -42.66
CA THR P 112 -9.11 12.08 -41.89
C THR P 112 -9.26 11.61 -40.45
N GLY P 113 -8.29 11.93 -39.62
CA GLY P 113 -8.36 11.53 -38.23
C GLY P 113 -7.09 11.92 -37.49
N CYS P 114 -6.97 11.41 -36.27
CA CYS P 114 -5.89 11.78 -35.38
C CYS P 114 -5.16 10.56 -34.85
N VAL P 115 -3.84 10.69 -34.74
CA VAL P 115 -2.97 9.63 -34.22
C VAL P 115 -2.39 10.13 -32.90
N ILE P 116 -2.64 9.38 -31.83
CA ILE P 116 -2.20 9.76 -30.49
C ILE P 116 -1.45 8.58 -29.87
N ALA P 117 -0.34 8.88 -29.20
CA ALA P 117 0.47 7.85 -28.57
C ALA P 117 1.06 8.37 -27.27
N TRP P 118 1.42 7.44 -26.39
CA TRP P 118 2.07 7.78 -25.13
C TRP P 118 2.87 6.58 -24.64
N ASN P 119 3.93 6.87 -23.89
CA ASN P 119 4.83 5.83 -23.41
C ASN P 119 4.17 5.01 -22.30
N SER P 120 4.17 3.68 -22.47
CA SER P 120 3.55 2.78 -21.50
C SER P 120 4.57 1.86 -20.84
N ASN P 121 5.80 2.34 -20.67
CA ASN P 121 6.85 1.48 -20.12
C ASN P 121 6.54 1.03 -18.71
N ASN P 122 5.88 1.87 -17.92
CA ASN P 122 5.51 1.49 -16.56
C ASN P 122 4.52 0.33 -16.57
N LEU P 123 3.62 0.28 -17.57
CA LEU P 123 2.56 -0.70 -17.62
C LEU P 123 2.92 -1.94 -18.44
N ASP P 124 3.59 -1.77 -19.58
CA ASP P 124 3.66 -2.82 -20.60
C ASP P 124 5.02 -3.49 -20.69
N SER P 125 5.92 -3.25 -19.74
CA SER P 125 7.22 -3.91 -19.73
C SER P 125 7.48 -4.49 -18.35
N LYS P 126 8.11 -5.67 -18.32
CA LYS P 126 8.41 -6.38 -17.08
C LYS P 126 9.89 -6.69 -17.03
N VAL P 127 10.42 -6.82 -15.81
CA VAL P 127 11.79 -7.27 -15.65
C VAL P 127 11.89 -8.70 -16.17
N GLY P 128 12.92 -8.95 -16.98
CA GLY P 128 13.00 -10.18 -17.73
C GLY P 128 12.26 -10.17 -19.06
N GLY P 129 11.51 -9.10 -19.34
CA GLY P 129 10.88 -8.95 -20.64
C GLY P 129 9.44 -9.42 -20.72
N ASN P 130 8.58 -8.57 -21.28
CA ASN P 130 7.19 -8.93 -21.56
C ASN P 130 7.07 -9.24 -23.04
N TYR P 131 6.98 -10.53 -23.36
CA TYR P 131 6.90 -11.01 -24.73
C TYR P 131 5.47 -11.27 -25.18
N ASN P 132 4.48 -10.79 -24.42
CA ASN P 132 3.08 -11.02 -24.79
C ASN P 132 2.61 -10.12 -25.93
N TYR P 133 3.32 -9.03 -26.18
CA TYR P 133 3.00 -8.13 -27.28
C TYR P 133 3.74 -8.59 -28.54
N ARG P 134 3.02 -8.75 -29.64
CA ARG P 134 3.59 -9.28 -30.86
C ARG P 134 3.22 -8.41 -32.06
N TYR P 135 3.94 -8.62 -33.15
CA TYR P 135 3.64 -7.98 -34.43
C TYR P 135 3.87 -8.97 -35.56
N ARG P 136 3.18 -8.76 -36.67
CA ARG P 136 3.32 -9.63 -37.82
C ARG P 136 4.57 -9.25 -38.61
N LEU P 137 5.39 -10.25 -38.94
CA LEU P 137 6.64 -10.02 -39.64
C LEU P 137 6.63 -10.49 -41.09
N PHE P 138 5.74 -11.39 -41.46
CA PHE P 138 5.70 -11.98 -42.79
C PHE P 138 4.28 -11.94 -43.32
N ARG P 139 4.13 -11.50 -44.57
CA ARG P 139 2.85 -11.60 -45.26
C ARG P 139 3.09 -11.73 -46.76
N LYS P 140 2.15 -12.38 -47.43
CA LYS P 140 2.28 -12.59 -48.87
C LYS P 140 2.12 -11.29 -49.64
N SER P 141 1.38 -10.34 -49.09
CA SER P 141 1.21 -9.03 -49.71
C SER P 141 1.04 -8.00 -48.60
N ASN P 142 0.97 -6.73 -49.01
CA ASN P 142 0.73 -5.67 -48.05
C ASN P 142 -0.75 -5.61 -47.69
N LEU P 143 -1.03 -5.18 -46.47
CA LEU P 143 -2.41 -4.99 -46.06
C LEU P 143 -3.01 -3.80 -46.80
N LYS P 144 -4.23 -3.98 -47.30
CA LYS P 144 -4.99 -2.85 -47.77
C LYS P 144 -5.33 -1.94 -46.59
N PRO P 145 -5.59 -0.66 -46.85
CA PRO P 145 -5.86 0.27 -45.74
C PRO P 145 -7.03 -0.20 -44.88
N PHE P 146 -6.81 -0.18 -43.56
CA PHE P 146 -7.76 -0.61 -42.53
C PHE P 146 -8.04 -2.11 -42.57
N GLU P 147 -7.26 -2.88 -43.32
CA GLU P 147 -7.40 -4.34 -43.30
C GLU P 147 -6.70 -4.91 -42.07
N ARG P 148 -7.19 -6.07 -41.63
CA ARG P 148 -6.72 -6.69 -40.40
C ARG P 148 -6.47 -8.18 -40.63
N ASP P 149 -5.39 -8.68 -40.06
CA ASP P 149 -4.96 -10.07 -40.24
C ASP P 149 -4.64 -10.65 -38.88
N ILE P 150 -5.39 -11.68 -38.47
CA ILE P 150 -5.12 -12.39 -37.23
C ILE P 150 -4.78 -13.85 -37.47
N SER P 151 -4.54 -14.23 -38.72
CA SER P 151 -4.16 -15.60 -39.02
C SER P 151 -2.77 -15.91 -38.48
N THR P 152 -2.59 -17.15 -38.04
CA THR P 152 -1.30 -17.66 -37.59
C THR P 152 -0.81 -18.78 -38.50
N GLU P 153 -1.21 -18.75 -39.75
CA GLU P 153 -0.75 -19.74 -40.72
C GLU P 153 0.73 -19.55 -41.00
N ILE P 154 1.42 -20.67 -41.25
CA ILE P 154 2.87 -20.63 -41.43
C ILE P 154 3.19 -20.02 -42.78
N TYR P 155 4.10 -19.05 -42.79
CA TYR P 155 4.47 -18.34 -44.00
C TYR P 155 5.45 -19.17 -44.83
N GLN P 156 5.22 -19.20 -46.14
CA GLN P 156 6.06 -19.93 -47.08
C GLN P 156 6.92 -18.92 -47.83
N ALA P 157 8.22 -18.88 -47.50
CA ALA P 157 9.15 -17.98 -48.16
C ALA P 157 9.91 -18.63 -49.30
N GLY P 158 9.80 -19.95 -49.47
CA GLY P 158 10.52 -20.64 -50.52
C GLY P 158 9.59 -21.37 -51.48
N SER P 159 10.13 -22.35 -52.20
CA SER P 159 9.35 -23.12 -53.15
C SER P 159 8.64 -24.30 -52.51
N LYS P 160 9.17 -24.84 -51.41
CA LYS P 160 8.56 -26.05 -50.89
C LYS P 160 7.40 -25.71 -49.96
N PRO P 161 6.29 -26.45 -50.08
CA PRO P 161 5.15 -26.22 -49.18
C PRO P 161 5.53 -26.49 -47.74
N CYS P 162 4.83 -25.82 -46.82
CA CYS P 162 5.18 -25.87 -45.40
C CYS P 162 4.44 -26.95 -44.63
N ASN P 163 3.27 -27.37 -45.11
CA ASN P 163 2.49 -28.45 -44.48
C ASN P 163 2.18 -28.14 -43.02
N GLY P 164 1.96 -26.87 -42.70
CA GLY P 164 1.49 -26.46 -41.39
C GLY P 164 2.53 -26.39 -40.30
N VAL P 165 3.80 -26.67 -40.59
CA VAL P 165 4.84 -26.68 -39.57
C VAL P 165 6.04 -25.87 -40.03
N GLU P 166 6.70 -25.22 -39.08
CA GLU P 166 7.89 -24.43 -39.37
C GLU P 166 9.05 -25.32 -39.78
N GLY P 167 9.84 -24.84 -40.72
CA GLY P 167 11.02 -25.56 -41.17
C GLY P 167 11.93 -24.64 -41.95
N PHE P 168 12.60 -25.21 -42.95
CA PHE P 168 13.42 -24.41 -43.85
C PHE P 168 12.53 -23.56 -44.75
N ASN P 169 12.76 -22.25 -44.75
CA ASN P 169 12.00 -21.29 -45.55
C ASN P 169 10.52 -21.30 -45.19
N CYS P 170 10.18 -21.75 -43.99
CA CYS P 170 8.81 -21.84 -43.49
C CYS P 170 8.79 -21.26 -42.09
N TYR P 171 8.09 -20.14 -41.91
CA TYR P 171 8.23 -19.36 -40.69
C TYR P 171 6.88 -19.04 -40.07
N PHE P 172 6.83 -19.12 -38.74
CA PHE P 172 5.68 -18.60 -38.01
C PHE P 172 5.62 -17.09 -38.20
N PRO P 173 4.45 -16.53 -38.54
CA PRO P 173 4.42 -15.14 -39.03
C PRO P 173 4.50 -14.06 -37.95
N LEU P 174 4.45 -14.42 -36.67
CA LEU P 174 4.41 -13.43 -35.60
C LEU P 174 5.75 -13.38 -34.88
N GLN P 175 6.23 -12.17 -34.64
CA GLN P 175 7.45 -11.92 -33.88
C GLN P 175 7.06 -11.16 -32.61
N SER P 176 7.54 -11.64 -31.47
CA SER P 176 7.19 -11.01 -30.20
C SER P 176 8.06 -9.79 -29.95
N TYR P 177 7.46 -8.74 -29.40
CA TYR P 177 8.21 -7.61 -28.88
C TYR P 177 8.87 -8.01 -27.57
N GLY P 178 10.14 -7.65 -27.42
CA GLY P 178 10.82 -7.84 -26.15
C GLY P 178 10.84 -6.55 -25.35
N PHE P 179 9.76 -6.27 -24.62
CA PHE P 179 9.64 -5.02 -23.89
C PHE P 179 10.23 -5.18 -22.49
N GLN P 180 11.33 -4.49 -22.24
CA GLN P 180 12.04 -4.52 -20.97
C GLN P 180 12.21 -3.09 -20.48
N PRO P 181 12.20 -2.88 -19.16
CA PRO P 181 12.31 -1.50 -18.64
C PRO P 181 13.61 -0.82 -19.04
N THR P 182 14.71 -1.57 -19.11
CA THR P 182 16.02 -1.00 -19.38
C THR P 182 16.20 -0.54 -20.82
N ASN P 183 15.27 -0.88 -21.72
CA ASN P 183 15.46 -0.60 -23.13
C ASN P 183 15.41 0.90 -23.42
N GLY P 184 15.93 1.28 -24.59
CA GLY P 184 15.85 2.65 -25.04
C GLY P 184 14.42 3.06 -25.35
N VAL P 185 14.25 4.37 -25.55
CA VAL P 185 12.90 4.93 -25.72
C VAL P 185 12.25 4.38 -26.98
N GLY P 186 13.01 4.32 -28.08
CA GLY P 186 12.47 3.78 -29.32
C GLY P 186 12.26 2.28 -29.30
N TYR P 187 12.83 1.59 -28.31
CA TYR P 187 12.62 0.15 -28.12
C TYR P 187 11.76 -0.12 -26.90
N GLN P 188 10.87 0.84 -26.57
CA GLN P 188 10.02 0.87 -25.40
C GLN P 188 8.55 0.87 -25.83
N PRO P 189 7.67 0.29 -25.03
CA PRO P 189 6.27 0.16 -25.46
C PRO P 189 5.53 1.50 -25.43
N TYR P 190 4.82 1.78 -26.52
CA TYR P 190 3.96 2.94 -26.64
C TYR P 190 2.55 2.48 -26.98
N ARG P 191 1.56 3.02 -26.28
CA ARG P 191 0.16 2.76 -26.59
C ARG P 191 -0.34 3.81 -27.58
N VAL P 192 -1.03 3.34 -28.62
CA VAL P 192 -1.46 4.21 -29.71
C VAL P 192 -2.97 4.12 -29.82
N VAL P 193 -3.61 5.26 -30.12
CA VAL P 193 -5.04 5.32 -30.39
C VAL P 193 -5.24 6.13 -31.67
N VAL P 194 -6.00 5.58 -32.61
CA VAL P 194 -6.27 6.21 -33.89
C VAL P 194 -7.76 6.52 -33.96
N LEU P 195 -8.08 7.80 -34.16
CA LEU P 195 -9.45 8.30 -34.17
C LEU P 195 -9.85 8.61 -35.61
N SER P 196 -10.73 7.80 -36.19
CA SER P 196 -11.20 8.01 -37.55
C SER P 196 -12.58 8.66 -37.52
N PHE P 197 -12.72 9.77 -38.25
CA PHE P 197 -13.99 10.47 -38.39
C PHE P 197 -14.57 10.19 -39.77
N GLU P 198 -15.85 9.82 -39.81
CA GLU P 198 -16.57 9.70 -41.07
C GLU P 198 -17.86 10.48 -40.99
N LEU P 199 -18.18 11.20 -42.06
CA LEU P 199 -19.40 11.99 -42.16
C LEU P 199 -20.21 11.47 -43.33
N LEU P 200 -21.40 10.95 -43.04
CA LEU P 200 -22.32 10.45 -44.07
C LEU P 200 -23.38 11.50 -44.37
N HIS P 201 -24.09 11.30 -45.48
CA HIS P 201 -25.27 12.12 -45.77
C HIS P 201 -26.30 12.03 -44.65
N ALA P 202 -26.27 10.95 -43.87
CA ALA P 202 -27.19 10.76 -42.76
C ALA P 202 -26.94 11.80 -41.67
N PRO P 203 -27.88 11.97 -40.73
CA PRO P 203 -27.67 12.95 -39.65
C PRO P 203 -26.43 12.64 -38.83
N ALA P 204 -25.85 13.71 -38.28
CA ALA P 204 -24.60 13.61 -37.52
C ALA P 204 -24.94 13.30 -36.06
N THR P 205 -24.60 12.08 -35.63
CA THR P 205 -24.91 11.66 -34.26
C THR P 205 -23.83 12.04 -33.26
N VAL P 206 -22.57 12.13 -33.68
CA VAL P 206 -21.48 12.49 -32.78
C VAL P 206 -21.10 13.96 -33.02
N CYS P 207 -21.06 14.74 -31.94
CA CYS P 207 -20.89 16.18 -32.04
C CYS P 207 -20.13 16.69 -30.82
N GLY P 208 -19.51 17.85 -30.98
CA GLY P 208 -18.86 18.52 -29.88
C GLY P 208 -19.83 19.44 -29.15
N PRO P 209 -19.51 19.76 -27.88
CA PRO P 209 -20.34 20.59 -27.00
C PRO P 209 -20.77 21.92 -27.64
N GLN Q 1 -35.62 2.20 -60.93
CA GLN Q 1 -35.66 1.21 -59.87
C GLN Q 1 -34.29 0.55 -59.69
N VAL Q 2 -33.75 0.65 -58.47
CA VAL Q 2 -32.47 0.04 -58.14
C VAL Q 2 -32.69 -1.46 -57.92
N GLN Q 3 -31.99 -2.28 -58.70
CA GLN Q 3 -32.22 -3.72 -58.64
C GLN Q 3 -30.93 -4.46 -59.03
N LEU Q 4 -30.94 -5.76 -58.74
CA LEU Q 4 -29.86 -6.65 -59.13
C LEU Q 4 -30.48 -7.91 -59.72
N VAL Q 5 -30.05 -8.26 -60.93
CA VAL Q 5 -30.57 -9.45 -61.61
C VAL Q 5 -29.44 -10.45 -61.78
N GLN Q 6 -29.78 -11.73 -61.71
CA GLN Q 6 -28.84 -12.78 -61.36
C GLN Q 6 -29.24 -14.07 -62.05
N SER Q 7 -28.28 -14.73 -62.70
CA SER Q 7 -28.55 -16.07 -63.23
C SER Q 7 -27.23 -16.75 -63.56
N GLY Q 8 -27.31 -18.08 -63.64
CA GLY Q 8 -26.17 -18.91 -64.02
C GLY Q 8 -26.64 -20.31 -64.31
N ALA Q 9 -25.70 -21.12 -64.80
CA ALA Q 9 -25.98 -22.53 -65.06
C ALA Q 9 -26.41 -23.21 -63.77
N GLN Q 10 -27.69 -23.58 -63.68
CA GLN Q 10 -28.25 -24.07 -62.43
C GLN Q 10 -27.81 -25.49 -62.10
N LEU Q 11 -27.38 -26.27 -63.10
CA LEU Q 11 -27.03 -27.68 -62.90
C LEU Q 11 -25.73 -27.99 -63.62
N LYS Q 12 -24.73 -28.46 -62.86
CA LYS Q 12 -23.46 -28.91 -63.41
C LYS Q 12 -22.92 -30.01 -62.51
N LYS Q 13 -21.81 -30.61 -62.93
CA LYS Q 13 -21.31 -31.85 -62.37
C LYS Q 13 -19.94 -31.62 -61.70
N PRO Q 14 -19.55 -32.49 -60.76
CA PRO Q 14 -18.34 -32.22 -59.97
C PRO Q 14 -17.08 -32.14 -60.82
N GLY Q 15 -16.18 -31.24 -60.43
CA GLY Q 15 -14.93 -31.03 -61.13
C GLY Q 15 -14.98 -30.05 -62.27
N GLU Q 16 -16.14 -29.47 -62.56
CA GLU Q 16 -16.32 -28.50 -63.64
C GLU Q 16 -16.38 -27.08 -63.07
N SER Q 17 -16.01 -26.11 -63.90
CA SER Q 17 -16.03 -24.71 -63.51
C SER Q 17 -17.37 -24.08 -63.82
N LEU Q 18 -17.77 -23.12 -62.98
CA LEU Q 18 -19.03 -22.42 -63.11
C LEU Q 18 -18.80 -20.94 -62.81
N LYS Q 19 -19.41 -20.07 -63.62
CA LYS Q 19 -19.37 -18.63 -63.41
C LYS Q 19 -20.81 -18.11 -63.43
N ILE Q 20 -21.26 -17.55 -62.30
CA ILE Q 20 -22.57 -16.89 -62.25
C ILE Q 20 -22.35 -15.38 -62.24
N SER Q 21 -23.41 -14.66 -62.59
CA SER Q 21 -23.33 -13.22 -62.78
C SER Q 21 -24.37 -12.52 -61.92
N CYS Q 22 -24.12 -11.23 -61.69
CA CYS Q 22 -25.01 -10.35 -60.96
C CYS Q 22 -24.95 -8.99 -61.64
N LYS Q 23 -26.07 -8.53 -62.18
CA LYS Q 23 -26.12 -7.36 -63.04
C LYS Q 23 -26.90 -6.24 -62.35
N GLY Q 24 -26.33 -5.03 -62.35
CA GLY Q 24 -26.91 -3.91 -61.65
C GLY Q 24 -27.66 -2.95 -62.55
N SER Q 25 -28.55 -2.16 -61.94
CA SER Q 25 -29.33 -1.16 -62.66
C SER Q 25 -29.79 -0.10 -61.67
N GLY Q 26 -29.93 1.13 -62.17
CA GLY Q 26 -30.50 2.21 -61.38
C GLY Q 26 -29.58 2.85 -60.36
N TYR Q 27 -28.27 2.68 -60.50
CA TYR Q 27 -27.33 3.31 -59.57
C TYR Q 27 -25.95 3.30 -60.17
N ASN Q 28 -25.08 4.15 -59.63
CA ASN Q 28 -23.68 4.21 -60.05
C ASN Q 28 -22.99 2.91 -59.64
N PHE Q 29 -22.69 2.07 -60.64
CA PHE Q 29 -22.15 0.74 -60.36
C PHE Q 29 -20.85 0.79 -59.56
N SER Q 30 -20.09 1.88 -59.69
CA SER Q 30 -18.73 1.95 -59.18
C SER Q 30 -18.60 2.72 -57.87
N ARG Q 31 -19.70 2.97 -57.16
CA ARG Q 31 -19.64 3.63 -55.86
C ARG Q 31 -20.25 2.80 -54.74
N TYR Q 32 -20.79 1.62 -55.04
CA TYR Q 32 -21.43 0.78 -54.05
C TYR Q 32 -20.80 -0.61 -54.06
N TRP Q 33 -20.63 -1.19 -52.87
CA TRP Q 33 -20.06 -2.52 -52.76
C TRP Q 33 -21.08 -3.59 -53.16
N ILE Q 34 -20.56 -4.78 -53.45
CA ILE Q 34 -21.39 -5.92 -53.82
C ILE Q 34 -20.90 -7.13 -53.02
N ALA Q 35 -21.84 -7.89 -52.47
CA ALA Q 35 -21.53 -9.06 -51.67
C ALA Q 35 -22.16 -10.30 -52.31
N TRP Q 36 -21.50 -11.44 -52.15
CA TRP Q 36 -22.04 -12.75 -52.48
C TRP Q 36 -22.38 -13.46 -51.17
N VAL Q 37 -23.65 -13.85 -51.02
CA VAL Q 37 -24.14 -14.50 -49.81
C VAL Q 37 -24.77 -15.83 -50.19
N ARG Q 38 -24.40 -16.89 -49.49
CA ARG Q 38 -24.86 -18.24 -49.81
C ARG Q 38 -25.86 -18.72 -48.78
N HIS Q 39 -26.84 -19.50 -49.23
CA HIS Q 39 -27.87 -20.10 -48.39
C HIS Q 39 -27.86 -21.59 -48.70
N MET Q 40 -27.07 -22.36 -47.97
CA MET Q 40 -26.98 -23.78 -48.18
C MET Q 40 -28.13 -24.50 -47.50
N PRO Q 41 -28.46 -25.72 -47.94
CA PRO Q 41 -29.60 -26.44 -47.34
C PRO Q 41 -29.47 -26.56 -45.83
N GLY Q 42 -30.53 -26.19 -45.12
CA GLY Q 42 -30.61 -26.31 -43.68
C GLY Q 42 -29.81 -25.28 -42.90
N LYS Q 43 -28.99 -24.46 -43.55
CA LYS Q 43 -28.17 -23.46 -42.88
C LYS Q 43 -28.65 -22.06 -43.25
N GLY Q 44 -28.17 -21.07 -42.51
CA GLY Q 44 -28.54 -19.69 -42.73
C GLY Q 44 -27.72 -19.03 -43.82
N LEU Q 45 -27.75 -17.69 -43.81
CA LEU Q 45 -26.99 -16.90 -44.78
C LEU Q 45 -25.57 -16.65 -44.28
N GLU Q 46 -24.62 -16.71 -45.21
CA GLU Q 46 -23.22 -16.50 -44.90
C GLU Q 46 -22.56 -15.76 -46.06
N VAL Q 47 -21.70 -14.80 -45.74
CA VAL Q 47 -21.04 -13.98 -46.74
C VAL Q 47 -19.81 -14.71 -47.24
N MET Q 48 -19.75 -14.95 -48.54
CA MET Q 48 -18.56 -15.55 -49.14
C MET Q 48 -17.50 -14.50 -49.48
N GLY Q 49 -17.91 -13.38 -50.07
CA GLY Q 49 -16.94 -12.39 -50.50
C GLY Q 49 -17.56 -11.04 -50.73
N ILE Q 50 -16.67 -10.08 -50.97
CA ILE Q 50 -17.00 -8.66 -51.04
C ILE Q 50 -16.11 -8.04 -52.11
N ILE Q 51 -16.67 -7.14 -52.92
CA ILE Q 51 -15.89 -6.51 -53.98
C ILE Q 51 -16.40 -5.09 -54.20
N TYR Q 52 -15.46 -4.18 -54.45
CA TYR Q 52 -15.73 -2.80 -54.84
C TYR Q 52 -15.33 -2.63 -56.30
N PRO Q 53 -16.29 -2.57 -57.24
CA PRO Q 53 -15.93 -2.63 -58.67
C PRO Q 53 -15.06 -1.48 -59.15
N ASP Q 54 -15.10 -0.33 -58.47
CA ASP Q 54 -14.20 0.77 -58.83
C ASP Q 54 -12.76 0.33 -58.78
N ASP Q 55 -12.30 -0.14 -57.62
CA ASP Q 55 -10.94 -0.57 -57.41
C ASP Q 55 -10.70 -2.03 -57.75
N SER Q 56 -11.77 -2.80 -57.99
CA SER Q 56 -11.69 -4.26 -58.00
C SER Q 56 -11.09 -4.78 -56.70
N ASP Q 57 -11.36 -4.06 -55.61
CA ASP Q 57 -10.95 -4.47 -54.27
C ASP Q 57 -11.81 -5.64 -53.84
N THR Q 58 -11.21 -6.83 -53.76
CA THR Q 58 -11.93 -8.06 -53.47
C THR Q 58 -11.45 -8.65 -52.15
N ARG Q 59 -12.39 -8.94 -51.25
CA ARG Q 59 -12.11 -9.59 -49.98
C ARG Q 59 -12.85 -10.91 -49.91
N TYR Q 60 -12.11 -11.98 -49.64
CA TYR Q 60 -12.67 -13.33 -49.54
C TYR Q 60 -12.73 -13.77 -48.10
N SER Q 61 -13.80 -14.47 -47.73
CA SER Q 61 -13.90 -15.08 -46.41
C SER Q 61 -13.02 -16.32 -46.33
N PRO Q 62 -12.45 -16.61 -45.16
CA PRO Q 62 -11.47 -17.69 -45.07
C PRO Q 62 -12.01 -19.07 -45.44
N SER Q 63 -13.33 -19.23 -45.52
CA SER Q 63 -13.89 -20.54 -45.84
C SER Q 63 -13.73 -20.88 -47.32
N VAL Q 64 -13.78 -19.88 -48.19
CA VAL Q 64 -13.91 -20.09 -49.63
C VAL Q 64 -12.61 -19.81 -50.38
N ARG Q 65 -11.52 -19.52 -49.67
CA ARG Q 65 -10.29 -19.10 -50.33
C ARG Q 65 -9.73 -20.22 -51.20
N GLY Q 66 -9.19 -19.85 -52.35
CA GLY Q 66 -8.63 -20.81 -53.28
C GLY Q 66 -9.71 -21.53 -54.09
N GLN Q 67 -10.85 -21.78 -53.46
CA GLN Q 67 -11.95 -22.45 -54.15
C GLN Q 67 -12.61 -21.55 -55.17
N VAL Q 68 -12.73 -20.25 -54.86
CA VAL Q 68 -13.60 -19.35 -55.60
C VAL Q 68 -12.88 -18.03 -55.87
N THR Q 69 -13.34 -17.35 -56.92
CA THR Q 69 -12.83 -16.05 -57.31
C THR Q 69 -13.99 -15.13 -57.67
N ILE Q 70 -13.91 -13.88 -57.20
CA ILE Q 70 -14.95 -12.88 -57.44
C ILE Q 70 -14.37 -11.79 -58.33
N SER Q 71 -15.05 -11.49 -59.43
CA SER Q 71 -14.61 -10.49 -60.40
C SER Q 71 -15.75 -9.52 -60.69
N ALA Q 72 -15.45 -8.52 -61.52
CA ALA Q 72 -16.42 -7.51 -61.90
C ALA Q 72 -15.98 -6.84 -63.18
N ASP Q 73 -16.93 -6.49 -64.04
CA ASP Q 73 -16.69 -5.71 -65.25
C ASP Q 73 -17.44 -4.39 -65.10
N LYS Q 74 -16.67 -3.31 -64.95
CA LYS Q 74 -17.28 -1.98 -64.85
C LYS Q 74 -18.08 -1.62 -66.10
N SER Q 75 -17.57 -2.02 -67.29
CA SER Q 75 -18.22 -1.65 -68.55
C SER Q 75 -19.64 -2.19 -68.64
N THR Q 76 -19.83 -3.47 -68.28
CA THR Q 76 -21.12 -4.13 -68.31
C THR Q 76 -21.88 -4.02 -67.01
N SER Q 77 -21.28 -3.46 -65.96
CA SER Q 77 -21.90 -3.35 -64.64
C SER Q 77 -22.34 -4.71 -64.11
N ILE Q 78 -21.45 -5.70 -64.23
CA ILE Q 78 -21.72 -7.06 -63.79
C ILE Q 78 -20.66 -7.48 -62.79
N VAL Q 79 -21.07 -8.31 -61.83
CA VAL Q 79 -20.19 -8.95 -60.87
C VAL Q 79 -20.29 -10.46 -61.07
N TYR Q 80 -19.15 -11.14 -61.10
CA TYR Q 80 -19.10 -12.57 -61.37
C TYR Q 80 -18.65 -13.36 -60.15
N LEU Q 81 -18.91 -14.67 -60.20
CA LEU Q 81 -18.51 -15.58 -59.12
C LEU Q 81 -18.16 -16.92 -59.77
N GLN Q 82 -16.89 -17.32 -59.71
CA GLN Q 82 -16.39 -18.46 -60.45
C GLN Q 82 -15.82 -19.52 -59.52
N TRP Q 83 -16.25 -20.78 -59.72
CA TRP Q 83 -15.69 -21.93 -59.04
C TRP Q 83 -14.68 -22.62 -59.98
N SER Q 84 -13.51 -22.96 -59.45
CA SER Q 84 -12.53 -23.67 -60.26
C SER Q 84 -12.89 -25.14 -60.41
N SER Q 85 -13.18 -25.81 -59.29
CA SER Q 85 -13.61 -27.21 -59.30
C SER Q 85 -14.81 -27.35 -58.37
N LEU Q 86 -15.95 -27.73 -58.93
CA LEU Q 86 -17.18 -27.85 -58.17
C LEU Q 86 -17.21 -29.16 -57.40
N LYS Q 87 -18.05 -29.18 -56.35
CA LYS Q 87 -18.18 -30.34 -55.48
C LYS Q 87 -19.56 -30.35 -54.86
N ALA Q 88 -19.96 -31.53 -54.36
CA ALA Q 88 -21.31 -31.69 -53.80
C ALA Q 88 -21.55 -30.71 -52.65
N SER Q 89 -20.52 -30.42 -51.86
CA SER Q 89 -20.66 -29.45 -50.78
C SER Q 89 -20.93 -28.05 -51.30
N ASP Q 90 -20.71 -27.79 -52.59
CA ASP Q 90 -20.98 -26.49 -53.18
C ASP Q 90 -22.43 -26.32 -53.61
N THR Q 91 -23.29 -27.31 -53.38
CA THR Q 91 -24.68 -27.23 -53.79
C THR Q 91 -25.47 -26.32 -52.85
N GLY Q 92 -26.16 -25.34 -53.43
CA GLY Q 92 -26.99 -24.45 -52.63
C GLY Q 92 -27.59 -23.35 -53.48
N ILE Q 93 -28.00 -22.28 -52.81
CA ILE Q 93 -28.49 -21.07 -53.46
C ILE Q 93 -27.54 -19.93 -53.10
N TYR Q 94 -27.20 -19.12 -54.11
CA TYR Q 94 -26.23 -18.05 -53.93
C TYR Q 94 -26.87 -16.71 -54.29
N TYR Q 95 -26.85 -15.78 -53.35
CA TYR Q 95 -27.44 -14.45 -53.51
C TYR Q 95 -26.34 -13.41 -53.70
N CYS Q 96 -26.64 -12.39 -54.50
CA CYS Q 96 -25.81 -11.20 -54.55
C CYS Q 96 -26.58 -10.03 -53.94
N ALA Q 97 -25.90 -9.24 -53.12
CA ALA Q 97 -26.50 -8.10 -52.46
C ALA Q 97 -25.56 -6.91 -52.51
N ARG Q 98 -26.13 -5.72 -52.36
CA ARG Q 98 -25.41 -4.46 -52.42
C ARG Q 98 -25.37 -3.81 -51.05
N PHE Q 99 -24.25 -3.19 -50.73
CA PHE Q 99 -24.13 -2.39 -49.52
C PHE Q 99 -23.21 -1.22 -49.77
N GLY Q 100 -23.26 -0.25 -48.86
CA GLY Q 100 -22.43 0.93 -48.95
C GLY Q 100 -23.22 2.21 -49.06
N ALA Q 101 -22.62 3.32 -48.62
CA ALA Q 101 -23.28 4.61 -48.69
C ALA Q 101 -23.18 5.28 -50.05
N GLY Q 102 -22.42 4.70 -50.99
CA GLY Q 102 -22.24 5.32 -52.28
C GLY Q 102 -21.35 6.53 -52.29
N MET Q 103 -20.72 6.86 -51.18
CA MET Q 103 -19.83 8.00 -51.07
C MET Q 103 -18.40 7.59 -51.38
N THR Q 104 -17.52 8.58 -51.47
CA THR Q 104 -16.21 8.40 -52.10
C THR Q 104 -15.02 8.63 -51.20
N GLY Q 105 -15.21 9.06 -49.96
CA GLY Q 105 -14.08 9.38 -49.13
C GLY Q 105 -13.71 8.28 -48.15
N MET Q 106 -13.60 8.66 -46.88
CA MET Q 106 -13.45 7.68 -45.82
C MET Q 106 -14.63 6.70 -45.71
N PRO Q 107 -15.89 7.06 -46.01
CA PRO Q 107 -16.98 6.07 -45.89
C PRO Q 107 -16.74 4.75 -46.57
N ARG Q 108 -15.96 4.71 -47.66
CA ARG Q 108 -15.70 3.44 -48.34
C ARG Q 108 -15.08 2.41 -47.40
N TYR Q 109 -14.21 2.86 -46.49
CA TYR Q 109 -13.49 1.94 -45.62
C TYR Q 109 -14.37 1.34 -44.53
N PHE Q 110 -15.56 1.90 -44.31
CA PHE Q 110 -16.45 1.43 -43.26
C PHE Q 110 -17.80 1.04 -43.82
N ASP Q 111 -17.91 0.88 -45.13
CA ASP Q 111 -19.16 0.44 -45.75
C ASP Q 111 -19.55 -0.97 -45.30
N THR Q 112 -18.60 -1.74 -44.76
CA THR Q 112 -18.92 -3.04 -44.20
C THR Q 112 -19.71 -2.93 -42.91
N THR Q 113 -19.83 -1.73 -42.34
CA THR Q 113 -20.64 -1.52 -41.16
C THR Q 113 -22.09 -1.23 -41.48
N ARG Q 114 -22.48 -1.30 -42.75
CA ARG Q 114 -23.81 -0.92 -43.18
C ARG Q 114 -24.63 -2.16 -43.56
N TRP Q 115 -25.72 -1.97 -44.30
CA TRP Q 115 -26.73 -3.00 -44.57
C TRP Q 115 -26.83 -3.29 -46.07
N PHE Q 116 -27.58 -4.34 -46.42
CA PHE Q 116 -27.71 -4.90 -47.77
C PHE Q 116 -29.12 -4.66 -48.29
N ASP Q 117 -29.45 -3.45 -48.75
CA ASP Q 117 -30.83 -3.27 -49.18
C ASP Q 117 -31.14 -3.92 -50.52
N PRO Q 118 -30.38 -3.70 -51.60
CA PRO Q 118 -30.76 -4.33 -52.88
C PRO Q 118 -30.23 -5.76 -52.96
N TRP Q 119 -31.14 -6.72 -53.03
CA TRP Q 119 -30.84 -8.14 -53.10
C TRP Q 119 -31.19 -8.69 -54.48
N GLY Q 120 -30.53 -9.80 -54.84
CA GLY Q 120 -30.82 -10.50 -56.07
C GLY Q 120 -31.75 -11.68 -55.85
N GLN Q 121 -32.42 -12.08 -56.93
CA GLN Q 121 -33.39 -13.17 -56.83
C GLN Q 121 -32.73 -14.49 -56.49
N GLY Q 122 -31.42 -14.61 -56.67
CA GLY Q 122 -30.70 -15.81 -56.30
C GLY Q 122 -30.45 -16.73 -57.47
N THR Q 123 -29.49 -17.64 -57.29
CA THR Q 123 -29.15 -18.64 -58.29
C THR Q 123 -28.99 -19.97 -57.59
N GLN Q 124 -29.77 -20.97 -58.02
CA GLN Q 124 -29.69 -22.30 -57.44
C GLN Q 124 -28.63 -23.10 -58.20
N VAL Q 125 -27.62 -23.58 -57.47
CA VAL Q 125 -26.56 -24.40 -58.05
C VAL Q 125 -26.67 -25.79 -57.45
N THR Q 126 -26.85 -26.78 -58.30
CA THR Q 126 -26.98 -28.17 -57.88
C THR Q 126 -25.87 -28.97 -58.54
N VAL Q 127 -24.90 -29.42 -57.74
CA VAL Q 127 -23.82 -30.25 -58.23
C VAL Q 127 -24.34 -31.69 -58.28
N SER Q 128 -24.49 -32.22 -59.49
CA SER Q 128 -25.14 -33.51 -59.68
C SER Q 128 -24.29 -34.63 -59.08
N SER Q 129 -24.96 -35.60 -58.46
CA SER Q 129 -24.25 -36.76 -57.96
C SER Q 129 -23.75 -37.62 -59.13
N ALA Q 130 -22.96 -38.63 -58.79
CA ALA Q 130 -22.21 -39.37 -59.81
C ALA Q 130 -23.13 -40.14 -60.73
N SER Q 131 -23.89 -41.08 -60.19
CA SER Q 131 -24.59 -42.06 -61.03
C SER Q 131 -25.73 -42.70 -60.26
N THR Q 132 -26.50 -43.51 -60.98
CA THR Q 132 -27.58 -44.30 -60.38
C THR Q 132 -27.00 -45.38 -59.47
N LYS Q 133 -27.72 -45.65 -58.38
CA LYS Q 133 -27.25 -46.61 -57.39
C LYS Q 133 -28.44 -47.37 -56.82
N GLY Q 134 -28.20 -48.63 -56.44
CA GLY Q 134 -29.20 -49.45 -55.80
C GLY Q 134 -29.24 -49.28 -54.30
N PRO Q 135 -30.45 -49.24 -53.74
CA PRO Q 135 -30.60 -49.08 -52.29
C PRO Q 135 -30.28 -50.36 -51.54
N SER Q 136 -29.85 -50.20 -50.29
CA SER Q 136 -29.63 -51.29 -49.36
C SER Q 136 -30.64 -51.19 -48.23
N VAL Q 137 -31.25 -52.32 -47.86
CA VAL Q 137 -32.32 -52.33 -46.88
C VAL Q 137 -31.89 -53.16 -45.67
N PHE Q 138 -32.19 -52.65 -44.49
CA PHE Q 138 -31.79 -53.24 -43.21
C PHE Q 138 -32.93 -53.14 -42.22
N PRO Q 139 -33.12 -54.16 -41.37
CA PRO Q 139 -34.29 -54.16 -40.48
C PRO Q 139 -34.13 -53.34 -39.21
N LEU Q 140 -35.13 -52.52 -38.90
CA LEU Q 140 -35.13 -51.70 -37.68
C LEU Q 140 -35.97 -52.49 -36.66
N ALA Q 141 -35.30 -53.37 -35.91
CA ALA Q 141 -35.99 -54.34 -35.08
C ALA Q 141 -36.76 -53.66 -33.94
N PRO Q 142 -37.90 -54.22 -33.54
CA PRO Q 142 -38.74 -53.56 -32.54
C PRO Q 142 -38.14 -53.65 -31.13
N SER Q 143 -38.49 -52.67 -30.31
CA SER Q 143 -38.08 -52.67 -28.92
C SER Q 143 -38.81 -53.76 -28.14
N SER Q 144 -38.37 -53.98 -26.90
CA SER Q 144 -38.86 -55.07 -26.07
C SER Q 144 -39.72 -54.52 -24.95
N LYS Q 145 -41.03 -54.74 -25.05
CA LYS Q 145 -42.00 -54.46 -24.00
C LYS Q 145 -43.01 -55.60 -24.02
N SER Q 146 -43.24 -56.22 -22.87
CA SER Q 146 -43.94 -57.50 -22.80
C SER Q 146 -45.44 -57.29 -22.96
N THR Q 147 -45.89 -57.27 -24.22
CA THR Q 147 -47.30 -57.10 -24.58
C THR Q 147 -47.82 -55.89 -23.81
N SER Q 148 -48.93 -56.01 -23.07
CA SER Q 148 -49.44 -54.93 -22.23
C SER Q 148 -49.60 -53.65 -23.04
N GLY Q 149 -48.81 -52.63 -22.71
CA GLY Q 149 -48.80 -51.44 -23.52
C GLY Q 149 -48.38 -51.73 -24.95
N GLY Q 150 -49.24 -51.40 -25.92
CA GLY Q 150 -48.93 -51.66 -27.31
C GLY Q 150 -48.03 -50.61 -27.93
N THR Q 151 -48.38 -50.17 -29.14
CA THR Q 151 -47.65 -49.11 -29.84
C THR Q 151 -46.16 -49.42 -29.96
N ALA Q 152 -45.84 -50.70 -30.19
CA ALA Q 152 -44.48 -51.05 -30.54
C ALA Q 152 -44.15 -50.53 -31.93
N ALA Q 153 -42.90 -50.15 -32.14
CA ALA Q 153 -42.48 -49.53 -33.39
C ALA Q 153 -41.48 -50.43 -34.12
N LEU Q 154 -41.58 -50.45 -35.45
CA LEU Q 154 -40.85 -51.39 -36.28
C LEU Q 154 -40.62 -50.72 -37.63
N GLY Q 155 -39.50 -51.05 -38.28
CA GLY Q 155 -39.25 -50.40 -39.56
C GLY Q 155 -38.10 -51.04 -40.32
N CYS Q 156 -37.77 -50.42 -41.46
CA CYS Q 156 -36.63 -50.83 -42.25
C CYS Q 156 -35.93 -49.59 -42.81
N LEU Q 157 -34.62 -49.73 -43.03
CA LEU Q 157 -33.74 -48.61 -43.39
C LEU Q 157 -33.28 -48.79 -44.83
N VAL Q 158 -33.72 -47.89 -45.70
CA VAL Q 158 -33.23 -47.80 -47.07
C VAL Q 158 -32.02 -46.89 -47.07
N LYS Q 159 -30.92 -47.35 -47.66
CA LYS Q 159 -29.64 -46.68 -47.52
C LYS Q 159 -28.94 -46.55 -48.87
N ASP Q 160 -28.32 -45.38 -49.07
CA ASP Q 160 -27.38 -45.13 -50.17
C ASP Q 160 -28.01 -45.47 -51.53
N TYR Q 161 -28.84 -44.55 -52.01
CA TYR Q 161 -29.48 -44.69 -53.30
C TYR Q 161 -29.48 -43.36 -54.03
N PHE Q 162 -29.53 -43.45 -55.37
CA PHE Q 162 -29.63 -42.32 -56.30
C PHE Q 162 -30.16 -42.88 -57.61
N PRO Q 163 -31.04 -42.16 -58.32
CA PRO Q 163 -31.71 -40.93 -57.90
C PRO Q 163 -33.02 -41.22 -57.16
N GLU Q 164 -33.55 -40.23 -56.44
CA GLU Q 164 -34.88 -40.37 -55.89
C GLU Q 164 -35.87 -40.52 -57.03
N PRO Q 165 -37.01 -41.20 -56.83
CA PRO Q 165 -37.60 -41.69 -55.58
C PRO Q 165 -37.47 -43.18 -55.27
N VAL Q 166 -37.76 -43.53 -54.02
CA VAL Q 166 -37.90 -44.90 -53.55
C VAL Q 166 -39.30 -45.06 -52.98
N THR Q 167 -39.95 -46.18 -53.27
CA THR Q 167 -41.29 -46.46 -52.76
C THR Q 167 -41.24 -47.64 -51.79
N VAL Q 168 -41.93 -47.52 -50.67
CA VAL Q 168 -41.95 -48.53 -49.62
C VAL Q 168 -43.40 -48.89 -49.32
N SER Q 169 -43.68 -50.18 -49.23
CA SER Q 169 -44.98 -50.69 -48.81
C SER Q 169 -44.77 -51.77 -47.75
N TRP Q 170 -45.82 -52.05 -46.98
CA TRP Q 170 -45.76 -53.05 -45.91
C TRP Q 170 -46.74 -54.16 -46.19
N ASN Q 171 -46.26 -55.40 -46.12
CA ASN Q 171 -47.06 -56.60 -46.37
C ASN Q 171 -47.75 -56.53 -47.73
N SER Q 172 -47.00 -56.06 -48.73
CA SER Q 172 -47.47 -55.97 -50.12
C SER Q 172 -48.76 -55.15 -50.22
N GLY Q 173 -48.86 -54.11 -49.39
CA GLY Q 173 -50.03 -53.26 -49.37
C GLY Q 173 -51.10 -53.64 -48.37
N ALA Q 174 -50.97 -54.80 -47.71
CA ALA Q 174 -51.99 -55.22 -46.77
C ALA Q 174 -52.06 -54.30 -45.56
N LEU Q 175 -50.91 -53.86 -45.06
CA LEU Q 175 -50.83 -53.01 -43.87
C LEU Q 175 -50.63 -51.56 -44.31
N THR Q 176 -51.59 -50.70 -43.92
CA THR Q 176 -51.54 -49.29 -44.31
C THR Q 176 -51.64 -48.33 -43.14
N SER Q 177 -51.94 -48.79 -41.94
CA SER Q 177 -52.19 -47.93 -40.79
C SER Q 177 -51.01 -47.94 -39.85
N GLY Q 178 -50.59 -46.76 -39.39
CA GLY Q 178 -49.41 -46.62 -38.56
C GLY Q 178 -48.12 -46.50 -39.31
N VAL Q 179 -48.16 -46.47 -40.64
CA VAL Q 179 -46.96 -46.44 -41.47
C VAL Q 179 -46.54 -44.99 -41.69
N HIS Q 180 -45.29 -44.68 -41.39
CA HIS Q 180 -44.72 -43.36 -41.65
C HIS Q 180 -43.39 -43.55 -42.38
N THR Q 181 -43.35 -43.18 -43.66
CA THR Q 181 -42.12 -43.15 -44.43
C THR Q 181 -41.58 -41.73 -44.40
N PHE Q 182 -40.47 -41.53 -43.68
CA PHE Q 182 -39.95 -40.20 -43.45
C PHE Q 182 -39.25 -39.68 -44.71
N PRO Q 183 -39.18 -38.35 -44.88
CA PRO Q 183 -38.46 -37.79 -46.02
C PRO Q 183 -36.97 -38.10 -45.96
N ALA Q 184 -36.38 -38.29 -47.14
CA ALA Q 184 -35.01 -38.74 -47.25
C ALA Q 184 -34.01 -37.62 -46.93
N VAL Q 185 -32.77 -38.03 -46.69
CA VAL Q 185 -31.66 -37.11 -46.45
C VAL Q 185 -30.68 -37.21 -47.60
N LEU Q 186 -30.23 -36.06 -48.11
CA LEU Q 186 -29.16 -36.04 -49.10
C LEU Q 186 -27.84 -36.02 -48.33
N GLN Q 187 -27.09 -37.12 -48.42
CA GLN Q 187 -25.83 -37.23 -47.72
C GLN Q 187 -24.72 -36.50 -48.46
N SER Q 188 -23.56 -36.41 -47.81
CA SER Q 188 -22.39 -35.85 -48.47
C SER Q 188 -22.03 -36.61 -49.74
N SER Q 189 -22.32 -37.92 -49.76
CA SER Q 189 -22.02 -38.75 -50.91
C SER Q 189 -22.76 -38.34 -52.17
N GLY Q 190 -23.82 -37.54 -52.03
CA GLY Q 190 -24.75 -37.38 -53.13
C GLY Q 190 -25.75 -38.50 -53.24
N LEU Q 191 -25.71 -39.46 -52.30
CA LEU Q 191 -26.61 -40.59 -52.28
C LEU Q 191 -27.66 -40.38 -51.19
N TYR Q 192 -28.92 -40.62 -51.54
CA TYR Q 192 -30.02 -40.46 -50.59
C TYR Q 192 -30.18 -41.69 -49.71
N SER Q 193 -30.89 -41.51 -48.61
CA SER Q 193 -31.25 -42.62 -47.72
C SER Q 193 -32.51 -42.23 -46.95
N LEU Q 194 -33.30 -43.24 -46.59
CA LEU Q 194 -34.58 -42.97 -45.93
C LEU Q 194 -34.91 -44.08 -44.96
N SER Q 195 -35.89 -43.81 -44.11
CA SER Q 195 -36.40 -44.76 -43.13
C SER Q 195 -37.92 -44.77 -43.18
N SER Q 196 -38.51 -45.96 -43.04
CA SER Q 196 -39.95 -46.11 -42.97
C SER Q 196 -40.29 -46.94 -41.75
N VAL Q 197 -41.16 -46.40 -40.89
CA VAL Q 197 -41.51 -47.03 -39.62
C VAL Q 197 -43.01 -47.31 -39.60
N VAL Q 198 -43.40 -48.32 -38.84
CA VAL Q 198 -44.80 -48.67 -38.66
C VAL Q 198 -45.04 -49.01 -37.20
N THR Q 199 -46.13 -48.50 -36.65
CA THR Q 199 -46.49 -48.69 -35.26
C THR Q 199 -47.54 -49.80 -35.16
N VAL Q 200 -47.23 -50.83 -34.39
CA VAL Q 200 -48.11 -51.99 -34.26
C VAL Q 200 -48.36 -52.26 -32.78
N PRO Q 201 -49.47 -52.91 -32.45
CA PRO Q 201 -49.70 -53.30 -31.06
C PRO Q 201 -48.70 -54.35 -30.63
N SER Q 202 -48.21 -54.22 -29.39
CA SER Q 202 -47.17 -55.12 -28.89
C SER Q 202 -47.66 -56.55 -28.75
N SER Q 203 -48.98 -56.77 -28.65
CA SER Q 203 -49.49 -58.13 -28.57
C SER Q 203 -49.25 -58.90 -29.86
N SER Q 204 -49.16 -58.19 -30.99
CA SER Q 204 -49.11 -58.82 -32.29
C SER Q 204 -47.74 -59.42 -32.63
N LEU Q 205 -46.68 -58.97 -31.96
CA LEU Q 205 -45.34 -59.45 -32.28
C LEU Q 205 -45.22 -60.94 -32.01
N GLY Q 206 -44.55 -61.65 -32.92
CA GLY Q 206 -44.37 -63.09 -32.83
C GLY Q 206 -45.50 -63.92 -33.40
N THR Q 207 -46.72 -63.40 -33.37
CA THR Q 207 -47.87 -64.04 -34.02
C THR Q 207 -48.25 -63.38 -35.32
N GLN Q 208 -47.59 -62.28 -35.68
CA GLN Q 208 -47.79 -61.64 -36.97
C GLN Q 208 -46.45 -61.44 -37.64
N THR Q 209 -46.50 -61.33 -38.97
CA THR Q 209 -45.31 -61.30 -39.81
C THR Q 209 -45.28 -59.98 -40.57
N TYR Q 210 -44.22 -59.20 -40.35
CA TYR Q 210 -44.11 -57.85 -40.89
C TYR Q 210 -42.92 -57.78 -41.85
N ILE Q 211 -43.20 -57.41 -43.11
CA ILE Q 211 -42.19 -57.28 -44.14
C ILE Q 211 -42.37 -55.94 -44.83
N CYS Q 212 -41.26 -55.33 -45.24
CA CYS Q 212 -41.29 -54.05 -45.93
C CYS Q 212 -40.80 -54.25 -47.38
N ASN Q 213 -41.50 -53.61 -48.31
CA ASN Q 213 -41.29 -53.81 -49.74
C ASN Q 213 -40.80 -52.51 -50.36
N VAL Q 214 -39.56 -52.52 -50.84
CA VAL Q 214 -38.87 -51.34 -51.34
C VAL Q 214 -38.76 -51.44 -52.85
N ASN Q 215 -39.05 -50.34 -53.55
CA ASN Q 215 -38.96 -50.28 -55.01
C ASN Q 215 -38.22 -49.02 -55.42
N HIS Q 216 -37.14 -49.21 -56.18
CA HIS Q 216 -36.35 -48.12 -56.77
C HIS Q 216 -36.41 -48.31 -58.28
N LYS Q 217 -37.36 -47.64 -58.92
CA LYS Q 217 -37.53 -47.78 -60.37
C LYS Q 217 -36.31 -47.37 -61.19
N PRO Q 218 -35.52 -46.35 -60.81
CA PRO Q 218 -34.30 -46.07 -61.59
C PRO Q 218 -33.31 -47.23 -61.63
N SER Q 219 -33.22 -48.04 -60.58
CA SER Q 219 -32.24 -49.12 -60.51
C SER Q 219 -32.84 -50.49 -60.80
N ASN Q 220 -34.15 -50.58 -61.03
CA ASN Q 220 -34.84 -51.85 -61.21
C ASN Q 220 -34.52 -52.82 -60.08
N THR Q 221 -34.65 -52.32 -58.85
CA THR Q 221 -34.36 -53.08 -57.64
C THR Q 221 -35.63 -53.16 -56.80
N LYS Q 222 -36.08 -54.37 -56.52
CA LYS Q 222 -37.15 -54.63 -55.56
C LYS Q 222 -36.60 -55.52 -54.46
N VAL Q 223 -36.81 -55.12 -53.21
CA VAL Q 223 -36.30 -55.84 -52.05
C VAL Q 223 -37.43 -55.99 -51.04
N ASP Q 224 -37.46 -57.14 -50.37
CA ASP Q 224 -38.34 -57.37 -49.23
C ASP Q 224 -37.51 -57.86 -48.05
N LYS Q 225 -37.55 -57.13 -46.95
CA LYS Q 225 -36.86 -57.51 -45.73
C LYS Q 225 -37.85 -57.56 -44.58
N ARG Q 226 -38.03 -58.75 -44.02
CA ARG Q 226 -38.93 -58.91 -42.89
C ARG Q 226 -38.21 -58.56 -41.60
N VAL Q 227 -38.92 -57.88 -40.69
CA VAL Q 227 -38.36 -57.35 -39.46
C VAL Q 227 -38.81 -58.25 -38.32
N GLU Q 228 -37.86 -58.98 -37.72
CA GLU Q 228 -38.18 -59.90 -36.65
C GLU Q 228 -37.64 -59.39 -35.31
N PRO Q 229 -38.37 -59.62 -34.22
CA PRO Q 229 -37.88 -59.16 -32.91
C PRO Q 229 -36.69 -59.99 -32.43
N LYS Q 230 -35.76 -59.32 -31.75
CA LYS Q 230 -34.58 -59.97 -31.16
C LYS Q 230 -33.80 -60.79 -32.20
N GLN R 2 -22.39 -21.72 -33.15
CA GLN R 2 -21.59 -21.57 -34.36
C GLN R 2 -21.50 -20.10 -34.77
N SER R 3 -22.66 -19.47 -34.99
CA SER R 3 -22.70 -18.07 -35.35
C SER R 3 -22.29 -17.21 -34.16
N VAL R 4 -21.71 -16.05 -34.45
CA VAL R 4 -21.31 -15.16 -33.36
C VAL R 4 -22.51 -14.41 -32.80
N LEU R 5 -23.47 -14.08 -33.65
CA LEU R 5 -24.75 -13.57 -33.19
C LEU R 5 -25.70 -14.75 -33.02
N THR R 6 -26.34 -14.84 -31.85
CA THR R 6 -27.18 -15.97 -31.50
C THR R 6 -28.64 -15.54 -31.48
N GLN R 7 -29.46 -16.20 -32.29
CA GLN R 7 -30.90 -16.01 -32.37
C GLN R 7 -31.62 -17.25 -31.86
N PRO R 8 -32.85 -17.11 -31.37
CA PRO R 8 -33.66 -18.29 -31.09
C PRO R 8 -33.93 -19.05 -32.38
N PRO R 9 -33.94 -20.39 -32.33
CA PRO R 9 -34.25 -21.14 -33.54
C PRO R 9 -35.70 -21.00 -33.97
N SER R 10 -36.62 -20.69 -33.06
CA SER R 10 -38.03 -20.62 -33.39
C SER R 10 -38.74 -19.64 -32.45
N VAL R 11 -39.68 -18.88 -33.01
CA VAL R 11 -40.59 -18.05 -32.23
C VAL R 11 -41.98 -18.19 -32.82
N SER R 12 -42.97 -18.33 -31.96
CA SER R 12 -44.34 -18.57 -32.38
C SER R 12 -45.28 -17.58 -31.72
N GLY R 13 -46.47 -17.44 -32.31
CA GLY R 13 -47.49 -16.57 -31.78
C GLY R 13 -48.80 -16.65 -32.54
N ALA R 14 -49.91 -16.44 -31.85
CA ALA R 14 -51.21 -16.42 -32.50
C ALA R 14 -51.36 -15.13 -33.31
N PRO R 15 -52.25 -15.13 -34.31
CA PRO R 15 -52.43 -13.93 -35.12
C PRO R 15 -52.87 -12.74 -34.26
N GLY R 16 -52.20 -11.60 -34.46
CA GLY R 16 -52.52 -10.39 -33.73
C GLY R 16 -51.76 -10.21 -32.43
N GLN R 17 -50.96 -11.19 -32.03
CA GLN R 17 -50.17 -11.06 -30.82
C GLN R 17 -48.87 -10.31 -31.11
N ARG R 18 -48.02 -10.17 -30.08
CA ARG R 18 -46.74 -9.49 -30.20
C ARG R 18 -45.63 -10.48 -29.88
N VAL R 19 -44.71 -10.67 -30.83
CA VAL R 19 -43.57 -11.56 -30.65
C VAL R 19 -42.30 -10.74 -30.73
N THR R 20 -41.25 -11.23 -30.07
CA THR R 20 -39.94 -10.60 -30.10
C THR R 20 -38.89 -11.63 -30.46
N ILE R 21 -37.95 -11.23 -31.32
CA ILE R 21 -36.84 -12.07 -31.74
C ILE R 21 -35.56 -11.46 -31.19
N SER R 22 -34.75 -12.29 -30.55
CA SER R 22 -33.56 -11.83 -29.85
C SER R 22 -32.31 -12.05 -30.70
N CYS R 23 -31.41 -11.07 -30.67
CA CYS R 23 -30.10 -11.17 -31.31
C CYS R 23 -29.06 -10.92 -30.23
N LEU R 24 -28.23 -11.92 -29.95
CA LEU R 24 -27.33 -11.91 -28.80
C LEU R 24 -25.89 -11.95 -29.29
N GLY R 25 -25.15 -10.85 -29.06
CA GLY R 25 -23.78 -10.74 -29.48
C GLY R 25 -22.78 -10.60 -28.35
N GLY R 26 -21.75 -9.80 -28.56
CA GLY R 26 -20.72 -9.67 -27.55
C GLY R 26 -19.75 -8.55 -27.85
N SER R 27 -18.55 -8.68 -27.28
CA SER R 27 -17.59 -7.58 -27.25
C SER R 27 -17.06 -7.23 -28.63
N SER R 28 -17.04 -8.20 -29.56
CA SER R 28 -16.44 -7.99 -30.87
C SER R 28 -17.43 -7.49 -31.91
N ASN R 29 -18.71 -7.36 -31.57
CA ASN R 29 -19.70 -6.91 -32.55
C ASN R 29 -20.59 -5.83 -31.96
N ILE R 30 -21.66 -6.24 -31.27
CA ILE R 30 -22.61 -5.28 -30.73
C ILE R 30 -21.99 -4.53 -29.55
N GLY R 31 -21.32 -5.24 -28.65
CA GLY R 31 -20.61 -4.59 -27.57
C GLY R 31 -19.46 -3.71 -28.02
N ALA R 32 -19.15 -3.72 -29.32
CA ALA R 32 -18.13 -2.85 -29.90
C ALA R 32 -18.72 -1.62 -30.55
N GLY R 33 -20.05 -1.48 -30.59
CA GLY R 33 -20.70 -0.29 -31.08
C GLY R 33 -21.31 -0.37 -32.46
N TYR R 34 -21.18 -1.51 -33.13
CA TYR R 34 -21.75 -1.65 -34.48
C TYR R 34 -23.25 -1.88 -34.40
N ASP R 35 -23.97 -1.34 -35.38
CA ASP R 35 -25.42 -1.46 -35.43
C ASP R 35 -25.83 -2.87 -35.88
N VAL R 36 -27.09 -3.20 -35.62
CA VAL R 36 -27.69 -4.47 -36.01
C VAL R 36 -28.72 -4.21 -37.10
N HIS R 37 -28.65 -4.99 -38.17
CA HIS R 37 -29.60 -4.93 -39.26
C HIS R 37 -30.37 -6.24 -39.32
N TRP R 38 -31.62 -6.16 -39.81
CA TRP R 38 -32.52 -7.30 -39.84
C TRP R 38 -33.01 -7.56 -41.24
N TYR R 39 -33.18 -8.83 -41.59
CA TYR R 39 -33.67 -9.24 -42.90
C TYR R 39 -34.77 -10.27 -42.74
N GLN R 40 -35.69 -10.29 -43.70
CA GLN R 40 -36.81 -11.22 -43.73
C GLN R 40 -36.74 -12.06 -45.00
N HIS R 41 -36.64 -13.38 -44.84
CA HIS R 41 -36.53 -14.30 -45.97
C HIS R 41 -37.87 -15.02 -46.13
N LEU R 42 -38.72 -14.47 -46.98
CA LEU R 42 -40.06 -15.01 -47.16
C LEU R 42 -40.00 -16.35 -47.88
N PRO R 43 -40.87 -17.31 -47.52
CA PRO R 43 -40.98 -18.56 -48.28
C PRO R 43 -41.12 -18.32 -49.78
N GLY R 44 -40.17 -18.87 -50.55
CA GLY R 44 -40.21 -18.79 -51.99
C GLY R 44 -39.58 -17.56 -52.60
N ALA R 45 -38.88 -16.74 -51.80
CA ALA R 45 -38.30 -15.50 -52.28
C ALA R 45 -36.86 -15.40 -51.82
N ALA R 46 -36.23 -14.29 -52.16
CA ALA R 46 -34.90 -13.93 -51.69
C ALA R 46 -35.01 -13.09 -50.42
N PRO R 47 -33.94 -12.98 -49.64
CA PRO R 47 -34.00 -12.13 -48.45
C PRO R 47 -34.24 -10.67 -48.83
N LYS R 48 -34.79 -9.93 -47.86
CA LYS R 48 -35.16 -8.54 -48.07
C LYS R 48 -34.84 -7.77 -46.81
N LEU R 49 -34.45 -6.51 -46.98
CA LEU R 49 -34.15 -5.67 -45.83
C LEU R 49 -35.43 -5.40 -45.03
N LEU R 50 -35.37 -5.66 -43.72
CA LEU R 50 -36.50 -5.41 -42.84
C LEU R 50 -36.26 -4.19 -41.95
N ILE R 51 -35.20 -4.20 -41.16
CA ILE R 51 -34.81 -3.08 -40.31
C ILE R 51 -33.34 -2.79 -40.58
N SER R 52 -32.99 -1.50 -40.71
CA SER R 52 -31.61 -1.10 -40.87
C SER R 52 -31.25 -0.08 -39.79
N GLY R 53 -29.98 -0.08 -39.40
CA GLY R 53 -29.49 0.84 -38.39
C GLY R 53 -30.25 0.73 -37.08
N ASN R 54 -30.42 -0.51 -36.60
CA ASN R 54 -31.02 -0.83 -35.31
C ASN R 54 -32.53 -0.63 -35.28
N SER R 55 -33.00 0.58 -35.58
CA SER R 55 -34.39 0.93 -35.39
C SER R 55 -35.09 1.48 -36.63
N ASN R 56 -34.37 1.77 -37.71
CA ASN R 56 -34.98 2.40 -38.86
C ASN R 56 -35.72 1.38 -39.73
N ARG R 57 -36.85 1.81 -40.30
CA ARG R 57 -37.66 0.98 -41.18
C ARG R 57 -37.55 1.49 -42.60
N PRO R 58 -37.24 0.62 -43.57
CA PRO R 58 -37.20 1.05 -44.97
C PRO R 58 -38.59 1.28 -45.55
N SER R 59 -38.64 1.73 -46.80
CA SER R 59 -39.92 1.99 -47.45
C SER R 59 -40.61 0.69 -47.83
N GLY R 60 -41.94 0.66 -47.67
CA GLY R 60 -42.69 -0.55 -47.93
C GLY R 60 -42.71 -1.53 -46.79
N VAL R 61 -42.24 -1.14 -45.61
CA VAL R 61 -42.26 -1.99 -44.42
C VAL R 61 -43.22 -1.37 -43.42
N PRO R 62 -44.16 -2.14 -42.87
CA PRO R 62 -45.15 -1.56 -41.95
C PRO R 62 -44.55 -1.18 -40.61
N ALA R 63 -45.30 -0.36 -39.87
CA ALA R 63 -44.89 0.10 -38.55
C ALA R 63 -45.04 -0.95 -37.47
N ARG R 64 -45.64 -2.11 -37.78
CA ARG R 64 -45.70 -3.19 -36.81
C ARG R 64 -44.30 -3.69 -36.45
N PHE R 65 -43.35 -3.51 -37.35
CA PHE R 65 -41.98 -3.96 -37.14
C PHE R 65 -41.19 -2.90 -36.39
N SER R 66 -40.51 -3.32 -35.33
CA SER R 66 -39.77 -2.43 -34.46
C SER R 66 -38.40 -3.02 -34.15
N GLY R 67 -37.45 -2.13 -33.91
CA GLY R 67 -36.07 -2.55 -33.70
C GLY R 67 -35.44 -1.87 -32.51
N SER R 68 -34.59 -2.61 -31.81
CA SER R 68 -33.88 -2.11 -30.63
C SER R 68 -32.47 -2.69 -30.61
N LYS R 69 -31.57 -1.98 -29.92
CA LYS R 69 -30.23 -2.46 -29.63
C LYS R 69 -29.86 -2.01 -28.23
N SER R 70 -29.48 -2.97 -27.37
CA SER R 70 -29.14 -2.68 -25.99
C SER R 70 -27.94 -3.50 -25.56
N GLY R 71 -26.92 -2.81 -25.05
CA GLY R 71 -25.72 -3.45 -24.54
C GLY R 71 -25.06 -4.36 -25.57
N THR R 72 -25.09 -5.67 -25.31
CA THR R 72 -24.55 -6.68 -26.19
C THR R 72 -25.64 -7.46 -26.93
N SER R 73 -26.87 -6.96 -26.92
CA SER R 73 -28.00 -7.67 -27.48
C SER R 73 -28.82 -6.72 -28.37
N ALA R 74 -29.64 -7.34 -29.23
CA ALA R 74 -30.57 -6.62 -30.09
C ALA R 74 -31.90 -7.36 -30.11
N SER R 75 -32.93 -6.71 -30.64
CA SER R 75 -34.27 -7.28 -30.59
C SER R 75 -35.11 -6.78 -31.76
N LEU R 76 -35.85 -7.70 -32.37
CA LEU R 76 -36.83 -7.38 -33.40
C LEU R 76 -38.23 -7.68 -32.88
N ALA R 77 -39.11 -6.69 -32.94
CA ALA R 77 -40.45 -6.79 -32.38
C ALA R 77 -41.48 -6.70 -33.49
N ILE R 78 -42.45 -7.61 -33.48
CA ILE R 78 -43.55 -7.62 -34.45
C ILE R 78 -44.86 -7.60 -33.67
N THR R 79 -45.67 -6.57 -33.91
CA THR R 79 -47.02 -6.47 -33.35
C THR R 79 -48.04 -6.74 -34.46
N GLY R 80 -49.28 -6.96 -34.03
CA GLY R 80 -50.36 -7.30 -34.95
C GLY R 80 -49.99 -8.42 -35.89
N LEU R 81 -49.60 -9.57 -35.33
CA LEU R 81 -49.04 -10.66 -36.12
C LEU R 81 -50.01 -11.09 -37.22
N GLN R 82 -49.46 -11.33 -38.40
CA GLN R 82 -50.25 -11.71 -39.57
C GLN R 82 -49.70 -13.00 -40.16
N ALA R 83 -50.53 -13.66 -40.96
CA ALA R 83 -50.18 -14.97 -41.51
C ALA R 83 -48.94 -14.87 -42.40
N GLU R 84 -48.88 -13.84 -43.25
CA GLU R 84 -47.76 -13.68 -44.17
C GLU R 84 -46.45 -13.37 -43.47
N ASP R 85 -46.49 -12.99 -42.18
CA ASP R 85 -45.26 -12.77 -41.44
C ASP R 85 -44.46 -14.05 -41.22
N GLU R 86 -45.05 -15.21 -41.51
CA GLU R 86 -44.35 -16.48 -41.40
C GLU R 86 -43.18 -16.52 -42.37
N ALA R 87 -41.96 -16.45 -41.84
CA ALA R 87 -40.75 -16.42 -42.66
C ALA R 87 -39.56 -16.66 -41.76
N ASP R 88 -38.37 -16.66 -42.36
CA ASP R 88 -37.12 -16.72 -41.62
C ASP R 88 -36.59 -15.30 -41.42
N TYR R 89 -36.16 -15.01 -40.19
CA TYR R 89 -35.67 -13.68 -39.83
C TYR R 89 -34.23 -13.79 -39.38
N TYR R 90 -33.39 -12.90 -39.90
CA TYR R 90 -31.96 -12.89 -39.60
C TYR R 90 -31.56 -11.51 -39.08
N CYS R 91 -30.60 -11.50 -38.15
CA CYS R 91 -29.95 -10.28 -37.73
C CYS R 91 -28.50 -10.31 -38.20
N GLN R 92 -28.01 -9.15 -38.66
CA GLN R 92 -26.67 -9.02 -39.22
C GLN R 92 -25.98 -7.83 -38.59
N SER R 93 -24.69 -7.98 -38.33
CA SER R 93 -23.88 -6.90 -37.76
C SER R 93 -22.46 -7.02 -38.31
N TYR R 94 -21.54 -6.28 -37.69
CA TYR R 94 -20.13 -6.35 -38.02
C TYR R 94 -19.38 -6.91 -36.81
N ASP R 95 -18.57 -7.93 -37.05
CA ASP R 95 -17.66 -8.47 -36.04
C ASP R 95 -16.24 -8.08 -36.43
N ASN R 96 -15.49 -7.52 -35.48
CA ASN R 96 -14.14 -7.07 -35.80
C ASN R 96 -13.27 -8.21 -36.31
N ASP R 97 -13.50 -9.44 -35.82
CA ASP R 97 -12.68 -10.56 -36.23
C ASP R 97 -13.21 -11.27 -37.48
N LEU R 98 -14.52 -11.47 -37.59
CA LEU R 98 -15.09 -12.26 -38.68
C LEU R 98 -15.84 -11.39 -39.70
N SER R 99 -15.66 -10.08 -39.64
CA SER R 99 -16.19 -9.11 -40.62
C SER R 99 -17.73 -9.12 -40.56
N GLN R 100 -18.41 -9.07 -41.70
CA GLN R 100 -19.87 -9.03 -41.73
C GLN R 100 -20.43 -10.39 -41.32
N VAL R 101 -21.25 -10.42 -40.28
CA VAL R 101 -21.73 -11.66 -39.70
C VAL R 101 -23.26 -11.66 -39.68
N PHE R 102 -23.83 -12.82 -40.00
CA PHE R 102 -25.27 -13.05 -39.91
C PHE R 102 -25.58 -13.90 -38.68
N GLY R 103 -26.77 -13.70 -38.13
CA GLY R 103 -27.25 -14.57 -37.10
C GLY R 103 -27.73 -15.89 -37.66
N GLY R 104 -27.95 -16.86 -36.76
CA GLY R 104 -28.38 -18.18 -37.17
C GLY R 104 -29.73 -18.21 -37.84
N GLY R 105 -30.58 -17.23 -37.59
CA GLY R 105 -31.88 -17.23 -38.17
C GLY R 105 -32.95 -17.73 -37.21
N THR R 106 -34.18 -17.29 -37.43
CA THR R 106 -35.30 -17.61 -36.55
C THR R 106 -36.53 -17.87 -37.41
N LYS R 107 -37.15 -19.03 -37.22
CA LYS R 107 -38.37 -19.36 -37.96
C LYS R 107 -39.57 -18.85 -37.17
N LEU R 108 -40.22 -17.80 -37.69
CA LEU R 108 -41.42 -17.25 -37.08
C LEU R 108 -42.64 -18.00 -37.62
N THR R 109 -43.35 -18.66 -36.72
CA THR R 109 -44.52 -19.47 -37.08
C THR R 109 -45.77 -18.80 -36.54
N VAL R 110 -46.72 -18.52 -37.44
CA VAL R 110 -48.04 -18.04 -37.04
C VAL R 110 -48.87 -19.26 -36.65
N LEU R 111 -49.21 -19.38 -35.37
CA LEU R 111 -49.89 -20.56 -34.86
C LEU R 111 -51.31 -20.63 -35.43
N GLY R 112 -51.58 -21.69 -36.20
CA GLY R 112 -52.92 -21.95 -36.69
C GLY R 112 -53.49 -23.21 -36.11
N GLN R 113 -52.71 -23.89 -35.27
CA GLN R 113 -53.09 -25.11 -34.59
C GLN R 113 -52.48 -25.08 -33.19
N PRO R 114 -53.00 -25.88 -32.26
CA PRO R 114 -52.34 -26.00 -30.95
C PRO R 114 -50.95 -26.59 -31.10
N LYS R 115 -50.08 -26.24 -30.16
CA LYS R 115 -48.70 -26.72 -30.18
C LYS R 115 -48.65 -28.22 -29.98
N ALA R 116 -47.62 -28.85 -30.54
CA ALA R 116 -47.47 -30.29 -30.51
C ALA R 116 -46.04 -30.65 -30.10
N ALA R 117 -45.93 -31.55 -29.12
CA ALA R 117 -44.63 -32.05 -28.68
C ALA R 117 -44.08 -33.08 -29.66
N PRO R 118 -42.76 -33.17 -29.79
CA PRO R 118 -42.18 -34.12 -30.74
C PRO R 118 -42.28 -35.55 -30.25
N SER R 119 -42.46 -36.47 -31.20
CA SER R 119 -42.48 -37.91 -30.94
C SER R 119 -41.20 -38.51 -31.50
N VAL R 120 -40.39 -39.11 -30.64
CA VAL R 120 -39.05 -39.55 -30.98
C VAL R 120 -38.92 -41.04 -30.74
N THR R 121 -38.52 -41.78 -31.77
CA THR R 121 -38.12 -43.17 -31.66
C THR R 121 -36.68 -43.30 -32.13
N LEU R 122 -35.86 -43.99 -31.34
CA LEU R 122 -34.45 -44.19 -31.64
C LEU R 122 -34.16 -45.67 -31.76
N PHE R 123 -33.43 -46.04 -32.79
CA PHE R 123 -33.14 -47.43 -33.07
C PHE R 123 -31.64 -47.70 -33.07
N PRO R 124 -31.22 -48.85 -32.55
CA PRO R 124 -29.79 -49.22 -32.61
C PRO R 124 -29.43 -49.72 -34.00
N PRO R 125 -28.15 -49.98 -34.27
CA PRO R 125 -27.79 -50.52 -35.59
C PRO R 125 -28.22 -51.97 -35.70
N SER R 126 -28.73 -52.34 -36.87
CA SER R 126 -29.19 -53.69 -37.10
C SER R 126 -28.01 -54.66 -37.19
N SER R 127 -28.26 -55.90 -36.77
CA SER R 127 -27.24 -56.94 -36.89
C SER R 127 -26.80 -57.13 -38.34
N GLU R 128 -27.72 -56.96 -39.30
CA GLU R 128 -27.36 -57.08 -40.70
C GLU R 128 -26.42 -55.97 -41.14
N GLU R 129 -26.69 -54.72 -40.73
CA GLU R 129 -25.81 -53.62 -41.09
C GLU R 129 -24.46 -53.76 -40.40
N LEU R 130 -24.45 -54.23 -39.16
CA LEU R 130 -23.19 -54.44 -38.45
C LEU R 130 -22.30 -55.47 -39.16
N GLN R 131 -22.91 -56.39 -39.91
CA GLN R 131 -22.14 -57.38 -40.64
C GLN R 131 -21.64 -56.88 -42.00
N ALA R 132 -22.07 -55.69 -42.42
CA ALA R 132 -21.50 -55.03 -43.58
C ALA R 132 -20.38 -54.07 -43.20
N ASN R 133 -19.86 -54.19 -41.97
CA ASN R 133 -18.83 -53.31 -41.43
C ASN R 133 -19.25 -51.84 -41.48
N LYS R 134 -20.54 -51.58 -41.30
CA LYS R 134 -21.07 -50.23 -41.16
C LYS R 134 -22.07 -50.24 -40.02
N ALA R 135 -22.37 -49.04 -39.51
CA ALA R 135 -23.32 -48.91 -38.41
C ALA R 135 -23.99 -47.55 -38.49
N THR R 136 -25.32 -47.53 -38.50
CA THR R 136 -26.08 -46.29 -38.56
C THR R 136 -27.14 -46.28 -37.47
N LEU R 137 -27.15 -45.20 -36.68
CA LEU R 137 -28.22 -44.93 -35.74
C LEU R 137 -29.28 -44.07 -36.43
N VAL R 138 -30.55 -44.36 -36.15
CA VAL R 138 -31.67 -43.69 -36.82
C VAL R 138 -32.57 -43.09 -35.74
N CYS R 139 -32.67 -41.76 -35.74
CA CYS R 139 -33.52 -41.02 -34.81
C CYS R 139 -34.68 -40.43 -35.61
N LEU R 140 -35.89 -40.88 -35.32
CA LEU R 140 -37.09 -40.44 -36.02
C LEU R 140 -37.89 -39.50 -35.11
N ILE R 141 -38.11 -38.27 -35.57
CA ILE R 141 -38.87 -37.26 -34.83
C ILE R 141 -40.09 -36.88 -35.65
N SER R 142 -41.27 -36.94 -35.03
CA SER R 142 -42.51 -36.75 -35.75
C SER R 142 -43.53 -35.98 -34.90
N ASP R 143 -44.50 -35.39 -35.59
CA ASP R 143 -45.72 -34.84 -34.99
C ASP R 143 -45.44 -33.62 -34.11
N PHE R 144 -44.51 -32.77 -34.54
CA PHE R 144 -44.21 -31.56 -33.79
C PHE R 144 -44.64 -30.32 -34.57
N TYR R 145 -45.09 -29.30 -33.83
CA TYR R 145 -45.50 -27.99 -34.31
C TYR R 145 -45.33 -26.97 -33.20
N PRO R 146 -44.71 -25.79 -33.48
CA PRO R 146 -44.16 -25.35 -34.76
C PRO R 146 -42.98 -26.20 -35.26
N GLY R 147 -42.72 -26.14 -36.56
CA GLY R 147 -41.81 -27.07 -37.20
C GLY R 147 -40.34 -26.66 -37.18
N ALA R 148 -39.70 -26.82 -36.02
CA ALA R 148 -38.28 -26.53 -35.89
C ALA R 148 -37.75 -27.26 -34.66
N VAL R 149 -36.75 -28.11 -34.85
CA VAL R 149 -36.16 -28.90 -33.77
C VAL R 149 -34.65 -28.75 -33.83
N THR R 150 -34.01 -29.02 -32.69
CA THR R 150 -32.56 -29.03 -32.58
C THR R 150 -32.14 -30.40 -32.04
N VAL R 151 -31.51 -31.20 -32.90
CA VAL R 151 -31.12 -32.56 -32.56
C VAL R 151 -29.65 -32.54 -32.12
N ALA R 152 -29.37 -33.22 -31.01
CA ALA R 152 -28.02 -33.36 -30.49
C ALA R 152 -27.75 -34.82 -30.19
N TRP R 153 -26.56 -35.30 -30.57
CA TRP R 153 -26.17 -36.68 -30.36
C TRP R 153 -25.08 -36.73 -29.29
N LYS R 154 -25.22 -37.66 -28.36
CA LYS R 154 -24.28 -37.81 -27.26
C LYS R 154 -23.86 -39.26 -27.13
N ALA R 155 -22.56 -39.49 -27.02
CA ALA R 155 -22.00 -40.81 -26.73
C ALA R 155 -21.71 -40.88 -25.24
N ASP R 156 -22.31 -41.87 -24.58
CA ASP R 156 -22.39 -41.90 -23.11
C ASP R 156 -23.08 -40.61 -22.66
N SER R 157 -22.33 -39.70 -22.04
CA SER R 157 -22.81 -38.35 -21.78
C SER R 157 -22.00 -37.31 -22.54
N SER R 158 -21.03 -37.74 -23.34
CA SER R 158 -20.13 -36.84 -24.05
C SER R 158 -20.74 -36.39 -25.37
N PRO R 159 -20.30 -35.24 -25.90
CA PRO R 159 -20.85 -34.76 -27.17
C PRO R 159 -20.23 -35.44 -28.39
N VAL R 160 -20.99 -35.45 -29.48
CA VAL R 160 -20.59 -36.07 -30.74
C VAL R 160 -20.81 -35.07 -31.87
N LYS R 161 -19.82 -34.94 -32.75
CA LYS R 161 -19.89 -34.03 -33.89
C LYS R 161 -19.97 -34.76 -35.23
N ALA R 162 -19.04 -35.67 -35.50
CA ALA R 162 -18.90 -36.24 -36.82
C ALA R 162 -19.95 -37.29 -37.10
N GLY R 163 -20.25 -37.49 -38.39
CA GLY R 163 -21.17 -38.52 -38.83
C GLY R 163 -22.63 -38.17 -38.74
N VAL R 164 -22.98 -36.97 -38.30
CA VAL R 164 -24.36 -36.59 -38.07
C VAL R 164 -24.88 -35.87 -39.31
N GLU R 165 -25.99 -36.38 -39.85
CA GLU R 165 -26.69 -35.74 -40.96
C GLU R 165 -28.17 -35.71 -40.61
N THR R 166 -28.70 -34.51 -40.40
CA THR R 166 -30.10 -34.33 -40.04
C THR R 166 -30.85 -33.67 -41.19
N THR R 167 -32.10 -34.06 -41.37
CA THR R 167 -32.94 -33.48 -42.40
C THR R 167 -33.51 -32.15 -41.95
N THR R 168 -33.80 -31.30 -42.91
CA THR R 168 -34.65 -30.15 -42.63
C THR R 168 -36.08 -30.65 -42.37
N PRO R 169 -36.77 -30.09 -41.39
CA PRO R 169 -38.14 -30.54 -41.11
C PRO R 169 -39.06 -30.34 -42.30
N SER R 170 -39.94 -31.31 -42.52
CA SER R 170 -40.84 -31.31 -43.67
C SER R 170 -42.26 -31.52 -43.18
N LYS R 171 -43.19 -30.76 -43.77
CA LYS R 171 -44.60 -30.85 -43.39
C LYS R 171 -45.15 -32.25 -43.67
N GLN R 172 -45.96 -32.74 -42.75
CA GLN R 172 -46.60 -34.05 -42.88
C GLN R 172 -48.00 -33.92 -43.45
N SER R 173 -48.72 -35.04 -43.48
CA SER R 173 -50.15 -35.03 -43.79
C SER R 173 -50.96 -34.50 -42.62
N ASN R 174 -50.48 -34.73 -41.39
CA ASN R 174 -51.13 -34.28 -40.15
C ASN R 174 -51.00 -32.80 -39.92
N ASN R 175 -50.55 -32.05 -40.92
CA ASN R 175 -50.21 -30.63 -40.82
C ASN R 175 -49.14 -30.36 -39.76
N LYS R 176 -48.53 -31.41 -39.22
CA LYS R 176 -47.38 -31.31 -38.33
C LYS R 176 -46.12 -31.63 -39.12
N TYR R 177 -44.97 -31.53 -38.47
CA TYR R 177 -43.69 -31.62 -39.15
C TYR R 177 -42.93 -32.87 -38.74
N ALA R 178 -42.06 -33.34 -39.63
CA ALA R 178 -41.26 -34.54 -39.42
C ALA R 178 -39.81 -34.25 -39.79
N ALA R 179 -38.90 -34.94 -39.10
CA ALA R 179 -37.48 -34.83 -39.35
C ALA R 179 -36.78 -36.12 -38.94
N SER R 180 -35.61 -36.36 -39.54
CA SER R 180 -34.85 -37.57 -39.33
C SER R 180 -33.37 -37.24 -39.23
N SER R 181 -32.66 -37.96 -38.37
CA SER R 181 -31.23 -37.78 -38.15
C SER R 181 -30.53 -39.14 -38.17
N TYR R 182 -29.35 -39.16 -38.78
CA TYR R 182 -28.57 -40.38 -38.98
C TYR R 182 -27.16 -40.18 -38.48
N LEU R 183 -26.77 -40.96 -37.48
CA LEU R 183 -25.39 -40.98 -36.98
C LEU R 183 -24.68 -42.19 -37.58
N SER R 184 -23.56 -41.94 -38.25
CA SER R 184 -22.81 -42.96 -38.97
C SER R 184 -21.50 -43.25 -38.26
N LEU R 185 -21.30 -44.50 -37.87
CA LEU R 185 -20.15 -44.94 -37.09
C LEU R 185 -19.54 -46.18 -37.70
N THR R 186 -18.30 -46.48 -37.31
CA THR R 186 -17.82 -47.82 -37.60
C THR R 186 -18.33 -48.75 -36.50
N PRO R 187 -18.40 -50.06 -36.78
CA PRO R 187 -18.96 -50.99 -35.78
C PRO R 187 -18.24 -50.95 -34.44
N GLU R 188 -16.94 -50.68 -34.44
CA GLU R 188 -16.18 -50.72 -33.19
C GLU R 188 -16.48 -49.51 -32.32
N GLN R 189 -16.67 -48.33 -32.93
CA GLN R 189 -17.08 -47.17 -32.15
C GLN R 189 -18.41 -47.41 -31.46
N TRP R 190 -19.38 -47.98 -32.19
CA TRP R 190 -20.67 -48.28 -31.59
C TRP R 190 -20.54 -49.29 -30.46
N LYS R 191 -19.66 -50.28 -30.62
CA LYS R 191 -19.41 -51.24 -29.56
C LYS R 191 -18.53 -50.68 -28.45
N SER R 192 -17.69 -49.67 -28.76
CA SER R 192 -16.75 -49.16 -27.76
C SER R 192 -17.46 -48.39 -26.66
N HIS R 193 -18.37 -47.49 -27.02
CA HIS R 193 -19.03 -46.67 -26.02
C HIS R 193 -20.18 -47.44 -25.36
N ARG R 194 -20.52 -47.01 -24.15
CA ARG R 194 -21.52 -47.70 -23.35
C ARG R 194 -22.95 -47.28 -23.72
N SER R 195 -23.14 -46.03 -24.13
CA SER R 195 -24.47 -45.54 -24.47
C SER R 195 -24.37 -44.51 -25.58
N TYR R 196 -25.39 -44.49 -26.43
CA TYR R 196 -25.58 -43.45 -27.43
C TYR R 196 -26.98 -42.88 -27.26
N SER R 197 -27.12 -41.57 -27.47
CA SER R 197 -28.37 -40.91 -27.15
C SER R 197 -28.69 -39.83 -28.17
N CYS R 198 -29.98 -39.73 -28.50
CA CYS R 198 -30.52 -38.70 -29.38
C CYS R 198 -31.33 -37.73 -28.53
N GLN R 199 -30.92 -36.46 -28.52
CA GLN R 199 -31.60 -35.42 -27.76
C GLN R 199 -32.32 -34.49 -28.74
N VAL R 200 -33.63 -34.40 -28.60
CA VAL R 200 -34.45 -33.55 -29.46
C VAL R 200 -35.07 -32.46 -28.60
N THR R 201 -34.69 -31.22 -28.84
CA THR R 201 -35.22 -30.07 -28.13
C THR R 201 -36.23 -29.36 -29.01
N HIS R 202 -37.39 -29.05 -28.45
CA HIS R 202 -38.48 -28.41 -29.19
C HIS R 202 -39.18 -27.43 -28.26
N GLU R 203 -39.13 -26.15 -28.60
CA GLU R 203 -39.71 -25.08 -27.78
C GLU R 203 -39.17 -25.15 -26.35
N GLY R 204 -37.86 -25.32 -26.24
CA GLY R 204 -37.18 -25.29 -24.96
C GLY R 204 -37.24 -26.56 -24.15
N SER R 205 -38.03 -27.55 -24.56
CA SER R 205 -38.18 -28.80 -23.84
C SER R 205 -37.45 -29.93 -24.55
N THR R 206 -36.72 -30.74 -23.79
CA THR R 206 -35.86 -31.79 -24.32
C THR R 206 -36.50 -33.15 -24.12
N VAL R 207 -36.39 -34.00 -25.15
CA VAL R 207 -36.79 -35.40 -25.07
C VAL R 207 -35.61 -36.24 -25.50
N GLU R 208 -35.32 -37.29 -24.74
CA GLU R 208 -34.11 -38.08 -24.96
C GLU R 208 -34.45 -39.55 -25.12
N LYS R 209 -33.77 -40.19 -26.07
CA LYS R 209 -33.92 -41.62 -26.32
C LYS R 209 -32.52 -42.24 -26.27
N THR R 210 -32.38 -43.31 -25.51
CA THR R 210 -31.09 -43.96 -25.30
C THR R 210 -31.13 -45.39 -25.80
N VAL R 211 -30.04 -45.86 -26.39
CA VAL R 211 -29.96 -47.23 -26.90
C VAL R 211 -28.84 -48.01 -26.22
N GLN S 1 5.87 0.30 -51.55
CA GLN S 1 6.39 1.65 -51.37
C GLN S 1 6.08 2.50 -52.61
N VAL S 2 5.75 3.78 -52.40
CA VAL S 2 5.40 4.67 -53.50
C VAL S 2 6.67 5.09 -54.24
N GLN S 3 6.59 5.15 -55.56
CA GLN S 3 7.73 5.45 -56.43
C GLN S 3 7.50 6.77 -57.15
N LEU S 4 8.53 7.61 -57.14
CA LEU S 4 8.53 8.88 -57.86
C LEU S 4 9.60 8.81 -58.95
N GLN S 5 9.19 9.04 -60.20
CA GLN S 5 10.12 9.00 -61.32
C GLN S 5 9.97 10.25 -62.17
N GLU S 6 11.09 10.89 -62.47
CA GLU S 6 11.14 12.12 -63.26
C GLU S 6 11.40 11.81 -64.73
N SER S 7 11.01 12.75 -65.58
CA SER S 7 11.13 12.57 -67.03
C SER S 7 11.12 13.93 -67.70
N GLY S 8 12.17 14.22 -68.47
CA GLY S 8 12.27 15.46 -69.19
C GLY S 8 13.48 15.49 -70.11
N PRO S 9 13.67 16.60 -70.81
CA PRO S 9 14.76 16.66 -71.77
C PRO S 9 16.10 16.85 -71.07
N GLY S 10 17.08 16.08 -71.53
CA GLY S 10 18.43 16.27 -71.01
C GLY S 10 19.00 17.62 -71.37
N LEU S 11 18.67 18.14 -72.54
CA LEU S 11 19.27 19.36 -73.09
C LEU S 11 18.21 20.43 -73.26
N VAL S 12 18.50 21.63 -72.77
CA VAL S 12 17.67 22.81 -72.97
C VAL S 12 18.56 23.94 -73.48
N LYS S 13 18.03 24.72 -74.42
CA LYS S 13 18.80 25.83 -74.94
C LYS S 13 18.63 27.06 -74.04
N PRO S 14 19.66 27.89 -73.94
CA PRO S 14 19.57 29.07 -73.05
C PRO S 14 18.41 29.97 -73.44
N SER S 15 17.74 30.51 -72.41
CA SER S 15 16.61 31.44 -72.53
C SER S 15 15.36 30.79 -73.09
N GLU S 16 15.32 29.47 -73.24
CA GLU S 16 14.12 28.78 -73.64
C GLU S 16 13.41 28.23 -72.41
N THR S 17 12.49 27.28 -72.60
CA THR S 17 11.64 26.79 -71.52
C THR S 17 12.05 25.38 -71.13
N LEU S 18 12.56 25.23 -69.91
CA LEU S 18 12.81 23.92 -69.32
C LEU S 18 11.51 23.37 -68.78
N SER S 19 11.12 22.18 -69.22
CA SER S 19 9.92 21.53 -68.69
C SER S 19 10.26 20.09 -68.30
N LEU S 20 9.94 19.74 -67.05
CA LEU S 20 10.06 18.39 -66.57
C LEU S 20 8.73 17.97 -65.94
N THR S 21 8.49 16.67 -65.92
CA THR S 21 7.30 16.11 -65.30
C THR S 21 7.71 14.90 -64.45
N CYS S 22 7.01 14.73 -63.33
CA CYS S 22 7.33 13.67 -62.37
C CYS S 22 6.09 12.79 -62.19
N THR S 23 6.24 11.50 -62.48
CA THR S 23 5.15 10.54 -62.39
C THR S 23 5.16 9.83 -61.04
N VAL S 24 3.96 9.51 -60.55
CA VAL S 24 3.77 8.90 -59.24
C VAL S 24 3.18 7.51 -59.43
N SER S 25 3.73 6.54 -58.69
CA SER S 25 3.31 5.15 -58.81
C SER S 25 3.25 4.50 -57.43
N SER S 26 2.29 3.58 -57.27
CA SER S 26 2.03 2.91 -55.99
C SER S 26 1.58 3.90 -54.91
N GLY S 27 0.92 4.98 -55.34
CA GLY S 27 0.42 6.00 -54.44
C GLY S 27 -0.37 7.02 -55.22
N SER S 28 -1.33 7.67 -54.56
CA SER S 28 -2.15 8.68 -55.23
C SER S 28 -1.51 10.05 -55.06
N ILE S 29 -1.38 10.79 -56.17
CA ILE S 29 -0.97 12.18 -56.07
C ILE S 29 -2.05 13.00 -55.38
N SER S 30 -3.28 12.49 -55.33
CA SER S 30 -4.39 13.17 -54.66
C SER S 30 -4.50 12.73 -53.21
N GLY S 31 -3.45 13.02 -52.44
CA GLY S 31 -3.42 12.72 -51.02
C GLY S 31 -3.78 13.96 -50.22
N THR S 32 -4.77 13.80 -49.34
CA THR S 32 -5.26 14.93 -48.55
C THR S 32 -4.18 15.55 -47.66
N SER S 33 -3.05 14.85 -47.46
CA SER S 33 -2.02 15.32 -46.55
C SER S 33 -0.64 15.34 -47.20
N TYR S 34 -0.58 15.34 -48.53
CA TYR S 34 0.70 15.33 -49.24
C TYR S 34 0.95 16.67 -49.92
N TYR S 35 2.20 17.12 -49.84
CA TYR S 35 2.71 18.24 -50.63
C TYR S 35 3.74 17.71 -51.60
N TRP S 36 3.67 18.12 -52.86
CA TRP S 36 4.56 17.64 -53.91
C TRP S 36 5.51 18.74 -54.33
N ASP S 37 6.81 18.43 -54.39
CA ASP S 37 7.86 19.45 -54.43
C ASP S 37 8.83 19.18 -55.57
N TRP S 38 9.57 20.23 -55.93
CA TRP S 38 10.68 20.16 -56.87
C TRP S 38 11.94 20.71 -56.22
N ILE S 39 13.06 20.00 -56.40
CA ILE S 39 14.36 20.40 -55.86
C ILE S 39 15.41 20.14 -56.93
N ARG S 40 16.43 20.99 -56.98
CA ARG S 40 17.51 20.85 -57.94
C ARG S 40 18.87 20.95 -57.25
N GLN S 41 19.83 20.17 -57.75
CA GLN S 41 21.19 20.17 -57.24
C GLN S 41 22.15 20.39 -58.41
N PRO S 42 22.73 21.59 -58.53
CA PRO S 42 23.72 21.79 -59.58
C PRO S 42 24.90 20.86 -59.40
N PRO S 43 25.55 20.45 -60.48
CA PRO S 43 26.64 19.46 -60.37
C PRO S 43 27.77 19.97 -59.48
N GLY S 44 27.99 19.24 -58.38
CA GLY S 44 29.06 19.54 -57.45
C GLY S 44 28.66 20.40 -56.26
N LYS S 45 27.47 21.02 -56.30
CA LYS S 45 27.07 21.97 -55.28
C LYS S 45 25.99 21.37 -54.39
N GLY S 46 25.28 22.23 -53.64
CA GLY S 46 24.26 21.80 -52.71
C GLY S 46 22.87 21.78 -53.33
N LEU S 47 21.88 21.61 -52.46
CA LEU S 47 20.49 21.46 -52.86
C LEU S 47 19.73 22.76 -52.70
N GLU S 48 18.89 23.07 -53.69
CA GLU S 48 18.07 24.28 -53.67
C GLU S 48 16.62 23.89 -53.91
N TRP S 49 15.73 24.38 -53.04
CA TRP S 49 14.31 24.09 -53.16
C TRP S 49 13.65 25.04 -54.16
N ILE S 50 12.79 24.48 -55.02
CA ILE S 50 12.17 25.26 -56.09
C ILE S 50 10.75 25.65 -55.70
N GLY S 51 9.87 24.66 -55.54
CA GLY S 51 8.48 24.98 -55.26
C GLY S 51 7.72 23.80 -54.69
N THR S 52 6.44 24.04 -54.42
CA THR S 52 5.53 23.08 -53.82
C THR S 52 4.18 23.19 -54.51
N ILE S 53 3.48 22.06 -54.61
CA ILE S 53 2.14 22.04 -55.19
C ILE S 53 1.28 21.01 -54.48
N TYR S 54 0.01 21.34 -54.32
CA TYR S 54 -1.02 20.50 -53.73
C TYR S 54 -1.96 20.04 -54.83
N TYR S 55 -2.68 18.94 -54.59
CA TYR S 55 -3.55 18.40 -55.63
C TYR S 55 -4.65 19.39 -56.00
N SER S 56 -4.98 20.32 -55.11
CA SER S 56 -5.96 21.36 -55.45
C SER S 56 -5.42 22.30 -56.53
N GLY S 57 -4.10 22.44 -56.61
CA GLY S 57 -3.48 23.43 -57.47
C GLY S 57 -2.79 24.55 -56.73
N SER S 58 -2.86 24.55 -55.39
CA SER S 58 -2.21 25.59 -54.60
C SER S 58 -0.69 25.44 -54.68
N THR S 59 0.00 26.55 -54.94
CA THR S 59 1.44 26.53 -55.19
C THR S 59 2.12 27.59 -54.34
N TYR S 60 3.20 27.20 -53.66
CA TYR S 60 4.11 28.11 -52.97
C TYR S 60 5.48 27.99 -53.64
N TYR S 61 6.04 29.12 -54.05
CA TYR S 61 7.28 29.14 -54.81
C TYR S 61 8.40 29.78 -54.01
N ASN S 62 9.64 29.38 -54.34
CA ASN S 62 10.81 30.01 -53.73
C ASN S 62 10.86 31.48 -54.13
N PRO S 63 10.97 32.40 -53.16
CA PRO S 63 11.00 33.84 -53.49
C PRO S 63 12.07 34.23 -54.51
N SER S 64 13.14 33.43 -54.60
CA SER S 64 14.24 33.77 -55.49
C SER S 64 13.96 33.44 -56.95
N LEU S 65 13.12 32.43 -57.21
CA LEU S 65 12.86 31.97 -58.57
C LEU S 65 11.39 32.07 -58.97
N LYS S 66 10.58 32.83 -58.22
CA LYS S 66 9.15 32.87 -58.50
C LYS S 66 8.84 33.42 -59.89
N SER S 67 9.63 34.38 -60.36
CA SER S 67 9.40 34.99 -61.67
C SER S 67 9.50 33.97 -62.80
N ARG S 68 10.17 32.85 -62.59
CA ARG S 68 10.45 31.89 -63.64
C ARG S 68 9.75 30.55 -63.45
N VAL S 69 9.08 30.33 -62.32
CA VAL S 69 8.68 29.00 -61.88
C VAL S 69 7.18 28.83 -62.08
N THR S 70 6.80 27.80 -62.82
CA THR S 70 5.41 27.36 -62.92
C THR S 70 5.38 25.87 -62.64
N ILE S 71 4.47 25.47 -61.73
CA ILE S 71 4.30 24.07 -61.38
C ILE S 71 2.83 23.71 -61.51
N SER S 72 2.54 22.66 -62.28
CA SER S 72 1.19 22.22 -62.54
C SER S 72 1.00 20.77 -62.11
N VAL S 73 -0.24 20.41 -61.79
CA VAL S 73 -0.60 19.05 -61.40
C VAL S 73 -1.64 18.53 -62.37
N ASP S 74 -1.62 17.22 -62.61
CA ASP S 74 -2.64 16.53 -63.39
C ASP S 74 -3.09 15.32 -62.56
N THR S 75 -4.20 15.48 -61.83
CA THR S 75 -4.67 14.42 -60.94
C THR S 75 -5.03 13.16 -61.72
N SER S 76 -5.53 13.30 -62.94
CA SER S 76 -5.92 12.14 -63.72
C SER S 76 -4.72 11.24 -64.02
N LYS S 77 -3.57 11.83 -64.33
CA LYS S 77 -2.39 11.09 -64.75
C LYS S 77 -1.43 10.78 -63.61
N ASN S 78 -1.75 11.20 -62.38
CA ASN S 78 -0.84 11.10 -61.24
C ASN S 78 0.54 11.65 -61.60
N GLN S 79 0.53 12.86 -62.16
CA GLN S 79 1.73 13.56 -62.59
C GLN S 79 1.70 14.99 -62.08
N PHE S 80 2.88 15.57 -61.89
CA PHE S 80 2.99 16.99 -61.66
C PHE S 80 4.27 17.50 -62.33
N SER S 81 4.19 18.69 -62.91
CA SER S 81 5.20 19.19 -63.83
C SER S 81 5.84 20.47 -63.30
N LEU S 82 6.99 20.80 -63.91
CA LEU S 82 7.71 22.02 -63.59
C LEU S 82 8.18 22.68 -64.88
N LYS S 83 8.02 24.00 -64.95
CA LYS S 83 8.48 24.77 -66.10
C LYS S 83 9.31 25.96 -65.61
N LEU S 84 10.41 26.22 -66.32
CA LEU S 84 11.30 27.34 -66.04
C LEU S 84 11.24 28.27 -67.25
N SER S 85 10.60 29.45 -67.06
CA SER S 85 10.27 30.29 -68.21
C SER S 85 11.52 30.82 -68.91
N PRO S 86 12.47 31.48 -68.23
CA PRO S 86 13.77 31.73 -68.88
C PRO S 86 14.90 31.00 -68.18
N VAL S 87 15.52 30.05 -68.85
CA VAL S 87 16.51 29.20 -68.18
C VAL S 87 17.88 29.88 -68.22
N THR S 88 18.45 30.06 -67.04
CA THR S 88 19.80 30.57 -66.84
C THR S 88 20.79 29.42 -66.85
N ALA S 89 22.09 29.77 -66.89
CA ALA S 89 23.12 28.76 -66.73
C ALA S 89 22.98 28.02 -65.41
N ALA S 90 22.42 28.67 -64.39
CA ALA S 90 21.99 27.97 -63.18
C ALA S 90 20.96 26.88 -63.46
N GLY S 91 20.41 26.80 -64.67
CA GLY S 91 19.52 25.70 -64.98
C GLY S 91 20.22 24.35 -64.98
N THR S 92 21.49 24.31 -65.39
CA THR S 92 22.23 23.06 -65.41
C THR S 92 22.30 22.47 -63.99
N ALA S 93 21.56 21.39 -63.77
CA ALA S 93 21.44 20.79 -62.46
C ALA S 93 20.71 19.45 -62.60
N VAL S 94 20.78 18.66 -61.54
CA VAL S 94 19.94 17.47 -61.41
C VAL S 94 18.67 17.87 -60.70
N TYR S 95 17.52 17.55 -61.29
CA TYR S 95 16.22 17.98 -60.79
C TYR S 95 15.49 16.82 -60.16
N TYR S 96 15.25 16.91 -58.85
CA TYR S 96 14.54 15.89 -58.09
C TYR S 96 13.11 16.33 -57.85
N CYS S 97 12.17 15.39 -57.89
CA CYS S 97 10.84 15.57 -57.36
C CYS S 97 10.72 14.77 -56.06
N ALA S 98 9.98 15.31 -55.09
CA ALA S 98 9.90 14.71 -53.77
C ALA S 98 8.53 14.96 -53.17
N ARG S 99 8.22 14.21 -52.11
CA ARG S 99 6.92 14.29 -51.43
C ARG S 99 7.12 14.56 -49.94
N ARG S 100 6.18 15.32 -49.38
CA ARG S 100 6.14 15.60 -47.96
C ARG S 100 4.74 15.29 -47.42
N THR S 101 4.66 15.15 -46.10
CA THR S 101 3.41 14.91 -45.39
C THR S 101 3.19 16.03 -44.37
N PHE S 102 1.95 16.50 -44.24
CA PHE S 102 1.64 17.55 -43.28
C PHE S 102 0.49 17.14 -42.38
N TYR S 103 0.56 17.57 -41.13
CA TYR S 103 -0.45 17.26 -40.12
C TYR S 103 -0.75 18.53 -39.33
N TYR S 104 -1.64 18.40 -38.33
CA TYR S 104 -2.02 19.49 -37.46
C TYR S 104 -1.77 19.09 -36.02
N ASP S 105 -1.13 19.97 -35.26
CA ASP S 105 -0.75 19.71 -33.88
C ASP S 105 -1.93 19.98 -32.95
N ARG S 106 -1.79 19.56 -31.69
CA ARG S 106 -2.81 19.81 -30.67
C ARG S 106 -3.06 21.30 -30.46
N SER S 107 -2.12 22.16 -30.86
CA SER S 107 -2.30 23.60 -30.81
C SER S 107 -3.01 24.15 -32.04
N GLY S 108 -3.32 23.29 -33.02
CA GLY S 108 -4.07 23.69 -34.20
C GLY S 108 -3.23 24.13 -35.38
N GLN S 109 -1.93 24.29 -35.22
CA GLN S 109 -1.09 24.80 -36.29
C GLN S 109 -0.58 23.66 -37.18
N LYS S 110 -0.27 24.01 -38.43
CA LYS S 110 0.12 23.03 -39.44
C LYS S 110 1.62 22.76 -39.37
N VAL S 111 1.99 21.48 -39.38
CA VAL S 111 3.37 21.04 -39.34
C VAL S 111 3.65 20.23 -40.59
N VAL S 112 4.58 20.70 -41.43
CA VAL S 112 5.00 19.98 -42.62
C VAL S 112 6.27 19.22 -42.29
N GLU S 113 6.27 17.93 -42.60
CA GLU S 113 7.40 17.05 -42.30
C GLU S 113 8.47 17.20 -43.38
N PRO S 114 9.68 16.70 -43.13
CA PRO S 114 10.73 16.76 -44.16
C PRO S 114 10.40 15.88 -45.34
N PHE S 115 11.23 16.00 -46.37
CA PHE S 115 11.08 15.18 -47.57
C PHE S 115 11.41 13.72 -47.25
N ASP S 116 10.41 12.86 -47.38
CA ASP S 116 10.52 11.45 -47.02
C ASP S 116 10.72 10.53 -48.21
N TYR S 117 10.22 10.92 -49.38
CA TYR S 117 10.33 10.13 -50.59
C TYR S 117 10.88 11.00 -51.70
N TRP S 118 11.83 10.46 -52.47
CA TRP S 118 12.49 11.20 -53.53
C TRP S 118 12.42 10.41 -54.82
N GLY S 119 12.66 11.12 -55.93
CA GLY S 119 12.83 10.48 -57.22
C GLY S 119 14.28 10.09 -57.46
N GLN S 120 14.53 9.57 -58.66
CA GLN S 120 15.91 9.24 -59.03
C GLN S 120 16.71 10.48 -59.38
N GLY S 121 16.06 11.53 -59.85
CA GLY S 121 16.73 12.74 -60.31
C GLY S 121 17.01 12.70 -61.80
N THR S 122 16.94 13.87 -62.42
CA THR S 122 17.19 14.02 -63.86
C THR S 122 18.21 15.12 -64.07
N LEU S 123 19.31 14.80 -64.73
CA LEU S 123 20.27 15.81 -65.14
C LEU S 123 19.74 16.57 -66.34
N VAL S 124 19.74 17.90 -66.24
CA VAL S 124 19.36 18.78 -67.34
C VAL S 124 20.53 19.75 -67.55
N THR S 125 20.95 19.91 -68.79
CA THR S 125 22.10 20.74 -69.14
C THR S 125 21.65 21.88 -70.04
N VAL S 126 22.02 23.10 -69.66
CA VAL S 126 21.75 24.28 -70.46
C VAL S 126 22.89 24.45 -71.45
N SER S 127 22.60 24.29 -72.74
CA SER S 127 23.64 24.33 -73.76
C SER S 127 22.99 24.59 -75.12
N SER S 128 23.67 25.36 -75.95
CA SER S 128 23.26 25.55 -77.34
C SER S 128 23.79 24.45 -78.25
N ALA S 129 24.58 23.52 -77.71
CA ALA S 129 25.13 22.43 -78.48
C ALA S 129 24.02 21.45 -78.87
N SER S 130 24.37 20.54 -79.77
CA SER S 130 23.45 19.53 -80.27
C SER S 130 23.71 18.19 -79.59
N THR S 131 22.66 17.39 -79.47
CA THR S 131 22.78 16.07 -78.85
C THR S 131 23.39 15.08 -79.85
N LYS S 132 24.31 14.26 -79.35
CA LYS S 132 24.96 13.24 -80.17
C LYS S 132 24.96 11.92 -79.41
N GLY S 133 24.64 10.84 -80.12
CA GLY S 133 24.61 9.52 -79.55
C GLY S 133 26.01 8.98 -79.28
N PRO S 134 26.10 8.01 -78.38
CA PRO S 134 27.40 7.41 -78.06
C PRO S 134 27.68 6.17 -78.89
N SER S 135 28.98 5.91 -79.07
CA SER S 135 29.46 4.65 -79.63
C SER S 135 30.04 3.81 -78.50
N VAL S 136 29.82 2.50 -78.58
CA VAL S 136 30.23 1.58 -77.52
C VAL S 136 31.21 0.58 -78.09
N PHE S 137 32.32 0.39 -77.39
CA PHE S 137 33.42 -0.45 -77.86
C PHE S 137 33.81 -1.46 -76.79
N PRO S 138 34.26 -2.65 -77.21
CA PRO S 138 34.62 -3.68 -76.23
C PRO S 138 36.04 -3.53 -75.70
N LEU S 139 36.20 -3.51 -74.38
CA LEU S 139 37.50 -3.66 -73.73
C LEU S 139 37.62 -5.13 -73.34
N ALA S 140 38.47 -5.87 -74.08
CA ALA S 140 38.49 -7.33 -74.04
C ALA S 140 39.46 -7.84 -72.99
N PRO S 141 39.19 -9.03 -72.43
CA PRO S 141 40.12 -9.64 -71.49
C PRO S 141 41.48 -9.91 -72.12
N SER S 142 42.51 -9.89 -71.28
CA SER S 142 43.88 -9.81 -71.77
C SER S 142 44.31 -11.08 -72.51
N SER S 143 43.85 -12.24 -72.08
CA SER S 143 44.29 -13.57 -72.53
C SER S 143 45.73 -13.86 -72.14
N LYS S 144 46.43 -12.91 -71.51
CA LYS S 144 47.70 -13.17 -70.86
C LYS S 144 47.53 -13.62 -69.42
N SER S 145 46.30 -13.58 -68.90
CA SER S 145 46.02 -13.95 -67.51
C SER S 145 45.55 -15.40 -67.45
N THR S 146 46.46 -16.31 -67.78
CA THR S 146 46.18 -17.73 -67.71
C THR S 146 46.04 -18.13 -66.24
N SER S 147 44.80 -18.33 -65.80
CA SER S 147 44.48 -18.63 -64.41
C SER S 147 44.99 -17.55 -63.46
N GLY S 148 44.97 -16.29 -63.91
CA GLY S 148 45.28 -15.19 -63.03
C GLY S 148 44.33 -15.06 -61.87
N GLY S 149 43.18 -15.71 -61.95
CA GLY S 149 42.16 -15.63 -60.91
C GLY S 149 41.36 -14.35 -60.98
N THR S 150 41.97 -13.31 -61.54
CA THR S 150 41.33 -12.00 -61.70
C THR S 150 41.57 -11.54 -63.13
N ALA S 151 40.48 -11.33 -63.87
CA ALA S 151 40.54 -10.86 -65.24
C ALA S 151 39.66 -9.63 -65.38
N ALA S 152 40.11 -8.66 -66.16
CA ALA S 152 39.40 -7.40 -66.34
C ALA S 152 38.86 -7.30 -67.76
N LEU S 153 37.62 -6.82 -67.87
CA LEU S 153 36.99 -6.54 -69.15
C LEU S 153 36.08 -5.33 -68.95
N GLY S 154 35.54 -4.80 -70.05
CA GLY S 154 34.70 -3.64 -69.91
C GLY S 154 34.19 -3.13 -71.24
N CYS S 155 33.59 -1.94 -71.18
CA CYS S 155 33.03 -1.25 -72.32
C CYS S 155 33.49 0.20 -72.32
N LEU S 156 33.67 0.75 -73.52
CA LEU S 156 34.07 2.15 -73.70
C LEU S 156 32.94 2.89 -74.42
N VAL S 157 32.37 3.87 -73.74
CA VAL S 157 31.30 4.70 -74.28
C VAL S 157 31.90 6.06 -74.63
N LYS S 158 31.91 6.38 -75.93
CA LYS S 158 32.67 7.51 -76.43
C LYS S 158 31.80 8.43 -77.28
N ASP S 159 32.18 9.72 -77.25
CA ASP S 159 31.61 10.75 -78.11
C ASP S 159 30.10 10.91 -77.93
N TYR S 160 29.72 11.46 -76.78
CA TYR S 160 28.31 11.71 -76.47
C TYR S 160 28.13 13.03 -75.74
N PHE S 161 26.93 13.60 -75.91
CA PHE S 161 26.48 14.86 -75.30
C PHE S 161 24.96 14.88 -75.39
N PRO S 162 24.25 15.27 -74.32
CA PRO S 162 24.62 15.64 -72.95
C PRO S 162 25.12 14.48 -72.11
N GLU S 163 25.36 14.71 -70.81
CA GLU S 163 26.21 13.81 -70.03
C GLU S 163 25.58 12.51 -69.52
N PRO S 164 24.30 12.46 -69.10
CA PRO S 164 23.83 11.23 -68.43
C PRO S 164 23.84 10.00 -69.32
N VAL S 165 24.84 9.13 -69.12
CA VAL S 165 24.87 7.79 -69.67
C VAL S 165 24.92 6.81 -68.50
N THR S 166 24.09 5.77 -68.56
CA THR S 166 24.07 4.71 -67.56
C THR S 166 24.53 3.41 -68.19
N VAL S 167 25.30 2.63 -67.42
CA VAL S 167 25.82 1.35 -67.87
C VAL S 167 25.52 0.30 -66.83
N SER S 168 24.87 -0.78 -67.26
CA SER S 168 24.71 -1.98 -66.46
C SER S 168 25.48 -3.12 -67.10
N TRP S 169 25.54 -4.25 -66.40
CA TRP S 169 26.18 -5.45 -66.91
C TRP S 169 25.23 -6.63 -66.71
N ASN S 170 25.06 -7.42 -67.76
CA ASN S 170 24.19 -8.60 -67.73
C ASN S 170 22.80 -8.25 -67.21
N SER S 171 22.33 -7.05 -67.58
CA SER S 171 20.97 -6.59 -67.25
C SER S 171 20.72 -6.58 -65.75
N GLY S 172 21.74 -6.15 -64.98
CA GLY S 172 21.63 -5.99 -63.55
C GLY S 172 22.18 -7.15 -62.73
N ALA S 173 22.36 -8.32 -63.35
CA ALA S 173 22.84 -9.48 -62.59
C ALA S 173 24.27 -9.27 -62.11
N LEU S 174 25.13 -8.69 -62.95
CA LEU S 174 26.52 -8.46 -62.59
C LEU S 174 26.63 -7.10 -61.91
N THR S 175 26.78 -7.11 -60.59
CA THR S 175 27.00 -5.91 -59.79
C THR S 175 28.32 -5.92 -59.06
N SER S 176 28.76 -7.08 -58.58
CA SER S 176 30.02 -7.17 -57.85
C SER S 176 31.20 -6.90 -58.77
N GLY S 177 32.19 -6.18 -58.26
CA GLY S 177 33.40 -5.88 -59.03
C GLY S 177 33.22 -4.87 -60.14
N VAL S 178 32.04 -4.30 -60.30
CA VAL S 178 31.78 -3.32 -61.36
C VAL S 178 32.30 -1.96 -60.93
N HIS S 179 32.90 -1.24 -61.88
CA HIS S 179 33.32 0.15 -61.67
C HIS S 179 32.94 0.94 -62.91
N THR S 180 31.98 1.85 -62.79
CA THR S 180 31.61 2.76 -63.87
C THR S 180 32.24 4.12 -63.57
N PHE S 181 33.21 4.51 -64.40
CA PHE S 181 33.97 5.70 -64.13
C PHE S 181 33.20 6.97 -64.51
N PRO S 182 33.50 8.09 -63.86
CA PRO S 182 32.92 9.36 -64.30
C PRO S 182 33.38 9.72 -65.70
N ALA S 183 32.56 10.53 -66.38
CA ALA S 183 32.86 10.92 -67.73
C ALA S 183 33.91 12.03 -67.75
N VAL S 184 34.73 12.03 -68.79
CA VAL S 184 35.70 13.10 -69.04
C VAL S 184 35.24 13.88 -70.26
N LEU S 185 35.33 15.21 -70.18
CA LEU S 185 35.03 16.06 -71.32
C LEU S 185 36.25 16.13 -72.22
N GLN S 186 36.11 15.63 -73.44
CA GLN S 186 37.21 15.68 -74.40
C GLN S 186 37.26 17.04 -75.08
N SER S 187 38.32 17.26 -75.86
CA SER S 187 38.49 18.54 -76.54
C SER S 187 37.38 18.81 -77.53
N SER S 188 36.72 17.76 -78.04
CA SER S 188 35.65 17.93 -79.01
C SER S 188 34.38 18.49 -78.41
N GLY S 189 34.30 18.63 -77.09
CA GLY S 189 33.07 18.98 -76.42
C GLY S 189 32.17 17.81 -76.11
N LEU S 190 32.63 16.59 -76.39
CA LEU S 190 31.87 15.38 -76.15
C LEU S 190 32.50 14.60 -75.00
N TYR S 191 31.65 13.91 -74.24
CA TYR S 191 32.10 13.15 -73.09
C TYR S 191 32.52 11.74 -73.49
N SER S 192 33.40 11.16 -72.68
CA SER S 192 33.83 9.78 -72.83
C SER S 192 33.78 9.10 -71.47
N LEU S 193 33.43 7.82 -71.46
CA LEU S 193 33.15 7.10 -70.23
C LEU S 193 33.63 5.67 -70.36
N SER S 194 34.13 5.12 -69.26
CA SER S 194 34.56 3.73 -69.23
C SER S 194 33.83 3.01 -68.09
N SER S 195 33.41 1.78 -68.39
CA SER S 195 32.82 0.88 -67.40
C SER S 195 33.59 -0.42 -67.47
N VAL S 196 34.07 -0.90 -66.32
CA VAL S 196 34.82 -2.14 -66.26
C VAL S 196 34.29 -3.01 -65.12
N VAL S 197 34.66 -4.28 -65.16
CA VAL S 197 34.29 -5.24 -64.14
C VAL S 197 35.39 -6.29 -64.03
N THR S 198 35.64 -6.76 -62.82
CA THR S 198 36.62 -7.81 -62.58
C THR S 198 35.89 -9.11 -62.30
N VAL S 199 36.27 -10.16 -63.03
CA VAL S 199 35.61 -11.47 -62.92
C VAL S 199 36.70 -12.52 -62.76
N PRO S 200 36.31 -13.73 -62.32
CA PRO S 200 37.29 -14.82 -62.29
C PRO S 200 37.76 -15.17 -63.70
N SER S 201 39.03 -15.57 -63.80
CA SER S 201 39.58 -15.94 -65.10
C SER S 201 38.91 -17.18 -65.66
N SER S 202 38.55 -18.13 -64.79
CA SER S 202 37.95 -19.38 -65.26
C SER S 202 36.58 -19.14 -65.89
N SER S 203 35.83 -18.15 -65.40
CA SER S 203 34.49 -17.90 -65.91
C SER S 203 34.48 -17.38 -67.35
N LEU S 204 35.63 -16.95 -67.87
CA LEU S 204 35.66 -16.28 -69.16
C LEU S 204 35.13 -17.17 -70.28
N GLY S 205 35.34 -18.48 -70.19
CA GLY S 205 34.91 -19.41 -71.21
C GLY S 205 33.57 -20.07 -70.97
N THR S 206 32.93 -19.80 -69.83
CA THR S 206 31.63 -20.37 -69.52
C THR S 206 30.58 -19.31 -69.20
N GLN S 207 30.91 -18.02 -69.29
CA GLN S 207 30.01 -16.96 -68.89
C GLN S 207 30.01 -15.86 -69.95
N THR S 208 28.82 -15.52 -70.44
CA THR S 208 28.66 -14.40 -71.35
C THR S 208 28.61 -13.10 -70.56
N TYR S 209 29.37 -12.10 -71.03
CA TYR S 209 29.41 -10.80 -70.38
C TYR S 209 28.97 -9.74 -71.38
N ILE S 210 27.87 -9.05 -71.07
CA ILE S 210 27.29 -8.06 -71.96
C ILE S 210 26.97 -6.82 -71.15
N CYS S 211 27.40 -5.65 -71.63
CA CYS S 211 27.13 -4.38 -70.96
C CYS S 211 25.98 -3.67 -71.66
N ASN S 212 25.06 -3.13 -70.87
CA ASN S 212 23.84 -2.53 -71.36
C ASN S 212 23.96 -1.01 -71.19
N VAL S 213 24.17 -0.32 -72.30
CA VAL S 213 24.44 1.11 -72.31
C VAL S 213 23.18 1.84 -72.72
N ASN S 214 22.89 2.95 -72.05
CA ASN S 214 21.71 3.74 -72.32
C ASN S 214 22.04 5.23 -72.24
N HIS S 215 21.54 5.99 -73.20
CA HIS S 215 21.74 7.44 -73.27
C HIS S 215 20.38 8.05 -73.59
N LYS S 216 19.60 8.32 -72.54
CA LYS S 216 18.26 8.84 -72.74
C LYS S 216 18.17 10.16 -73.51
N PRO S 217 19.14 11.08 -73.45
CA PRO S 217 19.02 12.31 -74.27
C PRO S 217 18.94 12.03 -75.77
N SER S 218 19.66 11.03 -76.26
CA SER S 218 19.63 10.66 -77.67
C SER S 218 18.79 9.42 -77.93
N ASN S 219 18.10 8.90 -76.91
CA ASN S 219 17.19 7.75 -77.05
C ASN S 219 17.93 6.53 -77.58
N THR S 220 19.15 6.32 -77.09
CA THR S 220 20.06 5.31 -77.64
C THR S 220 20.32 4.23 -76.60
N LYS S 221 19.95 2.99 -76.93
CA LYS S 221 20.29 1.82 -76.14
C LYS S 221 21.18 0.91 -76.96
N VAL S 222 22.28 0.45 -76.37
CA VAL S 222 23.20 -0.46 -77.04
C VAL S 222 23.61 -1.56 -76.05
N ASP S 223 23.43 -2.81 -76.45
CA ASP S 223 23.86 -3.97 -75.70
C ASP S 223 25.07 -4.57 -76.41
N LYS S 224 26.25 -4.46 -75.81
CA LYS S 224 27.49 -4.91 -76.42
C LYS S 224 28.04 -6.12 -75.68
N ARG S 225 28.41 -7.15 -76.45
CA ARG S 225 28.99 -8.36 -75.90
C ARG S 225 30.51 -8.22 -75.82
N VAL S 226 31.08 -8.60 -74.68
CA VAL S 226 32.52 -8.54 -74.45
C VAL S 226 33.02 -9.97 -74.43
N GLU S 227 33.84 -10.33 -75.42
CA GLU S 227 34.37 -11.67 -75.59
C GLU S 227 35.89 -11.65 -75.59
N PRO S 228 36.54 -12.64 -74.98
CA PRO S 228 38.00 -12.72 -75.06
C PRO S 228 38.48 -12.85 -76.49
N LYS S 229 39.67 -12.31 -76.75
CA LYS S 229 40.33 -12.44 -78.05
C LYS S 229 39.47 -11.93 -79.21
N GLU T 1 14.87 34.86 -45.15
CA GLU T 1 15.74 33.75 -45.51
C GLU T 1 16.66 33.36 -44.36
N ILE T 2 16.71 32.06 -44.07
CA ILE T 2 17.55 31.51 -43.01
C ILE T 2 18.75 30.84 -43.65
N VAL T 3 19.94 31.14 -43.14
CA VAL T 3 21.19 30.56 -43.64
C VAL T 3 21.62 29.47 -42.67
N LEU T 4 21.83 28.26 -43.18
CA LEU T 4 22.36 27.16 -42.41
C LEU T 4 23.79 26.92 -42.84
N THR T 5 24.73 27.02 -41.89
CA THR T 5 26.15 26.85 -42.15
C THR T 5 26.64 25.59 -41.43
N GLN T 6 27.35 24.73 -42.15
CA GLN T 6 27.83 23.48 -41.60
C GLN T 6 29.33 23.53 -41.35
N SER T 7 29.78 22.72 -40.39
CA SER T 7 31.18 22.59 -40.06
C SER T 7 31.41 21.18 -39.56
N PRO T 8 32.48 20.51 -40.01
CA PRO T 8 33.34 21.02 -41.07
C PRO T 8 32.71 20.81 -42.43
N SER T 9 33.30 21.35 -43.49
CA SER T 9 32.81 21.07 -44.83
C SER T 9 33.28 19.72 -45.35
N THR T 10 34.42 19.22 -44.85
CA THR T 10 34.93 17.91 -45.21
C THR T 10 35.53 17.25 -43.98
N LEU T 11 35.59 15.92 -44.00
CA LEU T 11 35.88 15.15 -42.80
C LEU T 11 36.45 13.80 -43.19
N SER T 12 37.59 13.44 -42.60
CA SER T 12 38.26 12.17 -42.89
C SER T 12 38.50 11.42 -41.60
N ALA T 13 38.15 10.14 -41.57
CA ALA T 13 38.15 9.38 -40.33
C ALA T 13 38.29 7.89 -40.61
N SER T 14 38.74 7.16 -39.60
CA SER T 14 38.88 5.71 -39.66
C SER T 14 37.60 5.01 -39.22
N VAL T 15 37.48 3.74 -39.63
CA VAL T 15 36.34 2.93 -39.25
C VAL T 15 36.30 2.79 -37.73
N GLY T 16 35.10 2.94 -37.16
CA GLY T 16 34.92 2.87 -35.73
C GLY T 16 35.14 4.18 -34.99
N ASP T 17 35.53 5.24 -35.71
CA ASP T 17 35.74 6.53 -35.07
C ASP T 17 34.41 7.25 -34.88
N ARG T 18 34.40 8.20 -33.94
CA ARG T 18 33.23 9.03 -33.69
C ARG T 18 33.41 10.37 -34.39
N VAL T 19 32.45 10.73 -35.22
CA VAL T 19 32.51 11.98 -35.97
C VAL T 19 31.33 12.85 -35.57
N THR T 20 31.52 14.16 -35.66
CA THR T 20 30.50 15.14 -35.32
C THR T 20 30.45 16.22 -36.39
N ILE T 21 29.25 16.47 -36.92
CA ILE T 21 29.01 17.58 -37.82
C ILE T 21 28.12 18.58 -37.07
N THR T 22 28.27 19.85 -37.41
CA THR T 22 27.53 20.92 -36.76
C THR T 22 26.78 21.73 -37.79
N CYS T 23 25.56 22.15 -37.45
CA CYS T 23 24.72 22.96 -38.31
C CYS T 23 24.27 24.19 -37.54
N ARG T 24 24.64 25.37 -38.02
CA ARG T 24 24.34 26.63 -37.36
C ARG T 24 23.33 27.41 -38.18
N ALA T 25 22.32 27.97 -37.49
CA ALA T 25 21.20 28.64 -38.14
C ALA T 25 21.29 30.14 -37.90
N SER T 26 21.06 30.92 -38.97
CA SER T 26 21.13 32.38 -38.85
C SER T 26 20.05 32.91 -37.91
N GLN T 27 18.84 32.39 -38.02
CA GLN T 27 17.77 32.66 -37.07
C GLN T 27 17.35 31.36 -36.41
N SER T 28 16.62 31.49 -35.30
CA SER T 28 16.19 30.31 -34.57
C SER T 28 15.12 29.54 -35.34
N ILE T 29 15.36 28.26 -35.56
CA ILE T 29 14.40 27.38 -36.23
C ILE T 29 13.80 26.38 -35.25
N SER T 30 13.88 26.65 -33.96
CA SER T 30 13.33 25.79 -32.89
C SER T 30 13.98 24.42 -33.04
N SER T 31 13.22 23.32 -33.03
CA SER T 31 13.75 21.98 -33.26
C SER T 31 13.40 21.46 -34.65
N TRP T 32 13.09 22.34 -35.59
CA TRP T 32 12.67 21.94 -36.93
C TRP T 32 13.90 21.86 -37.85
N LEU T 33 14.76 20.88 -37.56
CA LEU T 33 15.94 20.62 -38.35
C LEU T 33 16.04 19.13 -38.67
N ALA T 34 16.30 18.82 -39.93
CA ALA T 34 16.46 17.45 -40.39
C ALA T 34 17.86 17.24 -40.94
N TRP T 35 18.29 15.98 -40.99
CA TRP T 35 19.58 15.60 -41.52
C TRP T 35 19.39 14.56 -42.63
N TYR T 36 20.05 14.79 -43.76
CA TYR T 36 20.00 13.86 -44.88
C TYR T 36 21.40 13.31 -45.16
N GLN T 37 21.44 12.09 -45.69
CA GLN T 37 22.66 11.47 -46.16
C GLN T 37 22.55 11.27 -47.67
N GLN T 38 23.54 11.78 -48.40
CA GLN T 38 23.57 11.66 -49.86
C GLN T 38 24.75 10.81 -50.28
N LYS T 39 24.50 9.55 -50.59
CA LYS T 39 25.51 8.72 -51.22
C LYS T 39 25.66 9.15 -52.67
N PRO T 40 26.87 9.07 -53.22
CA PRO T 40 27.13 9.61 -54.56
C PRO T 40 26.21 9.00 -55.62
N GLY T 41 25.66 9.86 -56.47
CA GLY T 41 24.82 9.44 -57.57
C GLY T 41 23.39 9.10 -57.21
N LYS T 42 23.01 9.23 -55.93
CA LYS T 42 21.69 8.89 -55.45
C LYS T 42 21.06 10.11 -54.77
N ALA T 43 19.73 10.12 -54.71
CA ALA T 43 19.01 11.17 -54.03
C ALA T 43 19.30 11.15 -52.53
N PRO T 44 19.09 12.27 -51.84
CA PRO T 44 19.29 12.28 -50.38
C PRO T 44 18.29 11.38 -49.66
N LYS T 45 18.75 10.82 -48.55
CA LYS T 45 17.93 9.94 -47.73
C LYS T 45 17.84 10.53 -46.33
N LEU T 46 16.62 10.75 -45.86
CA LEU T 46 16.42 11.42 -44.58
C LEU T 46 16.88 10.51 -43.44
N LEU T 47 17.73 11.05 -42.58
CA LEU T 47 18.27 10.33 -41.43
C LEU T 47 17.56 10.70 -40.13
N ILE T 48 17.55 11.99 -39.80
CA ILE T 48 17.06 12.47 -38.51
C ILE T 48 16.07 13.60 -38.74
N TYR T 49 14.95 13.55 -38.02
CA TYR T 49 13.99 14.63 -38.00
C TYR T 49 13.86 15.15 -36.57
N GLU T 50 13.27 16.34 -36.44
CA GLU T 50 13.08 16.98 -35.13
C GLU T 50 14.37 17.05 -34.34
N ALA T 51 15.51 17.03 -35.05
CA ALA T 51 16.86 17.24 -34.52
C ALA T 51 17.39 16.06 -33.71
N SER T 52 16.51 15.23 -33.14
CA SER T 52 16.97 14.16 -32.26
C SER T 52 16.43 12.78 -32.59
N SER T 53 15.41 12.66 -33.42
CA SER T 53 14.71 11.39 -33.59
C SER T 53 15.04 10.78 -34.94
N LEU T 54 15.18 9.46 -34.96
CA LEU T 54 15.71 8.73 -36.09
C LEU T 54 14.58 8.19 -36.96
N GLU T 55 14.66 8.43 -38.26
CA GLU T 55 13.80 7.73 -39.20
C GLU T 55 14.09 6.25 -39.14
N ASN T 56 13.03 5.44 -39.08
CA ASN T 56 13.23 4.00 -39.01
C ASN T 56 13.97 3.51 -40.25
N GLY T 57 14.69 2.41 -40.09
CA GLY T 57 15.63 1.99 -41.11
C GLY T 57 16.96 2.69 -41.04
N VAL T 58 17.18 3.50 -40.02
CA VAL T 58 18.46 4.19 -39.79
C VAL T 58 19.08 3.59 -38.52
N PRO T 59 20.35 3.21 -38.54
CA PRO T 59 20.95 2.54 -37.39
C PRO T 59 21.11 3.47 -36.19
N SER T 60 21.22 2.84 -35.01
CA SER T 60 21.31 3.57 -33.75
C SER T 60 22.59 4.39 -33.63
N ARG T 61 23.56 4.18 -34.51
CA ARG T 61 24.81 4.93 -34.46
C ARG T 61 24.65 6.39 -34.84
N PHE T 62 23.50 6.77 -35.43
CA PHE T 62 23.24 8.15 -35.79
C PHE T 62 22.48 8.83 -34.66
N SER T 63 23.02 9.95 -34.18
CA SER T 63 22.44 10.69 -33.07
C SER T 63 22.45 12.17 -33.39
N GLY T 64 21.44 12.89 -32.92
CA GLY T 64 21.35 14.31 -33.15
C GLY T 64 20.91 15.03 -31.89
N SER T 65 21.40 16.26 -31.74
CA SER T 65 21.09 17.09 -30.59
C SER T 65 21.17 18.54 -31.01
N GLY T 66 20.13 19.33 -30.72
CA GLY T 66 20.10 20.69 -31.21
C GLY T 66 19.14 21.58 -30.44
N SER T 67 19.47 22.86 -30.40
CA SER T 67 18.63 23.93 -29.87
C SER T 67 18.31 24.89 -31.01
N GLY T 68 17.59 25.97 -30.70
CA GLY T 68 17.16 26.94 -31.69
C GLY T 68 18.13 27.30 -32.80
N THR T 69 19.42 27.50 -32.46
CA THR T 69 20.41 27.92 -33.44
C THR T 69 21.59 26.98 -33.59
N GLU T 70 21.81 26.05 -32.67
CA GLU T 70 22.95 25.14 -32.71
C GLU T 70 22.48 23.70 -32.75
N PHE T 71 22.99 22.93 -33.71
CA PHE T 71 22.62 21.54 -33.91
C PHE T 71 23.86 20.73 -34.24
N THR T 72 23.87 19.47 -33.80
CA THR T 72 24.98 18.56 -34.10
C THR T 72 24.46 17.19 -34.52
N LEU T 73 25.16 16.57 -35.47
CA LEU T 73 24.91 15.20 -35.90
C LEU T 73 26.15 14.36 -35.58
N THR T 74 25.93 13.20 -34.97
CA THR T 74 27.03 12.36 -34.49
C THR T 74 26.89 10.95 -35.04
N ILE T 75 28.03 10.29 -35.25
CA ILE T 75 28.08 8.89 -35.65
C ILE T 75 28.97 8.16 -34.64
N SER T 76 28.37 7.22 -33.90
CA SER T 76 29.06 6.59 -32.78
C SER T 76 30.26 5.76 -33.24
N SER T 77 30.07 4.93 -34.25
CA SER T 77 31.15 4.17 -34.86
C SER T 77 30.99 4.26 -36.37
N LEU T 78 31.96 4.88 -37.04
CA LEU T 78 31.89 5.07 -38.47
C LEU T 78 32.14 3.74 -39.19
N GLN T 79 31.31 3.45 -40.18
CA GLN T 79 31.46 2.26 -41.02
C GLN T 79 31.66 2.66 -42.47
N PRO T 80 32.22 1.78 -43.30
CA PRO T 80 32.55 2.17 -44.68
C PRO T 80 31.36 2.66 -45.49
N ASP T 81 30.16 2.10 -45.26
CA ASP T 81 28.99 2.55 -46.00
C ASP T 81 28.56 3.96 -45.61
N ASP T 82 29.07 4.50 -44.51
CA ASP T 82 28.70 5.86 -44.12
C ASP T 82 29.39 6.93 -44.98
N PHE T 83 30.24 6.52 -45.92
CA PHE T 83 30.80 7.46 -46.88
C PHE T 83 29.70 8.11 -47.70
N ALA T 84 29.48 9.40 -47.47
CA ALA T 84 28.45 10.15 -48.20
C ALA T 84 28.66 11.62 -47.87
N THR T 85 27.83 12.46 -48.48
CA THR T 85 27.72 13.87 -48.10
C THR T 85 26.47 14.03 -47.25
N TYR T 86 26.60 14.78 -46.16
CA TYR T 86 25.53 14.95 -45.20
C TYR T 86 25.03 16.39 -45.21
N TYR T 87 23.72 16.56 -45.35
CA TYR T 87 23.10 17.88 -45.40
C TYR T 87 22.15 18.05 -44.22
N CYS T 88 22.15 19.26 -43.66
CA CYS T 88 21.11 19.65 -42.72
C CYS T 88 20.13 20.60 -43.41
N GLN T 89 18.86 20.52 -43.01
CA GLN T 89 17.82 21.34 -43.58
C GLN T 89 16.81 21.71 -42.50
N GLN T 90 16.28 22.93 -42.59
CA GLN T 90 15.16 23.36 -41.77
C GLN T 90 13.88 23.20 -42.57
N TYR T 91 12.84 22.62 -41.96
CA TYR T 91 11.76 22.07 -42.76
C TYR T 91 10.36 22.58 -42.48
N ASN T 92 10.10 23.28 -41.37
CA ASN T 92 8.74 23.78 -41.22
C ASN T 92 8.55 25.16 -41.86
N SER T 93 9.59 25.98 -41.91
CA SER T 93 9.46 27.34 -42.42
C SER T 93 9.50 27.34 -43.95
N TYR T 94 9.18 28.51 -44.53
CA TYR T 94 8.99 28.62 -45.97
C TYR T 94 10.29 28.36 -46.74
N SER T 95 11.34 29.12 -46.41
CA SER T 95 12.61 29.10 -47.13
C SER T 95 13.11 27.69 -47.41
N LEU T 96 12.91 26.78 -46.45
CA LEU T 96 13.29 25.37 -46.60
C LEU T 96 14.73 25.24 -47.10
N THR T 97 15.64 25.96 -46.46
CA THR T 97 17.01 26.01 -46.90
C THR T 97 17.79 24.78 -46.42
N PHE T 98 18.71 24.32 -47.26
CA PHE T 98 19.62 23.24 -46.92
C PHE T 98 20.95 23.82 -46.46
N GLY T 99 21.72 22.99 -45.77
CA GLY T 99 23.08 23.36 -45.45
C GLY T 99 24.01 23.16 -46.64
N GLY T 100 25.26 23.57 -46.45
CA GLY T 100 26.25 23.41 -47.51
C GLY T 100 26.75 22.00 -47.70
N GLY T 101 26.54 21.14 -46.70
CA GLY T 101 26.96 19.76 -46.81
C GLY T 101 28.28 19.51 -46.11
N THR T 102 28.44 18.29 -45.62
CA THR T 102 29.71 17.80 -45.07
C THR T 102 30.00 16.45 -45.70
N LYS T 103 31.11 16.36 -46.42
CA LYS T 103 31.50 15.11 -47.07
C LYS T 103 32.38 14.31 -46.12
N VAL T 104 32.00 13.05 -45.89
CA VAL T 104 32.71 12.17 -44.97
C VAL T 104 33.46 11.13 -45.80
N GLU T 105 34.78 11.13 -45.69
CA GLU T 105 35.63 10.14 -46.33
C GLU T 105 36.23 9.23 -45.26
N ILE T 106 36.49 7.98 -45.64
CA ILE T 106 36.93 6.96 -44.70
C ILE T 106 38.42 6.72 -44.89
N LYS T 107 39.16 6.76 -43.79
CA LYS T 107 40.57 6.38 -43.79
C LYS T 107 40.70 4.87 -43.59
N ARG T 108 41.60 4.27 -44.35
CA ARG T 108 41.80 2.82 -44.30
C ARG T 108 43.29 2.53 -44.50
N THR T 109 43.63 1.25 -44.43
CA THR T 109 45.01 0.83 -44.66
C THR T 109 45.38 1.01 -46.14
N VAL T 110 46.69 1.02 -46.40
CA VAL T 110 47.17 1.21 -47.77
C VAL T 110 46.89 -0.04 -48.58
N ALA T 111 46.45 0.16 -49.82
CA ALA T 111 46.15 -0.93 -50.74
C ALA T 111 46.74 -0.59 -52.10
N ALA T 112 47.63 -1.43 -52.59
CA ALA T 112 48.29 -1.17 -53.87
C ALA T 112 47.32 -1.39 -55.03
N PRO T 113 47.49 -0.66 -56.13
CA PRO T 113 46.58 -0.82 -57.27
C PRO T 113 46.83 -2.11 -58.01
N SER T 114 45.75 -2.66 -58.56
CA SER T 114 45.82 -3.76 -59.51
C SER T 114 45.65 -3.18 -60.91
N VAL T 115 46.64 -3.40 -61.77
CA VAL T 115 46.75 -2.67 -63.04
C VAL T 115 46.47 -3.61 -64.21
N PHE T 116 45.71 -3.11 -65.19
CA PHE T 116 45.43 -3.81 -66.43
C PHE T 116 45.52 -2.82 -67.58
N ILE T 117 46.01 -3.27 -68.73
CA ILE T 117 46.06 -2.45 -69.93
C ILE T 117 45.18 -3.09 -71.00
N PHE T 118 44.48 -2.24 -71.75
CA PHE T 118 43.53 -2.69 -72.76
C PHE T 118 43.93 -2.14 -74.12
N PRO T 119 44.15 -2.99 -75.12
CA PRO T 119 44.43 -2.50 -76.47
C PRO T 119 43.17 -1.93 -77.11
N PRO T 120 43.30 -1.17 -78.20
CA PRO T 120 42.11 -0.65 -78.87
C PRO T 120 41.33 -1.78 -79.55
N SER T 121 40.02 -1.56 -79.64
CA SER T 121 39.15 -2.53 -80.28
C SER T 121 39.25 -2.46 -81.80
N ASP T 122 39.09 -3.62 -82.44
CA ASP T 122 39.11 -3.65 -83.90
C ASP T 122 37.95 -2.89 -84.50
N GLU T 123 36.86 -2.76 -83.75
CA GLU T 123 35.72 -1.96 -84.20
C GLU T 123 36.07 -0.47 -84.21
N GLN T 124 36.66 0.02 -83.12
CA GLN T 124 37.02 1.43 -83.05
C GLN T 124 38.04 1.80 -84.12
N LEU T 125 38.95 0.88 -84.43
CA LEU T 125 39.93 1.16 -85.48
C LEU T 125 39.26 1.40 -86.82
N LYS T 126 38.16 0.70 -87.10
CA LYS T 126 37.43 0.94 -88.34
C LYS T 126 36.92 2.37 -88.42
N SER T 127 36.61 2.99 -87.27
CA SER T 127 36.13 4.36 -87.24
C SER T 127 37.23 5.39 -87.47
N GLY T 128 38.49 5.03 -87.24
CA GLY T 128 39.62 5.90 -87.49
C GLY T 128 40.34 6.38 -86.25
N THR T 129 39.73 6.25 -85.08
CA THR T 129 40.37 6.64 -83.83
C THR T 129 40.94 5.42 -83.12
N ALA T 130 41.68 5.67 -82.05
CA ALA T 130 42.27 4.61 -81.24
C ALA T 130 42.39 5.08 -79.81
N SER T 131 41.75 4.36 -78.89
CA SER T 131 41.79 4.67 -77.47
C SER T 131 42.41 3.49 -76.73
N VAL T 132 43.56 3.71 -76.11
CA VAL T 132 44.19 2.72 -75.25
C VAL T 132 43.82 3.05 -73.81
N VAL T 133 43.26 2.06 -73.10
CA VAL T 133 42.75 2.25 -71.75
C VAL T 133 43.64 1.50 -70.77
N CYS T 134 43.97 2.16 -69.67
CA CYS T 134 44.73 1.58 -68.57
C CYS T 134 43.92 1.71 -67.29
N LEU T 135 43.72 0.59 -66.61
CA LEU T 135 42.85 0.53 -65.44
C LEU T 135 43.68 0.26 -64.18
N LEU T 136 43.45 1.07 -63.15
CA LEU T 136 44.01 0.86 -61.83
C LEU T 136 42.85 0.53 -60.89
N ASN T 137 42.86 -0.67 -60.32
CA ASN T 137 41.69 -1.19 -59.62
C ASN T 137 41.93 -1.25 -58.12
N ASN T 138 41.05 -0.58 -57.36
CA ASN T 138 40.90 -0.75 -55.93
C ASN T 138 42.23 -0.51 -55.19
N PHE T 139 42.62 0.76 -55.21
CA PHE T 139 43.82 1.22 -54.52
C PHE T 139 43.45 2.28 -53.50
N TYR T 140 44.32 2.45 -52.51
CA TYR T 140 44.18 3.49 -51.49
C TYR T 140 45.58 3.79 -50.97
N PRO T 141 45.93 5.08 -50.81
CA PRO T 141 45.10 6.26 -51.02
C PRO T 141 44.87 6.63 -52.48
N ARG T 142 44.27 7.80 -52.70
CA ARG T 142 43.86 8.23 -54.03
C ARG T 142 45.04 8.75 -54.85
N GLU T 143 46.12 9.16 -54.20
CA GLU T 143 47.26 9.73 -54.92
C GLU T 143 47.93 8.66 -55.77
N ALA T 144 47.88 8.83 -57.08
CA ALA T 144 48.48 7.88 -58.01
C ALA T 144 48.95 8.62 -59.26
N LYS T 145 50.06 8.16 -59.83
CA LYS T 145 50.60 8.71 -61.06
C LYS T 145 50.57 7.64 -62.14
N VAL T 146 49.99 7.99 -63.30
CA VAL T 146 49.98 7.16 -64.48
C VAL T 146 50.65 7.94 -65.60
N GLN T 147 51.55 7.27 -66.33
CA GLN T 147 52.19 7.90 -67.48
C GLN T 147 52.33 6.88 -68.60
N TRP T 148 52.10 7.35 -69.83
CA TRP T 148 52.09 6.50 -71.01
C TRP T 148 53.43 6.59 -71.74
N LYS T 149 53.93 5.44 -72.17
CA LYS T 149 55.18 5.36 -72.93
C LYS T 149 54.91 4.59 -74.22
N VAL T 150 55.24 5.22 -75.34
CA VAL T 150 54.99 4.66 -76.67
C VAL T 150 56.34 4.53 -77.36
N ASP T 151 56.77 3.29 -77.61
CA ASP T 151 58.13 3.01 -78.06
C ASP T 151 59.14 3.62 -77.09
N ASN T 152 58.87 3.47 -75.80
CA ASN T 152 59.67 4.02 -74.71
C ASN T 152 59.77 5.54 -74.76
N ALA T 153 58.84 6.20 -75.42
CA ALA T 153 58.79 7.66 -75.48
C ALA T 153 57.68 8.15 -74.56
N LEU T 154 58.05 9.02 -73.61
CA LEU T 154 57.06 9.56 -72.68
C LEU T 154 56.07 10.46 -73.43
N GLN T 155 54.79 10.24 -73.18
CA GLN T 155 53.72 10.98 -73.84
C GLN T 155 53.10 11.97 -72.87
N SER T 156 52.67 13.11 -73.40
CA SER T 156 51.98 14.12 -72.61
C SER T 156 50.95 14.81 -73.49
N GLY T 157 49.80 15.14 -72.90
CA GLY T 157 48.76 15.88 -73.59
C GLY T 157 47.80 15.04 -74.41
N ASN T 158 48.04 13.73 -74.53
CA ASN T 158 47.16 12.84 -75.28
C ASN T 158 46.40 11.88 -74.35
N SER T 159 46.29 12.23 -73.07
CA SER T 159 45.71 11.33 -72.07
C SER T 159 44.75 12.10 -71.18
N GLN T 160 43.75 11.39 -70.68
CA GLN T 160 42.79 11.91 -69.73
C GLN T 160 42.43 10.79 -68.76
N GLU T 161 42.24 11.12 -67.49
CA GLU T 161 41.96 10.09 -66.50
C GLU T 161 40.75 10.47 -65.65
N SER T 162 40.20 9.45 -64.99
CA SER T 162 39.01 9.57 -64.17
C SER T 162 39.17 8.68 -62.95
N VAL T 163 38.55 9.09 -61.84
CA VAL T 163 38.63 8.36 -60.58
CA VAL T 163 38.63 8.36 -60.58
C VAL T 163 37.22 8.09 -60.08
N THR T 164 36.96 6.85 -59.67
CA THR T 164 35.69 6.54 -59.05
C THR T 164 35.63 7.18 -57.67
N GLU T 165 34.45 7.11 -57.07
CA GLU T 165 34.28 7.53 -55.69
C GLU T 165 34.63 6.37 -54.76
N GLN T 166 34.84 6.69 -53.49
CA GLN T 166 35.22 5.68 -52.52
C GLN T 166 34.20 4.55 -52.47
N ASP T 167 34.67 3.32 -52.62
CA ASP T 167 33.79 2.16 -52.64
C ASP T 167 33.11 1.98 -51.29
N SER T 168 31.79 1.78 -51.32
CA SER T 168 31.00 1.74 -50.09
C SER T 168 31.31 0.54 -49.20
N LYS T 169 32.12 -0.40 -49.64
CA LYS T 169 32.38 -1.60 -48.85
C LYS T 169 33.84 -1.82 -48.50
N ASP T 170 34.79 -1.41 -49.35
CA ASP T 170 36.21 -1.50 -49.04
C ASP T 170 36.92 -0.16 -48.98
N SER T 171 36.23 0.94 -49.30
CA SER T 171 36.74 2.29 -49.16
C SER T 171 37.92 2.58 -50.08
N THR T 172 38.01 1.92 -51.24
CA THR T 172 39.12 2.13 -52.15
C THR T 172 38.70 3.00 -53.33
N TYR T 173 39.67 3.30 -54.18
CA TYR T 173 39.48 4.10 -55.39
C TYR T 173 39.92 3.30 -56.60
N SER T 174 39.33 3.62 -57.75
CA SER T 174 39.78 3.08 -59.03
C SER T 174 39.99 4.23 -60.01
N LEU T 175 40.86 4.00 -60.98
CA LEU T 175 41.28 5.03 -61.91
C LEU T 175 41.42 4.44 -63.31
N SER T 176 40.99 5.19 -64.32
CA SER T 176 41.12 4.78 -65.71
C SER T 176 41.80 5.89 -66.49
N SER T 177 42.86 5.53 -67.21
CA SER T 177 43.58 6.46 -68.08
C SER T 177 43.36 6.06 -69.52
N THR T 178 42.95 7.02 -70.35
CA THR T 178 42.66 6.77 -71.76
C THR T 178 43.61 7.58 -72.63
N LEU T 179 44.36 6.88 -73.46
CA LEU T 179 45.27 7.48 -74.44
C LEU T 179 44.57 7.48 -75.80
N THR T 180 44.30 8.67 -76.31
CA THR T 180 43.61 8.82 -77.60
C THR T 180 44.62 9.23 -78.66
N LEU T 181 44.76 8.39 -79.68
CA LEU T 181 45.70 8.57 -80.77
C LEU T 181 44.95 8.48 -82.09
N SER T 182 45.56 8.95 -83.16
CA SER T 182 45.01 8.67 -84.48
C SER T 182 45.34 7.23 -84.86
N LYS T 183 44.44 6.63 -85.63
CA LYS T 183 44.71 5.26 -86.10
C LYS T 183 46.05 5.19 -86.82
N ALA T 184 46.35 6.17 -87.69
CA ALA T 184 47.67 6.24 -88.33
C ALA T 184 48.80 6.24 -87.30
N ASP T 185 48.80 7.22 -86.38
CA ASP T 185 49.83 7.27 -85.34
C ASP T 185 49.91 5.96 -84.56
N TYR T 186 48.75 5.35 -84.27
CA TYR T 186 48.75 4.04 -83.63
C TYR T 186 49.52 3.03 -84.46
N GLU T 187 49.24 2.97 -85.77
CA GLU T 187 49.91 2.04 -86.66
C GLU T 187 51.36 2.43 -86.96
N LYS T 188 51.89 3.49 -86.36
CA LYS T 188 53.27 3.92 -86.57
C LYS T 188 54.22 3.44 -85.48
N HIS T 189 53.71 2.83 -84.41
CA HIS T 189 54.51 2.43 -83.26
C HIS T 189 54.17 1.00 -82.87
N LYS T 190 55.01 0.40 -82.01
CA LYS T 190 54.89 -1.02 -81.69
C LYS T 190 54.55 -1.27 -80.22
N VAL T 191 55.34 -0.76 -79.27
CA VAL T 191 55.10 -1.06 -77.87
C VAL T 191 54.25 0.05 -77.26
N TYR T 192 53.19 -0.35 -76.57
CA TYR T 192 52.30 0.57 -75.87
C TYR T 192 52.27 0.16 -74.41
N ALA T 193 52.64 1.09 -73.53
CA ALA T 193 52.86 0.75 -72.13
C ALA T 193 52.36 1.87 -71.24
N CYS T 194 51.93 1.47 -70.04
CA CYS T 194 51.53 2.38 -68.98
CA CYS T 194 51.55 2.39 -68.99
C CYS T 194 52.36 2.09 -67.74
N GLU T 195 52.94 3.12 -67.16
CA GLU T 195 53.77 2.99 -65.96
C GLU T 195 53.03 3.61 -64.78
N VAL T 196 52.85 2.83 -63.73
CA VAL T 196 52.04 3.23 -62.57
C VAL T 196 52.95 3.36 -61.36
N THR T 197 52.79 4.45 -60.61
CA THR T 197 53.47 4.63 -59.34
C THR T 197 52.42 4.89 -58.26
N HIS T 198 52.65 4.31 -57.08
CA HIS T 198 51.72 4.41 -55.96
C HIS T 198 52.42 3.94 -54.70
N GLN T 199 51.90 4.35 -53.54
CA GLN T 199 52.55 4.06 -52.27
C GLN T 199 52.63 2.57 -52.01
N GLY T 200 51.55 1.83 -52.27
CA GLY T 200 51.52 0.40 -52.03
C GLY T 200 52.42 -0.42 -52.92
N LEU T 201 53.10 0.20 -53.88
CA LEU T 201 53.99 -0.48 -54.81
C LEU T 201 55.43 -0.23 -54.38
N SER T 202 56.20 -1.31 -54.21
CA SER T 202 57.60 -1.14 -53.83
C SER T 202 58.39 -0.41 -54.90
N SER T 203 58.01 -0.59 -56.16
CA SER T 203 58.63 0.08 -57.29
C SER T 203 57.57 0.25 -58.36
N PRO T 204 57.72 1.24 -59.25
CA PRO T 204 56.74 1.44 -60.31
C PRO T 204 56.49 0.15 -61.09
N VAL T 205 55.21 -0.12 -61.38
CA VAL T 205 54.81 -1.31 -62.14
C VAL T 205 54.34 -0.85 -63.52
N THR T 206 54.68 -1.65 -64.54
CA THR T 206 54.44 -1.29 -65.93
C THR T 206 53.73 -2.43 -66.64
N LYS T 207 52.59 -2.13 -67.25
CA LYS T 207 51.85 -3.07 -68.08
C LYS T 207 51.91 -2.60 -69.54
N SER T 208 52.14 -3.54 -70.45
CA SER T 208 52.43 -3.19 -71.83
C SER T 208 51.90 -4.26 -72.77
N PHE T 209 51.74 -3.87 -74.03
CA PHE T 209 51.41 -4.79 -75.10
C PHE T 209 52.07 -4.30 -76.39
N ASN T 210 52.22 -5.21 -77.34
CA ASN T 210 52.75 -4.87 -78.66
C ASN T 210 51.62 -4.77 -79.66
N ARG T 211 51.72 -3.80 -80.57
CA ARG T 211 50.58 -3.43 -81.41
C ARG T 211 50.13 -4.60 -82.29
N GLY T 212 51.06 -5.24 -82.98
CA GLY T 212 50.73 -6.47 -83.66
C GLY T 212 50.16 -7.42 -82.62
N GLU T 213 48.92 -7.88 -82.83
CA GLU T 213 48.24 -8.67 -81.82
C GLU T 213 49.12 -9.83 -81.38
N CYS T 214 49.58 -9.80 -80.12
CA CYS T 214 50.28 -10.92 -79.54
C CYS T 214 49.35 -11.77 -78.69
N SER T 215 48.03 -11.56 -78.80
CA SER T 215 47.01 -12.30 -78.07
C SER T 215 47.27 -13.81 -78.09
C1 NAG U . 36.42 -21.05 -51.07
C2 NAG U . 37.56 -21.99 -50.66
C3 NAG U . 38.91 -21.28 -50.74
C4 NAG U . 39.10 -20.66 -52.12
C5 NAG U . 37.94 -19.72 -52.42
C6 NAG U . 38.02 -19.10 -53.79
C7 NAG U . 37.59 -23.79 -48.97
C8 NAG U . 37.32 -24.14 -47.54
N2 NAG U . 37.35 -22.52 -49.32
O3 NAG U . 39.96 -22.21 -50.49
O4 NAG U . 40.33 -19.93 -52.15
O5 NAG U . 36.72 -20.47 -52.37
O6 NAG U . 37.29 -19.84 -54.76
O7 NAG U . 38.02 -24.61 -49.77
C1 NAG V . -28.79 12.83 57.89
C2 NAG V . -28.48 11.83 59.01
C3 NAG V . -29.68 10.90 59.26
C4 NAG V . -30.97 11.70 59.42
C5 NAG V . -31.15 12.66 58.26
C6 NAG V . -32.37 13.54 58.40
C7 NAG V . -26.36 10.73 59.59
C8 NAG V . -25.22 9.90 59.07
N2 NAG V . -27.30 11.04 58.69
O3 NAG V . -29.45 10.15 60.43
O4 NAG V . -32.09 10.82 59.47
O5 NAG V . -30.01 13.52 58.18
O6 NAG V . -32.18 14.55 59.38
O7 NAG V . -26.42 11.10 60.75
C1 NAG W . -12.07 19.13 -2.46
C2 NAG W . -12.89 20.05 -3.36
C3 NAG W . -13.96 19.24 -4.11
C4 NAG W . -13.30 18.09 -4.87
C5 NAG W . -12.49 17.23 -3.90
C6 NAG W . -11.72 16.12 -4.59
C7 NAG W . -13.41 22.41 -2.97
C8 NAG W . -14.13 23.39 -2.09
N2 NAG W . -13.51 21.13 -2.61
O3 NAG W . -14.66 20.08 -5.02
O4 NAG W . -14.30 17.29 -5.50
O5 NAG W . -11.52 18.04 -3.22
O6 NAG W . -12.62 15.16 -5.17
O7 NAG W . -12.77 22.77 -3.95
C1 NAG X . -8.02 8.66 -18.24
C2 NAG X . -8.75 9.89 -18.77
C3 NAG X . -8.04 11.16 -18.32
C4 NAG X . -7.89 11.18 -16.81
C5 NAG X . -7.19 9.90 -16.34
C6 NAG X . -7.10 9.78 -14.83
C7 NAG X . -9.98 10.19 -20.89
C8 NAG X . -9.91 10.10 -22.37
N2 NAG X . -8.86 9.86 -20.22
O3 NAG X . -8.77 12.32 -18.74
O4 NAG X . -7.13 12.31 -16.39
O5 NAG X . -7.91 8.75 -16.81
O6 NAG X . -8.30 10.22 -14.20
O7 NAG X . -11.00 10.55 -20.30
#